data_1AH1
#
_entry.id   1AH1
#
_cell.length_a   1.000
_cell.length_b   1.000
_cell.length_c   1.000
_cell.angle_alpha   90.00
_cell.angle_beta   90.00
_cell.angle_gamma   90.00
#
_symmetry.space_group_name_H-M   'P 1'
#
loop_
_entity.id
_entity.type
_entity.pdbx_description
1 polymer CTLA-4
2 branched beta-D-mannopyranose-(1-4)-2-acetamido-2-deoxy-beta-D-glucopyranose-(1-4)-[beta-L-fucopyranose-(1-6)]2-acetamido-2-deoxy-beta-D-glucopyranose
3 branched beta-D-mannopyranose-(1-4)-2-acetamido-2-deoxy-beta-D-glucopyranose-(1-4)-[alpha-L-fucopyranose-(1-6)]2-acetamido-2-deoxy-beta-D-glucopyranose
#
_entity_poly.entity_id   1
_entity_poly.type   'polypeptide(L)'
_entity_poly.pdbx_seq_one_letter_code
;AMHVAQPAVVLASSRGIASFVCEYASPGKATEVRVTVLRQADSQVTEVCAATYMMGNELTFLDDSICTGTSSGNQVNLTI
QGLRAMDTGLYICKVELMYPPPYYLGIGNGTQIYVIDPEPCPDSDQEPK
;
_entity_poly.pdbx_strand_id   A
#
loop_
_chem_comp.id
_chem_comp.type
_chem_comp.name
_chem_comp.formula
BMA D-saccharide, beta linking beta-D-mannopyranose 'C6 H12 O6'
FUC L-saccharide, alpha linking alpha-L-fucopyranose 'C6 H12 O5'
FUL L-saccharide, beta linking beta-L-fucopyranose 'C6 H12 O5'
NAG D-saccharide, beta linking 2-acetamido-2-deoxy-beta-D-glucopyranose 'C8 H15 N O6'
#
# COMPACT_ATOMS: atom_id res chain seq x y z
N ALA A 1 -0.61 21.13 1.58
CA ALA A 1 -1.14 20.02 0.74
C ALA A 1 -0.21 19.75 -0.45
N MET A 2 -0.61 18.86 -1.32
CA MET A 2 0.23 18.53 -2.52
C MET A 2 1.65 18.12 -2.11
N HIS A 3 1.83 17.68 -0.88
CA HIS A 3 3.19 17.25 -0.44
C HIS A 3 3.24 15.72 -0.30
N VAL A 4 2.40 15.05 -1.03
CA VAL A 4 2.37 13.55 -0.97
C VAL A 4 1.94 13.02 -2.34
N ALA A 5 2.77 12.26 -3.00
CA ALA A 5 2.40 11.72 -4.35
C ALA A 5 2.08 10.24 -4.27
N GLN A 6 0.95 9.86 -4.80
CA GLN A 6 0.53 8.44 -4.78
C GLN A 6 -0.35 8.17 -6.03
N PRO A 7 -0.22 7.00 -6.61
CA PRO A 7 -1.04 6.66 -7.81
C PRO A 7 -2.50 6.48 -7.41
N ALA A 8 -3.40 7.02 -8.18
CA ALA A 8 -4.85 6.87 -7.85
C ALA A 8 -5.28 5.43 -8.02
N VAL A 9 -4.66 4.71 -8.92
CA VAL A 9 -5.03 3.30 -9.10
C VAL A 9 -3.80 2.48 -9.44
N VAL A 10 -3.92 1.20 -9.34
CA VAL A 10 -2.77 0.31 -9.67
C VAL A 10 -3.23 -0.92 -10.44
N LEU A 11 -2.57 -1.21 -11.52
CA LEU A 11 -2.91 -2.40 -12.32
C LEU A 11 -2.15 -3.60 -11.78
N ALA A 12 -2.82 -4.70 -11.53
CA ALA A 12 -2.12 -5.90 -10.99
C ALA A 12 -1.98 -6.97 -12.06
N SER A 13 -0.99 -7.83 -11.91
CA SER A 13 -0.78 -8.93 -12.90
C SER A 13 -1.83 -10.02 -12.69
N SER A 14 -1.88 -10.98 -13.58
CA SER A 14 -2.88 -12.09 -13.43
C SER A 14 -2.67 -12.82 -12.11
N ARG A 15 -1.43 -13.05 -11.73
CA ARG A 15 -1.15 -13.74 -10.44
C ARG A 15 -1.71 -12.93 -9.27
N GLY A 16 -1.77 -11.63 -9.42
CA GLY A 16 -2.31 -10.77 -8.32
C GLY A 16 -1.17 -9.98 -7.69
N ILE A 17 -0.28 -9.47 -8.49
CA ILE A 17 0.86 -8.68 -7.96
C ILE A 17 0.56 -7.19 -8.14
N ALA A 18 0.16 -6.54 -7.07
CA ALA A 18 -0.11 -5.07 -7.16
C ALA A 18 0.99 -4.33 -6.41
N SER A 19 1.77 -3.57 -7.12
CA SER A 19 2.88 -2.83 -6.47
C SER A 19 2.88 -1.36 -6.88
N PHE A 20 2.98 -0.48 -5.92
CA PHE A 20 3.01 0.98 -6.21
C PHE A 20 3.83 1.70 -5.15
N VAL A 21 4.23 2.92 -5.41
CA VAL A 21 5.04 3.66 -4.41
C VAL A 21 4.40 4.99 -4.02
N CYS A 22 4.14 5.17 -2.75
CA CYS A 22 3.53 6.44 -2.26
C CYS A 22 4.62 7.29 -1.60
N GLU A 23 5.03 8.36 -2.22
CA GLU A 23 6.12 9.20 -1.62
C GLU A 23 5.54 10.15 -0.56
N TYR A 24 6.39 10.68 0.29
CA TYR A 24 5.91 11.60 1.34
C TYR A 24 6.91 12.75 1.50
N ALA A 25 6.60 13.70 2.34
CA ALA A 25 7.51 14.85 2.55
C ALA A 25 7.76 15.07 4.05
N SER A 26 9.00 15.20 4.43
CA SER A 26 9.33 15.42 5.87
C SER A 26 10.33 16.58 6.02
N PRO A 27 10.34 17.20 7.18
CA PRO A 27 11.27 18.34 7.42
C PRO A 27 12.73 17.87 7.46
N GLY A 28 12.96 16.58 7.62
CA GLY A 28 14.36 16.07 7.67
C GLY A 28 14.35 14.55 7.67
N LYS A 29 15.50 13.94 7.87
CA LYS A 29 15.57 12.44 7.88
C LYS A 29 15.62 11.94 9.33
N ALA A 30 14.88 10.89 9.62
CA ALA A 30 14.88 10.35 11.01
C ALA A 30 14.87 8.81 10.98
N THR A 31 15.04 8.18 12.12
CA THR A 31 15.05 6.68 12.16
C THR A 31 13.65 6.11 12.18
N GLU A 32 12.64 6.91 12.34
CA GLU A 32 11.28 6.31 12.45
C GLU A 32 10.26 6.94 11.50
N VAL A 33 9.87 6.22 10.49
CA VAL A 33 8.83 6.73 9.56
C VAL A 33 7.72 5.68 9.49
N ARG A 34 6.85 5.66 10.47
CA ARG A 34 5.78 4.63 10.51
C ARG A 34 4.88 4.72 9.28
N VAL A 35 4.74 3.62 8.58
CA VAL A 35 3.86 3.60 7.38
C VAL A 35 2.69 2.65 7.66
N THR A 36 1.58 2.87 7.02
CA THR A 36 0.40 1.97 7.24
C THR A 36 -0.37 1.77 5.94
N VAL A 37 -0.85 0.58 5.72
CA VAL A 37 -1.65 0.29 4.50
C VAL A 37 -3.06 -0.10 4.93
N LEU A 38 -4.09 0.57 4.45
CA LEU A 38 -5.47 0.19 4.91
C LEU A 38 -6.35 -0.23 3.74
N ARG A 39 -7.32 -1.05 3.99
CA ARG A 39 -8.27 -1.46 2.91
C ARG A 39 -9.64 -0.86 3.19
N GLN A 40 -10.17 -0.13 2.26
CA GLN A 40 -11.50 0.51 2.48
C GLN A 40 -12.62 -0.33 1.87
N ALA A 41 -13.70 -0.42 2.58
CA ALA A 41 -14.87 -1.21 2.10
C ALA A 41 -16.15 -0.39 2.29
N ASP A 42 -17.17 -0.68 1.53
CA ASP A 42 -18.44 0.10 1.68
C ASP A 42 -18.98 -0.04 3.11
N SER A 43 -18.97 -1.24 3.63
CA SER A 43 -19.47 -1.46 5.02
C SER A 43 -18.53 -0.82 6.07
N GLN A 44 -17.24 -1.06 5.95
CA GLN A 44 -16.29 -0.49 6.94
C GLN A 44 -14.84 -0.57 6.43
N VAL A 45 -13.93 0.09 7.11
CA VAL A 45 -12.49 0.06 6.70
C VAL A 45 -11.67 -0.62 7.80
N THR A 46 -10.71 -1.44 7.46
CA THR A 46 -9.89 -2.13 8.51
C THR A 46 -8.38 -1.96 8.25
N GLU A 47 -7.57 -2.17 9.26
CA GLU A 47 -6.09 -2.04 9.09
C GLU A 47 -5.52 -3.30 8.45
N VAL A 48 -4.40 -3.18 7.80
CA VAL A 48 -3.79 -4.36 7.13
C VAL A 48 -2.28 -4.49 7.48
N CYS A 49 -1.43 -3.78 6.78
CA CYS A 49 0.05 -3.91 7.09
C CYS A 49 0.57 -2.62 7.73
N ALA A 50 1.57 -2.74 8.57
CA ALA A 50 2.14 -1.55 9.24
C ALA A 50 3.57 -1.82 9.72
N ALA A 51 4.44 -0.84 9.60
CA ALA A 51 5.86 -1.04 10.04
C ALA A 51 6.56 0.32 10.13
N THR A 52 7.68 0.39 10.81
CA THR A 52 8.41 1.70 10.91
C THR A 52 9.52 1.75 9.87
N TYR A 53 9.43 2.66 8.93
CA TYR A 53 10.50 2.76 7.91
C TYR A 53 11.71 3.37 8.57
N MET A 54 12.57 2.53 9.08
CA MET A 54 13.81 3.02 9.70
C MET A 54 14.79 3.20 8.56
N MET A 55 15.42 4.33 8.44
CA MET A 55 16.34 4.52 7.28
C MET A 55 17.45 3.47 7.28
N GLY A 56 17.81 2.96 8.44
CA GLY A 56 18.90 1.95 8.51
C GLY A 56 18.32 0.54 8.74
N ASN A 57 17.06 0.32 8.49
CA ASN A 57 16.47 -1.05 8.70
C ASN A 57 15.33 -1.31 7.73
N GLU A 58 14.72 -2.47 7.80
CA GLU A 58 13.61 -2.82 6.88
C GLU A 58 12.27 -2.83 7.62
N LEU A 59 11.18 -2.64 6.93
CA LEU A 59 9.84 -2.64 7.58
C LEU A 59 9.44 -4.04 8.05
N THR A 60 8.85 -4.14 9.21
CA THR A 60 8.43 -5.45 9.74
C THR A 60 6.91 -5.62 9.60
N PHE A 61 6.48 -6.61 8.85
CA PHE A 61 5.01 -6.83 8.66
C PHE A 61 4.57 -8.11 9.39
N LEU A 62 5.13 -8.38 10.54
CA LEU A 62 4.75 -9.61 11.30
C LEU A 62 3.26 -9.62 11.62
N ASP A 63 2.70 -8.49 11.98
CA ASP A 63 1.24 -8.44 12.30
C ASP A 63 0.44 -8.21 11.02
N ASP A 64 -0.54 -9.06 10.76
CA ASP A 64 -1.37 -8.92 9.51
C ASP A 64 -0.44 -8.85 8.28
N SER A 65 0.51 -9.74 8.21
CA SER A 65 1.48 -9.73 7.06
C SER A 65 0.73 -9.85 5.71
N ILE A 66 0.78 -10.99 5.04
CA ILE A 66 0.08 -11.12 3.72
C ILE A 66 0.47 -9.97 2.77
N CYS A 67 1.61 -9.35 3.01
CA CYS A 67 2.07 -8.23 2.13
C CYS A 67 3.56 -7.98 2.31
N THR A 68 4.17 -7.36 1.34
CA THR A 68 5.62 -7.04 1.44
C THR A 68 5.82 -5.58 1.02
N GLY A 69 6.66 -4.86 1.69
CA GLY A 69 6.85 -3.43 1.32
C GLY A 69 8.32 -3.01 1.47
N THR A 70 8.70 -2.02 0.72
CA THR A 70 10.09 -1.51 0.78
C THR A 70 10.05 0.01 0.94
N SER A 71 11.15 0.59 1.34
CA SER A 71 11.19 2.07 1.51
C SER A 71 12.56 2.60 1.08
N SER A 72 12.59 3.62 0.26
CA SER A 72 13.90 4.19 -0.19
C SER A 72 13.79 5.70 -0.31
N GLY A 73 14.75 6.42 0.21
CA GLY A 73 14.71 7.92 0.14
C GLY A 73 13.37 8.42 0.70
N ASN A 74 12.64 9.17 -0.09
CA ASN A 74 11.31 9.69 0.38
C ASN A 74 10.18 8.93 -0.30
N GLN A 75 10.45 7.78 -0.89
CA GLN A 75 9.38 7.01 -1.57
C GLN A 75 9.22 5.62 -0.95
N VAL A 76 8.02 5.29 -0.50
CA VAL A 76 7.81 3.95 0.09
C VAL A 76 7.16 3.03 -0.96
N ASN A 77 7.69 1.86 -1.15
CA ASN A 77 7.11 0.94 -2.19
C ASN A 77 6.36 -0.23 -1.54
N LEU A 78 5.08 -0.35 -1.80
CA LEU A 78 4.29 -1.49 -1.22
C LEU A 78 3.91 -2.49 -2.33
N THR A 79 4.13 -3.75 -2.10
CA THR A 79 3.78 -4.79 -3.12
C THR A 79 2.77 -5.80 -2.55
N ILE A 80 1.73 -6.08 -3.27
CA ILE A 80 0.69 -7.05 -2.79
C ILE A 80 0.65 -8.28 -3.70
N GLN A 81 0.71 -9.46 -3.14
CA GLN A 81 0.62 -10.67 -3.99
C GLN A 81 -0.52 -11.57 -3.52
N GLY A 82 -1.45 -11.85 -4.39
CA GLY A 82 -2.59 -12.74 -4.03
C GLY A 82 -3.89 -11.93 -3.96
N LEU A 83 -4.16 -11.13 -4.96
CA LEU A 83 -5.41 -10.31 -4.94
C LEU A 83 -6.54 -11.00 -5.72
N ARG A 84 -7.52 -11.51 -5.02
CA ARG A 84 -8.67 -12.15 -5.71
C ARG A 84 -9.66 -11.08 -6.15
N ALA A 85 -10.78 -11.46 -6.70
CA ALA A 85 -11.79 -10.44 -7.14
C ALA A 85 -12.23 -9.61 -5.93
N MET A 86 -12.48 -10.27 -4.85
CA MET A 86 -12.91 -9.58 -3.60
C MET A 86 -11.78 -8.72 -3.02
N ASP A 87 -10.57 -9.20 -3.08
CA ASP A 87 -9.41 -8.43 -2.53
C ASP A 87 -9.26 -7.08 -3.22
N THR A 88 -9.54 -7.02 -4.51
CA THR A 88 -9.41 -5.74 -5.26
C THR A 88 -10.16 -4.63 -4.53
N GLY A 89 -9.56 -3.49 -4.41
CA GLY A 89 -10.22 -2.36 -3.68
C GLY A 89 -9.27 -1.18 -3.49
N LEU A 90 -9.37 -0.51 -2.38
CA LEU A 90 -8.50 0.68 -2.11
C LEU A 90 -7.44 0.34 -1.07
N TYR A 91 -6.23 0.82 -1.28
CA TYR A 91 -5.14 0.63 -0.29
C TYR A 91 -4.59 2.01 0.08
N ILE A 92 -4.55 2.35 1.34
CA ILE A 92 -4.08 3.70 1.76
C ILE A 92 -2.61 3.69 2.20
N CYS A 93 -1.78 4.44 1.53
CA CYS A 93 -0.36 4.53 1.96
C CYS A 93 -0.29 5.60 3.06
N LYS A 94 0.19 5.24 4.22
CA LYS A 94 0.26 6.23 5.35
C LYS A 94 1.71 6.52 5.68
N VAL A 95 1.98 7.70 6.16
CA VAL A 95 3.38 8.06 6.53
C VAL A 95 3.35 8.89 7.81
N GLU A 96 3.70 8.30 8.92
CA GLU A 96 3.63 9.06 10.21
C GLU A 96 4.90 8.93 11.05
N LEU A 97 5.57 10.02 11.30
CA LEU A 97 6.75 9.98 12.20
C LEU A 97 6.16 9.90 13.59
N MET A 98 5.69 8.74 13.93
CA MET A 98 4.99 8.59 15.23
C MET A 98 5.96 8.48 16.43
N TYR A 99 7.08 7.81 16.27
CA TYR A 99 8.01 7.66 17.43
C TYR A 99 8.68 9.01 17.86
N PRO A 100 9.15 9.80 16.94
CA PRO A 100 9.82 11.08 17.31
C PRO A 100 8.73 12.20 17.60
N PRO A 101 8.93 13.01 18.67
CA PRO A 101 7.93 14.12 19.05
C PRO A 101 8.35 15.60 18.29
N PRO A 102 7.41 16.56 17.78
CA PRO A 102 6.24 15.84 18.30
C PRO A 102 5.27 15.25 17.13
N TYR A 103 5.75 14.34 16.34
CA TYR A 103 4.96 13.62 15.28
C TYR A 103 4.15 14.59 14.41
N TYR A 104 4.53 14.71 13.16
CA TYR A 104 3.82 15.62 12.24
C TYR A 104 4.09 15.28 10.79
N LEU A 105 3.08 14.73 10.15
CA LEU A 105 3.25 14.33 8.73
C LEU A 105 1.90 14.27 8.00
N GLY A 106 1.72 13.32 7.10
CA GLY A 106 0.43 13.23 6.33
C GLY A 106 0.19 11.78 5.88
N ILE A 107 -1.00 11.50 5.43
CA ILE A 107 -1.35 10.13 4.95
C ILE A 107 -1.76 10.19 3.47
N GLY A 108 -1.66 9.09 2.77
CA GLY A 108 -2.06 9.09 1.34
C GLY A 108 -3.56 8.81 1.26
N ASN A 109 -4.25 9.46 0.36
CA ASN A 109 -5.72 9.23 0.25
C ASN A 109 -6.02 7.76 -0.07
N GLY A 110 -5.18 7.14 -0.85
CA GLY A 110 -5.38 5.69 -1.16
C GLY A 110 -5.34 5.41 -2.65
N THR A 111 -4.78 4.28 -2.99
CA THR A 111 -4.70 3.86 -4.42
C THR A 111 -5.60 2.67 -4.63
N GLN A 112 -6.41 2.68 -5.66
CA GLN A 112 -7.28 1.50 -5.91
C GLN A 112 -6.43 0.44 -6.61
N ILE A 113 -6.48 -0.79 -6.16
CA ILE A 113 -5.67 -1.85 -6.83
C ILE A 113 -6.59 -2.65 -7.77
N TYR A 114 -6.26 -2.68 -9.05
CA TYR A 114 -7.11 -3.45 -10.02
C TYR A 114 -6.45 -4.79 -10.36
N VAL A 115 -7.24 -5.80 -10.63
CA VAL A 115 -6.66 -7.12 -11.00
C VAL A 115 -7.39 -7.69 -12.21
N ILE A 116 -6.81 -8.66 -12.84
CA ILE A 116 -7.40 -9.29 -14.04
C ILE A 116 -7.84 -10.73 -13.72
N ASP A 117 -8.99 -11.14 -14.21
CA ASP A 117 -9.47 -12.53 -13.95
C ASP A 117 -9.20 -13.40 -15.19
N PRO A 118 -8.23 -14.29 -15.08
CA PRO A 118 -7.89 -15.17 -16.24
C PRO A 118 -9.01 -16.19 -16.49
N GLU A 119 -9.19 -16.59 -17.72
CA GLU A 119 -10.26 -17.59 -18.03
C GLU A 119 -9.68 -18.74 -18.89
N PRO A 120 -10.09 -19.95 -18.60
CA PRO A 120 -9.57 -21.12 -19.38
C PRO A 120 -10.11 -21.11 -20.82
N CYS A 121 -11.10 -20.28 -21.10
CA CYS A 121 -11.66 -20.25 -22.49
C CYS A 121 -11.33 -18.90 -23.15
N PRO A 122 -11.33 -18.89 -24.46
CA PRO A 122 -11.02 -17.64 -25.20
C PRO A 122 -12.12 -16.60 -25.01
N ASP A 123 -13.31 -17.03 -24.62
CA ASP A 123 -14.43 -16.06 -24.41
C ASP A 123 -15.23 -16.45 -23.17
N SER A 124 -16.03 -15.55 -22.66
CA SER A 124 -16.85 -15.85 -21.45
C SER A 124 -18.30 -16.19 -21.84
N ASP A 125 -18.57 -16.41 -23.10
CA ASP A 125 -19.96 -16.74 -23.53
C ASP A 125 -20.44 -18.03 -22.84
N GLN A 126 -19.56 -18.97 -22.66
CA GLN A 126 -19.95 -20.26 -22.00
C GLN A 126 -19.00 -20.56 -20.84
N GLU A 127 -19.50 -21.22 -19.81
CA GLU A 127 -18.64 -21.57 -18.63
C GLU A 127 -17.92 -20.32 -18.09
N PRO A 128 -18.66 -19.25 -17.87
CA PRO A 128 -18.03 -18.00 -17.35
C PRO A 128 -17.59 -18.19 -15.90
N LYS A 129 -16.56 -17.50 -15.49
CA LYS A 129 -16.07 -17.64 -14.09
C LYS A 129 -15.18 -16.44 -13.72
C1 NAG B . -7.29 12.45 1.55
C2 NAG B . -7.50 11.77 2.90
C3 NAG B . -8.71 12.36 3.60
C4 NAG B . -8.60 13.88 3.68
C5 NAG B . -8.26 14.49 2.32
C6 NAG B . -7.94 15.96 2.45
C7 NAG B . -7.33 9.52 3.68
C8 NAG B . -5.87 9.50 4.09
N2 NAG B . -7.69 10.35 2.73
O3 NAG B . -8.82 11.82 4.91
O4 NAG B . -9.85 14.42 4.16
O5 NAG B . -7.12 13.85 1.74
O6 NAG B . -8.97 16.64 3.19
O7 NAG B . -8.15 8.79 4.21
H1 NAG B . -8.14 12.27 0.87
H2 NAG B . -6.58 11.88 3.50
H3 NAG B . -9.61 12.09 3.03
H4 NAG B . -7.79 14.13 4.39
H5 NAG B . -9.12 14.35 1.64
H61 NAG B . -6.99 16.02 2.98
H62 NAG B . -7.83 16.40 1.44
H81 NAG B . -5.67 10.25 4.85
H82 NAG B . -5.62 8.51 4.51
H83 NAG B . -5.23 9.68 3.23
HN2 NAG B . -8.07 10.00 1.90
HO3 NAG B . -7.98 11.92 5.36
C1 NAG B . -9.80 15.11 5.36
C2 NAG B . -11.13 15.83 5.57
C3 NAG B . -11.16 16.49 6.94
C4 NAG B . -10.80 15.48 8.04
C5 NAG B . -9.49 14.79 7.69
C6 NAG B . -9.16 13.68 8.69
C7 NAG B . -11.75 16.52 3.37
C8 NAG B . -11.62 17.58 2.28
N2 NAG B . -11.32 16.84 4.56
O3 NAG B . -12.46 17.01 7.19
O4 NAG B . -10.67 16.16 9.30
O5 NAG B . -9.58 14.16 6.40
O6 NAG B . -8.38 12.66 8.08
O7 NAG B . -12.23 15.43 3.15
H1 NAG B . -8.96 15.81 5.30
H2 NAG B . -11.93 15.08 5.49
H3 NAG B . -10.45 17.33 6.93
H4 NAG B . -11.60 14.74 8.13
H5 NAG B . -8.64 15.48 7.70
H61 NAG B . -8.61 14.12 9.53
H62 NAG B . -10.09 13.27 9.08
H81 NAG B . -11.12 18.45 2.73
H82 NAG B . -11.00 17.19 1.46
H83 NAG B . -12.61 17.86 1.93
HN2 NAG B . -11.10 17.79 4.76
HO3 NAG B . -12.39 17.88 7.59
HO6 NAG B . -8.83 11.82 8.19
C1 BMA B . -11.75 16.08 10.15
C2 BMA B . -11.41 15.15 11.31
C3 BMA B . -12.56 15.13 12.33
C4 BMA B . -12.91 16.55 12.74
C5 BMA B . -13.17 17.43 11.52
C6 BMA B . -13.41 18.88 11.88
O2 BMA B . -10.23 15.59 11.95
O3 BMA B . -12.18 14.38 13.47
O4 BMA B . -14.09 16.53 13.56
O5 BMA B . -12.03 17.39 10.64
O6 BMA B . -14.25 19.52 10.93
H1 BMA B . -12.62 15.73 9.58
H2 BMA B . -11.29 14.12 10.94
H3 BMA B . -13.45 14.68 11.87
H4 BMA B . -12.10 16.99 13.34
H5 BMA B . -14.06 17.08 10.97
H61 BMA B . -13.88 18.93 12.88
H62 BMA B . -12.44 19.40 11.93
HO2 BMA B . -9.54 14.93 11.83
HO3 BMA B . -12.95 13.96 13.84
HO4 BMA B . -14.84 16.36 13.01
HO6 BMA B . -14.06 20.45 10.91
C1 FUL B . -8.52 17.77 3.90
C2 FUL B . -8.00 18.80 2.87
O2 FUL B . -9.07 19.24 2.05
C3 FUL B . -7.39 19.99 3.60
O3 FUL B . -6.83 20.89 2.65
C4 FUL B . -6.30 19.51 4.55
O4 FUL B . -5.20 19.01 3.81
C5 FUL B . -6.83 18.42 5.47
C6 FUL B . -5.74 17.81 6.32
O5 FUL B . -7.41 17.36 4.69
H1 FUL B . -9.43 17.56 3.33
H2 FUL B . -7.21 18.40 2.23
HO2 FUL B . -9.62 19.85 2.54
H3 FUL B . -8.20 20.53 4.10
HO3 FUL B . -6.02 20.52 2.30
H4 FUL B . -5.87 20.33 5.15
HO4 FUL B . -4.49 18.79 4.39
H5 FUL B . -7.64 18.71 6.16
H61 FUL B . -4.93 18.54 6.47
H62 FUL B . -6.15 17.52 7.30
H63 FUL B . -5.34 16.92 5.83
C1 NAG C . 9.06 -1.75 -5.70
C2 NAG C . 8.73 -1.83 -7.18
C3 NAG C . 9.10 -3.19 -7.74
C4 NAG C . 10.55 -3.53 -7.41
C5 NAG C . 10.83 -3.34 -5.91
C6 NAG C . 12.29 -3.52 -5.58
C7 NAG C . 6.88 -0.89 -8.38
C8 NAG C . 5.99 -1.58 -9.40
N2 NAG C . 7.31 -1.60 -7.36
O3 NAG C . 8.92 -3.19 -9.15
O4 NAG C . 10.86 -4.88 -7.87
O5 NAG C . 10.45 -2.02 -5.49
O6 NAG C . 12.44 -3.98 -4.22
O7 NAG C . 7.19 0.28 -8.49
H1 NAG C . 8.48 -2.47 -5.09
H2 NAG C . 9.26 -1.01 -7.68
H3 NAG C . 8.44 -3.96 -7.32
H4 NAG C . 11.29 -2.95 -7.89
H5 NAG C . 10.21 -3.99 -5.26
H61 NAG C . 12.75 -4.12 -6.37
H62 NAG C . 12.76 -2.52 -5.65
H81 NAG C . 6.02 -2.67 -9.24
H82 NAG C . 4.96 -1.23 -9.28
H83 NAG C . 6.34 -1.35 -10.41
HN2 NAG C . 6.66 -1.97 -6.72
HO3 NAG C . 8.56 -4.04 -9.43
C1 NAG C . 10.97 -5.93 -6.97
C2 NAG C . 9.88 -6.96 -7.24
C3 NAG C . 10.07 -8.17 -6.33
C4 NAG C . 11.50 -8.71 -6.40
C5 NAG C . 12.53 -7.60 -6.24
C6 NAG C . 13.95 -8.05 -6.52
C7 NAG C . 7.54 -6.78 -7.70
C8 NAG C . 7.50 -6.43 -9.17
N2 NAG C . 8.58 -6.37 -7.01
O3 NAG C . 9.16 -9.19 -6.71
O4 NAG C . 11.66 -9.68 -5.33
O5 NAG C . 12.26 -6.52 -7.17
O6 NAG C . 14.04 -8.73 -7.76
O7 NAG C . 6.66 -7.43 -7.18
H1 NAG C . 10.96 -5.54 -6.00
H2 NAG C . 9.92 -7.21 -8.31
H3 NAG C . 9.88 -7.85 -5.30
H4 NAG C . 11.62 -9.18 -7.39
H5 NAG C . 12.50 -7.19 -5.22
H61 NAG C . 14.32 -8.68 -5.73
H62 NAG C . 14.59 -7.16 -6.55
H81 NAG C . 6.74 -5.65 -9.35
H82 NAG C . 8.48 -6.04 -9.50
H83 NAG C . 7.26 -7.31 -9.77
HN2 NAG C . 8.46 -5.66 -6.34
HO3 NAG C . 8.75 -9.56 -5.92
HO6 NAG C . 14.74 -9.38 -7.72
C1 BMA C . 12.75 -10.55 -5.40
C2 BMA C . 13.55 -10.46 -4.10
C3 BMA C . 14.67 -11.49 -4.09
C4 BMA C . 14.12 -12.88 -4.41
C5 BMA C . 13.29 -12.85 -5.68
C6 BMA C . 12.62 -14.18 -5.99
O2 BMA C . 12.68 -10.69 -2.99
O3 BMA C . 15.30 -11.50 -2.82
O4 BMA C . 15.20 -13.79 -4.57
O5 BMA C . 12.24 -11.87 -5.57
O6 BMA C . 12.73 -15.09 -4.91
H1 BMA C . 13.34 -10.33 -6.29
H2 BMA C . 14.04 -9.49 -3.99
H3 BMA C . 15.41 -11.21 -4.86
H4 BMA C . 13.49 -13.23 -3.57
H5 BMA C . 13.90 -12.61 -6.55
H61 BMA C . 11.57 -13.98 -6.22
H62 BMA C . 13.08 -14.61 -6.90
HO2 BMA C . 12.51 -11.63 -2.90
HO3 BMA C . 14.64 -11.47 -2.13
HO4 BMA C . 15.93 -13.35 -5.02
HO6 BMA C . 13.62 -15.45 -4.89
C1 FUC C . 13.20 -5.16 -4.06
C2 FUC C . 14.49 -4.80 -3.35
C3 FUC C . 14.09 -4.02 -2.09
C4 FUC C . 13.11 -4.84 -1.23
C5 FUC C . 11.97 -5.47 -2.06
C6 FUC C . 11.22 -6.54 -1.29
O2 FUC C . 15.30 -4.00 -4.19
O3 FUC C . 15.25 -3.72 -1.33
O4 FUC C . 13.82 -5.88 -0.58
O5 FUC C . 12.51 -6.09 -3.23
H1 FUC C . 13.28 -5.42 -5.11
H2 FUC C . 14.97 -5.53 -2.68
H3 FUC C . 13.72 -3.06 -2.45
H4 FUC C . 12.72 -4.32 -0.35
H5 FUC C . 11.23 -4.78 -2.49
H61 FUC C . 11.86 -7.42 -1.16
H62 FUC C . 10.32 -6.84 -1.85
H63 FUC C . 10.92 -6.16 -0.30
HO2 FUC C . 16.04 -4.53 -4.51
HO3 FUC C . 15.89 -3.27 -1.88
HO4 FUC C . 14.12 -5.58 0.28
N ALA A 1 0.32 20.87 -6.54
CA ALA A 1 -0.77 20.64 -5.56
C ALA A 1 -0.72 19.21 -5.01
N MET A 2 -1.31 18.98 -3.86
CA MET A 2 -1.30 17.61 -3.25
C MET A 2 0.13 17.10 -3.04
N HIS A 3 0.54 16.93 -1.82
CA HIS A 3 1.92 16.43 -1.54
C HIS A 3 1.93 14.91 -1.35
N VAL A 4 0.93 14.24 -1.87
CA VAL A 4 0.86 12.76 -1.74
C VAL A 4 0.13 12.18 -2.96
N ALA A 5 0.68 11.16 -3.57
CA ALA A 5 0.01 10.56 -4.78
C ALA A 5 -0.59 9.20 -4.43
N GLN A 6 -1.83 8.98 -4.77
CA GLN A 6 -2.50 7.69 -4.44
C GLN A 6 -3.18 7.08 -5.69
N PRO A 7 -2.85 5.86 -6.04
CA PRO A 7 -3.52 5.21 -7.19
C PRO A 7 -4.94 4.84 -6.80
N ALA A 8 -5.88 5.02 -7.70
CA ALA A 8 -7.30 4.68 -7.36
C ALA A 8 -7.47 3.18 -7.30
N VAL A 9 -6.71 2.44 -8.08
CA VAL A 9 -6.85 0.97 -8.03
C VAL A 9 -5.54 0.30 -8.46
N VAL A 10 -5.42 -0.94 -8.14
CA VAL A 10 -4.21 -1.70 -8.53
C VAL A 10 -4.62 -3.11 -8.98
N LEU A 11 -3.81 -3.73 -9.77
CA LEU A 11 -4.15 -5.11 -10.25
C LEU A 11 -3.13 -6.11 -9.69
N ALA A 12 -3.60 -7.20 -9.15
CA ALA A 12 -2.66 -8.22 -8.57
C ALA A 12 -2.32 -9.27 -9.62
N SER A 13 -1.79 -10.39 -9.20
CA SER A 13 -1.41 -11.47 -10.18
C SER A 13 -2.00 -12.81 -9.76
N SER A 14 -1.73 -13.86 -10.50
CA SER A 14 -2.28 -15.21 -10.15
C SER A 14 -1.76 -15.62 -8.77
N ARG A 15 -0.53 -15.32 -8.49
CA ARG A 15 0.06 -15.66 -7.15
C ARG A 15 -0.75 -14.95 -6.05
N GLY A 16 -1.45 -13.90 -6.40
CA GLY A 16 -2.27 -13.17 -5.38
C GLY A 16 -1.38 -12.19 -4.64
N ILE A 17 -0.43 -11.61 -5.33
CA ILE A 17 0.47 -10.64 -4.66
C ILE A 17 0.23 -9.27 -5.28
N ALA A 18 -0.35 -8.37 -4.53
CA ALA A 18 -0.63 -7.01 -5.06
C ALA A 18 0.37 -6.01 -4.48
N SER A 19 1.03 -5.25 -5.32
CA SER A 19 2.01 -4.25 -4.82
C SER A 19 1.72 -2.87 -5.38
N PHE A 20 1.66 -1.88 -4.53
CA PHE A 20 1.40 -0.49 -4.98
C PHE A 20 2.31 0.46 -4.22
N VAL A 21 2.52 1.64 -4.75
CA VAL A 21 3.42 2.60 -4.06
C VAL A 21 2.73 3.94 -3.82
N CYS A 22 2.69 4.37 -2.58
CA CYS A 22 2.06 5.68 -2.24
C CYS A 22 3.18 6.66 -1.93
N GLU A 23 3.40 7.63 -2.78
CA GLU A 23 4.52 8.59 -2.54
C GLU A 23 4.10 9.70 -1.57
N TYR A 24 5.04 10.20 -0.81
CA TYR A 24 4.73 11.29 0.14
C TYR A 24 5.80 12.38 -0.05
N ALA A 25 5.55 13.56 0.45
CA ALA A 25 6.55 14.66 0.28
C ALA A 25 6.82 15.36 1.61
N SER A 26 8.08 15.58 1.93
CA SER A 26 8.43 16.28 3.20
C SER A 26 9.59 17.26 2.98
N PRO A 27 9.61 18.31 3.77
CA PRO A 27 10.67 19.34 3.65
C PRO A 27 12.03 18.81 4.13
N GLY A 28 12.07 17.64 4.74
CA GLY A 28 13.38 17.10 5.23
C GLY A 28 13.39 15.58 5.13
N LYS A 29 14.47 14.95 5.55
CA LYS A 29 14.57 13.47 5.48
C LYS A 29 14.82 12.88 6.87
N ALA A 30 14.35 11.68 7.11
CA ALA A 30 14.56 11.03 8.43
C ALA A 30 14.67 9.51 8.25
N THR A 31 15.19 8.82 9.23
CA THR A 31 15.32 7.33 9.11
C THR A 31 14.00 6.66 9.42
N GLU A 32 13.37 7.07 10.46
CA GLU A 32 12.12 6.39 10.88
C GLU A 32 10.92 6.85 10.07
N VAL A 33 10.40 5.96 9.27
CA VAL A 33 9.19 6.28 8.48
C VAL A 33 8.12 5.25 8.85
N ARG A 34 7.26 5.59 9.78
CA ARG A 34 6.21 4.65 10.22
C ARG A 34 5.13 4.57 9.16
N VAL A 35 4.96 3.42 8.56
CA VAL A 35 3.91 3.30 7.51
C VAL A 35 2.89 2.24 7.91
N THR A 36 1.64 2.53 7.67
CA THR A 36 0.55 1.56 8.01
C THR A 36 -0.37 1.35 6.81
N VAL A 37 -0.85 0.16 6.64
CA VAL A 37 -1.79 -0.13 5.52
C VAL A 37 -3.14 -0.48 6.13
N LEU A 38 -4.26 -0.03 5.58
CA LEU A 38 -5.57 -0.36 6.23
C LEU A 38 -6.57 -0.91 5.22
N ARG A 39 -7.68 -1.37 5.73
CA ARG A 39 -8.78 -1.90 4.86
C ARG A 39 -10.08 -1.19 5.20
N GLN A 40 -10.72 -0.56 4.25
CA GLN A 40 -12.00 0.14 4.55
C GLN A 40 -13.19 -0.62 4.01
N ALA A 41 -14.20 -0.80 4.82
CA ALA A 41 -15.42 -1.53 4.39
C ALA A 41 -16.55 -0.54 4.14
N ASP A 42 -17.74 -1.03 3.90
CA ASP A 42 -18.89 -0.10 3.65
C ASP A 42 -19.14 0.82 4.85
N SER A 43 -19.09 0.29 6.05
CA SER A 43 -19.33 1.14 7.26
C SER A 43 -18.26 0.90 8.34
N GLN A 44 -17.30 0.04 8.11
CA GLN A 44 -16.25 -0.22 9.14
C GLN A 44 -14.87 -0.31 8.50
N VAL A 45 -13.84 -0.03 9.26
CA VAL A 45 -12.44 -0.10 8.70
C VAL A 45 -11.54 -0.86 9.68
N THR A 46 -10.59 -1.62 9.18
CA THR A 46 -9.68 -2.38 10.09
C THR A 46 -8.21 -2.15 9.72
N GLU A 47 -7.32 -2.34 10.66
CA GLU A 47 -5.87 -2.13 10.39
C GLU A 47 -5.22 -3.39 9.81
N VAL A 48 -4.08 -3.23 9.17
CA VAL A 48 -3.40 -4.41 8.57
C VAL A 48 -1.97 -4.54 9.14
N CYS A 49 -1.03 -3.77 8.65
CA CYS A 49 0.38 -3.86 9.17
C CYS A 49 0.93 -2.45 9.49
N ALA A 50 1.91 -2.36 10.37
CA ALA A 50 2.49 -1.03 10.72
C ALA A 50 3.89 -1.17 11.35
N ALA A 51 4.88 -0.55 10.75
CA ALA A 51 6.27 -0.64 11.30
C ALA A 51 7.12 0.54 10.79
N THR A 52 7.99 1.08 11.63
CA THR A 52 8.86 2.21 11.17
C THR A 52 10.16 1.65 10.64
N TYR A 53 10.48 1.90 9.39
CA TYR A 53 11.75 1.35 8.83
C TYR A 53 12.77 2.43 8.57
N MET A 54 14.03 2.10 8.74
CA MET A 54 15.10 3.08 8.47
C MET A 54 15.23 3.18 6.94
N MET A 55 15.82 4.21 6.42
CA MET A 55 15.97 4.30 4.94
C MET A 55 16.98 3.27 4.44
N GLY A 56 16.60 2.47 3.48
CA GLY A 56 17.54 1.43 2.94
C GLY A 56 17.42 0.14 3.74
N ASN A 57 16.28 -0.13 4.33
CA ASN A 57 16.12 -1.40 5.12
C ASN A 57 14.66 -1.89 5.09
N GLU A 58 14.43 -3.03 5.68
CA GLU A 58 13.04 -3.61 5.71
C GLU A 58 12.76 -4.20 7.10
N LEU A 59 11.51 -4.24 7.51
CA LEU A 59 11.19 -4.80 8.87
C LEU A 59 9.97 -5.71 8.83
N THR A 60 9.53 -6.10 10.00
CA THR A 60 8.34 -6.97 10.13
C THR A 60 7.21 -6.13 10.72
N PHE A 61 5.99 -6.57 10.56
CA PHE A 61 4.85 -5.78 11.11
C PHE A 61 4.20 -6.56 12.26
N LEU A 62 4.05 -5.92 13.40
CA LEU A 62 3.48 -6.62 14.61
C LEU A 62 2.07 -7.16 14.35
N ASP A 63 1.21 -6.40 13.74
CA ASP A 63 -0.17 -6.90 13.48
C ASP A 63 -0.26 -7.50 12.08
N ASP A 64 -0.82 -8.68 11.97
CA ASP A 64 -0.91 -9.35 10.63
C ASP A 64 0.48 -9.40 10.00
N SER A 65 1.41 -10.01 10.70
CA SER A 65 2.83 -10.09 10.21
C SER A 65 2.95 -10.84 8.86
N ILE A 66 2.36 -10.30 7.83
CA ILE A 66 2.42 -10.92 6.48
C ILE A 66 2.59 -9.82 5.42
N CYS A 67 2.97 -8.62 5.82
CA CYS A 67 3.14 -7.51 4.84
C CYS A 67 4.62 -7.26 4.57
N THR A 68 4.99 -7.20 3.31
CA THR A 68 6.40 -6.94 2.95
C THR A 68 6.44 -5.99 1.75
N GLY A 69 7.46 -5.17 1.62
CA GLY A 69 7.52 -4.23 0.47
C GLY A 69 8.82 -3.44 0.50
N THR A 70 8.93 -2.47 -0.36
CA THR A 70 10.16 -1.63 -0.41
C THR A 70 9.81 -0.19 -0.03
N SER A 71 10.80 0.62 0.23
CA SER A 71 10.55 2.04 0.58
C SER A 71 11.67 2.92 0.01
N SER A 72 11.36 4.15 -0.28
CA SER A 72 12.38 5.09 -0.84
C SER A 72 12.36 6.41 -0.09
N GLY A 73 13.14 7.37 -0.51
CA GLY A 73 13.17 8.70 0.18
C GLY A 73 11.75 9.26 0.31
N ASN A 74 11.13 9.60 -0.79
CA ASN A 74 9.74 10.16 -0.72
C ASN A 74 8.70 9.20 -1.30
N GLN A 75 9.07 7.98 -1.60
CA GLN A 75 8.11 7.02 -2.19
C GLN A 75 8.14 5.69 -1.41
N VAL A 76 6.99 5.18 -0.99
CA VAL A 76 6.99 3.90 -0.23
C VAL A 76 6.26 2.79 -1.02
N ASN A 77 6.84 1.62 -1.10
CA ASN A 77 6.19 0.50 -1.84
C ASN A 77 5.71 -0.59 -0.88
N LEU A 78 4.41 -0.77 -0.76
CA LEU A 78 3.86 -1.83 0.14
C LEU A 78 3.31 -2.98 -0.72
N THR A 79 3.69 -4.21 -0.44
CA THR A 79 3.17 -5.35 -1.24
C THR A 79 2.50 -6.40 -0.36
N ILE A 80 1.37 -6.91 -0.78
CA ILE A 80 0.66 -7.93 0.05
C ILE A 80 0.86 -9.32 -0.57
N GLN A 81 1.13 -10.30 0.25
CA GLN A 81 1.29 -11.68 -0.28
C GLN A 81 0.25 -12.61 0.33
N GLY A 82 -0.55 -13.21 -0.49
CA GLY A 82 -1.60 -14.15 0.00
C GLY A 82 -2.99 -13.50 -0.15
N LEU A 83 -3.21 -12.82 -1.24
CA LEU A 83 -4.54 -12.15 -1.45
C LEU A 83 -5.58 -13.15 -1.95
N ARG A 84 -6.77 -13.06 -1.42
CA ARG A 84 -7.88 -13.95 -1.86
C ARG A 84 -8.98 -13.10 -2.48
N ALA A 85 -10.02 -13.72 -3.00
CA ALA A 85 -11.13 -12.93 -3.60
C ALA A 85 -11.74 -12.00 -2.55
N MET A 86 -11.93 -12.49 -1.35
CA MET A 86 -12.52 -11.66 -0.26
C MET A 86 -11.60 -10.47 0.07
N ASP A 87 -10.31 -10.70 0.06
CA ASP A 87 -9.34 -9.60 0.40
C ASP A 87 -9.49 -8.43 -0.58
N THR A 88 -9.98 -8.67 -1.77
CA THR A 88 -10.15 -7.57 -2.77
C THR A 88 -10.92 -6.40 -2.14
N GLY A 89 -10.49 -5.20 -2.40
CA GLY A 89 -11.18 -4.03 -1.80
C GLY A 89 -10.22 -2.83 -1.73
N LEU A 90 -10.56 -1.84 -0.95
CA LEU A 90 -9.70 -0.62 -0.84
C LEU A 90 -8.63 -0.75 0.25
N TYR A 91 -7.39 -0.54 -0.12
CA TYR A 91 -6.27 -0.56 0.87
C TYR A 91 -5.83 0.88 1.08
N ILE A 92 -5.19 1.18 2.19
CA ILE A 92 -4.78 2.60 2.44
C ILE A 92 -3.28 2.71 2.68
N CYS A 93 -2.67 3.73 2.16
CA CYS A 93 -1.23 3.95 2.42
C CYS A 93 -1.14 5.00 3.54
N LYS A 94 -0.31 4.75 4.51
CA LYS A 94 -0.17 5.69 5.64
C LYS A 94 1.30 5.82 5.92
N VAL A 95 1.81 7.00 5.88
CA VAL A 95 3.25 7.21 6.10
C VAL A 95 3.44 8.36 7.10
N GLU A 96 4.04 8.05 8.22
CA GLU A 96 4.23 9.10 9.27
C GLU A 96 5.61 9.00 9.93
N LEU A 97 6.18 10.14 10.23
CA LEU A 97 7.48 10.16 10.95
C LEU A 97 7.11 10.19 12.42
N MET A 98 6.81 9.05 12.99
CA MET A 98 6.32 9.06 14.40
C MET A 98 7.45 9.20 15.45
N TYR A 99 8.47 8.43 15.34
CA TYR A 99 9.60 8.47 16.34
C TYR A 99 10.48 9.76 16.27
N PRO A 100 10.82 10.21 15.09
CA PRO A 100 11.74 11.40 14.94
C PRO A 100 10.93 12.69 14.99
N PRO A 101 11.21 13.55 15.97
CA PRO A 101 10.44 14.86 16.14
C PRO A 101 11.17 15.98 15.11
N PRO A 102 10.47 17.15 14.73
CA PRO A 102 9.09 16.77 15.27
C PRO A 102 8.23 15.98 14.30
N TYR A 103 7.07 15.50 14.63
CA TYR A 103 6.25 14.71 13.60
C TYR A 103 5.46 15.57 12.56
N TYR A 104 5.54 15.24 11.29
CA TYR A 104 4.71 15.96 10.27
C TYR A 104 4.61 15.19 8.98
N LEU A 105 3.47 14.62 8.68
CA LEU A 105 3.36 13.88 7.37
C LEU A 105 1.88 13.76 6.93
N GLY A 106 1.51 12.69 6.25
CA GLY A 106 0.08 12.60 5.78
C GLY A 106 -0.32 11.16 5.44
N ILE A 107 -1.61 10.93 5.23
CA ILE A 107 -2.12 9.57 4.91
C ILE A 107 -2.73 9.56 3.49
N GLY A 108 -2.86 8.40 2.89
CA GLY A 108 -3.49 8.34 1.54
C GLY A 108 -4.92 7.80 1.72
N ASN A 109 -5.86 8.29 0.95
CA ASN A 109 -7.27 7.79 1.12
C ASN A 109 -7.32 6.28 0.85
N GLY A 110 -6.59 5.81 -0.12
CA GLY A 110 -6.58 4.33 -0.37
C GLY A 110 -6.66 3.98 -1.85
N THR A 111 -6.23 2.78 -2.16
CA THR A 111 -6.28 2.26 -3.55
C THR A 111 -7.02 0.92 -3.52
N GLN A 112 -7.85 0.65 -4.49
CA GLN A 112 -8.52 -0.68 -4.49
C GLN A 112 -7.60 -1.69 -5.15
N ILE A 113 -7.55 -2.89 -4.67
CA ILE A 113 -6.66 -3.90 -5.31
C ILE A 113 -7.56 -4.92 -6.02
N TYR A 114 -7.29 -5.20 -7.27
CA TYR A 114 -8.11 -6.19 -8.04
C TYR A 114 -7.30 -7.46 -8.33
N VAL A 115 -7.96 -8.58 -8.42
CA VAL A 115 -7.24 -9.84 -8.74
C VAL A 115 -7.38 -10.13 -10.24
N ILE A 116 -6.59 -11.03 -10.74
CA ILE A 116 -6.64 -11.36 -12.19
C ILE A 116 -7.24 -12.75 -12.40
N ASP A 117 -8.15 -12.86 -13.34
CA ASP A 117 -8.78 -14.19 -13.64
C ASP A 117 -8.74 -14.46 -15.15
N PRO A 118 -7.88 -15.36 -15.58
CA PRO A 118 -7.78 -15.66 -17.03
C PRO A 118 -9.04 -16.40 -17.51
N GLU A 119 -9.51 -16.06 -18.68
CA GLU A 119 -10.72 -16.74 -19.24
C GLU A 119 -10.46 -17.21 -20.68
N PRO A 120 -10.96 -18.38 -21.03
CA PRO A 120 -10.76 -18.90 -22.40
C PRO A 120 -11.56 -18.08 -23.43
N CYS A 121 -12.46 -17.24 -22.98
CA CYS A 121 -13.27 -16.43 -23.93
C CYS A 121 -12.57 -15.07 -24.20
N PRO A 122 -12.57 -14.64 -25.45
CA PRO A 122 -11.93 -13.35 -25.79
C PRO A 122 -12.73 -12.18 -25.22
N ASP A 123 -12.14 -11.01 -25.16
CA ASP A 123 -12.87 -9.83 -24.61
C ASP A 123 -13.30 -8.89 -25.74
N SER A 124 -14.30 -8.08 -25.51
CA SER A 124 -14.78 -7.14 -26.56
C SER A 124 -13.71 -6.08 -26.86
N ASP A 125 -12.91 -5.74 -25.88
CA ASP A 125 -11.85 -4.71 -26.10
C ASP A 125 -10.82 -5.22 -27.13
N GLN A 126 -10.46 -4.39 -28.07
CA GLN A 126 -9.46 -4.81 -29.10
C GLN A 126 -8.35 -3.77 -29.23
N GLU A 127 -7.20 -4.16 -29.71
CA GLU A 127 -6.06 -3.19 -29.88
C GLU A 127 -5.77 -2.45 -28.56
N PRO A 128 -5.64 -3.20 -27.48
CA PRO A 128 -5.38 -2.56 -26.15
C PRO A 128 -3.96 -1.99 -26.12
N LYS A 129 -3.75 -0.94 -25.37
CA LYS A 129 -2.39 -0.32 -25.29
C LYS A 129 -1.58 -0.99 -24.16
C1 NAG B . -10.23 9.32 2.30
C2 NAG B . -10.17 8.81 3.73
C3 NAG B . -11.51 8.21 4.12
C4 NAG B . -12.65 9.19 3.85
C5 NAG B . -12.57 9.72 2.42
C6 NAG B . -13.59 10.80 2.15
C7 NAG B . -8.39 7.76 4.94
C8 NAG B . -6.96 8.28 4.82
N2 NAG B . -9.14 7.80 3.86
O3 NAG B . -11.49 7.88 5.50
O4 NAG B . -13.91 8.53 4.06
O5 NAG B . -11.27 10.28 2.15
O6 NAG B . -14.59 10.31 1.21
O7 NAG B . -8.82 7.34 5.99
H1 NAG B . -10.39 8.51 1.56
H2 NAG B . -9.87 9.65 4.37
H3 NAG B . -11.68 7.30 3.54
H4 NAG B . -12.57 10.05 4.54
H5 NAG B . -12.77 8.91 1.69
H61 NAG B . -14.07 11.07 3.09
H62 NAG B . -13.05 11.69 1.80
H81 NAG B . -6.55 8.54 5.81
H82 NAG B . -6.33 7.49 4.39
H83 NAG B . -6.93 9.16 4.18
HN2 NAG B . -9.01 7.14 3.16
HO3 NAG B . -11.31 8.66 6.02
C1 NAG B . -14.60 8.83 5.22
C2 NAG B . -15.64 7.74 5.48
C3 NAG B . -16.33 7.95 6.82
C4 NAG B . -15.30 8.13 7.93
C5 NAG B . -14.29 9.21 7.56
C6 NAG B . -13.20 9.35 8.58
C7 NAG B . -16.29 7.36 3.21
C8 NAG B . -16.37 8.42 2.12
N2 NAG B . -16.63 7.73 4.42
O3 NAG B . -17.17 6.84 7.12
O4 NAG B . -15.96 8.49 9.16
O5 NAG B . -13.67 8.89 6.30
O6 NAG B . -12.11 8.49 8.28
O7 NAG B . -15.93 6.22 2.98
H1 NAG B . -15.08 9.81 5.10
H2 NAG B . -15.13 6.77 5.48
H3 NAG B . -16.96 8.86 6.77
H4 NAG B . -14.76 7.18 8.09
H5 NAG B . -14.78 10.20 7.50
H61 NAG B . -13.61 9.09 9.57
H62 NAG B . -12.85 10.39 8.62
H81 NAG B . -16.28 9.42 2.56
H82 NAG B . -15.56 8.26 1.38
H83 NAG B . -17.34 8.35 1.60
HN2 NAG B . -17.56 8.00 4.61
HO3 NAG B . -17.52 6.93 8.00
HO6 NAG B . -11.48 8.51 9.00
C1 BMA B . -16.06 7.50 10.11
C2 BMA B . -14.99 7.69 11.17
C3 BMA B . -15.15 6.66 12.29
C4 BMA B . -16.57 6.68 12.84
C5 BMA B . -17.59 6.55 11.70
C6 BMA B . -19.02 6.71 12.18
O2 BMA B . -15.07 8.99 11.71
O3 BMA B . -14.23 6.94 13.34
O4 BMA B . -16.76 5.63 13.76
O5 BMA B . -17.37 7.58 10.70
O6 BMA B . -19.94 6.53 11.12
H1 BMA B . -15.98 6.52 9.61
H2 BMA B . -13.99 7.53 10.72
H3 BMA B . -14.95 5.65 11.90
H4 BMA B . -16.74 7.64 13.37
H5 BMA B . -17.51 5.57 11.23
H61 BMA B . -19.20 5.96 12.97
H62 BMA B . -19.13 7.71 12.62
HO2 BMA B . -15.85 9.06 12.28
HO3 BMA B . -14.35 7.85 13.63
HO4 BMA B . -15.97 5.53 14.30
HO6 BMA B . -20.71 6.05 11.44
C1 FUL B . -15.16 11.33 0.37
C2 FUL B . -15.89 10.65 -0.77
O2 FUL B . -16.97 9.86 -0.29
C3 FUL B . -16.42 11.72 -1.73
O3 FUL B . -17.01 11.08 -2.86
C4 FUL B . -15.29 12.62 -2.18
O4 FUL B . -14.39 11.89 -3.00
C5 FUL B . -14.53 13.18 -0.97
C6 FUL B . -13.29 13.95 -1.39
O5 FUL B . -14.08 12.10 -0.12
H1 FUL B . -15.61 10.64 1.14
H2 FUL B . -15.24 9.99 -1.35
HO2 FUL B . -16.80 8.93 -0.46
H3 FUL B . -17.22 12.26 -1.21
HO3 FUL B . -16.37 10.50 -3.26
H4 FUL B . -15.63 13.45 -2.82
HO4 FUL B . -14.54 12.11 -3.92
H5 FUL B . -15.09 13.83 -0.30
H61 FUL B . -12.72 14.24 -0.50
H62 FUL B . -12.67 13.34 -2.04
H63 FUL B . -13.59 14.87 -1.94
C1 NAG C . 7.73 -2.54 -5.28
C2 NAG C . 7.22 -2.86 -6.69
C3 NAG C . 7.76 -4.20 -7.16
C4 NAG C . 9.27 -4.25 -7.02
C5 NAG C . 9.69 -3.87 -5.59
C6 NAG C . 11.20 -3.79 -5.43
C7 NAG C . 5.14 -2.55 -7.79
C8 NAG C . 4.37 -1.23 -7.79
N2 NAG C . 5.78 -2.87 -6.71
O3 NAG C . 7.40 -4.42 -8.52
O4 NAG C . 9.77 -5.55 -7.36
O5 NAG C . 9.16 -2.57 -5.24
O6 NAG C . 11.67 -2.48 -5.81
O7 NAG C . 5.15 -3.26 -8.77
H1 NAG C . 7.32 -3.27 -4.55
H2 NAG C . 7.54 -2.06 -7.37
H3 NAG C . 7.31 -5.00 -6.54
H4 NAG C . 9.76 -3.62 -7.68
H5 NAG C . 9.30 -4.57 -4.84
H61 NAG C . 11.44 -3.98 -4.37
H62 NAG C . 11.65 -4.60 -6.01
H81 NAG C . 3.86 -1.10 -6.82
H82 NAG C . 5.07 -0.39 -7.93
H83 NAG C . 3.62 -1.22 -8.60
HN2 NAG C . 5.28 -3.13 -5.90
HO3 NAG C . 7.68 -5.29 -8.79
C1 NAG C . 9.55 -6.56 -6.44
C2 NAG C . 9.03 -7.81 -7.14
C3 NAG C . 8.87 -8.95 -6.13
C4 NAG C . 10.16 -9.14 -5.33
C5 NAG C . 10.64 -7.82 -4.74
C6 NAG C . 11.99 -7.95 -4.06
C7 NAG C . 7.30 -8.33 -8.69
C8 NAG C . 6.06 -9.15 -8.36
N2 NAG C . 7.75 -7.53 -7.77
O3 NAG C . 8.55 -10.15 -6.81
O4 NAG C . 9.93 -10.09 -4.28
O5 NAG C . 10.78 -6.84 -5.78
O6 NAG C . 11.84 -8.07 -2.65
O7 NAG C . 7.84 -8.41 -9.77
H1 NAG C . 8.80 -6.16 -5.77
H2 NAG C . 9.75 -8.14 -7.91
H3 NAG C . 8.05 -8.69 -5.45
H4 NAG C . 10.94 -9.54 -6.00
H5 NAG C . 9.94 -7.45 -3.98
H61 NAG C . 12.60 -7.06 -4.30
H62 NAG C . 12.50 -8.83 -4.46
H81 NAG C . 6.16 -9.59 -7.36
H82 NAG C . 5.16 -8.51 -8.37
H83 NAG C . 5.93 -9.96 -9.10
HN2 NAG C . 7.23 -6.75 -7.49
HO3 NAG C . 9.36 -10.54 -7.16
HO6 NAG C . 12.71 -8.02 -2.23
C1 BMA C . 10.35 -11.39 -4.52
C2 BMA C . 11.87 -11.46 -4.49
C3 BMA C . 12.34 -12.90 -4.66
C4 BMA C . 11.66 -13.80 -3.64
C5 BMA C . 10.14 -13.61 -3.69
C6 BMA C . 9.43 -14.40 -2.60
O2 BMA C . 12.35 -10.95 -3.25
O3 BMA C . 13.75 -12.97 -4.50
O4 BMA C . 11.98 -15.15 -3.92
O5 BMA C . 9.80 -12.22 -3.50
O6 BMA C . 10.02 -14.14 -1.33
H1 BMA C . 9.94 -11.69 -5.49
H2 BMA C . 12.28 -10.86 -5.32
H3 BMA C . 12.08 -13.24 -5.67
H4 BMA C . 12.03 -13.57 -2.64
H5 BMA C . 9.73 -13.96 -4.66
H61 BMA C . 8.37 -14.10 -2.59
H62 BMA C . 9.49 -15.46 -2.84
HO2 BMA C . 13.27 -10.69 -3.35
HO3 BMA C . 14.12 -13.57 -5.14
HO4 BMA C . 12.70 -15.44 -3.36
HO6 BMA C . 10.88 -14.56 -1.29
C1 FUC C . 12.59 -2.54 -6.85
C2 FUC C . 13.15 -1.15 -7.09
C3 FUC C . 13.71 -0.66 -5.76
C4 FUC C . 14.75 -1.66 -5.22
C5 FUC C . 14.24 -3.11 -5.24
C6 FUC C . 15.34 -4.12 -5.00
O2 FUC C . 12.12 -0.28 -7.55
O3 FUC C . 14.33 0.61 -5.94
O4 FUC C . 15.92 -1.58 -6.01
O5 FUC C . 13.67 -3.40 -6.53
H1 FUC C . 11.80 -2.82 -7.56
H2 FUC C . 14.13 -1.05 -7.58
H3 FUC C . 12.86 -0.48 -5.10
H4 FUC C . 15.16 -1.40 -4.23
H5 FUC C . 13.41 -3.35 -4.56
H61 FUC C . 14.94 -5.13 -5.07
H62 FUC C . 15.78 -3.96 -4.00
H63 FUC C . 16.13 -3.99 -5.77
HO2 FUC C . 11.49 -0.15 -6.84
HO3 FUC C . 13.76 1.29 -5.59
HO4 FUC C . 16.44 -0.81 -5.74
N ALA A 1 -4.21 17.91 -4.73
CA ALA A 1 -3.26 18.94 -4.23
C ALA A 1 -2.93 18.69 -2.75
N MET A 2 -2.27 17.59 -2.47
CA MET A 2 -1.92 17.27 -1.06
C MET A 2 -0.43 16.91 -0.96
N HIS A 3 0.03 16.53 0.20
CA HIS A 3 1.47 16.15 0.37
C HIS A 3 1.64 14.63 0.29
N VAL A 4 0.72 13.97 -0.37
CA VAL A 4 0.80 12.49 -0.50
C VAL A 4 0.31 12.11 -1.90
N ALA A 5 1.04 11.26 -2.59
CA ALA A 5 0.62 10.86 -3.98
C ALA A 5 0.48 9.34 -4.10
N GLN A 6 -0.59 8.89 -4.70
CA GLN A 6 -0.79 7.42 -4.87
C GLN A 6 -1.54 7.12 -6.20
N PRO A 7 -1.24 6.00 -6.80
CA PRO A 7 -1.93 5.60 -8.05
C PRO A 7 -3.39 5.25 -7.74
N ALA A 8 -4.30 5.64 -8.57
CA ALA A 8 -5.73 5.32 -8.30
C ALA A 8 -5.94 3.81 -8.29
N VAL A 9 -5.17 3.08 -9.05
CA VAL A 9 -5.34 1.62 -9.06
C VAL A 9 -4.07 0.91 -9.48
N VAL A 10 -4.00 -0.34 -9.16
CA VAL A 10 -2.83 -1.16 -9.52
C VAL A 10 -3.29 -2.53 -10.01
N LEU A 11 -2.48 -3.19 -10.80
CA LEU A 11 -2.87 -4.53 -11.32
C LEU A 11 -1.81 -5.57 -10.92
N ALA A 12 -2.21 -6.63 -10.26
CA ALA A 12 -1.22 -7.68 -9.86
C ALA A 12 -0.91 -8.57 -11.07
N SER A 13 0.32 -8.98 -11.22
CA SER A 13 0.69 -9.82 -12.41
C SER A 13 0.31 -11.30 -12.20
N SER A 14 0.85 -11.92 -11.19
CA SER A 14 0.55 -13.36 -10.93
C SER A 14 0.69 -13.66 -9.44
N ARG A 15 0.19 -14.78 -8.98
CA ARG A 15 0.30 -15.12 -7.52
C ARG A 15 -0.35 -14.04 -6.66
N GLY A 16 -1.22 -13.23 -7.24
CA GLY A 16 -1.89 -12.16 -6.45
C GLY A 16 -0.83 -11.27 -5.80
N ILE A 17 0.17 -10.90 -6.54
CA ILE A 17 1.25 -10.05 -5.98
C ILE A 17 1.11 -8.64 -6.54
N ALA A 18 0.61 -7.73 -5.76
CA ALA A 18 0.44 -6.34 -6.27
C ALA A 18 1.47 -5.41 -5.62
N SER A 19 2.28 -4.78 -6.43
CA SER A 19 3.31 -3.85 -5.88
C SER A 19 3.01 -2.43 -6.39
N PHE A 20 2.82 -1.51 -5.48
CA PHE A 20 2.52 -0.11 -5.89
C PHE A 20 3.39 0.87 -5.13
N VAL A 21 3.48 2.08 -5.60
CA VAL A 21 4.35 3.09 -4.92
C VAL A 21 3.54 4.31 -4.48
N CYS A 22 3.70 4.71 -3.25
CA CYS A 22 2.98 5.91 -2.76
C CYS A 22 4.03 6.95 -2.34
N GLU A 23 3.86 8.17 -2.78
CA GLU A 23 4.87 9.22 -2.43
C GLU A 23 4.37 10.14 -1.31
N TYR A 24 5.25 10.42 -0.38
CA TYR A 24 4.88 11.30 0.75
C TYR A 24 5.91 12.43 0.86
N ALA A 25 5.73 13.30 1.82
CA ALA A 25 6.68 14.44 1.99
C ALA A 25 7.09 14.57 3.46
N SER A 26 8.37 14.60 3.73
CA SER A 26 8.85 14.74 5.14
C SER A 26 9.77 15.96 5.26
N PRO A 27 9.78 16.57 6.43
CA PRO A 27 10.64 17.77 6.64
C PRO A 27 12.12 17.41 6.61
N GLY A 28 12.46 16.14 6.74
CA GLY A 28 13.90 15.74 6.72
C GLY A 28 14.01 14.21 6.68
N LYS A 29 15.20 13.70 6.82
CA LYS A 29 15.40 12.22 6.79
C LYS A 29 15.72 11.71 8.20
N ALA A 30 15.03 10.69 8.65
CA ALA A 30 15.28 10.14 10.01
C ALA A 30 15.38 8.61 9.98
N THR A 31 15.57 8.00 11.11
CA THR A 31 15.66 6.51 11.18
C THR A 31 14.31 5.84 11.14
N GLU A 32 13.24 6.57 11.35
CA GLU A 32 11.92 5.89 11.42
C GLU A 32 10.89 6.54 10.49
N VAL A 33 10.23 5.74 9.71
CA VAL A 33 9.15 6.24 8.83
C VAL A 33 8.03 5.21 8.87
N ARG A 34 7.17 5.29 9.86
CA ARG A 34 6.09 4.28 10.01
C ARG A 34 5.12 4.31 8.84
N VAL A 35 5.08 3.25 8.08
CA VAL A 35 4.14 3.18 6.94
C VAL A 35 3.15 2.05 7.18
N THR A 36 1.94 2.20 6.72
CA THR A 36 0.92 1.13 6.93
C THR A 36 -0.05 1.08 5.75
N VAL A 37 -0.42 -0.12 5.35
CA VAL A 37 -1.40 -0.27 4.24
C VAL A 37 -2.76 -0.62 4.86
N LEU A 38 -3.83 0.04 4.47
CA LEU A 38 -5.15 -0.28 5.13
C LEU A 38 -6.19 -0.72 4.11
N ARG A 39 -7.31 -1.20 4.61
CA ARG A 39 -8.42 -1.62 3.71
C ARG A 39 -9.62 -0.72 3.97
N GLN A 40 -10.04 0.05 3.01
CA GLN A 40 -11.20 0.96 3.24
C GLN A 40 -12.46 0.41 2.60
N ALA A 41 -13.56 0.54 3.29
CA ALA A 41 -14.86 0.06 2.76
C ALA A 41 -15.95 1.07 3.15
N ASP A 42 -17.03 1.11 2.42
CA ASP A 42 -18.12 2.08 2.76
C ASP A 42 -18.64 1.80 4.16
N SER A 43 -18.85 0.56 4.49
CA SER A 43 -19.36 0.20 5.85
C SER A 43 -18.29 0.45 6.93
N GLN A 44 -17.05 0.06 6.67
CA GLN A 44 -15.99 0.25 7.70
C GLN A 44 -14.59 0.14 7.07
N VAL A 45 -13.58 0.65 7.74
CA VAL A 45 -12.18 0.56 7.22
C VAL A 45 -11.33 -0.25 8.22
N THR A 46 -10.43 -1.07 7.74
CA THR A 46 -9.60 -1.90 8.68
C THR A 46 -8.10 -1.79 8.37
N GLU A 47 -7.27 -2.13 9.33
CA GLU A 47 -5.79 -2.06 9.14
C GLU A 47 -5.26 -3.37 8.54
N VAL A 48 -4.11 -3.34 7.92
CA VAL A 48 -3.56 -4.58 7.31
C VAL A 48 -2.03 -4.70 7.55
N CYS A 49 -1.22 -4.06 6.72
CA CYS A 49 0.26 -4.17 6.88
C CYS A 49 0.87 -2.90 7.48
N ALA A 50 1.95 -3.03 8.23
CA ALA A 50 2.57 -1.81 8.85
C ALA A 50 4.01 -2.10 9.33
N ALA A 51 4.87 -1.12 9.23
CA ALA A 51 6.28 -1.30 9.69
C ALA A 51 7.01 0.06 9.65
N THR A 52 8.07 0.21 10.40
CA THR A 52 8.82 1.51 10.37
C THR A 52 10.01 1.38 9.43
N TYR A 53 9.96 2.04 8.30
CA TYR A 53 11.11 1.95 7.36
C TYR A 53 12.30 2.67 7.98
N MET A 54 13.40 1.99 8.12
CA MET A 54 14.60 2.62 8.74
C MET A 54 15.69 2.79 7.68
N MET A 55 15.31 3.15 6.48
CA MET A 55 16.30 3.31 5.37
C MET A 55 17.00 1.97 5.14
N GLY A 56 16.28 0.89 5.30
CA GLY A 56 16.86 -0.47 5.11
C GLY A 56 15.78 -1.42 4.59
N ASN A 57 16.15 -2.62 4.25
CA ASN A 57 15.15 -3.60 3.73
C ASN A 57 14.34 -4.26 4.84
N GLU A 58 14.84 -4.21 6.04
CA GLU A 58 14.13 -4.86 7.19
C GLU A 58 12.94 -4.02 7.69
N LEU A 59 11.78 -4.60 7.73
CA LEU A 59 10.57 -3.88 8.21
C LEU A 59 9.83 -4.76 9.23
N THR A 60 9.13 -4.17 10.17
CA THR A 60 8.39 -4.97 11.18
C THR A 60 7.01 -5.36 10.67
N PHE A 61 6.88 -6.54 10.12
CA PHE A 61 5.56 -7.04 9.61
C PHE A 61 5.13 -8.26 10.44
N LEU A 62 4.25 -8.11 11.41
CA LEU A 62 3.85 -9.30 12.24
C LEU A 62 2.33 -9.43 12.49
N ASP A 63 1.51 -8.53 11.98
CA ASP A 63 0.04 -8.64 12.26
C ASP A 63 -0.79 -9.00 11.00
N ASP A 64 -1.64 -10.00 11.11
CA ASP A 64 -2.49 -10.40 9.93
C ASP A 64 -1.64 -10.67 8.68
N SER A 65 -0.53 -11.37 8.84
CA SER A 65 0.39 -11.69 7.67
C SER A 65 1.16 -10.46 7.18
N ILE A 66 0.54 -9.31 7.07
CA ILE A 66 1.25 -8.07 6.60
C ILE A 66 1.78 -8.27 5.17
N CYS A 67 2.20 -7.20 4.55
CA CYS A 67 2.74 -7.27 3.17
C CYS A 67 4.24 -7.01 3.21
N THR A 68 4.89 -7.03 2.08
CA THR A 68 6.35 -6.76 2.02
C THR A 68 6.61 -5.70 0.95
N GLY A 69 7.63 -4.88 1.09
CA GLY A 69 7.88 -3.85 0.05
C GLY A 69 9.17 -3.07 0.33
N THR A 70 9.38 -2.06 -0.44
CA THR A 70 10.60 -1.22 -0.28
C THR A 70 10.20 0.26 -0.27
N SER A 71 11.12 1.13 0.07
CA SER A 71 10.81 2.60 0.08
C SER A 71 12.05 3.35 -0.46
N SER A 72 11.87 4.22 -1.42
CA SER A 72 13.05 4.96 -1.97
C SER A 72 12.78 6.46 -2.02
N GLY A 73 13.70 7.26 -1.54
CA GLY A 73 13.51 8.75 -1.55
C GLY A 73 12.17 9.10 -0.91
N ASN A 74 11.33 9.79 -1.62
CA ASN A 74 9.99 10.16 -1.08
C ASN A 74 8.90 9.22 -1.61
N GLN A 75 9.28 8.13 -2.24
CA GLN A 75 8.25 7.17 -2.78
C GLN A 75 8.33 5.85 -2.04
N VAL A 76 7.21 5.32 -1.59
CA VAL A 76 7.26 4.04 -0.85
C VAL A 76 6.61 2.89 -1.64
N ASN A 77 7.38 1.89 -1.96
CA ASN A 77 6.85 0.71 -2.72
C ASN A 77 6.33 -0.36 -1.76
N LEU A 78 5.04 -0.64 -1.76
CA LEU A 78 4.50 -1.72 -0.86
C LEU A 78 3.95 -2.86 -1.72
N THR A 79 4.42 -4.06 -1.51
CA THR A 79 3.93 -5.23 -2.32
C THR A 79 3.19 -6.24 -1.43
N ILE A 80 2.03 -6.68 -1.85
CA ILE A 80 1.26 -7.67 -1.04
C ILE A 80 1.30 -9.03 -1.70
N GLN A 81 1.52 -10.08 -0.94
CA GLN A 81 1.53 -11.44 -1.53
C GLN A 81 0.45 -12.30 -0.89
N GLY A 82 -0.45 -12.78 -1.69
CA GLY A 82 -1.55 -13.64 -1.16
C GLY A 82 -2.87 -12.86 -1.19
N LEU A 83 -3.20 -12.28 -2.32
CA LEU A 83 -4.45 -11.50 -2.42
C LEU A 83 -5.63 -12.36 -2.90
N ARG A 84 -6.60 -12.57 -2.05
CA ARG A 84 -7.79 -13.36 -2.44
C ARG A 84 -8.74 -12.47 -3.21
N ALA A 85 -9.72 -13.02 -3.89
CA ALA A 85 -10.69 -12.16 -4.63
C ALA A 85 -11.33 -11.15 -3.66
N MET A 86 -11.41 -11.53 -2.41
CA MET A 86 -11.99 -10.62 -1.37
C MET A 86 -11.04 -9.43 -1.12
N ASP A 87 -9.76 -9.69 -1.17
CA ASP A 87 -8.76 -8.60 -0.91
C ASP A 87 -8.90 -7.46 -1.92
N THR A 88 -9.42 -7.75 -3.10
CA THR A 88 -9.58 -6.68 -4.13
C THR A 88 -10.30 -5.47 -3.53
N GLY A 89 -9.78 -4.30 -3.75
CA GLY A 89 -10.40 -3.08 -3.18
C GLY A 89 -9.35 -1.98 -3.01
N LEU A 90 -9.67 -0.94 -2.26
CA LEU A 90 -8.70 0.18 -2.07
C LEU A 90 -7.72 -0.05 -0.92
N TYR A 91 -6.46 0.13 -1.19
CA TYR A 91 -5.42 0.00 -0.14
C TYR A 91 -4.83 1.39 0.14
N ILE A 92 -4.57 1.72 1.37
CA ILE A 92 -4.05 3.10 1.69
C ILE A 92 -2.60 3.09 2.13
N CYS A 93 -1.75 3.82 1.45
CA CYS A 93 -0.35 3.91 1.91
C CYS A 93 -0.33 4.92 3.05
N LYS A 94 0.08 4.54 4.22
CA LYS A 94 0.10 5.48 5.37
C LYS A 94 1.52 5.92 5.60
N VAL A 95 1.74 7.15 5.99
CA VAL A 95 3.13 7.62 6.20
C VAL A 95 3.20 8.53 7.43
N GLU A 96 3.76 8.04 8.52
CA GLU A 96 3.83 8.89 9.74
C GLU A 96 5.14 8.75 10.49
N LEU A 97 5.85 9.84 10.68
CA LEU A 97 7.09 9.78 11.49
C LEU A 97 6.62 9.63 12.92
N MET A 98 6.35 8.43 13.30
CA MET A 98 5.82 8.19 14.67
C MET A 98 6.92 8.22 15.73
N TYR A 99 7.97 7.48 15.53
CA TYR A 99 9.09 7.45 16.53
C TYR A 99 9.86 8.79 16.60
N PRO A 100 10.13 9.42 15.47
CA PRO A 100 10.90 10.70 15.45
C PRO A 100 9.95 11.90 15.60
N PRO A 101 10.12 12.69 16.63
CA PRO A 101 9.35 13.93 16.79
C PRO A 101 10.17 15.28 16.35
N PRO A 102 9.50 16.55 16.32
CA PRO A 102 8.04 16.01 16.62
C PRO A 102 7.39 15.19 15.34
N TYR A 103 6.17 14.61 15.49
CA TYR A 103 5.43 13.93 14.37
C TYR A 103 4.72 14.96 13.48
N TYR A 104 4.80 14.81 12.15
CA TYR A 104 4.14 15.75 11.19
C TYR A 104 3.94 15.09 9.81
N LEU A 105 2.84 14.47 9.58
CA LEU A 105 2.65 13.83 8.24
C LEU A 105 1.20 13.60 7.90
N GLY A 106 0.95 12.66 7.02
CA GLY A 106 -0.46 12.39 6.60
C GLY A 106 -0.58 11.05 5.88
N ILE A 107 -1.76 10.75 5.43
CA ILE A 107 -2.03 9.50 4.71
C ILE A 107 -2.57 9.84 3.32
N GLY A 108 -2.38 8.97 2.35
CA GLY A 108 -2.92 9.24 0.99
C GLY A 108 -4.30 8.59 0.89
N ASN A 109 -5.08 8.94 -0.11
CA ASN A 109 -6.44 8.36 -0.25
C ASN A 109 -6.39 6.83 -0.46
N GLY A 110 -5.39 6.34 -1.14
CA GLY A 110 -5.30 4.86 -1.34
C GLY A 110 -5.35 4.47 -2.82
N THR A 111 -4.90 3.28 -3.12
CA THR A 111 -4.93 2.76 -4.51
C THR A 111 -5.76 1.49 -4.54
N GLN A 112 -6.49 1.26 -5.60
CA GLN A 112 -7.25 -0.02 -5.66
C GLN A 112 -6.34 -1.08 -6.28
N ILE A 113 -6.46 -2.31 -5.86
CA ILE A 113 -5.60 -3.37 -6.45
C ILE A 113 -6.52 -4.40 -7.13
N TYR A 114 -6.23 -4.76 -8.35
CA TYR A 114 -7.07 -5.77 -9.08
C TYR A 114 -6.25 -7.04 -9.32
N VAL A 115 -6.92 -8.16 -9.50
CA VAL A 115 -6.18 -9.42 -9.78
C VAL A 115 -6.69 -10.05 -11.08
N ILE A 116 -5.93 -10.97 -11.61
CA ILE A 116 -6.30 -11.64 -12.88
C ILE A 116 -6.65 -13.11 -12.62
N ASP A 117 -7.75 -13.56 -13.17
CA ASP A 117 -8.14 -14.99 -12.99
C ASP A 117 -7.93 -15.76 -14.31
N PRO A 118 -6.95 -16.64 -14.34
CA PRO A 118 -6.68 -17.41 -15.58
C PRO A 118 -7.80 -18.42 -15.85
N GLU A 119 -8.09 -18.66 -17.10
CA GLU A 119 -9.17 -19.64 -17.44
C GLU A 119 -8.65 -20.65 -18.48
N PRO A 120 -8.89 -21.93 -18.26
CA PRO A 120 -8.42 -22.96 -19.21
C PRO A 120 -9.19 -22.87 -20.54
N CYS A 121 -10.34 -22.22 -20.54
CA CYS A 121 -11.12 -22.09 -21.79
C CYS A 121 -11.31 -20.61 -22.16
N PRO A 122 -11.49 -20.34 -23.45
CA PRO A 122 -11.68 -18.94 -23.89
C PRO A 122 -13.04 -18.41 -23.43
N ASP A 123 -13.19 -17.12 -23.35
CA ASP A 123 -14.49 -16.53 -22.91
C ASP A 123 -14.73 -15.18 -23.60
N SER A 124 -15.90 -14.63 -23.43
CA SER A 124 -16.21 -13.30 -24.07
C SER A 124 -16.84 -12.35 -23.05
N ASP A 125 -16.80 -11.07 -23.32
CA ASP A 125 -17.38 -10.08 -22.37
C ASP A 125 -18.70 -9.53 -22.92
N GLN A 126 -19.77 -9.72 -22.20
CA GLN A 126 -21.10 -9.21 -22.66
C GLN A 126 -21.68 -8.24 -21.63
N GLU A 127 -22.51 -7.32 -22.06
CA GLU A 127 -23.12 -6.33 -21.11
C GLU A 127 -22.04 -5.62 -20.28
N PRO A 128 -21.03 -5.10 -20.94
CA PRO A 128 -19.94 -4.40 -20.22
C PRO A 128 -20.44 -3.07 -19.65
N LYS A 129 -19.75 -2.55 -18.66
CA LYS A 129 -20.18 -1.25 -18.06
C LYS A 129 -20.17 -0.13 -19.11
C1 NAG B . -8.54 11.34 0.88
C2 NAG B . -8.51 10.81 2.31
C3 NAG B . -9.74 11.27 3.06
C4 NAG B . -9.89 12.78 2.98
C5 NAG B . -9.78 13.29 1.54
C6 NAG B . -9.66 14.80 1.49
C7 NAG B . -8.00 8.72 3.37
C8 NAG B . -6.54 8.91 3.76
N2 NAG B . -8.45 9.36 2.31
O3 NAG B . -9.65 10.88 4.43
O4 NAG B . -11.17 13.16 3.52
O5 NAG B . -8.60 12.77 0.89
O6 NAG B . -10.91 15.45 1.86
O7 NAG B . -8.74 8.00 4.01
H1 NAG B . -9.40 10.94 0.32
H2 NAG B . -7.58 11.13 2.80
H3 NAG B . -10.63 10.79 2.62
H4 NAG B . -9.08 13.24 3.56
H5 NAG B . -10.66 12.93 0.97
H61 NAG B . -8.98 15.07 2.32
H62 NAG B . -9.28 15.15 0.52
H81 NAG B . -6.12 7.98 4.19
H82 NAG B . -5.94 9.20 2.89
H83 NAG B . -6.44 9.68 4.53
HN2 NAG B . -8.75 8.85 1.52
HO3 NAG B . -10.54 10.71 4.77
C1 NAG B . -11.19 13.74 4.78
C2 NAG B . -12.54 13.47 5.43
C3 NAG B . -12.55 14.03 6.85
C4 NAG B . -11.36 13.51 7.65
C5 NAG B . -10.06 13.76 6.88
C6 NAG B . -8.87 13.15 7.56
C7 NAG B . -14.09 13.46 3.62
C8 NAG B . -13.68 14.01 2.27
N2 NAG B . -13.61 14.08 4.67
O3 NAG B . -13.75 13.64 7.51
O4 NAG B . -11.30 14.17 8.93
O5 NAG B . -10.14 13.18 5.56
O6 NAG B . -7.65 13.51 6.91
O7 NAG B . -14.82 12.50 3.74
H1 NAG B . -11.00 14.83 4.63
H2 NAG B . -12.71 12.39 5.44
H3 NAG B . -12.54 15.13 6.79
H4 NAG B . -11.48 12.44 7.82
H5 NAG B . -9.85 14.83 6.78
H61 NAG B . -8.97 12.06 7.56
H62 NAG B . -8.84 13.49 8.61
H81 NAG B . -14.56 14.40 1.73
H82 NAG B . -12.97 14.81 2.47
H83 NAG B . -13.18 13.23 1.68
HN2 NAG B . -13.98 14.95 4.93
HO3 NAG B . -13.86 12.69 7.44
HO6 NAG B . -7.22 14.22 7.40
C1 BMA B . -11.68 13.41 10.02
C2 BMA B . -10.44 13.01 10.82
C3 BMA B . -10.85 12.26 12.08
C4 BMA B . -11.86 13.09 12.87
C5 BMA B . -13.03 13.50 11.98
C6 BMA B . -14.00 14.42 12.69
O2 BMA B . -9.69 14.17 11.16
O3 BMA B . -9.70 12.03 12.89
O4 BMA B . -12.35 12.32 13.96
O5 BMA B . -12.55 14.21 10.83
O6 BMA B . -15.00 13.69 13.38
H1 BMA B . -12.25 12.54 9.67
H2 BMA B . -9.83 12.32 10.22
H3 BMA B . -11.32 11.31 11.82
H4 BMA B . -11.38 13.99 13.29
H5 BMA B . -13.60 12.63 11.65
H61 BMA B . -13.44 15.05 13.41
H62 BMA B . -14.47 15.08 11.95
HO2 BMA B . -9.58 14.70 10.38
HO3 BMA B . -9.13 11.39 12.45
HO4 BMA B . -11.74 12.39 14.70
HO6 BMA B . -15.70 13.44 12.77
C1 FUL B . -11.35 16.39 0.93
C2 FUL B . -12.46 17.26 1.53
O2 FUL B . -11.98 18.00 2.65
C3 FUL B . -12.98 18.23 0.47
O3 FUL B . -14.08 18.97 1.00
C4 FUL B . -13.43 17.47 -0.77
O4 FUL B . -14.57 16.69 -0.45
C5 FUL B . -12.31 16.55 -1.27
C6 FUL B . -12.78 15.65 -2.40
O5 FUL B . -11.85 15.70 -0.20
H1 FUL B . -10.74 16.57 1.82
H2 FUL B . -13.30 16.67 1.91
HO2 FUL B . -11.17 18.45 2.40
H3 FUL B . -12.19 18.95 0.23
HO3 FUL B . -13.77 19.84 1.25
H4 FUL B . -13.75 18.13 -1.59
HO4 FUL B . -15.19 17.23 0.03
H5 FUL B . -11.39 17.04 -1.60
H61 FUL B . -12.03 15.62 -3.20
H62 FUL B . -12.94 14.64 -2.01
H63 FUL B . -13.73 16.03 -2.80
C1 NAG C . 9.01 -0.89 -6.06
C2 NAG C . 8.44 -1.53 -7.32
C3 NAG C . 9.08 -2.90 -7.58
C4 NAG C . 10.59 -2.79 -7.56
C5 NAG C . 11.06 -2.08 -6.28
C6 NAG C . 12.57 -1.86 -6.26
C7 NAG C . 6.24 -1.69 -8.24
C8 NAG C . 5.80 -0.36 -8.79
N2 NAG C . 7.00 -1.68 -7.18
O3 NAG C . 8.64 -3.38 -8.84
O4 NAG C . 11.18 -4.10 -7.73
O5 NAG C . 10.43 -0.79 -6.15
O6 NAG C . 12.88 -0.46 -6.38
O7 NAG C . 5.91 -2.75 -8.76
H1 NAG C . 8.79 -1.47 -5.17
H2 NAG C . 8.60 -0.83 -8.15
H3 NAG C . 8.77 -3.60 -6.79
H4 NAG C . 11.04 -2.24 -8.35
H5 NAG C . 10.77 -2.61 -5.36
H61 NAG C . 12.96 -2.29 -5.34
H62 NAG C . 13.01 -2.41 -7.10
H81 NAG C . 6.52 0.42 -8.53
H82 NAG C . 5.72 -0.41 -9.89
H83 NAG C . 4.81 -0.09 -8.38
HN2 NAG C . 6.60 -1.78 -6.29
HO3 NAG C . 8.26 -4.26 -8.73
C1 NAG C . 11.86 -4.71 -6.69
C2 NAG C . 11.35 -6.13 -6.49
C3 NAG C . 12.16 -6.83 -5.40
C4 NAG C . 13.65 -6.73 -5.69
C5 NAG C . 14.06 -5.29 -5.98
C6 NAG C . 15.51 -5.19 -6.44
C7 NAG C . 9.27 -7.20 -6.01
C8 NAG C . 8.60 -7.73 -7.27
N2 NAG C . 9.94 -6.10 -6.11
O3 NAG C . 11.77 -8.19 -5.32
O4 NAG C . 14.39 -7.20 -4.55
O5 NAG C . 13.26 -4.73 -7.03
O6 NAG C . 15.76 -6.02 -7.57
O7 NAG C . 9.18 -7.79 -4.95
H1 NAG C . 11.75 -4.12 -5.84
H2 NAG C . 11.39 -6.66 -7.44
H3 NAG C . 11.96 -6.33 -4.44
H4 NAG C . 13.89 -7.36 -6.56
H5 NAG C . 13.96 -4.66 -5.09
H61 NAG C . 16.17 -5.48 -5.61
H62 NAG C . 15.72 -4.14 -6.70
H81 NAG C . 7.96 -8.58 -7.03
H82 NAG C . 8.00 -6.94 -7.74
H83 NAG C . 9.37 -8.07 -7.99
HN2 NAG C . 9.50 -5.24 -5.94
HO3 NAG C . 11.52 -8.40 -4.42
HO6 NAG C . 15.17 -5.74 -8.28
C1 BMA C . 14.41 -8.57 -4.33
C2 BMA C . 15.86 -9.05 -4.25
C3 BMA C . 15.91 -10.53 -3.88
C4 BMA C . 15.09 -10.78 -2.61
C5 BMA C . 13.69 -10.21 -2.76
C6 BMA C . 12.87 -10.34 -1.49
O2 BMA C . 16.56 -8.29 -3.28
O3 BMA C . 17.26 -10.92 -3.65
O4 BMA C . 15.03 -12.17 -2.35
O5 BMA C . 13.73 -8.82 -3.09
O6 BMA C . 13.33 -9.43 -0.50
H1 BMA C . 13.86 -9.07 -5.13
H2 BMA C . 16.33 -8.93 -5.23
H3 BMA C . 15.48 -11.13 -4.68
H4 BMA C . 15.59 -10.31 -1.74
H5 BMA C . 13.14 -10.76 -3.54
H61 BMA C . 11.82 -10.14 -1.71
H62 BMA C . 12.96 -11.37 -1.12
HO2 BMA C . 16.93 -7.50 -3.70
HO3 BMA C . 17.43 -11.75 -4.10
HO4 BMA C . 15.56 -12.38 -1.58
HO6 BMA C . 13.93 -9.88 0.09
C1 FUC C . 14.06 -0.22 -7.08
C2 FUC C . 14.33 1.27 -7.12
C3 FUC C . 14.32 1.75 -5.67
C4 FUC C . 15.34 0.97 -4.83
C5 FUC C . 15.22 -0.55 -5.05
C6 FUC C . 16.41 -1.31 -4.49
O2 FUC C . 13.32 1.94 -7.87
O3 FUC C . 14.65 3.14 -5.63
O4 FUC C . 16.65 1.37 -5.20
O5 FUC C . 15.16 -0.85 -6.46
H1 FUC C . 13.61 -0.60 -8.02
H2 FUC C . 15.36 1.62 -7.27
H3 FUC C . 13.28 1.69 -5.32
H4 FUC C . 15.35 1.21 -3.77
H5 FUC C . 14.32 -1.03 -4.67
H61 FUC C . 16.38 -1.29 -3.39
H62 FUC C . 17.35 -0.84 -4.83
H63 FUC C . 16.39 -2.36 -4.84
HO2 FUC C . 13.62 2.82 -8.09
HO3 FUC C . 14.00 3.63 -6.13
HO4 FUC C . 16.86 1.04 -6.08
N ALA A 1 3.00 18.59 4.41
CA ALA A 1 1.97 17.52 4.26
C ALA A 1 1.08 17.81 3.04
N MET A 2 0.00 17.09 2.90
CA MET A 2 -0.92 17.30 1.73
C MET A 2 -0.15 17.22 0.40
N HIS A 3 0.98 16.56 0.39
CA HIS A 3 1.78 16.44 -0.86
C HIS A 3 2.13 14.98 -1.12
N VAL A 4 1.25 14.09 -0.80
CA VAL A 4 1.52 12.62 -1.01
C VAL A 4 1.29 12.26 -2.48
N ALA A 5 2.16 11.47 -3.05
CA ALA A 5 2.00 11.08 -4.48
C ALA A 5 1.92 9.55 -4.62
N GLN A 6 1.00 9.06 -5.42
CA GLN A 6 0.86 7.58 -5.60
C GLN A 6 0.37 7.23 -7.02
N PRO A 7 0.77 6.07 -7.50
CA PRO A 7 0.29 5.60 -8.83
C PRO A 7 -1.18 5.23 -8.70
N ALA A 8 -1.99 5.56 -9.67
CA ALA A 8 -3.43 5.23 -9.57
C ALA A 8 -3.64 3.73 -9.62
N VAL A 9 -2.76 2.99 -10.24
CA VAL A 9 -2.96 1.53 -10.28
C VAL A 9 -1.63 0.80 -10.40
N VAL A 10 -1.68 -0.49 -10.28
CA VAL A 10 -0.45 -1.31 -10.42
C VAL A 10 -0.82 -2.69 -10.97
N LEU A 11 0.11 -3.35 -11.60
CA LEU A 11 -0.16 -4.70 -12.16
C LEU A 11 0.63 -5.75 -11.38
N ALA A 12 -0.01 -6.83 -10.98
CA ALA A 12 0.69 -7.88 -10.20
C ALA A 12 1.12 -9.03 -11.13
N SER A 13 2.33 -9.51 -10.97
CA SER A 13 2.82 -10.63 -11.84
C SER A 13 2.09 -11.93 -11.48
N SER A 14 2.32 -12.97 -12.24
CA SER A 14 1.64 -14.28 -11.96
C SER A 14 2.01 -14.77 -10.55
N ARG A 15 3.20 -14.45 -10.09
CA ARG A 15 3.63 -14.88 -8.73
C ARG A 15 2.68 -14.32 -7.67
N GLY A 16 2.10 -13.17 -7.95
CA GLY A 16 1.17 -12.54 -6.97
C GLY A 16 1.90 -11.43 -6.21
N ILE A 17 2.92 -10.86 -6.80
CA ILE A 17 3.67 -9.77 -6.12
C ILE A 17 3.40 -8.43 -6.81
N ALA A 18 2.70 -7.58 -6.13
CA ALA A 18 2.40 -6.22 -6.67
C ALA A 18 3.18 -5.18 -5.86
N SER A 19 3.91 -4.32 -6.52
CA SER A 19 4.71 -3.31 -5.77
C SER A 19 4.41 -1.88 -6.24
N PHE A 20 4.24 -0.99 -5.30
CA PHE A 20 3.96 0.44 -5.64
C PHE A 20 4.73 1.33 -4.67
N VAL A 21 4.88 2.59 -5.00
CA VAL A 21 5.65 3.50 -4.09
C VAL A 21 4.81 4.73 -3.69
N CYS A 22 4.66 4.95 -2.41
CA CYS A 22 3.90 6.16 -1.95
C CYS A 22 4.88 7.25 -1.53
N GLU A 23 4.87 8.36 -2.19
CA GLU A 23 5.83 9.45 -1.85
C GLU A 23 5.22 10.40 -0.82
N TYR A 24 6.01 10.79 0.15
CA TYR A 24 5.53 11.71 1.21
C TYR A 24 6.55 12.84 1.39
N ALA A 25 6.27 13.74 2.29
CA ALA A 25 7.20 14.87 2.53
C ALA A 25 7.35 15.17 4.03
N SER A 26 8.56 15.13 4.53
CA SER A 26 8.77 15.42 5.98
C SER A 26 9.96 16.38 6.16
N PRO A 27 9.86 17.28 7.12
CA PRO A 27 10.96 18.24 7.36
C PRO A 27 12.15 17.56 8.06
N GLY A 28 13.35 17.95 7.73
CA GLY A 28 14.55 17.35 8.37
C GLY A 28 14.58 15.84 8.12
N LYS A 29 15.21 15.09 9.00
CA LYS A 29 15.29 13.61 8.83
C LYS A 29 14.87 12.92 10.14
N ALA A 30 14.31 11.74 10.04
CA ALA A 30 13.89 11.01 11.27
C ALA A 30 13.95 9.50 11.04
N THR A 31 14.11 8.74 12.10
CA THR A 31 14.17 7.24 11.94
C THR A 31 12.79 6.63 12.11
N GLU A 32 11.74 7.41 12.14
CA GLU A 32 10.42 6.79 12.39
C GLU A 32 9.34 7.25 11.42
N VAL A 33 9.24 6.64 10.26
CA VAL A 33 8.14 7.01 9.33
C VAL A 33 7.08 5.92 9.41
N ARG A 34 6.16 6.10 10.31
CA ARG A 34 5.08 5.09 10.50
C ARG A 34 4.37 4.79 9.18
N VAL A 35 4.69 3.68 8.56
CA VAL A 35 4.04 3.33 7.26
C VAL A 35 3.09 2.14 7.42
N THR A 36 1.89 2.29 6.91
CA THR A 36 0.90 1.19 6.98
C THR A 36 0.21 1.04 5.62
N VAL A 37 -0.18 -0.15 5.28
CA VAL A 37 -0.88 -0.40 3.98
C VAL A 37 -2.29 -0.89 4.30
N LEU A 38 -3.32 -0.38 3.65
CA LEU A 38 -4.69 -0.86 4.02
C LEU A 38 -5.40 -1.44 2.80
N ARG A 39 -6.52 -2.08 3.03
CA ARG A 39 -7.29 -2.66 1.90
C ARG A 39 -8.71 -2.08 1.92
N GLN A 40 -9.10 -1.42 0.85
CA GLN A 40 -10.46 -0.82 0.79
C GLN A 40 -11.42 -1.74 0.05
N ALA A 41 -12.66 -1.73 0.42
CA ALA A 41 -13.66 -2.61 -0.24
C ALA A 41 -14.87 -1.77 -0.69
N ASP A 42 -15.87 -2.42 -1.22
CA ASP A 42 -17.08 -1.68 -1.69
C ASP A 42 -17.74 -0.89 -0.56
N SER A 43 -17.82 -1.46 0.62
CA SER A 43 -18.48 -0.74 1.76
C SER A 43 -17.59 -0.65 3.01
N GLN A 44 -16.61 -1.52 3.14
CA GLN A 44 -15.75 -1.47 4.36
C GLN A 44 -14.27 -1.54 4.00
N VAL A 45 -13.42 -1.18 4.94
CA VAL A 45 -11.94 -1.22 4.69
C VAL A 45 -11.24 -1.86 5.89
N THR A 46 -10.20 -2.62 5.66
CA THR A 46 -9.48 -3.29 6.79
C THR A 46 -7.97 -3.03 6.69
N GLU A 47 -7.26 -3.19 7.77
CA GLU A 47 -5.78 -2.96 7.75
C GLU A 47 -5.08 -4.19 7.17
N VAL A 48 -3.89 -4.00 6.66
CA VAL A 48 -3.15 -5.14 6.07
C VAL A 48 -1.76 -5.28 6.72
N CYS A 49 -0.90 -4.30 6.57
CA CYS A 49 0.46 -4.39 7.21
C CYS A 49 0.84 -3.03 7.77
N ALA A 50 1.48 -3.01 8.92
CA ALA A 50 1.86 -1.69 9.53
C ALA A 50 3.11 -1.82 10.39
N ALA A 51 4.02 -0.88 10.24
CA ALA A 51 5.28 -0.88 11.05
C ALA A 51 6.03 0.42 10.79
N THR A 52 6.77 0.91 11.75
CA THR A 52 7.52 2.20 11.52
C THR A 52 8.80 1.89 10.76
N TYR A 53 8.89 2.31 9.53
CA TYR A 53 10.11 2.03 8.74
C TYR A 53 11.24 2.93 9.21
N MET A 54 12.25 2.38 9.81
CA MET A 54 13.38 3.21 10.26
C MET A 54 14.28 3.40 9.04
N MET A 55 15.14 4.36 9.05
CA MET A 55 16.01 4.57 7.85
C MET A 55 16.90 3.35 7.58
N GLY A 56 17.19 2.53 8.57
CA GLY A 56 18.07 1.34 8.30
C GLY A 56 17.77 0.15 9.23
N ASN A 57 16.52 -0.15 9.50
CA ASN A 57 16.22 -1.33 10.38
C ASN A 57 15.07 -2.15 9.78
N GLU A 58 14.94 -3.39 10.17
CA GLU A 58 13.85 -4.26 9.63
C GLU A 58 12.58 -4.12 10.48
N LEU A 59 11.44 -3.99 9.86
CA LEU A 59 10.17 -3.83 10.63
C LEU A 59 9.39 -5.16 10.62
N THR A 60 8.54 -5.36 11.60
CA THR A 60 7.77 -6.62 11.69
C THR A 60 6.33 -6.43 11.19
N PHE A 61 5.93 -7.21 10.22
CA PHE A 61 4.53 -7.13 9.69
C PHE A 61 3.80 -8.45 10.01
N LEU A 62 4.17 -9.10 11.09
CA LEU A 62 3.54 -10.41 11.44
C LEU A 62 2.00 -10.32 11.49
N ASP A 63 1.46 -9.29 12.08
CA ASP A 63 -0.03 -9.16 12.15
C ASP A 63 -0.63 -8.96 10.76
N ASP A 64 -1.81 -9.51 10.53
CA ASP A 64 -2.46 -9.37 9.19
C ASP A 64 -1.51 -9.79 8.07
N SER A 65 -0.99 -11.00 8.15
CA SER A 65 -0.03 -11.51 7.13
C SER A 65 1.21 -10.62 7.08
N ILE A 66 2.28 -11.10 6.48
CA ILE A 66 3.53 -10.30 6.42
C ILE A 66 3.68 -9.60 5.06
N CYS A 67 4.19 -8.39 5.08
CA CYS A 67 4.40 -7.63 3.81
C CYS A 67 5.88 -7.25 3.69
N THR A 68 6.36 -7.07 2.48
CA THR A 68 7.80 -6.70 2.31
C THR A 68 7.91 -5.53 1.32
N GLY A 69 8.91 -4.70 1.48
CA GLY A 69 9.07 -3.55 0.55
C GLY A 69 10.30 -2.73 0.92
N THR A 70 10.45 -1.60 0.29
CA THR A 70 11.62 -0.71 0.57
C THR A 70 11.12 0.71 0.84
N SER A 71 11.98 1.57 1.32
CA SER A 71 11.58 2.99 1.59
C SER A 71 12.84 3.86 1.65
N SER A 72 12.90 4.93 0.90
CA SER A 72 14.12 5.79 0.92
C SER A 72 13.76 7.22 0.50
N GLY A 73 14.55 8.18 0.92
CA GLY A 73 14.28 9.60 0.54
C GLY A 73 12.83 9.96 0.89
N ASN A 74 12.08 10.42 -0.08
CA ASN A 74 10.66 10.77 0.18
C ASN A 74 9.71 9.77 -0.48
N GLN A 75 10.21 8.65 -0.97
CA GLN A 75 9.33 7.65 -1.63
C GLN A 75 9.35 6.33 -0.87
N VAL A 76 8.21 5.82 -0.47
CA VAL A 76 8.19 4.53 0.26
C VAL A 76 7.63 3.43 -0.64
N ASN A 77 8.38 2.38 -0.82
CA ASN A 77 7.92 1.27 -1.70
C ASN A 77 7.41 0.07 -0.86
N LEU A 78 6.15 -0.25 -0.98
CA LEU A 78 5.58 -1.42 -0.21
C LEU A 78 5.13 -2.49 -1.21
N THR A 79 5.50 -3.74 -0.99
CA THR A 79 5.09 -4.82 -1.94
C THR A 79 4.35 -5.94 -1.20
N ILE A 80 3.41 -6.57 -1.87
CA ILE A 80 2.64 -7.68 -1.24
C ILE A 80 2.95 -9.01 -1.94
N GLN A 81 3.26 -10.05 -1.21
CA GLN A 81 3.51 -11.36 -1.87
C GLN A 81 2.38 -12.32 -1.54
N GLY A 82 1.71 -12.81 -2.56
CA GLY A 82 0.59 -13.77 -2.34
C GLY A 82 -0.73 -13.08 -2.67
N LEU A 83 -0.79 -12.38 -3.77
CA LEU A 83 -2.05 -11.68 -4.15
C LEU A 83 -2.99 -12.61 -4.92
N ARG A 84 -4.20 -12.74 -4.46
CA ARG A 84 -5.19 -13.60 -5.14
C ARG A 84 -6.24 -12.72 -5.84
N ALA A 85 -7.14 -13.31 -6.57
CA ALA A 85 -8.19 -12.49 -7.27
C ALA A 85 -9.00 -11.69 -6.23
N MET A 86 -9.35 -12.33 -5.14
CA MET A 86 -10.12 -11.65 -4.07
C MET A 86 -9.31 -10.48 -3.50
N ASP A 87 -8.01 -10.66 -3.39
CA ASP A 87 -7.13 -9.59 -2.83
C ASP A 87 -7.10 -8.36 -3.75
N THR A 88 -7.31 -8.55 -5.04
CA THR A 88 -7.28 -7.40 -5.99
C THR A 88 -8.19 -6.28 -5.49
N GLY A 89 -7.68 -5.08 -5.49
CA GLY A 89 -8.50 -3.94 -5.01
C GLY A 89 -7.62 -2.70 -4.83
N LEU A 90 -7.89 -1.91 -3.83
CA LEU A 90 -7.10 -0.68 -3.58
C LEU A 90 -6.23 -0.79 -2.33
N TYR A 91 -4.98 -0.44 -2.44
CA TYR A 91 -4.07 -0.48 -1.26
C TYR A 91 -3.66 0.95 -0.89
N ILE A 92 -3.75 1.29 0.37
CA ILE A 92 -3.44 2.69 0.80
C ILE A 92 -2.13 2.78 1.56
N CYS A 93 -1.25 3.67 1.19
CA CYS A 93 -0.01 3.84 1.98
C CYS A 93 -0.40 4.70 3.19
N LYS A 94 0.39 4.71 4.23
CA LYS A 94 0.03 5.49 5.44
C LYS A 94 1.31 5.90 6.15
N VAL A 95 1.96 6.88 5.64
CA VAL A 95 3.25 7.34 6.24
C VAL A 95 3.02 8.48 7.21
N GLU A 96 3.26 8.23 8.47
CA GLU A 96 3.06 9.30 9.48
C GLU A 96 4.27 9.45 10.39
N LEU A 97 4.76 10.65 10.56
CA LEU A 97 5.88 10.86 11.51
C LEU A 97 5.25 10.82 12.87
N MET A 98 4.93 9.64 13.33
CA MET A 98 4.22 9.50 14.63
C MET A 98 5.16 9.61 15.83
N TYR A 99 6.23 8.87 15.82
CA TYR A 99 7.17 8.89 16.98
C TYR A 99 7.92 10.22 17.12
N PRO A 100 8.37 10.81 16.02
CA PRO A 100 9.12 12.09 16.15
C PRO A 100 8.17 13.29 16.18
N PRO A 101 8.02 13.96 17.33
CA PRO A 101 7.17 15.12 17.35
C PRO A 101 7.93 16.37 16.70
N PRO A 102 7.26 17.56 16.12
CA PRO A 102 5.87 16.92 16.19
C PRO A 102 5.48 16.07 14.93
N TYR A 103 4.31 15.56 14.93
CA TYR A 103 3.84 14.75 13.79
C TYR A 103 3.19 15.66 12.73
N TYR A 104 3.67 15.57 11.51
CA TYR A 104 3.11 16.38 10.41
C TYR A 104 3.23 15.65 9.06
N LEU A 105 2.42 14.66 8.83
CA LEU A 105 2.47 13.92 7.53
C LEU A 105 1.06 13.54 7.08
N GLY A 106 0.91 12.44 6.35
CA GLY A 106 -0.47 12.06 5.89
C GLY A 106 -0.50 10.62 5.33
N ILE A 107 -1.63 10.26 4.78
CA ILE A 107 -1.82 8.90 4.22
C ILE A 107 -1.93 8.98 2.69
N GLY A 108 -1.49 7.96 2.01
CA GLY A 108 -1.61 7.96 0.53
C GLY A 108 -3.07 7.71 0.17
N ASN A 109 -3.57 8.33 -0.88
CA ASN A 109 -4.99 8.12 -1.26
C ASN A 109 -5.26 6.64 -1.56
N GLY A 110 -4.26 5.94 -2.04
CA GLY A 110 -4.43 4.49 -2.34
C GLY A 110 -4.31 4.21 -3.83
N THR A 111 -3.66 3.12 -4.16
CA THR A 111 -3.50 2.71 -5.59
C THR A 111 -4.27 1.42 -5.79
N GLN A 112 -4.78 1.19 -6.97
CA GLN A 112 -5.49 -0.10 -7.20
C GLN A 112 -4.47 -1.11 -7.68
N ILE A 113 -4.51 -2.32 -7.20
CA ILE A 113 -3.52 -3.33 -7.68
C ILE A 113 -4.29 -4.35 -8.52
N TYR A 114 -3.83 -4.61 -9.73
CA TYR A 114 -4.54 -5.58 -10.60
C TYR A 114 -3.86 -6.93 -10.63
N VAL A 115 -4.64 -7.98 -10.62
CA VAL A 115 -4.08 -9.35 -10.70
C VAL A 115 -4.75 -10.07 -11.87
N ILE A 116 -4.21 -11.17 -12.27
CA ILE A 116 -4.79 -11.92 -13.41
C ILE A 116 -5.63 -13.09 -12.91
N ASP A 117 -6.91 -13.10 -13.24
CA ASP A 117 -7.79 -14.21 -12.79
C ASP A 117 -8.86 -14.51 -13.86
N PRO A 118 -9.17 -15.77 -14.06
CA PRO A 118 -10.19 -16.14 -15.07
C PRO A 118 -11.59 -15.72 -14.60
N GLU A 119 -12.53 -15.60 -15.50
CA GLU A 119 -13.91 -15.20 -15.11
C GLU A 119 -14.73 -16.43 -14.70
N PRO A 120 -15.12 -16.50 -13.45
CA PRO A 120 -15.92 -17.67 -12.97
C PRO A 120 -17.34 -17.64 -13.55
N CYS A 121 -17.75 -16.55 -14.16
CA CYS A 121 -19.13 -16.48 -14.74
C CYS A 121 -19.07 -16.71 -16.26
N PRO A 122 -19.98 -17.53 -16.77
CA PRO A 122 -20.01 -17.79 -18.23
C PRO A 122 -20.46 -16.55 -19.01
N ASP A 123 -20.97 -15.55 -18.35
CA ASP A 123 -21.41 -14.32 -19.07
C ASP A 123 -21.22 -13.07 -18.19
N SER A 124 -21.42 -11.91 -18.74
CA SER A 124 -21.25 -10.65 -17.93
C SER A 124 -22.40 -9.69 -18.22
N ASP A 125 -22.62 -8.74 -17.33
CA ASP A 125 -23.73 -7.76 -17.54
C ASP A 125 -23.33 -6.73 -18.62
N GLN A 126 -24.21 -6.49 -19.55
CA GLN A 126 -23.89 -5.51 -20.64
C GLN A 126 -24.92 -4.37 -20.63
N GLU A 127 -24.49 -3.17 -20.96
CA GLU A 127 -25.44 -2.00 -20.98
C GLU A 127 -26.19 -1.87 -19.65
N PRO A 128 -25.47 -1.90 -18.55
CA PRO A 128 -26.12 -1.80 -17.22
C PRO A 128 -26.66 -0.39 -17.00
N LYS A 129 -27.75 -0.26 -16.27
CA LYS A 129 -28.35 1.09 -16.00
C LYS A 129 -28.55 1.87 -17.32
C1 NAG B . -8.54 8.58 -1.20
C2 NAG B . -8.67 8.55 0.32
C3 NAG B . -9.84 7.66 0.73
C4 NAG B . -11.12 8.08 0.00
C5 NAG B . -10.87 8.16 -1.51
C6 NAG B . -12.07 8.70 -2.26
C7 NAG B . -7.02 8.55 2.06
C8 NAG B . -5.64 8.15 2.54
N2 NAG B . -7.45 8.05 0.93
O3 NAG B . -10.05 7.76 2.13
O4 NAG B . -12.16 7.11 0.25
O5 NAG B . -9.76 9.03 -1.79
O6 NAG B . -12.01 10.15 -2.29
O7 NAG B . -7.72 9.32 2.71
H1 NAG B . -8.27 7.59 -1.60
H2 NAG B . -8.82 9.58 0.69
H3 NAG B . -9.60 6.62 0.48
H4 NAG B . -11.45 9.06 0.36
H5 NAG B . -10.65 7.17 -1.92
H61 NAG B . -12.06 8.31 -3.28
H62 NAG B . -12.98 8.38 -1.75
H81 NAG B . -5.52 7.06 2.50
H82 NAG B . -4.87 8.61 1.90
H83 NAG B . -5.47 8.48 3.58
HN2 NAG B . -6.95 7.33 0.49
HO3 NAG B . -10.01 6.87 2.52
C1 NAG B . -13.17 7.50 1.12
C2 NAG B . -14.05 6.29 1.43
C3 NAG B . -15.08 6.63 2.51
C4 NAG B . -14.39 7.25 3.72
C5 NAG B . -13.51 8.43 3.29
C6 NAG B . -12.73 9.01 4.45
C7 NAG B . -15.58 6.64 -0.37
C8 NAG B . -15.16 7.26 -1.69
N2 NAG B . -14.73 5.85 0.22
O3 NAG B . -15.76 5.45 2.91
O4 NAG B . -15.38 7.71 4.65
O5 NAG B . -12.56 7.98 2.32
O6 NAG B . -11.78 9.96 4.00
O7 NAG B . -16.68 6.87 0.12
H1 NAG B . -13.75 8.31 0.66
H2 NAG B . -13.41 5.47 1.78
H3 NAG B . -15.81 7.36 2.13
H4 NAG B . -13.76 6.50 4.23
H5 NAG B . -14.12 9.25 2.89
H61 NAG B . -12.23 8.19 4.98
H62 NAG B . -13.44 9.48 5.15
H81 NAG B . -15.95 7.12 -2.44
H82 NAG B . -14.99 8.34 -1.57
H83 NAG B . -14.25 6.78 -2.05
HN2 NAG B . -14.55 4.96 -0.14
HO3 NAG B . -15.13 4.75 3.04
HO6 NAG B . -10.96 9.51 3.78
C1 BMA B . -15.43 7.04 5.87
C2 BMA B . -14.49 7.72 6.87
C3 BMA B . -14.60 7.06 8.23
C4 BMA B . -16.07 7.02 8.69
C5 BMA B . -16.94 6.40 7.60
C6 BMA B . -18.42 6.46 7.95
O2 BMA B . -14.81 9.09 6.97
O3 BMA B . -13.84 7.78 9.18
O4 BMA B . -16.17 6.26 9.88
O5 BMA B . -16.78 7.10 6.35
O6 BMA B . -19.10 5.30 7.49
H1 BMA B . -15.17 6.00 5.69
H2 BMA B . -13.46 7.61 6.51
H3 BMA B . -14.23 6.03 8.17
H4 BMA B . -16.42 8.05 8.90
H5 BMA B . -16.70 5.34 7.45
H61 BMA B . -18.52 6.54 9.05
H62 BMA B . -18.86 7.36 7.49
HO2 BMA B . -14.09 9.56 7.40
HO3 BMA B . -12.90 7.67 8.98
HO4 BMA B . -15.63 5.48 9.80
HO6 BMA B . -19.21 4.68 8.23
C1 FUL B . -12.55 10.72 -3.44
C2 FUL B . -14.06 10.46 -3.45
O2 FUL B . -14.33 9.08 -3.62
C3 FUL B . -14.59 10.96 -2.11
O3 FUL B . -16.00 10.81 -2.08
C4 FUL B . -14.23 12.43 -1.91
O4 FUL B . -15.04 13.23 -2.77
C5 FUL B . -12.75 12.73 -2.21
C6 FUL B . -12.47 14.21 -2.33
O5 FUL B . -12.37 12.12 -3.45
H1 FUL B . -11.95 10.11 -4.13
H2 FUL B . -14.73 11.17 -3.96
HO2 FUL B . -15.24 8.97 -3.93
H3 FUL B . -14.21 10.26 -1.35
HO3 FUL B . -16.29 10.72 -1.17
H4 FUL B . -14.53 12.85 -0.93
HO4 FUL B . -14.98 14.15 -2.49
H5 FUL B . -12.01 12.30 -1.52
H61 FUL B . -11.39 14.38 -2.43
H62 FUL B . -12.97 14.62 -3.23
H63 FUL B . -12.83 14.75 -1.45
C1 NAG C . 10.15 -1.24 -5.23
C2 NAG C . 9.86 -1.33 -6.73
C3 NAG C . 10.52 -2.54 -7.34
C4 NAG C . 12.01 -2.56 -7.00
C5 NAG C . 12.22 -2.41 -5.49
C6 NAG C . 13.68 -2.30 -5.10
C7 NAG C . 7.89 -0.83 -8.00
C8 NAG C . 7.14 -1.72 -8.97
N2 NAG C . 8.43 -1.39 -6.95
O3 NAG C . 10.38 -2.51 -8.75
O4 NAG C . 12.62 -3.78 -7.46
O5 NAG C . 11.56 -1.21 -5.01
O6 NAG C . 14.09 -0.92 -5.21
O7 NAG C . 7.99 0.37 -8.19
H1 NAG C . 9.71 -2.09 -4.69
H2 NAG C . 10.21 -0.39 -7.19
H3 NAG C . 10.03 -3.43 -6.94
H4 NAG C . 12.53 -1.80 -7.49
H5 NAG C . 11.79 -3.25 -4.93
H61 NAG C . 13.79 -2.65 -4.08
H62 NAG C . 14.26 -2.96 -5.76
H81 NAG C . 7.47 -1.50 -10.00
H82 NAG C . 7.35 -2.78 -8.74
H83 NAG C . 6.07 -1.54 -8.89
HN2 NAG C . 7.86 -1.86 -6.30
HO3 NAG C . 9.56 -2.97 -9.00
C1 NAG C . 12.23 -4.93 -6.80
C2 NAG C . 11.88 -6.02 -7.81
C3 NAG C . 11.55 -7.32 -7.09
C4 NAG C . 12.64 -7.70 -6.10
C5 NAG C . 12.99 -6.52 -5.19
C6 NAG C . 14.18 -6.80 -4.30
C7 NAG C . 10.35 -6.34 -9.61
C8 NAG C . 9.05 -7.11 -9.42
N2 NAG C . 10.75 -5.60 -8.61
O3 NAG C . 11.38 -8.37 -8.03
O4 NAG C . 12.21 -8.81 -5.29
O5 NAG C . 13.32 -5.36 -5.98
O6 NAG C . 15.38 -6.83 -5.05
O7 NAG C . 10.97 -6.39 -10.65
H1 NAG C . 11.38 -4.64 -6.21
H2 NAG C . 12.74 -6.20 -8.47
H3 NAG C . 10.60 -7.18 -6.54
H4 NAG C . 13.55 -7.98 -6.65
H5 NAG C . 12.15 -6.26 -4.53
H61 NAG C . 14.02 -7.78 -3.80
H62 NAG C . 14.24 -6.03 -3.53
H81 NAG C . 9.24 -8.19 -9.59
H82 NAG C . 8.68 -6.97 -8.40
H83 NAG C . 8.30 -6.77 -10.13
HN2 NAG C . 10.29 -4.75 -8.41
HO3 NAG C . 12.24 -8.68 -8.32
HO6 NAG C . 16.13 -6.73 -4.46
C1 BMA C . 12.59 -10.07 -5.73
C2 BMA C . 13.93 -10.44 -5.11
C3 BMA C . 14.31 -11.87 -5.47
C4 BMA C . 13.17 -12.83 -5.15
C5 BMA C . 11.87 -12.33 -5.79
C6 BMA C . 10.67 -13.18 -5.45
O2 BMA C . 13.84 -10.32 -3.70
O3 BMA C . 15.47 -12.27 -4.75
O4 BMA C . 13.47 -14.12 -5.64
O5 BMA C . 11.58 -11.00 -5.34
O6 BMA C . 10.46 -14.18 -6.44
H1 BMA C . 12.63 -10.05 -6.84
H2 BMA C . 14.72 -9.77 -5.48
H3 BMA C . 14.51 -11.95 -6.55
H4 BMA C . 13.04 -12.89 -4.06
H5 BMA C . 11.93 -12.38 -6.85
H61 BMA C . 10.92 -13.64 -4.49
H62 BMA C . 9.82 -12.52 -5.37
HO2 BMA C . 14.67 -10.60 -3.30
HO3 BMA C . 15.85 -13.05 -5.15
HO4 BMA C . 13.62 -14.08 -6.59
HO6 BMA C . 9.98 -13.79 -7.18
C1 FUC C . 15.29 -0.79 -5.94
C2 FUC C . 15.72 0.67 -5.89
C3 FUC C . 15.82 1.06 -4.43
C4 FUC C . 16.77 0.11 -3.68
C5 FUC C . 16.46 -1.37 -3.97
C6 FUC C . 17.57 -2.30 -3.50
O2 FUC C . 14.77 1.49 -6.56
O3 FUC C . 16.31 2.39 -4.32
O4 FUC C . 18.10 0.38 -4.08
O5 FUC C . 16.32 -1.57 -5.38
H1 FUC C . 14.76 -1.05 -6.87
H2 FUC C . 16.79 0.91 -6.07
H3 FUC C . 14.80 1.10 -4.03
H4 FUC C . 16.84 0.29 -2.60
H5 FUC C . 15.51 -1.76 -3.59
H61 FUC C . 17.16 -3.02 -2.78
H62 FUC C . 17.99 -2.83 -4.35
H63 FUC C . 18.35 -1.71 -3.00
HO2 FUC C . 14.58 1.12 -7.43
HO3 FUC C . 15.56 3.00 -4.25
HO4 FUC C . 18.32 1.29 -3.85
N ALA A 1 3.48 22.94 3.90
CA ALA A 1 2.69 22.33 2.78
C ALA A 1 3.45 21.15 2.18
N MET A 2 2.79 20.03 2.01
CA MET A 2 3.46 18.84 1.43
C MET A 2 2.57 18.19 0.37
N HIS A 3 3.15 17.45 -0.55
CA HIS A 3 2.34 16.80 -1.61
C HIS A 3 2.30 15.28 -1.42
N VAL A 4 1.14 14.70 -1.49
CA VAL A 4 1.01 13.22 -1.33
C VAL A 4 0.20 12.64 -2.49
N ALA A 5 0.68 11.59 -3.11
CA ALA A 5 -0.08 10.99 -4.26
C ALA A 5 -0.52 9.56 -3.92
N GLN A 6 -1.77 9.26 -4.16
CA GLN A 6 -2.29 7.88 -3.85
C GLN A 6 -3.20 7.39 -4.99
N PRO A 7 -3.01 6.14 -5.40
CA PRO A 7 -3.85 5.58 -6.48
C PRO A 7 -5.25 5.29 -5.93
N ALA A 8 -6.28 5.62 -6.67
CA ALA A 8 -7.67 5.35 -6.18
C ALA A 8 -7.95 3.87 -6.28
N VAL A 9 -7.41 3.20 -7.25
CA VAL A 9 -7.67 1.75 -7.37
C VAL A 9 -6.48 1.04 -7.99
N VAL A 10 -6.39 -0.22 -7.74
CA VAL A 10 -5.29 -1.04 -8.31
C VAL A 10 -5.82 -2.41 -8.76
N LEU A 11 -5.18 -3.00 -9.72
CA LEU A 11 -5.61 -4.34 -10.20
C LEU A 11 -4.55 -5.37 -9.79
N ALA A 12 -4.94 -6.40 -9.08
CA ALA A 12 -3.96 -7.43 -8.63
C ALA A 12 -3.53 -8.32 -9.81
N SER A 13 -2.27 -8.67 -9.86
CA SER A 13 -1.77 -9.52 -10.97
C SER A 13 -1.84 -11.00 -10.58
N SER A 14 -1.23 -11.87 -11.35
CA SER A 14 -1.25 -13.34 -11.01
C SER A 14 -0.85 -13.57 -9.55
N ARG A 15 -1.21 -14.70 -8.98
CA ARG A 15 -0.88 -15.00 -7.55
C ARG A 15 -1.55 -13.98 -6.61
N GLY A 16 -2.49 -13.21 -7.12
CA GLY A 16 -3.20 -12.22 -6.24
C GLY A 16 -2.18 -11.27 -5.63
N ILE A 17 -1.27 -10.77 -6.43
CA ILE A 17 -0.23 -9.85 -5.91
C ILE A 17 -0.56 -8.42 -6.33
N ALA A 18 -1.00 -7.62 -5.41
CA ALA A 18 -1.32 -6.20 -5.73
C ALA A 18 -0.25 -5.28 -5.17
N SER A 19 0.34 -4.47 -6.01
CA SER A 19 1.40 -3.54 -5.53
C SER A 19 1.14 -2.13 -6.03
N PHE A 20 1.20 -1.18 -5.14
CA PHE A 20 0.96 0.25 -5.53
C PHE A 20 1.90 1.16 -4.75
N VAL A 21 2.06 2.38 -5.19
CA VAL A 21 2.99 3.30 -4.47
C VAL A 21 2.26 4.56 -3.96
N CYS A 22 2.23 4.72 -2.67
CA CYS A 22 1.60 5.95 -2.09
C CYS A 22 2.75 6.89 -1.73
N GLU A 23 2.97 7.90 -2.51
CA GLU A 23 4.11 8.81 -2.24
C GLU A 23 3.81 9.81 -1.14
N TYR A 24 4.83 10.43 -0.63
CA TYR A 24 4.66 11.43 0.45
C TYR A 24 5.73 12.51 0.32
N ALA A 25 5.70 13.49 1.17
CA ALA A 25 6.71 14.58 1.12
C ALA A 25 7.20 14.91 2.54
N SER A 26 8.50 14.97 2.73
CA SER A 26 9.05 15.28 4.08
C SER A 26 10.26 16.22 3.97
N PRO A 27 10.47 17.04 4.98
CA PRO A 27 11.61 17.98 4.97
C PRO A 27 12.93 17.22 5.17
N GLY A 28 13.96 17.59 4.46
CA GLY A 28 15.28 16.90 4.61
C GLY A 28 15.11 15.39 4.42
N LYS A 29 15.88 14.61 5.13
CA LYS A 29 15.77 13.12 5.02
C LYS A 29 15.65 12.49 6.40
N ALA A 30 14.97 11.37 6.50
CA ALA A 30 14.81 10.69 7.81
C ALA A 30 14.99 9.18 7.65
N THR A 31 15.53 8.52 8.65
CA THR A 31 15.73 7.05 8.54
C THR A 31 14.45 6.27 8.80
N GLU A 32 13.90 6.46 9.97
CA GLU A 32 12.71 5.67 10.35
C GLU A 32 11.43 6.27 9.76
N VAL A 33 11.14 5.99 8.52
CA VAL A 33 9.88 6.52 7.93
C VAL A 33 8.80 5.47 8.23
N ARG A 34 8.05 5.66 9.28
CA ARG A 34 7.02 4.66 9.67
C ARG A 34 5.86 4.64 8.68
N VAL A 35 5.57 3.49 8.12
CA VAL A 35 4.43 3.38 7.18
C VAL A 35 3.45 2.33 7.73
N THR A 36 2.18 2.58 7.57
CA THR A 36 1.16 1.63 8.09
C THR A 36 0.06 1.40 7.06
N VAL A 37 -0.43 0.19 6.95
CA VAL A 37 -1.51 -0.11 5.98
C VAL A 37 -2.79 -0.45 6.75
N LEU A 38 -3.92 0.14 6.42
CA LEU A 38 -5.16 -0.17 7.19
C LEU A 38 -6.24 -0.74 6.27
N ARG A 39 -7.33 -1.16 6.86
CA ARG A 39 -8.46 -1.69 6.05
C ARG A 39 -9.70 -0.87 6.37
N GLN A 40 -10.30 -0.23 5.39
CA GLN A 40 -11.50 0.61 5.67
C GLN A 40 -12.79 -0.16 5.37
N ALA A 41 -13.82 0.14 6.10
CA ALA A 41 -15.13 -0.53 5.89
C ALA A 41 -16.23 0.52 5.84
N ASP A 42 -17.41 0.14 5.44
CA ASP A 42 -18.54 1.13 5.36
C ASP A 42 -18.81 1.74 6.73
N SER A 43 -18.53 1.02 7.79
CA SER A 43 -18.80 1.57 9.15
C SER A 43 -17.51 1.93 9.90
N GLN A 44 -16.57 1.02 10.01
CA GLN A 44 -15.31 1.33 10.76
C GLN A 44 -14.07 0.83 10.02
N VAL A 45 -12.91 1.23 10.48
CA VAL A 45 -11.63 0.79 9.84
C VAL A 45 -10.76 0.07 10.89
N THR A 46 -9.97 -0.90 10.47
CA THR A 46 -9.10 -1.63 11.44
C THR A 46 -7.65 -1.65 10.96
N GLU A 47 -6.72 -1.89 11.86
CA GLU A 47 -5.28 -1.92 11.46
C GLU A 47 -4.92 -3.26 10.83
N VAL A 48 -4.03 -3.23 9.86
CA VAL A 48 -3.63 -4.48 9.17
C VAL A 48 -2.14 -4.76 9.40
N CYS A 49 -1.26 -4.05 8.74
CA CYS A 49 0.20 -4.28 8.93
C CYS A 49 0.96 -2.96 8.95
N ALA A 50 2.05 -2.89 9.68
CA ALA A 50 2.82 -1.61 9.76
C ALA A 50 4.30 -1.88 10.07
N ALA A 51 5.18 -1.07 9.53
CA ALA A 51 6.65 -1.25 9.79
C ALA A 51 7.40 0.01 9.35
N THR A 52 8.48 0.35 10.01
CA THR A 52 9.26 1.56 9.60
C THR A 52 10.45 1.12 8.76
N TYR A 53 10.65 1.73 7.61
CA TYR A 53 11.81 1.30 6.79
C TYR A 53 12.96 2.29 6.92
N MET A 54 14.14 1.79 7.12
CA MET A 54 15.31 2.68 7.21
C MET A 54 15.66 3.03 5.76
N MET A 55 16.51 3.99 5.51
CA MET A 55 16.82 4.31 4.09
C MET A 55 17.57 3.14 3.46
N GLY A 56 16.81 2.24 2.89
CA GLY A 56 17.38 1.02 2.25
C GLY A 56 16.29 -0.06 2.29
N ASN A 57 16.52 -1.15 2.97
CA ASN A 57 15.46 -2.20 3.06
C ASN A 57 15.24 -2.61 4.51
N GLU A 58 13.99 -2.77 4.89
CA GLU A 58 13.65 -3.18 6.29
C GLU A 58 12.13 -3.32 6.43
N LEU A 59 11.67 -4.34 7.11
CA LEU A 59 10.19 -4.54 7.28
C LEU A 59 9.90 -5.06 8.70
N THR A 60 9.72 -4.18 9.64
CA THR A 60 9.43 -4.62 11.04
C THR A 60 7.93 -4.77 11.28
N PHE A 61 7.32 -5.78 10.72
CA PHE A 61 5.85 -6.00 10.94
C PHE A 61 5.62 -6.88 12.17
N LEU A 62 5.11 -6.30 13.24
CA LEU A 62 4.86 -7.11 14.47
C LEU A 62 3.86 -8.23 14.20
N ASP A 63 2.88 -7.97 13.38
CA ASP A 63 1.86 -9.01 13.06
C ASP A 63 1.50 -8.95 11.58
N ASP A 64 0.73 -9.91 11.10
CA ASP A 64 0.34 -9.91 9.65
C ASP A 64 1.58 -9.80 8.75
N SER A 65 2.57 -10.63 9.01
CA SER A 65 3.83 -10.59 8.19
C SER A 65 3.52 -10.71 6.69
N ILE A 66 2.38 -11.24 6.33
CA ILE A 66 2.02 -11.38 4.89
C ILE A 66 2.09 -10.02 4.17
N CYS A 67 2.02 -8.94 4.91
CA CYS A 67 2.09 -7.60 4.26
C CYS A 67 3.55 -7.18 4.07
N THR A 68 3.87 -6.62 2.94
CA THR A 68 5.26 -6.15 2.70
C THR A 68 5.22 -4.71 2.19
N GLY A 69 6.00 -3.85 2.77
CA GLY A 69 5.97 -2.41 2.33
C GLY A 69 7.38 -1.96 1.97
N THR A 70 7.60 -1.60 0.73
CA THR A 70 8.93 -1.13 0.30
C THR A 70 8.88 0.40 0.15
N SER A 71 10.01 1.05 0.19
CA SER A 71 10.01 2.53 0.04
C SER A 71 11.30 3.00 -0.65
N SER A 72 11.16 3.81 -1.66
CA SER A 72 12.35 4.35 -2.38
C SER A 72 12.21 5.86 -2.52
N GLY A 73 13.16 6.62 -2.01
CA GLY A 73 13.07 8.11 -2.11
C GLY A 73 11.80 8.58 -1.40
N ASN A 74 10.97 9.30 -2.09
CA ASN A 74 9.71 9.80 -1.47
C ASN A 74 8.51 8.96 -1.92
N GLN A 75 8.75 7.78 -2.46
CA GLN A 75 7.62 6.91 -2.92
C GLN A 75 7.57 5.61 -2.11
N VAL A 76 6.47 5.31 -1.46
CA VAL A 76 6.41 4.04 -0.68
C VAL A 76 5.57 2.99 -1.45
N ASN A 77 6.15 1.86 -1.76
CA ASN A 77 5.39 0.83 -2.52
C ASN A 77 4.94 -0.32 -1.61
N LEU A 78 3.66 -0.43 -1.35
CA LEU A 78 3.13 -1.55 -0.50
C LEU A 78 2.60 -2.66 -1.40
N THR A 79 3.01 -3.88 -1.15
CA THR A 79 2.53 -5.02 -2.00
C THR A 79 1.88 -6.10 -1.12
N ILE A 80 0.86 -6.74 -1.63
CA ILE A 80 0.18 -7.81 -0.85
C ILE A 80 0.27 -9.14 -1.60
N GLN A 81 0.57 -10.21 -0.91
CA GLN A 81 0.63 -11.54 -1.58
C GLN A 81 -0.38 -12.49 -0.95
N GLY A 82 -1.28 -12.97 -1.74
CA GLY A 82 -2.32 -13.92 -1.22
C GLY A 82 -3.69 -13.25 -1.26
N LEU A 83 -3.97 -12.51 -2.31
CA LEU A 83 -5.29 -11.82 -2.42
C LEU A 83 -6.32 -12.70 -3.11
N ARG A 84 -7.41 -12.98 -2.43
CA ARG A 84 -8.50 -13.80 -3.02
C ARG A 84 -9.65 -12.89 -3.44
N ALA A 85 -10.70 -13.44 -3.98
CA ALA A 85 -11.86 -12.59 -4.40
C ALA A 85 -12.43 -11.87 -3.19
N MET A 86 -12.56 -12.57 -2.10
CA MET A 86 -13.12 -11.97 -0.85
C MET A 86 -12.17 -10.91 -0.28
N ASP A 87 -10.89 -11.10 -0.41
CA ASP A 87 -9.90 -10.11 0.14
C ASP A 87 -10.01 -8.77 -0.59
N THR A 88 -10.58 -8.74 -1.78
CA THR A 88 -10.70 -7.46 -2.54
C THR A 88 -11.33 -6.37 -1.65
N GLY A 89 -10.79 -5.19 -1.72
CA GLY A 89 -11.33 -4.08 -0.87
C GLY A 89 -10.40 -2.86 -0.92
N LEU A 90 -10.52 -2.00 0.05
CA LEU A 90 -9.67 -0.77 0.07
C LEU A 90 -8.63 -0.81 1.20
N TYR A 91 -7.39 -0.54 0.87
CA TYR A 91 -6.31 -0.50 1.89
C TYR A 91 -5.76 0.93 1.95
N ILE A 92 -5.34 1.36 3.11
CA ILE A 92 -4.82 2.77 3.26
C ILE A 92 -3.30 2.79 3.34
N CYS A 93 -2.69 3.75 2.69
CA CYS A 93 -1.21 3.91 2.79
C CYS A 93 -0.94 4.98 3.84
N LYS A 94 -0.12 4.71 4.82
CA LYS A 94 0.16 5.72 5.87
C LYS A 94 1.64 6.05 5.90
N VAL A 95 1.98 7.31 6.12
CA VAL A 95 3.41 7.70 6.14
C VAL A 95 3.63 8.68 7.30
N GLU A 96 4.31 8.26 8.34
CA GLU A 96 4.53 9.18 9.49
C GLU A 96 5.97 9.15 9.99
N LEU A 97 6.58 10.29 10.10
CA LEU A 97 7.95 10.35 10.65
C LEU A 97 7.78 10.18 12.15
N MET A 98 7.76 8.97 12.63
CA MET A 98 7.49 8.79 14.08
C MET A 98 8.75 9.02 14.93
N TYR A 99 9.78 8.27 14.67
CA TYR A 99 11.05 8.40 15.46
C TYR A 99 11.81 9.71 15.14
N PRO A 100 11.88 10.10 13.88
CA PRO A 100 12.62 11.32 13.53
C PRO A 100 11.76 12.55 13.76
N PRO A 101 12.22 13.43 14.70
CA PRO A 101 11.50 14.74 15.02
C PRO A 101 12.14 15.99 14.06
N PRO A 102 11.34 17.18 13.79
CA PRO A 102 10.03 16.65 14.42
C PRO A 102 9.08 15.84 13.48
N TYR A 103 7.98 15.37 14.06
CA TYR A 103 6.94 14.56 13.30
C TYR A 103 5.91 15.44 12.57
N TYR A 104 5.89 15.28 11.30
CA TYR A 104 4.97 16.06 10.48
C TYR A 104 4.82 15.39 9.13
N LEU A 105 3.68 14.78 8.87
CA LEU A 105 3.48 14.15 7.52
C LEU A 105 1.97 14.00 7.18
N GLY A 106 1.56 12.93 6.50
CA GLY A 106 0.12 12.76 6.17
C GLY A 106 -0.21 11.30 5.87
N ILE A 107 -1.46 11.02 5.58
CA ILE A 107 -1.89 9.61 5.29
C ILE A 107 -2.61 9.55 3.94
N GLY A 108 -2.71 8.40 3.35
CA GLY A 108 -3.43 8.27 2.05
C GLY A 108 -4.86 7.77 2.30
N ASN A 109 -5.81 8.26 1.52
CA ASN A 109 -7.23 7.81 1.72
C ASN A 109 -7.35 6.30 1.51
N GLY A 110 -6.59 5.76 0.58
CA GLY A 110 -6.65 4.30 0.34
C GLY A 110 -6.80 3.99 -1.15
N THR A 111 -6.42 2.80 -1.53
CA THR A 111 -6.55 2.37 -2.94
C THR A 111 -7.39 1.10 -3.00
N GLN A 112 -8.42 1.07 -3.80
CA GLN A 112 -9.23 -0.18 -3.88
C GLN A 112 -8.41 -1.20 -4.66
N ILE A 113 -8.36 -2.43 -4.24
CA ILE A 113 -7.57 -3.44 -4.98
C ILE A 113 -8.55 -4.43 -5.65
N TYR A 114 -8.38 -4.66 -6.94
CA TYR A 114 -9.29 -5.59 -7.66
C TYR A 114 -8.57 -6.87 -8.06
N VAL A 115 -9.24 -8.00 -8.00
CA VAL A 115 -8.59 -9.27 -8.43
C VAL A 115 -8.98 -9.55 -9.87
N ILE A 116 -8.30 -10.47 -10.49
CA ILE A 116 -8.59 -10.80 -11.91
C ILE A 116 -9.31 -12.16 -12.01
N ASP A 117 -10.35 -12.22 -12.80
CA ASP A 117 -11.10 -13.50 -12.95
C ASP A 117 -10.32 -14.45 -13.88
N PRO A 118 -10.33 -15.73 -13.56
CA PRO A 118 -9.60 -16.71 -14.41
C PRO A 118 -10.30 -16.87 -15.76
N GLU A 119 -9.55 -17.14 -16.79
CA GLU A 119 -10.17 -17.31 -18.15
C GLU A 119 -10.50 -18.80 -18.40
N PRO A 120 -11.75 -19.08 -18.73
CA PRO A 120 -12.14 -20.48 -19.00
C PRO A 120 -11.50 -21.00 -20.29
N CYS A 121 -10.94 -20.13 -21.10
CA CYS A 121 -10.30 -20.58 -22.37
C CYS A 121 -8.98 -19.82 -22.59
N PRO A 122 -8.08 -20.40 -23.36
CA PRO A 122 -6.76 -19.76 -23.61
C PRO A 122 -6.91 -18.46 -24.41
N ASP A 123 -8.03 -18.27 -25.06
CA ASP A 123 -8.23 -17.02 -25.86
C ASP A 123 -8.72 -15.88 -24.95
N SER A 124 -9.03 -14.75 -25.52
CA SER A 124 -9.51 -13.59 -24.70
C SER A 124 -11.04 -13.64 -24.57
N ASP A 125 -11.54 -13.53 -23.36
CA ASP A 125 -13.02 -13.57 -23.15
C ASP A 125 -13.66 -12.32 -23.74
N GLN A 126 -13.00 -11.20 -23.67
CA GLN A 126 -13.57 -9.94 -24.22
C GLN A 126 -12.92 -9.62 -25.58
N GLU A 127 -13.69 -9.08 -26.50
CA GLU A 127 -13.14 -8.74 -27.85
C GLU A 127 -12.43 -9.96 -28.48
N PRO A 128 -13.10 -11.10 -28.49
CA PRO A 128 -12.50 -12.32 -29.08
C PRO A 128 -12.40 -12.19 -30.60
N LYS A 129 -11.46 -12.89 -31.20
CA LYS A 129 -11.30 -12.81 -32.68
C LYS A 129 -12.11 -13.92 -33.36
C1 NAG B . -9.20 10.78 3.06
C2 NAG B . -8.75 11.09 4.49
C3 NAG B . -9.91 11.59 5.34
C4 NAG B . -10.66 12.72 4.63
C5 NAG B . -11.02 12.33 3.20
C6 NAG B . -11.63 13.48 2.42
C7 NAG B . -7.24 9.99 5.97
C8 NAG B . -6.17 8.90 5.96
N2 NAG B . -8.20 9.89 5.09
O3 NAG B . -9.43 12.04 6.58
O4 NAG B . -11.85 13.05 5.37
O5 NAG B . -9.84 11.92 2.48
O6 NAG B . -13.07 13.48 2.58
O7 NAG B . -7.19 10.91 6.76
H1 NAG B . -9.90 9.93 3.03
H2 NAG B . -7.97 11.86 4.43
H3 NAG B . -10.65 10.80 5.53
H4 NAG B . -10.01 13.60 4.53
H5 NAG B . -11.76 11.52 3.20
H61 NAG B . -11.24 14.42 2.83
H62 NAG B . -11.34 13.41 1.37
H81 NAG B . -6.64 7.89 5.94
H82 NAG B . -5.54 9.00 5.07
H83 NAG B . -5.54 9.00 6.85
HN2 NAG B . -8.55 9.01 4.83
HO3 NAG B . -9.57 11.36 7.25
C1 NAG B . -12.03 14.34 5.86
C2 NAG B . -12.71 14.28 7.23
C3 NAG B . -12.83 15.68 7.83
C4 NAG B . -11.48 16.39 7.81
C5 NAG B . -10.87 16.34 6.41
C6 NAG B . -9.49 16.95 6.37
C7 NAG B . -14.92 14.21 6.35
C8 NAG B . -15.28 13.47 5.07
N2 NAG B . -14.02 13.67 7.11
O3 NAG B . -13.31 15.59 9.16
O4 NAG B . -11.67 17.77 8.20
O5 NAG B . -10.76 14.98 5.97
O6 NAG B . -8.58 16.18 7.15
O7 NAG B . -15.47 15.25 6.66
H1 NAG B . -12.63 14.87 5.11
H2 NAG B . -12.11 13.63 7.89
H3 NAG B . -13.55 16.27 7.23
H4 NAG B . -10.80 15.90 8.51
H5 NAG B . -11.46 16.91 5.68
H61 NAG B . -9.58 17.96 6.78
H62 NAG B . -9.15 17.02 5.33
H81 NAG B . -14.45 13.55 4.35
H82 NAG B . -15.46 12.41 5.29
H83 NAG B . -16.18 13.92 4.62
HN2 NAG B . -14.22 12.85 7.61
HO3 NAG B . -13.11 16.41 9.62
HO6 NAG B . -8.86 16.16 8.05
C1 BMA B . -11.06 18.15 9.39
C2 BMA B . -9.78 18.91 9.10
C3 BMA B . -9.16 19.44 10.39
C4 BMA B . -10.19 20.23 11.18
C5 BMA B . -11.47 19.41 11.37
C6 BMA B . -12.56 20.20 12.05
O2 BMA B . -10.05 19.99 8.22
O3 BMA B . -8.05 20.26 10.09
O4 BMA B . -9.65 20.58 12.44
O5 BMA B . -11.98 18.98 10.10
O6 BMA B . -12.92 19.63 13.29
H1 BMA B . -10.88 17.25 9.99
H2 BMA B . -9.05 18.23 8.63
H3 BMA B . -8.83 18.59 11.01
H4 BMA B . -10.43 21.17 10.65
H5 BMA B . -11.27 18.54 12.00
H61 BMA B . -12.20 21.24 12.20
H62 BMA B . -13.44 20.25 11.38
HO2 BMA B . -10.50 19.67 7.45
HO3 BMA B . -7.52 19.86 9.39
HO4 BMA B . -8.88 21.14 12.32
HO6 BMA B . -12.13 19.27 13.71
C1 FUL B . -13.75 13.00 1.43
C2 FUL B . -15.23 12.79 1.78
O2 FUL B . -15.85 14.04 2.11
C3 FUL B . -15.95 12.17 0.59
O3 FUL B . -17.29 11.87 0.96
C4 FUL B . -15.25 10.90 0.15
O4 FUL B . -15.40 9.91 1.16
C5 FUL B . -13.77 11.15 -0.10
C6 FUL B . -13.00 9.88 -0.38
O5 FUL B . -13.17 11.74 1.07
H1 FUL B . -13.75 14.01 1.89
H2 FUL B . -15.36 12.12 2.63
HO2 FUL B . -15.42 14.44 2.86
H3 FUL B . -16.01 12.91 -0.22
HO3 FUL B . -17.30 11.52 1.86
H4 FUL B . -15.70 10.44 -0.74
HO4 FUL B . -16.32 9.68 1.26
H5 FUL B . -13.51 11.85 -0.90
H61 FUL B . -13.61 9.22 -1.03
H62 FUL B . -12.06 10.11 -0.90
H63 FUL B . -12.79 9.35 0.56
C1 NAG C . 6.49 -1.77 -6.46
C2 NAG C . 6.05 -1.77 -7.92
C3 NAG C . 6.57 -3.01 -8.64
C4 NAG C . 8.08 -3.15 -8.43
C5 NAG C . 8.43 -3.08 -6.94
C6 NAG C . 9.93 -3.07 -6.70
C7 NAG C . 3.99 -0.70 -8.43
C8 NAG C . 2.94 -0.92 -9.53
N2 NAG C . 4.60 -1.75 -7.98
O3 NAG C . 6.30 -2.90 -10.02
O4 NAG C . 8.54 -4.39 -9.06
O5 NAG C . 7.92 -1.86 -6.36
O6 NAG C . 10.28 -4.04 -5.69
O7 NAG C . 4.23 0.41 -8.00
H1 NAG C . 6.04 -2.61 -5.90
H2 NAG C . 6.44 -0.86 -8.38
H3 NAG C . 6.07 -3.91 -8.26
H4 NAG C . 8.69 -2.41 -8.88
H5 NAG C . 7.97 -3.87 -6.34
H61 NAG C . 10.46 -3.26 -7.64
H62 NAG C . 10.19 -2.07 -6.35
H81 NAG C . 3.43 -0.95 -10.50
H82 NAG C . 2.41 -1.86 -9.36
H83 NAG C . 2.22 -0.09 -9.52
HN2 NAG C . 4.09 -2.54 -7.70
HO3 NAG C . 5.41 -3.22 -10.20
C1 NAG C . 9.13 -5.39 -8.31
C2 NAG C . 8.57 -6.74 -8.73
C3 NAG C . 9.29 -7.87 -8.00
C4 NAG C . 10.80 -7.74 -8.16
C5 NAG C . 11.27 -6.33 -7.78
C6 NAG C . 12.74 -6.11 -8.05
C7 NAG C . 6.43 -7.79 -8.91
C8 NAG C . 5.37 -8.37 -7.98
N2 NAG C . 7.14 -6.81 -8.44
O3 NAG C . 8.87 -9.12 -8.54
O4 NAG C . 11.46 -8.69 -7.31
O5 NAG C . 10.54 -5.34 -8.54
O6 NAG C . 13.01 -4.78 -8.46
O7 NAG C . 6.61 -8.22 -10.03
H1 NAG C . 8.95 -5.20 -7.29
H2 NAG C . 8.68 -6.84 -9.83
H3 NAG C . 9.04 -7.82 -6.95
H4 NAG C . 11.09 -7.93 -9.21
H5 NAG C . 11.09 -6.14 -6.72
H61 NAG C . 13.07 -6.82 -8.83
H62 NAG C . 13.30 -6.32 -7.13
H81 NAG C . 5.54 -8.03 -6.95
H82 NAG C . 4.37 -8.04 -8.30
H83 NAG C . 5.42 -9.47 -8.00
HN2 NAG C . 6.73 -6.10 -7.90
HO3 NAG C . 9.21 -9.22 -9.43
HO6 NAG C . 13.02 -4.20 -7.68
C1 BMA C . 12.62 -9.28 -7.80
C2 BMA C . 13.72 -9.16 -6.76
C3 BMA C . 14.97 -9.92 -7.20
C4 BMA C . 14.62 -11.35 -7.58
C5 BMA C . 13.47 -11.36 -8.60
C6 BMA C . 13.02 -12.75 -8.96
O2 BMA C . 13.27 -9.68 -5.51
O3 BMA C . 15.92 -9.93 -6.15
O4 BMA C . 15.75 -11.99 -8.14
O5 BMA C . 12.33 -10.65 -8.06
O6 BMA C . 13.76 -13.26 -10.05
H1 BMA C . 12.89 -8.80 -8.76
H2 BMA C . 14.01 -8.10 -6.63
H3 BMA C . 15.41 -9.43 -8.08
H4 BMA C . 14.32 -11.90 -6.67
H5 BMA C . 13.78 -10.93 -9.53
H61 BMA C . 13.20 -13.32 -8.07
H62 BMA C . 11.95 -12.69 -9.20
HO2 BMA C . 13.28 -8.98 -4.86
HO3 BMA C . 16.20 -9.02 -5.97
HO4 BMA C . 16.18 -12.52 -7.46
HO6 BMA C . 14.32 -13.97 -9.74
C1 FUC C . 9.96 -3.56 -4.41
C2 FUC C . 10.47 -4.57 -3.39
C3 FUC C . 11.96 -4.78 -3.68
C4 FUC C . 12.71 -3.44 -3.68
C5 FUC C . 11.98 -2.33 -4.46
C6 FUC C . 12.51 -0.94 -4.14
O2 FUC C . 9.76 -5.79 -3.50
O3 FUC C . 12.51 -5.62 -2.67
O4 FUC C . 12.96 -3.02 -2.35
O5 FUC C . 10.58 -2.33 -4.15
H1 FUC C . 8.90 -3.63 -4.61
H2 FUC C . 10.68 -4.21 -2.37
H3 FUC C . 12.00 -5.33 -4.62
H4 FUC C . 13.74 -3.46 -3.95
H5 FUC C . 11.99 -2.46 -5.54
H61 FUC C . 11.90 -0.18 -4.65
H62 FUC C . 13.56 -0.85 -4.47
H63 FUC C . 12.47 -0.77 -3.05
HO2 FUC C . 8.89 -5.69 -3.11
HO3 FUC C . 11.95 -6.39 -2.57
HO4 FUC C . 13.46 -3.69 -1.89
N ALA A 1 7.55 19.13 0.11
CA ALA A 1 7.13 18.84 1.52
C ALA A 1 5.62 18.60 1.57
N MET A 2 4.86 19.43 0.91
CA MET A 2 3.37 19.25 0.92
C MET A 2 2.90 18.53 -0.36
N HIS A 3 3.78 17.82 -1.02
CA HIS A 3 3.38 17.11 -2.26
C HIS A 3 3.37 15.59 -2.03
N VAL A 4 2.31 14.93 -2.42
CA VAL A 4 2.23 13.46 -2.22
C VAL A 4 1.68 12.78 -3.50
N ALA A 5 2.32 11.74 -3.95
CA ALA A 5 1.85 11.04 -5.18
C ALA A 5 1.43 9.61 -4.85
N GLN A 6 0.26 9.20 -5.30
CA GLN A 6 -0.20 7.81 -4.99
C GLN A 6 -0.90 7.16 -6.21
N PRO A 7 -0.63 5.89 -6.45
CA PRO A 7 -1.29 5.19 -7.58
C PRO A 7 -2.76 4.92 -7.25
N ALA A 8 -3.62 4.93 -8.23
CA ALA A 8 -5.05 4.67 -7.97
C ALA A 8 -5.29 3.17 -7.95
N VAL A 9 -4.52 2.42 -8.69
CA VAL A 9 -4.69 0.96 -8.70
C VAL A 9 -3.40 0.25 -9.07
N VAL A 10 -3.30 -0.98 -8.66
CA VAL A 10 -2.11 -1.78 -8.99
C VAL A 10 -2.56 -3.16 -9.45
N LEU A 11 -1.72 -3.85 -10.18
CA LEU A 11 -2.09 -5.20 -10.68
C LEU A 11 -1.24 -6.27 -9.98
N ALA A 12 -1.87 -7.29 -9.44
CA ALA A 12 -1.10 -8.35 -8.73
C ALA A 12 -0.71 -9.48 -9.69
N SER A 13 0.42 -10.10 -9.45
CA SER A 13 0.89 -11.20 -10.34
C SER A 13 0.14 -12.50 -10.00
N SER A 14 0.27 -13.51 -10.83
CA SER A 14 -0.44 -14.80 -10.57
C SER A 14 0.01 -15.38 -9.23
N ARG A 15 1.27 -15.24 -8.90
CA ARG A 15 1.78 -15.77 -7.60
C ARG A 15 1.01 -15.15 -6.43
N GLY A 16 0.44 -13.99 -6.63
CA GLY A 16 -0.32 -13.32 -5.54
C GLY A 16 0.60 -12.27 -4.89
N ILE A 17 1.52 -11.74 -5.65
CA ILE A 17 2.45 -10.71 -5.10
C ILE A 17 2.02 -9.34 -5.62
N ALA A 18 1.35 -8.57 -4.80
CA ALA A 18 0.90 -7.22 -5.21
C ALA A 18 1.79 -6.18 -4.54
N SER A 19 2.40 -5.32 -5.31
CA SER A 19 3.29 -4.28 -4.72
C SER A 19 3.06 -2.93 -5.37
N PHE A 20 3.26 -1.88 -4.62
CA PHE A 20 3.08 -0.51 -5.16
C PHE A 20 3.94 0.46 -4.36
N VAL A 21 4.21 1.62 -4.91
CA VAL A 21 5.08 2.59 -4.18
C VAL A 21 4.33 3.89 -3.88
N CYS A 22 4.17 4.19 -2.62
CA CYS A 22 3.49 5.46 -2.22
C CYS A 22 4.55 6.50 -1.85
N GLU A 23 4.75 7.47 -2.69
CA GLU A 23 5.79 8.51 -2.41
C GLU A 23 5.25 9.59 -1.48
N TYR A 24 6.11 10.10 -0.62
CA TYR A 24 5.70 11.15 0.33
C TYR A 24 6.72 12.29 0.31
N ALA A 25 6.51 13.30 1.09
CA ALA A 25 7.46 14.46 1.13
C ALA A 25 7.78 14.83 2.57
N SER A 26 9.03 15.00 2.90
CA SER A 26 9.41 15.37 4.29
C SER A 26 10.31 16.62 4.32
N PRO A 27 10.21 17.38 5.39
CA PRO A 27 11.02 18.61 5.53
C PRO A 27 12.52 18.28 5.72
N GLY A 28 12.85 17.04 6.02
CA GLY A 28 14.28 16.68 6.23
C GLY A 28 14.45 15.16 6.08
N LYS A 29 15.57 14.65 6.52
CA LYS A 29 15.81 13.17 6.41
C LYS A 29 15.79 12.52 7.79
N ALA A 30 15.08 11.43 7.93
CA ALA A 30 15.01 10.72 9.25
C ALA A 30 14.85 9.22 9.03
N THR A 31 15.27 8.42 9.97
CA THR A 31 15.14 6.93 9.80
C THR A 31 13.74 6.49 10.15
N GLU A 32 13.15 7.13 11.11
CA GLU A 32 11.81 6.71 11.58
C GLU A 32 10.69 7.21 10.66
N VAL A 33 10.25 6.37 9.76
CA VAL A 33 9.12 6.76 8.88
C VAL A 33 7.94 5.87 9.23
N ARG A 34 7.17 6.26 10.22
CA ARG A 34 6.01 5.42 10.64
C ARG A 34 5.02 5.29 9.50
N VAL A 35 4.82 4.09 9.01
CA VAL A 35 3.85 3.89 7.90
C VAL A 35 2.79 2.89 8.31
N THR A 36 1.56 3.23 8.04
CA THR A 36 0.43 2.31 8.40
C THR A 36 -0.33 1.92 7.13
N VAL A 37 -0.46 0.64 6.89
CA VAL A 37 -1.20 0.18 5.68
C VAL A 37 -2.61 -0.25 6.11
N LEU A 38 -3.64 0.22 5.45
CA LEU A 38 -5.03 -0.16 5.87
C LEU A 38 -5.81 -0.77 4.72
N ARG A 39 -6.93 -1.38 5.03
CA ARG A 39 -7.79 -1.97 3.97
C ARG A 39 -9.21 -1.44 4.12
N GLN A 40 -9.77 -0.85 3.10
CA GLN A 40 -11.16 -0.30 3.20
C GLN A 40 -12.13 -1.14 2.37
N ALA A 41 -13.23 -1.49 2.97
CA ALA A 41 -14.26 -2.31 2.24
C ALA A 41 -15.61 -1.59 2.29
N ASP A 42 -16.53 -1.97 1.43
CA ASP A 42 -17.86 -1.29 1.44
C ASP A 42 -18.55 -1.48 2.79
N SER A 43 -18.50 -2.66 3.34
CA SER A 43 -19.15 -2.90 4.66
C SER A 43 -18.40 -2.16 5.78
N GLN A 44 -17.12 -2.42 5.93
CA GLN A 44 -16.34 -1.73 7.01
C GLN A 44 -14.87 -1.56 6.61
N VAL A 45 -14.10 -1.03 7.50
CA VAL A 45 -12.64 -0.82 7.23
C VAL A 45 -11.82 -1.36 8.41
N THR A 46 -10.74 -2.05 8.14
CA THR A 46 -9.90 -2.59 9.26
C THR A 46 -8.41 -2.33 8.99
N GLU A 47 -7.60 -2.42 10.01
CA GLU A 47 -6.13 -2.17 9.84
C GLU A 47 -5.44 -3.42 9.27
N VAL A 48 -4.32 -3.22 8.63
CA VAL A 48 -3.58 -4.36 8.03
C VAL A 48 -2.18 -4.47 8.67
N CYS A 49 -1.15 -3.91 8.06
CA CYS A 49 0.23 -4.00 8.65
C CYS A 49 0.77 -2.60 8.95
N ALA A 50 1.53 -2.44 10.01
CA ALA A 50 2.07 -1.09 10.34
C ALA A 50 3.34 -1.18 11.21
N ALA A 51 4.31 -0.35 10.92
CA ALA A 51 5.58 -0.33 11.72
C ALA A 51 6.47 0.81 11.22
N THR A 52 7.39 1.29 12.03
CA THR A 52 8.27 2.40 11.57
C THR A 52 9.39 1.85 10.70
N TYR A 53 9.47 2.28 9.47
CA TYR A 53 10.55 1.78 8.58
C TYR A 53 11.84 2.54 8.87
N MET A 54 12.80 1.88 9.46
CA MET A 54 14.09 2.56 9.74
C MET A 54 14.88 2.59 8.43
N MET A 55 15.66 3.61 8.18
CA MET A 55 16.42 3.66 6.90
C MET A 55 17.51 2.57 6.87
N GLY A 56 17.84 2.01 8.01
CA GLY A 56 18.89 0.95 8.04
C GLY A 56 18.31 -0.37 8.57
N ASN A 57 17.15 -0.35 9.17
CA ASN A 57 16.54 -1.62 9.71
C ASN A 57 15.09 -1.77 9.23
N GLU A 58 14.57 -2.97 9.27
CA GLU A 58 13.16 -3.21 8.84
C GLU A 58 12.37 -3.86 9.99
N LEU A 59 11.26 -3.27 10.37
CA LEU A 59 10.44 -3.85 11.48
C LEU A 59 9.47 -4.90 10.95
N THR A 60 8.85 -5.62 11.86
CA THR A 60 7.88 -6.66 11.47
C THR A 60 6.47 -6.21 11.85
N PHE A 61 5.46 -6.79 11.26
CA PHE A 61 4.06 -6.40 11.58
C PHE A 61 3.44 -7.42 12.55
N LEU A 62 2.83 -6.93 13.60
CA LEU A 62 2.25 -7.83 14.64
C LEU A 62 1.18 -8.79 14.09
N ASP A 63 0.28 -8.31 13.26
CA ASP A 63 -0.80 -9.23 12.74
C ASP A 63 -1.10 -8.97 11.26
N ASP A 64 -2.21 -9.49 10.78
CA ASP A 64 -2.61 -9.31 9.36
C ASP A 64 -1.49 -9.79 8.42
N SER A 65 -1.10 -11.03 8.57
CA SER A 65 -0.01 -11.60 7.72
C SER A 65 1.27 -10.78 7.86
N ILE A 66 2.37 -11.30 7.37
CA ILE A 66 3.65 -10.56 7.47
C ILE A 66 3.87 -9.70 6.22
N CYS A 67 3.31 -8.51 6.20
CA CYS A 67 3.47 -7.63 5.01
C CYS A 67 4.93 -7.18 4.92
N THR A 68 5.40 -6.90 3.73
CA THR A 68 6.81 -6.45 3.57
C THR A 68 6.84 -5.23 2.64
N GLY A 69 7.79 -4.34 2.83
CA GLY A 69 7.84 -3.14 1.95
C GLY A 69 9.22 -2.45 2.03
N THR A 70 9.40 -1.43 1.25
CA THR A 70 10.70 -0.69 1.24
C THR A 70 10.43 0.82 1.34
N SER A 71 11.45 1.59 1.61
CA SER A 71 11.28 3.07 1.71
C SER A 71 12.58 3.79 1.32
N SER A 72 12.83 3.93 0.04
CA SER A 72 14.08 4.61 -0.41
C SER A 72 13.75 5.70 -1.44
N GLY A 73 14.48 6.79 -1.43
CA GLY A 73 14.22 7.88 -2.42
C GLY A 73 12.87 8.53 -2.12
N ASN A 74 12.53 8.67 -0.86
CA ASN A 74 11.22 9.30 -0.48
C ASN A 74 10.06 8.51 -1.10
N GLN A 75 10.28 7.26 -1.41
CA GLN A 75 9.20 6.42 -2.02
C GLN A 75 9.04 5.14 -1.21
N VAL A 76 7.87 4.85 -0.71
CA VAL A 76 7.70 3.61 0.11
C VAL A 76 7.03 2.50 -0.73
N ASN A 77 7.72 1.41 -0.93
CA ASN A 77 7.15 0.29 -1.74
C ASN A 77 6.60 -0.82 -0.85
N LEU A 78 5.29 -0.90 -0.72
CA LEU A 78 4.68 -1.98 0.11
C LEU A 78 4.33 -3.19 -0.76
N THR A 79 4.72 -4.37 -0.34
CA THR A 79 4.42 -5.60 -1.15
C THR A 79 3.60 -6.60 -0.33
N ILE A 80 2.64 -7.23 -0.97
CA ILE A 80 1.80 -8.24 -0.24
C ILE A 80 1.94 -9.61 -0.90
N GLN A 81 2.02 -10.65 -0.12
CA GLN A 81 2.12 -12.02 -0.71
C GLN A 81 1.01 -12.91 -0.15
N GLY A 82 0.19 -13.43 -1.01
CA GLY A 82 -0.92 -14.32 -0.56
C GLY A 82 -2.28 -13.67 -0.86
N LEU A 83 -2.34 -12.80 -1.83
CA LEU A 83 -3.64 -12.14 -2.16
C LEU A 83 -4.51 -13.03 -3.04
N ARG A 84 -5.74 -13.20 -2.66
CA ARG A 84 -6.69 -14.03 -3.45
C ARG A 84 -7.65 -13.12 -4.22
N ALA A 85 -8.55 -13.68 -4.98
CA ALA A 85 -9.53 -12.84 -5.74
C ALA A 85 -10.35 -11.99 -4.76
N MET A 86 -10.79 -12.62 -3.70
CA MET A 86 -11.60 -11.90 -2.68
C MET A 86 -10.78 -10.81 -1.97
N ASP A 87 -9.50 -11.00 -1.85
CA ASP A 87 -8.64 -9.98 -1.14
C ASP A 87 -8.55 -8.68 -1.94
N THR A 88 -8.90 -8.69 -3.22
CA THR A 88 -8.82 -7.44 -4.02
C THR A 88 -9.60 -6.32 -3.33
N GLY A 89 -9.07 -5.13 -3.35
CA GLY A 89 -9.76 -3.99 -2.67
C GLY A 89 -8.81 -2.81 -2.54
N LEU A 90 -9.16 -1.85 -1.71
CA LEU A 90 -8.31 -0.64 -1.55
C LEU A 90 -7.32 -0.77 -0.38
N TYR A 91 -6.08 -0.44 -0.64
CA TYR A 91 -5.04 -0.48 0.44
C TYR A 91 -4.48 0.93 0.62
N ILE A 92 -4.35 1.39 1.84
CA ILE A 92 -3.84 2.78 2.09
C ILE A 92 -2.36 2.79 2.44
N CYS A 93 -1.66 3.75 1.92
CA CYS A 93 -0.23 3.91 2.25
C CYS A 93 -0.11 5.15 3.15
N LYS A 94 0.14 4.96 4.41
CA LYS A 94 0.24 6.13 5.33
C LYS A 94 1.69 6.38 5.67
N VAL A 95 2.09 7.62 5.76
CA VAL A 95 3.52 7.93 6.05
C VAL A 95 3.62 9.04 7.11
N GLU A 96 4.09 8.72 8.29
CA GLU A 96 4.20 9.75 9.36
C GLU A 96 5.56 9.72 10.04
N LEU A 97 6.18 10.86 10.19
CA LEU A 97 7.48 10.92 10.93
C LEU A 97 7.05 11.04 12.39
N MET A 98 6.70 9.95 12.99
CA MET A 98 6.15 10.03 14.38
C MET A 98 7.24 10.15 15.44
N TYR A 99 8.33 9.45 15.30
CA TYR A 99 9.42 9.55 16.33
C TYR A 99 10.15 10.92 16.30
N PRO A 100 10.53 11.41 15.13
CA PRO A 100 11.25 12.72 15.04
C PRO A 100 10.22 13.95 15.14
N PRO A 101 10.55 14.95 15.97
CA PRO A 101 9.72 16.22 16.14
C PRO A 101 10.11 17.42 15.18
N PRO A 102 9.16 18.34 14.59
CA PRO A 102 7.93 17.91 15.44
C PRO A 102 6.89 17.18 14.57
N TYR A 103 7.30 16.11 13.93
CA TYR A 103 6.42 15.31 13.06
C TYR A 103 5.67 16.21 12.01
N TYR A 104 5.84 15.96 10.73
CA TYR A 104 5.14 16.76 9.67
C TYR A 104 5.18 15.92 8.39
N LEU A 105 4.07 15.37 8.02
CA LEU A 105 4.02 14.53 6.79
C LEU A 105 2.59 14.40 6.26
N GLY A 106 2.23 13.29 5.64
CA GLY A 106 0.86 13.16 5.06
C GLY A 106 0.51 11.68 4.90
N ILE A 107 -0.64 11.39 4.33
CA ILE A 107 -1.08 9.99 4.13
C ILE A 107 -1.46 9.73 2.66
N GLY A 108 -1.53 8.49 2.25
CA GLY A 108 -1.96 8.16 0.86
C GLY A 108 -3.44 7.78 0.91
N ASN A 109 -4.24 8.29 0.01
CA ASN A 109 -5.69 7.96 0.06
C ASN A 109 -5.91 6.45 -0.07
N GLY A 110 -5.11 5.79 -0.85
CA GLY A 110 -5.27 4.32 -0.99
C GLY A 110 -5.29 3.87 -2.45
N THR A 111 -4.60 2.82 -2.74
CA THR A 111 -4.57 2.25 -4.12
C THR A 111 -5.35 0.95 -4.14
N GLN A 112 -6.14 0.70 -5.14
CA GLN A 112 -6.89 -0.58 -5.18
C GLN A 112 -6.05 -1.64 -5.87
N ILE A 113 -5.72 -2.71 -5.19
CA ILE A 113 -4.91 -3.77 -5.84
C ILE A 113 -5.85 -4.64 -6.68
N TYR A 114 -5.58 -4.76 -7.96
CA TYR A 114 -6.45 -5.56 -8.87
C TYR A 114 -5.94 -6.99 -9.03
N VAL A 115 -6.80 -7.86 -9.49
CA VAL A 115 -6.38 -9.28 -9.72
C VAL A 115 -6.67 -9.62 -11.19
N ILE A 116 -5.87 -10.47 -11.76
CA ILE A 116 -6.06 -10.87 -13.17
C ILE A 116 -7.17 -11.92 -13.29
N ASP A 117 -8.11 -11.70 -14.18
CA ASP A 117 -9.23 -12.67 -14.37
C ASP A 117 -9.41 -12.97 -15.87
N PRO A 118 -9.40 -14.23 -16.23
CA PRO A 118 -9.57 -14.59 -17.67
C PRO A 118 -11.00 -14.30 -18.14
N GLU A 119 -11.15 -13.99 -19.40
CA GLU A 119 -12.51 -13.69 -19.94
C GLU A 119 -12.86 -14.68 -21.06
N PRO A 120 -14.13 -14.97 -21.23
CA PRO A 120 -14.55 -15.93 -22.29
C PRO A 120 -14.31 -15.33 -23.68
N CYS A 121 -14.36 -14.03 -23.80
CA CYS A 121 -14.13 -13.38 -25.13
C CYS A 121 -13.27 -12.12 -24.96
N PRO A 122 -12.29 -11.94 -25.83
CA PRO A 122 -11.41 -10.74 -25.74
C PRO A 122 -12.17 -9.47 -26.13
N ASP A 123 -13.27 -9.59 -26.82
CA ASP A 123 -14.04 -8.37 -27.24
C ASP A 123 -15.01 -7.95 -26.13
N SER A 124 -15.87 -6.99 -26.43
CA SER A 124 -16.85 -6.52 -25.41
C SER A 124 -18.27 -6.67 -25.95
N ASP A 125 -19.23 -6.88 -25.08
CA ASP A 125 -20.65 -7.04 -25.54
C ASP A 125 -21.60 -6.37 -24.55
N GLN A 126 -22.80 -6.07 -24.99
CA GLN A 126 -23.79 -5.41 -24.09
C GLN A 126 -24.08 -6.30 -22.87
N GLU A 127 -23.99 -7.59 -23.04
CA GLU A 127 -24.24 -8.52 -21.90
C GLU A 127 -23.11 -8.42 -20.86
N PRO A 128 -23.45 -8.46 -19.60
CA PRO A 128 -22.42 -8.36 -18.54
C PRO A 128 -21.55 -9.63 -18.51
N LYS A 129 -20.31 -9.50 -18.12
CA LYS A 129 -19.41 -10.68 -18.07
C LYS A 129 -18.73 -10.77 -16.70
C1 NAG B . -8.51 9.99 0.58
C2 NAG B . -8.76 9.87 2.08
C3 NAG B . -10.19 9.42 2.36
C4 NAG B . -11.19 10.31 1.60
C5 NAG B . -10.80 10.41 0.13
C6 NAG B . -11.69 11.38 -0.64
C7 NAG B . -7.23 9.19 3.80
C8 NAG B . -5.74 8.88 3.90
N2 NAG B . -7.83 8.92 2.66
O3 NAG B . -10.46 9.50 3.75
O4 NAG B . -12.50 9.73 1.71
O5 NAG B . -9.46 10.89 -0.01
O6 NAG B . -12.10 10.78 -1.89
O7 NAG B . -7.84 9.66 4.73
H1 NAG B . -8.62 9.04 0.03
H2 NAG B . -8.50 10.85 2.52
H3 NAG B . -10.31 8.39 2.00
H4 NAG B . -11.20 11.31 2.04
H5 NAG B . -10.90 9.45 -0.39
H61 NAG B . -12.57 11.61 -0.02
H62 NAG B . -11.14 12.31 -0.81
H81 NAG B . -5.24 9.03 2.94
H82 NAG B . -5.24 9.54 4.65
H83 NAG B . -5.59 7.83 4.22
HN2 NAG B . -7.65 8.07 2.20
HO3 NAG B . -10.95 8.72 4.02
C1 NAG B . -13.40 10.39 2.54
C2 NAG B . -14.71 9.61 2.60
C3 NAG B . -15.66 10.25 3.60
C4 NAG B . -14.98 10.46 4.94
C5 NAG B . -13.65 11.18 4.76
C6 NAG B . -12.88 11.29 6.07
C7 NAG B . -14.80 8.87 0.33
C8 NAG B . -15.27 9.18 -1.08
N2 NAG B . -15.33 9.56 1.30
O3 NAG B . -16.80 9.42 3.77
O4 NAG B . -15.84 11.23 5.80
O5 NAG B . -12.81 10.48 3.84
O6 NAG B . -11.66 11.99 5.90
O7 NAG B . -13.96 8.02 0.55
H1 NAG B . -13.55 11.39 2.12
H2 NAG B . -14.47 8.58 2.91
H3 NAG B . -15.98 11.21 3.16
H4 NAG B . -14.80 9.48 5.42
H5 NAG B . -13.80 12.22 4.41
H61 NAG B . -12.68 10.27 6.44
H62 NAG B . -13.52 11.80 6.82
H81 NAG B . -16.19 8.62 -1.28
H82 NAG B . -15.50 10.25 -1.13
H83 NAG B . -14.50 8.92 -1.81
HN2 NAG B . -16.16 10.07 1.13
HO3 NAG B . -17.48 9.67 3.14
HO6 NAG B . -11.00 11.63 6.48
C1 BMA B . -16.45 10.55 6.84
C2 BMA B . -15.68 10.78 8.13
C3 BMA B . -16.40 10.12 9.30
C4 BMA B . -17.85 10.58 9.35
C5 BMA B . -18.53 10.38 8.01
C6 BMA B . -19.94 10.94 7.98
O2 BMA B . -15.55 12.18 8.37
O3 BMA B . -15.74 10.47 10.52
O4 BMA B . -18.55 9.84 10.35
O5 BMA B . -17.79 11.06 6.97
O6 BMA B . -19.99 12.23 8.56
H1 BMA B . -16.50 9.49 6.57
H2 BMA B . -14.68 10.32 8.05
H3 BMA B . -16.38 9.03 9.18
H4 BMA B . -17.89 11.65 9.64
H5 BMA B . -18.60 9.31 7.76
H61 BMA B . -20.28 10.98 6.94
H62 BMA B . -20.60 10.25 8.53
HO2 BMA B . -16.42 12.56 8.47
HO3 BMA B . -15.78 11.42 10.64
HO4 BMA B . -18.97 10.45 10.96
HO6 BMA B . -20.60 12.22 9.30
C1 FUL B . -13.44 11.06 -2.23
C2 FUL B . -13.63 10.75 -3.73
O2 FUL B . -13.42 9.36 -3.97
C3 FUL B . -15.04 11.13 -4.15
O3 FUL B . -15.19 10.94 -5.55
C4 FUL B . -15.32 12.59 -3.81
O4 FUL B . -14.50 13.42 -4.62
C5 FUL B . -15.01 12.86 -2.34
C6 FUL B . -15.12 14.34 -2.00
O5 FUL B . -13.67 12.45 -2.03
H1 FUL B . -12.90 10.11 -2.06
H2 FUL B . -12.94 11.31 -4.36
HO2 FUL B . -13.61 9.18 -4.90
H3 FUL B . -15.75 10.44 -3.67
HO3 FUL B . -15.50 10.05 -5.72
H4 FUL B . -16.34 12.90 -4.04
HO4 FUL B . -13.58 13.19 -4.50
H5 FUL B . -15.62 12.33 -1.60
H61 FUL B . -15.23 14.46 -0.92
H62 FUL B . -14.20 14.86 -2.33
H63 FUL B . -15.99 14.78 -2.51
C1 NAG C . 9.00 -2.87 -4.89
C2 NAG C . 8.63 -3.19 -6.35
C3 NAG C . 9.03 -4.61 -6.70
C4 NAG C . 10.50 -4.84 -6.38
C5 NAG C . 10.79 -4.45 -4.93
C6 NAG C . 12.27 -4.56 -4.58
C7 NAG C . 6.70 -2.86 -7.71
C8 NAG C . 6.50 -1.43 -8.18
N2 NAG C . 7.20 -3.03 -6.52
O3 NAG C . 8.81 -4.83 -8.10
O4 NAG C . 10.86 -6.21 -6.68
O5 NAG C . 10.40 -3.08 -4.69
O6 NAG C . 12.93 -3.30 -4.84
O7 NAG C . 6.42 -3.81 -8.42
H1 NAG C . 8.46 -3.50 -4.18
H2 NAG C . 9.11 -2.45 -7.00
H3 NAG C . 8.43 -5.33 -6.14
H4 NAG C . 11.21 -4.31 -6.96
H5 NAG C . 10.21 -5.02 -4.19
H61 NAG C . 12.35 -4.86 -3.53
H62 NAG C . 12.72 -5.36 -5.20
H81 NAG C . 5.43 -1.21 -8.29
H82 NAG C . 6.94 -0.72 -7.47
H83 NAG C . 6.98 -1.28 -9.17
HN2 NAG C . 6.60 -3.04 -5.74
HO3 NAG C . 9.37 -4.23 -8.60
C1 NAG C . 11.13 -7.13 -5.67
C2 NAG C . 10.18 -8.32 -5.81
C3 NAG C . 10.57 -9.44 -4.83
C4 NAG C . 12.05 -9.77 -4.93
C5 NAG C . 12.89 -8.50 -4.82
C6 NAG C . 14.36 -8.77 -5.03
C7 NAG C . 8.27 -7.87 -4.39
C8 NAG C . 8.64 -6.72 -3.48
N2 NAG C . 8.80 -7.89 -5.59
O3 NAG C . 9.80 -10.60 -5.10
O4 NAG C . 12.43 -10.67 -3.88
O5 NAG C . 12.49 -7.55 -5.83
O6 NAG C . 14.86 -9.69 -4.08
O7 NAG C . 7.51 -8.75 -4.03
H1 NAG C . 11.06 -6.66 -4.73
H2 NAG C . 10.23 -8.68 -6.84
H3 NAG C . 10.37 -9.10 -3.80
H4 NAG C . 12.26 -10.25 -5.89
H5 NAG C . 12.80 -8.04 -3.83
H61 NAG C . 14.92 -7.82 -4.96
H62 NAG C . 14.51 -9.17 -6.05
H81 NAG C . 9.72 -6.73 -3.26
H82 NAG C . 8.37 -5.76 -3.95
H83 NAG C . 8.10 -6.81 -2.53
HN2 NAG C . 8.28 -7.61 -6.37
HO3 NAG C . 10.10 -10.99 -5.92
HO6 NAG C . 15.55 -10.22 -4.47
C1 BMA C . 12.06 -12.00 -4.04
C2 BMA C . 13.27 -12.89 -3.85
C3 BMA C . 12.87 -14.36 -3.89
C4 BMA C . 11.74 -14.64 -2.91
C5 BMA C . 10.59 -13.66 -3.14
C6 BMA C . 9.49 -13.82 -2.12
O2 BMA C . 13.88 -12.60 -2.59
O3 BMA C . 13.99 -15.17 -3.58
O4 BMA C . 11.27 -15.96 -3.09
O5 BMA C . 11.06 -12.30 -3.06
O6 BMA C . 9.98 -13.59 -0.80
H1 BMA C . 11.60 -12.13 -5.03
H2 BMA C . 13.98 -12.71 -4.66
H3 BMA C . 12.51 -14.62 -4.91
H4 BMA C . 12.11 -14.54 -1.89
H5 BMA C . 10.13 -13.83 -4.13
H61 BMA C . 8.68 -13.11 -2.34
H62 BMA C . 9.07 -14.83 -2.18
HO2 BMA C . 14.77 -12.27 -2.74
HO3 BMA C . 14.68 -15.03 -4.22
HO4 BMA C . 11.43 -16.47 -2.28
HO6 BMA C . 10.44 -12.74 -0.78
C1 FUC C . 14.27 -3.48 -5.22
C2 FUC C . 14.89 -2.10 -5.43
C3 FUC C . 14.67 -1.30 -4.14
C4 FUC C . 15.25 -2.07 -2.94
C5 FUC C . 14.81 -3.54 -2.91
C6 FUC C . 15.61 -4.37 -1.92
O2 FUC C . 14.27 -1.45 -6.52
O3 FUC C . 15.31 -0.04 -4.25
O4 FUC C . 16.67 -2.02 -3.00
O5 FUC C . 15.00 -4.13 -4.21
H1 FUC C . 13.96 -3.96 -6.15
H2 FUC C . 15.98 -2.01 -5.35
H3 FUC C . 13.60 -1.09 -4.08
H4 FUC C . 15.08 -1.58 -1.97
H5 FUC C . 13.75 -3.73 -2.72
H61 FUC C . 14.94 -5.02 -1.35
H62 FUC C . 16.35 -4.98 -2.45
H63 FUC C . 16.14 -3.70 -1.22
HO2 FUC C . 14.56 -1.86 -7.34
HO3 FUC C . 16.25 -0.17 -4.34
HO4 FUC C . 17.03 -2.09 -2.11
N ALA A 1 -2.77 17.82 -6.79
CA ALA A 1 -3.92 18.32 -5.98
C ALA A 1 -3.48 18.58 -4.54
N MET A 2 -2.92 17.59 -3.89
CA MET A 2 -2.46 17.76 -2.48
C MET A 2 -0.97 17.45 -2.38
N HIS A 3 -0.48 17.24 -1.17
CA HIS A 3 0.97 16.93 -1.00
C HIS A 3 1.20 15.41 -0.90
N VAL A 4 0.27 14.66 -1.42
CA VAL A 4 0.40 13.17 -1.38
C VAL A 4 -0.31 12.57 -2.61
N ALA A 5 0.33 11.67 -3.32
CA ALA A 5 -0.33 11.07 -4.53
C ALA A 5 -0.67 9.60 -4.27
N GLN A 6 -1.88 9.22 -4.61
CA GLN A 6 -2.30 7.80 -4.40
C GLN A 6 -3.11 7.29 -5.60
N PRO A 7 -2.87 6.06 -6.00
CA PRO A 7 -3.64 5.48 -7.13
C PRO A 7 -5.08 5.24 -6.70
N ALA A 8 -6.03 5.62 -7.51
CA ALA A 8 -7.46 5.41 -7.13
C ALA A 8 -7.78 3.93 -7.12
N VAL A 9 -7.18 3.17 -8.00
CA VAL A 9 -7.46 1.72 -8.00
C VAL A 9 -6.25 0.94 -8.47
N VAL A 10 -6.20 -0.29 -8.08
CA VAL A 10 -5.08 -1.17 -8.49
C VAL A 10 -5.61 -2.56 -8.85
N LEU A 11 -4.89 -3.27 -9.68
CA LEU A 11 -5.34 -4.64 -10.08
C LEU A 11 -4.31 -5.67 -9.57
N ALA A 12 -4.78 -6.73 -8.96
CA ALA A 12 -3.83 -7.76 -8.42
C ALA A 12 -3.53 -8.82 -9.48
N SER A 13 -2.26 -9.13 -9.66
CA SER A 13 -1.86 -10.16 -10.67
C SER A 13 -2.49 -11.52 -10.34
N SER A 14 -2.34 -12.48 -11.23
CA SER A 14 -2.93 -13.84 -10.98
C SER A 14 -2.33 -14.44 -9.71
N ARG A 15 -1.07 -14.19 -9.45
CA ARG A 15 -0.43 -14.72 -8.20
C ARG A 15 -1.24 -14.34 -6.97
N GLY A 16 -1.99 -13.27 -7.05
CA GLY A 16 -2.79 -12.81 -5.88
C GLY A 16 -2.02 -11.73 -5.13
N ILE A 17 -1.13 -11.05 -5.81
CA ILE A 17 -0.34 -9.98 -5.16
C ILE A 17 -0.74 -8.61 -5.73
N ALA A 18 -1.36 -7.81 -4.91
CA ALA A 18 -1.75 -6.45 -5.34
C ALA A 18 -0.70 -5.47 -4.82
N SER A 19 -0.04 -4.77 -5.69
CA SER A 19 1.00 -3.82 -5.24
C SER A 19 0.71 -2.40 -5.70
N PHE A 20 0.77 -1.47 -4.81
CA PHE A 20 0.53 -0.04 -5.16
C PHE A 20 1.52 0.84 -4.41
N VAL A 21 1.68 2.05 -4.83
CA VAL A 21 2.66 2.94 -4.16
C VAL A 21 2.03 4.30 -3.82
N CYS A 22 2.19 4.74 -2.60
CA CYS A 22 1.64 6.05 -2.18
C CYS A 22 2.80 7.00 -1.90
N GLU A 23 2.98 8.01 -2.71
CA GLU A 23 4.13 8.94 -2.49
C GLU A 23 3.77 9.98 -1.43
N TYR A 24 4.76 10.48 -0.72
CA TYR A 24 4.48 11.50 0.31
C TYR A 24 5.52 12.62 0.16
N ALA A 25 5.32 13.71 0.84
CA ALA A 25 6.29 14.85 0.73
C ALA A 25 6.65 15.39 2.12
N SER A 26 7.91 15.62 2.35
CA SER A 26 8.34 16.17 3.67
C SER A 26 9.45 17.22 3.48
N PRO A 27 9.49 18.18 4.39
CA PRO A 27 10.53 19.24 4.32
C PRO A 27 11.92 18.68 4.58
N GLY A 28 12.02 17.52 5.20
CA GLY A 28 13.35 16.93 5.49
C GLY A 28 13.29 15.41 5.25
N LYS A 29 14.43 14.77 5.18
CA LYS A 29 14.44 13.30 4.95
C LYS A 29 14.99 12.56 6.18
N ALA A 30 14.32 11.52 6.59
CA ALA A 30 14.79 10.74 7.78
C ALA A 30 14.78 9.24 7.45
N THR A 31 15.46 8.43 8.23
CA THR A 31 15.50 6.97 7.93
C THR A 31 14.23 6.30 8.44
N GLU A 32 13.76 6.74 9.57
CA GLU A 32 12.60 6.08 10.18
C GLU A 32 11.28 6.51 9.53
N VAL A 33 10.84 5.77 8.55
CA VAL A 33 9.54 6.10 7.91
C VAL A 33 8.54 5.01 8.31
N ARG A 34 7.68 5.30 9.24
CA ARG A 34 6.69 4.29 9.70
C ARG A 34 5.51 4.27 8.74
N VAL A 35 5.42 3.26 7.93
CA VAL A 35 4.28 3.19 6.97
C VAL A 35 3.26 2.16 7.42
N THR A 36 2.01 2.45 7.24
CA THR A 36 0.95 1.49 7.64
C THR A 36 -0.08 1.33 6.53
N VAL A 37 -0.78 0.23 6.52
CA VAL A 37 -1.82 -0.02 5.49
C VAL A 37 -3.13 -0.33 6.23
N LEU A 38 -4.23 0.22 5.80
CA LEU A 38 -5.51 -0.05 6.52
C LEU A 38 -6.63 -0.42 5.54
N ARG A 39 -7.65 -1.05 6.03
CA ARG A 39 -8.81 -1.41 5.16
C ARG A 39 -10.02 -0.58 5.61
N GLN A 40 -10.50 0.31 4.79
CA GLN A 40 -11.67 1.13 5.20
C GLN A 40 -12.97 0.50 4.72
N ALA A 41 -13.93 0.39 5.61
CA ALA A 41 -15.24 -0.21 5.24
C ALA A 41 -16.36 0.72 5.72
N ASP A 42 -17.53 0.61 5.15
CA ASP A 42 -18.66 1.48 5.58
C ASP A 42 -18.96 1.29 7.07
N SER A 43 -18.91 0.06 7.53
CA SER A 43 -19.20 -0.21 8.97
C SER A 43 -18.02 0.23 9.84
N GLN A 44 -16.84 -0.27 9.59
CA GLN A 44 -15.64 0.12 10.41
C GLN A 44 -14.34 -0.03 9.61
N VAL A 45 -13.26 0.43 10.19
CA VAL A 45 -11.92 0.32 9.50
C VAL A 45 -10.96 -0.46 10.41
N THR A 46 -10.11 -1.29 9.85
CA THR A 46 -9.17 -2.09 10.69
C THR A 46 -7.72 -1.94 10.21
N GLU A 47 -6.77 -2.24 11.07
CA GLU A 47 -5.33 -2.14 10.70
C GLU A 47 -4.90 -3.36 9.90
N VAL A 48 -3.80 -3.26 9.19
CA VAL A 48 -3.32 -4.41 8.36
C VAL A 48 -1.84 -4.70 8.65
N CYS A 49 -0.97 -3.77 8.32
CA CYS A 49 0.50 -4.00 8.56
C CYS A 49 1.20 -2.65 8.83
N ALA A 50 2.28 -2.64 9.58
CA ALA A 50 2.97 -1.34 9.87
C ALA A 50 4.36 -1.54 10.49
N ALA A 51 5.33 -0.76 10.05
CA ALA A 51 6.72 -0.87 10.62
C ALA A 51 7.58 0.32 10.13
N THR A 52 8.52 0.78 10.93
CA THR A 52 9.38 1.92 10.49
C THR A 52 10.67 1.35 9.92
N TYR A 53 10.90 1.56 8.65
CA TYR A 53 12.15 1.03 8.02
C TYR A 53 13.12 2.14 7.68
N MET A 54 14.39 1.87 7.79
CA MET A 54 15.40 2.88 7.42
C MET A 54 15.41 2.96 5.89
N MET A 55 15.87 4.03 5.31
CA MET A 55 15.89 4.09 3.81
C MET A 55 16.88 3.06 3.26
N GLY A 56 16.45 2.27 2.31
CA GLY A 56 17.35 1.24 1.72
C GLY A 56 17.27 -0.06 2.54
N ASN A 57 16.14 -0.33 3.15
CA ASN A 57 16.01 -1.59 3.95
C ASN A 57 14.57 -2.11 3.94
N GLU A 58 14.35 -3.26 4.53
CA GLU A 58 12.97 -3.85 4.57
C GLU A 58 12.68 -4.43 5.96
N LEU A 59 11.43 -4.43 6.37
CA LEU A 59 11.09 -4.98 7.72
C LEU A 59 9.87 -5.90 7.66
N THR A 60 9.49 -6.45 8.79
CA THR A 60 8.34 -7.37 8.85
C THR A 60 7.21 -6.73 9.66
N PHE A 61 6.00 -7.20 9.49
CA PHE A 61 4.86 -6.64 10.25
C PHE A 61 4.36 -7.66 11.28
N LEU A 62 4.33 -7.29 12.53
CA LEU A 62 3.89 -8.26 13.60
C LEU A 62 2.40 -8.56 13.52
N ASP A 63 1.58 -7.60 13.16
CA ASP A 63 0.10 -7.84 13.11
C ASP A 63 -0.26 -8.83 12.00
N ASP A 64 -1.41 -8.68 11.38
CA ASP A 64 -1.85 -9.61 10.29
C ASP A 64 -0.75 -9.89 9.27
N SER A 65 0.23 -9.04 9.21
CA SER A 65 1.35 -9.22 8.24
C SER A 65 0.83 -9.29 6.80
N ILE A 66 1.27 -10.25 6.00
CA ILE A 66 0.79 -10.35 4.58
C ILE A 66 1.08 -9.03 3.82
N CYS A 67 2.02 -8.26 4.31
CA CYS A 67 2.36 -6.98 3.63
C CYS A 67 3.88 -6.81 3.57
N THR A 68 4.37 -6.05 2.62
CA THR A 68 5.85 -5.82 2.53
C THR A 68 6.14 -4.33 2.66
N GLY A 69 7.18 -3.97 3.37
CA GLY A 69 7.51 -2.53 3.54
C GLY A 69 8.64 -2.12 2.58
N THR A 70 8.30 -1.58 1.44
CA THR A 70 9.35 -1.15 0.48
C THR A 70 9.16 0.33 0.16
N SER A 71 10.20 0.98 -0.26
CA SER A 71 10.07 2.44 -0.58
C SER A 71 11.17 2.90 -1.55
N SER A 72 10.94 4.00 -2.20
CA SER A 72 11.95 4.54 -3.16
C SER A 72 12.00 6.07 -3.03
N GLY A 73 13.06 6.59 -2.46
CA GLY A 73 13.16 8.07 -2.27
C GLY A 73 12.02 8.53 -1.36
N ASN A 74 11.22 9.47 -1.81
CA ASN A 74 10.08 9.95 -0.98
C ASN A 74 8.79 9.18 -1.32
N GLN A 75 8.89 8.13 -2.09
CA GLN A 75 7.69 7.34 -2.48
C GLN A 75 7.74 5.96 -1.82
N VAL A 76 6.64 5.48 -1.27
CA VAL A 76 6.66 4.15 -0.61
C VAL A 76 5.82 3.11 -1.38
N ASN A 77 6.28 1.90 -1.45
CA ASN A 77 5.51 0.84 -2.17
C ASN A 77 4.98 -0.22 -1.21
N LEU A 78 3.67 -0.36 -1.12
CA LEU A 78 3.07 -1.39 -0.20
C LEU A 78 2.40 -2.48 -1.04
N THR A 79 2.69 -3.74 -0.77
CA THR A 79 2.06 -4.84 -1.57
C THR A 79 1.48 -5.91 -0.65
N ILE A 80 0.48 -6.63 -1.13
CA ILE A 80 -0.16 -7.70 -0.30
C ILE A 80 -0.01 -9.06 -1.01
N GLN A 81 0.27 -10.10 -0.27
CA GLN A 81 0.35 -11.45 -0.91
C GLN A 81 -0.69 -12.36 -0.27
N GLY A 82 -1.55 -12.91 -1.06
CA GLY A 82 -2.62 -13.81 -0.53
C GLY A 82 -3.94 -13.05 -0.51
N LEU A 83 -4.35 -12.55 -1.65
CA LEU A 83 -5.61 -11.75 -1.71
C LEU A 83 -6.84 -12.66 -1.78
N ARG A 84 -7.76 -12.45 -0.88
CA ARG A 84 -9.01 -13.25 -0.86
C ARG A 84 -10.16 -12.38 -1.38
N ALA A 85 -11.31 -12.96 -1.62
CA ALA A 85 -12.48 -12.15 -2.11
C ALA A 85 -12.81 -11.06 -1.08
N MET A 86 -12.78 -11.42 0.17
CA MET A 86 -13.08 -10.43 1.24
C MET A 86 -12.00 -9.34 1.28
N ASP A 87 -10.77 -9.70 1.05
CA ASP A 87 -9.66 -8.70 1.09
C ASP A 87 -9.89 -7.60 0.05
N THR A 88 -10.43 -7.93 -1.10
CA THR A 88 -10.67 -6.90 -2.16
C THR A 88 -11.41 -5.71 -1.57
N GLY A 89 -10.97 -4.53 -1.86
CA GLY A 89 -11.63 -3.33 -1.30
C GLY A 89 -10.69 -2.13 -1.35
N LEU A 90 -10.72 -1.28 -0.35
CA LEU A 90 -9.85 -0.07 -0.34
C LEU A 90 -8.74 -0.17 0.72
N TYR A 91 -7.50 -0.06 0.30
CA TYR A 91 -6.36 -0.12 1.28
C TYR A 91 -5.71 1.26 1.43
N ILE A 92 -5.79 1.85 2.60
CA ILE A 92 -5.20 3.21 2.82
C ILE A 92 -3.69 3.16 2.98
N CYS A 93 -2.99 4.03 2.30
CA CYS A 93 -1.51 4.10 2.48
C CYS A 93 -1.28 5.02 3.68
N LYS A 94 -0.23 4.82 4.41
CA LYS A 94 0.03 5.67 5.60
C LYS A 94 1.52 5.81 5.77
N VAL A 95 1.99 7.01 5.89
CA VAL A 95 3.44 7.26 6.03
C VAL A 95 3.68 8.28 7.14
N GLU A 96 4.29 7.84 8.22
CA GLU A 96 4.51 8.76 9.38
C GLU A 96 5.92 8.67 9.95
N LEU A 97 6.55 9.80 10.17
CA LEU A 97 7.89 9.82 10.78
C LEU A 97 7.61 9.68 12.28
N MET A 98 7.46 8.49 12.75
CA MET A 98 7.07 8.30 14.18
C MET A 98 8.28 8.39 15.12
N TYR A 99 9.35 7.71 14.81
CA TYR A 99 10.55 7.73 15.70
C TYR A 99 11.31 9.10 15.69
N PRO A 100 11.50 9.69 14.56
CA PRO A 100 12.25 10.98 14.47
C PRO A 100 11.38 12.19 14.80
N PRO A 101 11.66 12.85 15.90
CA PRO A 101 10.86 14.00 16.18
C PRO A 101 11.38 15.22 15.21
N PRO A 102 10.57 16.44 15.05
CA PRO A 102 9.32 15.93 15.58
C PRO A 102 8.44 15.11 14.62
N TYR A 103 7.24 14.77 15.01
CA TYR A 103 6.35 13.89 14.22
C TYR A 103 5.35 14.74 13.43
N TYR A 104 5.33 14.55 12.14
CA TYR A 104 4.42 15.34 11.27
C TYR A 104 4.37 14.77 9.85
N LEU A 105 3.29 14.14 9.46
CA LEU A 105 3.21 13.59 8.06
C LEU A 105 1.74 13.51 7.57
N GLY A 106 1.40 12.55 6.74
CA GLY A 106 0.01 12.51 6.20
C GLY A 106 -0.42 11.09 5.80
N ILE A 107 -1.70 10.91 5.61
CA ILE A 107 -2.24 9.59 5.21
C ILE A 107 -3.00 9.75 3.87
N GLY A 108 -3.02 8.72 3.06
CA GLY A 108 -3.76 8.80 1.77
C GLY A 108 -5.21 8.38 1.99
N ASN A 109 -6.02 8.33 0.95
CA ASN A 109 -7.44 7.93 1.14
C ASN A 109 -7.71 6.54 0.57
N GLY A 110 -6.69 5.73 0.41
CA GLY A 110 -6.89 4.34 -0.04
C GLY A 110 -7.01 4.18 -1.56
N THR A 111 -6.53 3.06 -2.03
CA THR A 111 -6.62 2.70 -3.47
C THR A 111 -7.49 1.45 -3.55
N GLN A 112 -8.50 1.43 -4.38
CA GLN A 112 -9.31 0.19 -4.46
C GLN A 112 -8.45 -0.90 -5.09
N ILE A 113 -8.48 -2.10 -4.57
CA ILE A 113 -7.65 -3.18 -5.18
C ILE A 113 -8.59 -4.25 -5.79
N TYR A 114 -8.42 -4.53 -7.05
CA TYR A 114 -9.27 -5.56 -7.74
C TYR A 114 -8.43 -6.80 -8.04
N VAL A 115 -9.06 -7.93 -8.25
CA VAL A 115 -8.27 -9.16 -8.59
C VAL A 115 -8.41 -9.43 -10.09
N ILE A 116 -7.55 -10.26 -10.60
CA ILE A 116 -7.56 -10.59 -12.04
C ILE A 116 -7.84 -12.09 -12.26
N ASP A 117 -8.63 -12.42 -13.24
CA ASP A 117 -8.93 -13.85 -13.53
C ASP A 117 -8.18 -14.28 -14.79
N PRO A 118 -7.26 -15.22 -14.64
CA PRO A 118 -6.47 -15.68 -15.82
C PRO A 118 -7.35 -16.48 -16.79
N GLU A 119 -7.17 -16.28 -18.06
CA GLU A 119 -7.98 -17.03 -19.08
C GLU A 119 -7.06 -17.66 -20.14
N PRO A 120 -7.41 -18.85 -20.57
CA PRO A 120 -6.58 -19.54 -21.59
C PRO A 120 -6.68 -18.84 -22.96
N CYS A 121 -7.62 -17.93 -23.12
CA CYS A 121 -7.78 -17.23 -24.43
C CYS A 121 -7.80 -15.71 -24.22
N PRO A 122 -7.23 -14.97 -25.15
CA PRO A 122 -7.21 -13.49 -25.04
C PRO A 122 -8.61 -12.92 -25.22
N ASP A 123 -8.83 -11.70 -24.79
CA ASP A 123 -10.18 -11.08 -24.94
C ASP A 123 -10.37 -10.56 -26.36
N SER A 124 -11.46 -9.87 -26.61
CA SER A 124 -11.74 -9.33 -27.98
C SER A 124 -10.63 -8.37 -28.42
N ASP A 125 -10.01 -7.69 -27.49
CA ASP A 125 -8.92 -6.74 -27.85
C ASP A 125 -7.59 -7.47 -28.00
N GLN A 126 -6.99 -7.40 -29.16
CA GLN A 126 -5.69 -8.11 -29.38
C GLN A 126 -4.62 -7.10 -29.79
N GLU A 127 -3.41 -7.27 -29.32
CA GLU A 127 -2.29 -6.32 -29.67
C GLU A 127 -2.69 -4.86 -29.39
N PRO A 128 -3.21 -4.60 -28.21
CA PRO A 128 -3.63 -3.21 -27.86
C PRO A 128 -2.40 -2.31 -27.71
N LYS A 129 -2.56 -1.04 -27.99
CA LYS A 129 -1.41 -0.10 -27.87
C LYS A 129 -1.92 1.34 -27.69
C1 NAG B . -10.38 9.90 2.52
C2 NAG B . -10.01 10.02 4.00
C3 NAG B . -10.94 9.14 4.84
C4 NAG B . -12.40 9.44 4.52
C5 NAG B . -12.65 9.41 3.02
C6 NAG B . -14.05 9.88 2.68
C7 NAG B . -8.08 9.82 5.39
C8 NAG B . -7.29 8.66 6.00
N2 NAG B . -8.63 9.62 4.23
O3 NAG B . -10.69 9.39 6.22
O4 NAG B . -13.24 8.46 5.16
O5 NAG B . -11.74 10.29 2.33
O6 NAG B . -14.09 10.36 1.31
O7 NAG B . -8.19 10.88 5.96
H1 NAG B . -10.28 8.91 2.10
H2 NAG B . -10.02 11.09 4.27
H3 NAG B . -10.74 8.10 4.60
H4 NAG B . -12.66 10.44 4.91
H5 NAG B . -12.53 8.40 2.61
H61 NAG B . -14.74 9.03 2.84
H62 NAG B . -14.34 10.67 3.39
H81 NAG B . -7.76 8.34 6.94
H82 NAG B . -7.27 7.80 5.30
H83 NAG B . -6.25 8.97 6.20
HN2 NAG B . -8.13 9.19 3.51
HO3 NAG B . -10.07 8.74 6.55
C1 NAG B . -13.79 8.79 6.37
C2 NAG B . -15.00 7.90 6.65
C3 NAG B . -15.56 8.14 8.05
C4 NAG B . -14.45 8.02 9.08
C5 NAG B . -13.27 8.91 8.70
C6 NAG B . -12.09 8.75 9.64
C7 NAG B . -16.63 9.32 5.59
C8 NAG B . -17.87 9.41 4.71
N2 NAG B . -16.04 8.15 5.65
O3 NAG B . -16.57 7.19 8.33
O4 NAG B . -14.94 8.41 10.38
O5 NAG B . -12.79 8.57 7.38
O6 NAG B . -10.94 9.44 9.16
O7 NAG B . -16.22 10.27 6.23
H1 NAG B . -14.05 9.85 6.35
H2 NAG B . -14.70 6.85 6.54
H3 NAG B . -16.00 9.14 8.13
H4 NAG B . -14.09 6.98 9.13
H5 NAG B . -13.53 9.97 8.75
H61 NAG B . -11.86 7.67 9.74
H62 NAG B . -12.37 9.13 10.63
H81 NAG B . -18.19 10.46 4.63
H82 NAG B . -17.64 9.04 3.70
H83 NAG B . -18.69 8.81 5.14
HN2 NAG B . -16.28 7.45 5.02
HO3 NAG B . -16.73 7.18 9.27
HO6 NAG B . -11.20 10.32 8.88
C1 BMA B . -14.95 7.43 11.35
C2 BMA B . -13.63 7.43 12.10
C3 BMA B . -13.65 6.41 13.23
C4 BMA B . -14.88 6.64 14.11
C5 BMA B . -16.15 6.70 13.27
C6 BMA B . -17.37 7.05 14.10
O2 BMA B . -13.38 8.73 12.64
O3 BMA B . -12.48 6.53 14.02
O4 BMA B . -14.98 5.59 15.07
O5 BMA B . -16.02 7.69 12.24
O6 BMA B . -17.76 5.96 14.93
H1 BMA B . -15.14 6.46 10.85
H2 BMA B . -12.82 7.15 11.42
H3 BMA B . -13.72 5.40 12.82
H4 BMA B . -14.77 7.59 14.67
H5 BMA B . -16.34 5.72 12.81
H61 BMA B . -17.14 7.93 14.71
H62 BMA B . -18.19 7.31 13.41
HO2 BMA B . -14.02 8.92 13.32
HO3 BMA B . -12.12 5.65 14.18
HO4 BMA B . -15.01 4.75 14.60
HO6 BMA B . -17.30 6.02 15.76
C1 FUL B . -15.09 9.73 0.54
C2 FUL B . -16.45 10.12 1.12
O2 FUL B . -16.67 11.52 1.00
C3 FUL B . -17.56 9.37 0.38
O3 FUL B . -18.81 9.66 0.98
C4 FUL B . -17.30 7.88 0.42
O4 FUL B . -17.45 7.41 1.75
C5 FUL B . -15.90 7.56 -0.07
C6 FUL B . -15.54 6.09 0.11
O5 FUL B . -14.93 8.32 0.67
H1 FUL B . -14.69 10.76 0.57
H2 FUL B . -16.57 9.84 2.17
HO2 FUL B . -16.53 11.93 1.86
H3 FUL B . -17.62 9.77 -0.64
HO3 FUL B . -19.23 10.40 0.54
H4 FUL B . -18.04 7.29 -0.15
HO4 FUL B . -17.60 6.46 1.75
H5 FUL B . -15.67 7.81 -1.12
H61 FUL B . -15.17 5.93 1.14
H62 FUL B . -16.43 5.47 -0.05
H63 FUL B . -14.76 5.81 -0.61
C1 NAG C . 6.82 -2.57 -5.29
C2 NAG C . 6.61 -2.99 -6.75
C3 NAG C . 7.02 -4.45 -6.95
C4 NAG C . 8.43 -4.66 -6.42
C5 NAG C . 8.55 -4.18 -4.97
C6 NAG C . 9.96 -4.29 -4.44
C7 NAG C . 4.91 -2.48 -8.35
C8 NAG C . 3.75 -1.53 -8.54
N2 NAG C . 5.22 -2.81 -7.12
O3 NAG C . 6.97 -4.77 -8.33
O4 NAG C . 8.82 -6.05 -6.58
O5 NAG C . 8.17 -2.78 -4.89
O6 NAG C . 10.77 -3.24 -4.99
O7 NAG C . 5.54 -2.93 -9.30
H1 NAG C . 6.14 -3.13 -4.62
H2 NAG C . 7.21 -2.33 -7.38
H3 NAG C . 6.32 -5.11 -6.42
H4 NAG C . 9.21 -4.20 -6.94
H5 NAG C . 7.86 -4.67 -4.28
H61 NAG C . 9.93 -4.20 -3.35
H62 NAG C . 10.34 -5.30 -4.67
H81 NAG C . 2.89 -2.06 -8.95
H82 NAG C . 3.46 -1.08 -7.58
H83 NAG C . 4.04 -0.72 -9.23
HN2 NAG C . 4.52 -2.94 -6.46
HO3 NAG C . 6.06 -4.73 -8.63
C1 NAG C . 8.57 -6.95 -5.56
C2 NAG C . 7.66 -8.06 -6.08
C3 NAG C . 7.47 -9.14 -5.01
C4 NAG C . 8.81 -9.60 -4.47
C5 NAG C . 9.68 -8.42 -4.05
C6 NAG C . 11.07 -8.83 -3.63
C7 NAG C . 5.84 -7.78 -7.60
C8 NAG C . 4.35 -8.09 -7.63
N2 NAG C . 6.37 -7.51 -6.43
O3 NAG C . 6.76 -10.23 -5.55
O4 NAG C . 8.61 -10.47 -3.33
O5 NAG C . 9.82 -7.49 -5.13
O6 NAG C . 11.17 -8.96 -2.22
O7 NAG C . 6.51 -7.76 -8.61
H1 NAG C . 8.11 -6.41 -4.78
H2 NAG C . 8.12 -8.52 -6.96
H3 NAG C . 6.88 -8.71 -4.18
H4 NAG C . 9.34 -10.17 -5.24
H5 NAG C . 9.23 -7.89 -3.18
H61 NAG C . 11.79 -8.08 -3.99
H62 NAG C . 11.31 -9.79 -4.11
H81 NAG C . 4.21 -9.18 -7.69
H82 NAG C . 3.86 -7.71 -6.73
H83 NAG C . 3.89 -7.62 -8.51
HN2 NAG C . 5.89 -6.94 -5.79
HO3 NAG C . 6.15 -10.58 -4.89
HO6 NAG C . 11.68 -8.22 -1.87
C1 BMA C . 8.68 -11.83 -3.59
C2 BMA C . 10.13 -12.23 -3.83
C3 BMA C . 10.24 -13.74 -4.01
C4 BMA C . 9.59 -14.46 -2.84
C5 BMA C . 8.17 -13.94 -2.62
C6 BMA C . 7.53 -14.54 -1.38
O2 BMA C . 10.93 -11.82 -2.74
O3 BMA C . 11.61 -14.11 -4.09
O4 BMA C . 9.55 -15.85 -3.09
O5 BMA C . 8.17 -12.52 -2.44
O6 BMA C . 8.38 -14.45 -0.26
H1 BMA C . 8.04 -12.05 -4.46
H2 BMA C . 10.49 -11.75 -4.75
H3 BMA C . 9.72 -14.04 -4.94
H4 BMA C . 10.18 -14.30 -1.92
H5 BMA C . 7.52 -14.20 -3.47
H61 BMA C . 6.58 -14.00 -1.17
H62 BMA C . 7.27 -15.59 -1.58
HO2 BMA C . 11.80 -11.56 -3.05
HO3 BMA C . 12.05 -13.88 -3.27
HO4 BMA C . 10.36 -16.26 -2.76
HO6 BMA C . 8.92 -15.23 -0.20
C1 FUC C . 11.87 -3.74 -5.70
C2 FUC C . 12.75 -2.57 -6.12
C3 FUC C . 13.09 -1.79 -4.85
C4 FUC C . 13.76 -2.72 -3.82
C5 FUC C . 12.98 -4.02 -3.62
C6 FUC C . 13.76 -5.06 -2.84
O2 FUC C . 12.05 -1.73 -7.04
O3 FUC C . 13.99 -0.73 -5.18
O4 FUC C . 15.07 -3.03 -4.26
O5 FUC C . 12.65 -4.59 -4.90
H1 FUC C . 11.22 -4.09 -6.50
H2 FUC C . 13.81 -2.76 -6.33
H3 FUC C . 12.17 -1.30 -4.52
H4 FUC C . 13.98 -2.24 -2.86
H5 FUC C . 11.98 -3.93 -3.15
H61 FUC C . 14.32 -5.70 -3.55
H62 FUC C . 13.09 -5.69 -2.25
H63 FUC C . 14.47 -4.56 -2.17
HO2 FUC C . 11.76 -2.26 -7.78
HO3 FUC C . 13.60 -0.20 -5.88
HO4 FUC C . 15.63 -2.26 -4.21
N ALA A 1 -5.65 18.79 -0.26
CA ALA A 1 -4.77 18.65 -1.46
C ALA A 1 -3.58 17.76 -1.15
N MET A 2 -2.85 18.06 -0.11
CA MET A 2 -1.65 17.23 0.27
C MET A 2 -0.66 17.13 -0.89
N HIS A 3 0.53 16.67 -0.62
CA HIS A 3 1.56 16.55 -1.70
C HIS A 3 2.07 15.11 -1.77
N VAL A 4 1.21 14.16 -1.55
CA VAL A 4 1.63 12.72 -1.60
C VAL A 4 1.21 12.09 -2.92
N ALA A 5 2.09 11.35 -3.55
CA ALA A 5 1.75 10.70 -4.85
C ALA A 5 1.59 9.18 -4.66
N GLN A 6 0.51 8.64 -5.17
CA GLN A 6 0.28 7.16 -5.02
C GLN A 6 -0.67 6.63 -6.10
N PRO A 7 -0.57 5.34 -6.39
CA PRO A 7 -1.45 4.73 -7.41
C PRO A 7 -2.88 4.58 -6.87
N ALA A 8 -3.85 4.65 -7.73
CA ALA A 8 -5.27 4.51 -7.27
C ALA A 8 -5.66 3.04 -7.27
N VAL A 9 -4.99 2.22 -8.06
CA VAL A 9 -5.34 0.79 -8.06
C VAL A 9 -4.13 -0.03 -8.51
N VAL A 10 -4.10 -1.26 -8.13
CA VAL A 10 -2.97 -2.14 -8.56
C VAL A 10 -3.51 -3.50 -8.98
N LEU A 11 -2.75 -4.20 -9.79
CA LEU A 11 -3.19 -5.54 -10.26
C LEU A 11 -2.25 -6.62 -9.71
N ALA A 12 -2.78 -7.63 -9.07
CA ALA A 12 -1.92 -8.72 -8.52
C ALA A 12 -1.60 -9.74 -9.61
N SER A 13 -0.63 -10.59 -9.39
CA SER A 13 -0.27 -11.61 -10.43
C SER A 13 0.33 -12.86 -9.79
N SER A 14 0.32 -13.96 -10.51
CA SER A 14 0.91 -15.24 -9.98
C SER A 14 0.27 -15.61 -8.63
N ARG A 15 1.05 -15.97 -7.62
CA ARG A 15 0.47 -16.35 -6.29
C ARG A 15 -0.49 -15.28 -5.77
N GLY A 16 -0.34 -14.06 -6.22
CA GLY A 16 -1.24 -12.97 -5.74
C GLY A 16 -0.38 -11.91 -5.07
N ILE A 17 0.71 -11.55 -5.70
CA ILE A 17 1.62 -10.54 -5.13
C ILE A 17 1.43 -9.21 -5.85
N ALA A 18 0.92 -8.24 -5.13
CA ALA A 18 0.71 -6.88 -5.73
C ALA A 18 1.66 -5.90 -5.05
N SER A 19 2.43 -5.18 -5.83
CA SER A 19 3.39 -4.20 -5.24
C SER A 19 3.15 -2.80 -5.78
N PHE A 20 3.23 -1.82 -4.93
CA PHE A 20 3.04 -0.41 -5.36
C PHE A 20 3.87 0.51 -4.47
N VAL A 21 4.10 1.72 -4.91
CA VAL A 21 4.93 2.66 -4.09
C VAL A 21 4.16 3.96 -3.84
N CYS A 22 3.96 4.29 -2.59
CA CYS A 22 3.23 5.55 -2.26
C CYS A 22 4.26 6.62 -1.87
N GLU A 23 4.52 7.55 -2.75
CA GLU A 23 5.52 8.61 -2.45
C GLU A 23 4.90 9.70 -1.58
N TYR A 24 5.66 10.23 -0.65
CA TYR A 24 5.15 11.29 0.24
C TYR A 24 6.04 12.54 0.09
N ALA A 25 5.69 13.59 0.76
CA ALA A 25 6.49 14.85 0.67
C ALA A 25 6.69 15.47 2.05
N SER A 26 7.89 15.92 2.33
CA SER A 26 8.16 16.53 3.67
C SER A 26 9.13 17.71 3.53
N PRO A 27 9.04 18.66 4.45
CA PRO A 27 9.94 19.84 4.40
C PRO A 27 11.40 19.44 4.72
N GLY A 28 11.59 18.24 5.25
CA GLY A 28 12.97 17.79 5.58
C GLY A 28 12.99 16.26 5.64
N LYS A 29 14.14 15.69 5.94
CA LYS A 29 14.22 14.20 6.00
C LYS A 29 14.61 13.74 7.42
N ALA A 30 14.01 12.68 7.87
CA ALA A 30 14.33 12.15 9.24
C ALA A 30 14.51 10.64 9.17
N THR A 31 14.94 10.03 10.25
CA THR A 31 15.13 8.54 10.23
C THR A 31 13.82 7.83 10.43
N GLU A 32 13.07 8.28 11.38
CA GLU A 32 11.79 7.59 11.71
C GLU A 32 10.67 7.97 10.75
N VAL A 33 10.27 7.06 9.92
CA VAL A 33 9.13 7.34 8.99
C VAL A 33 8.03 6.33 9.30
N ARG A 34 7.26 6.62 10.30
CA ARG A 34 6.17 5.67 10.71
C ARG A 34 5.19 5.46 9.57
N VAL A 35 5.28 4.33 8.91
CA VAL A 35 4.33 4.04 7.80
C VAL A 35 3.45 2.87 8.19
N THR A 36 2.21 2.92 7.80
CA THR A 36 1.26 1.83 8.13
C THR A 36 0.34 1.51 6.95
N VAL A 37 0.19 0.25 6.63
CA VAL A 37 -0.72 -0.13 5.52
C VAL A 37 -2.05 -0.57 6.14
N LEU A 38 -3.19 -0.07 5.67
CA LEU A 38 -4.48 -0.50 6.31
C LEU A 38 -5.40 -1.18 5.33
N ARG A 39 -6.34 -1.93 5.83
CA ARG A 39 -7.33 -2.60 4.95
C ARG A 39 -8.73 -2.07 5.25
N GLN A 40 -9.46 -1.66 4.24
CA GLN A 40 -10.83 -1.11 4.49
C GLN A 40 -11.90 -2.10 4.04
N ALA A 41 -13.02 -2.09 4.71
CA ALA A 41 -14.13 -3.01 4.35
C ALA A 41 -15.42 -2.22 4.14
N ASP A 42 -16.53 -2.90 3.97
CA ASP A 42 -17.82 -2.17 3.75
C ASP A 42 -18.16 -1.27 4.94
N SER A 43 -18.00 -1.75 6.14
CA SER A 43 -18.33 -0.91 7.33
C SER A 43 -17.23 -0.96 8.40
N GLN A 44 -16.30 -1.88 8.31
CA GLN A 44 -15.21 -1.95 9.34
C GLN A 44 -13.83 -1.84 8.69
N VAL A 45 -12.93 -1.17 9.36
CA VAL A 45 -11.54 -1.03 8.82
C VAL A 45 -10.54 -1.37 9.92
N THR A 46 -9.55 -2.16 9.63
CA THR A 46 -8.55 -2.54 10.68
C THR A 46 -7.12 -2.35 10.17
N GLU A 47 -6.16 -2.37 11.07
CA GLU A 47 -4.74 -2.20 10.66
C GLU A 47 -4.18 -3.50 10.11
N VAL A 48 -3.25 -3.41 9.20
CA VAL A 48 -2.63 -4.63 8.61
C VAL A 48 -1.17 -4.73 9.04
N CYS A 49 -0.33 -3.84 8.59
CA CYS A 49 1.10 -3.85 8.98
C CYS A 49 1.55 -2.45 9.37
N ALA A 50 2.50 -2.32 10.27
CA ALA A 50 2.93 -0.94 10.69
C ALA A 50 4.24 -0.98 11.48
N ALA A 51 5.14 -0.09 11.16
CA ALA A 51 6.45 -0.01 11.88
C ALA A 51 7.20 1.25 11.42
N THR A 52 8.12 1.75 12.21
CA THR A 52 8.86 2.98 11.80
C THR A 52 10.05 2.59 10.93
N TYR A 53 10.15 3.13 9.75
CA TYR A 53 11.27 2.77 8.85
C TYR A 53 12.47 3.68 9.13
N MET A 54 13.52 3.14 9.68
CA MET A 54 14.73 3.96 9.91
C MET A 54 15.47 3.99 8.57
N MET A 55 16.42 4.86 8.37
CA MET A 55 17.12 4.88 7.04
C MET A 55 17.77 3.52 6.80
N GLY A 56 18.18 2.84 7.84
CA GLY A 56 18.79 1.48 7.69
C GLY A 56 17.66 0.45 7.75
N ASN A 57 17.88 -0.66 8.41
CA ASN A 57 16.79 -1.68 8.51
C ASN A 57 16.35 -1.85 9.96
N GLU A 58 15.06 -1.87 10.17
CA GLU A 58 14.48 -2.03 11.55
C GLU A 58 12.95 -1.96 11.46
N LEU A 59 12.25 -2.48 12.45
CA LEU A 59 10.75 -2.40 12.44
C LEU A 59 10.18 -2.89 11.10
N THR A 60 10.11 -4.18 10.93
CA THR A 60 9.58 -4.76 9.68
C THR A 60 8.11 -5.13 9.85
N PHE A 61 7.40 -5.34 8.76
CA PHE A 61 5.95 -5.71 8.85
C PHE A 61 5.79 -7.24 8.89
N LEU A 62 6.88 -7.96 9.05
CA LEU A 62 6.80 -9.46 9.08
C LEU A 62 5.90 -9.93 10.24
N ASP A 63 5.83 -9.18 11.31
CA ASP A 63 4.98 -9.60 12.47
C ASP A 63 3.53 -9.80 12.04
N ASP A 64 3.13 -9.09 11.03
CA ASP A 64 1.73 -9.21 10.54
C ASP A 64 1.59 -10.37 9.55
N SER A 65 2.68 -10.99 9.20
CA SER A 65 2.67 -12.17 8.25
C SER A 65 1.71 -11.96 7.06
N ILE A 66 1.49 -10.72 6.67
CA ILE A 66 0.57 -10.46 5.51
C ILE A 66 1.16 -9.41 4.57
N CYS A 67 1.63 -8.31 5.11
CA CYS A 67 2.19 -7.23 4.23
C CYS A 67 3.68 -6.98 4.54
N THR A 68 4.49 -6.94 3.52
CA THR A 68 5.94 -6.67 3.71
C THR A 68 6.43 -5.75 2.58
N GLY A 69 7.38 -4.90 2.85
CA GLY A 69 7.86 -3.97 1.77
C GLY A 69 9.11 -3.21 2.21
N THR A 70 9.51 -2.25 1.41
CA THR A 70 10.71 -1.44 1.72
C THR A 70 10.37 0.06 1.58
N SER A 71 11.26 0.91 2.01
CA SER A 71 11.03 2.39 1.90
C SER A 71 12.30 3.05 1.38
N SER A 72 12.22 3.88 0.36
CA SER A 72 13.47 4.52 -0.17
C SER A 72 13.24 6.01 -0.42
N GLY A 73 14.12 6.86 0.08
CA GLY A 73 13.97 8.33 -0.13
C GLY A 73 12.55 8.78 0.25
N ASN A 74 11.86 9.38 -0.69
CA ASN A 74 10.47 9.84 -0.41
C ASN A 74 9.45 8.84 -0.99
N GLN A 75 9.90 7.68 -1.40
CA GLN A 75 8.95 6.67 -1.98
C GLN A 75 8.90 5.43 -1.09
N VAL A 76 7.73 5.01 -0.70
CA VAL A 76 7.63 3.81 0.17
C VAL A 76 7.14 2.60 -0.64
N ASN A 77 7.95 1.58 -0.71
CA ASN A 77 7.57 0.35 -1.48
C ASN A 77 6.82 -0.65 -0.59
N LEU A 78 5.55 -0.84 -0.81
CA LEU A 78 4.78 -1.83 0.01
C LEU A 78 4.37 -3.02 -0.87
N THR A 79 4.59 -4.22 -0.41
CA THR A 79 4.22 -5.43 -1.22
C THR A 79 3.43 -6.44 -0.38
N ILE A 80 2.48 -7.10 -0.98
CA ILE A 80 1.66 -8.10 -0.24
C ILE A 80 1.72 -9.47 -0.94
N GLN A 81 1.81 -10.53 -0.18
CA GLN A 81 1.82 -11.89 -0.79
C GLN A 81 0.64 -12.70 -0.25
N GLY A 82 -0.20 -13.17 -1.13
CA GLY A 82 -1.38 -13.97 -0.71
C GLY A 82 -2.66 -13.18 -0.96
N LEU A 83 -2.71 -12.45 -2.04
CA LEU A 83 -3.93 -11.64 -2.35
C LEU A 83 -5.01 -12.51 -2.96
N ARG A 84 -5.80 -13.15 -2.14
CA ARG A 84 -6.91 -14.01 -2.65
C ARG A 84 -8.06 -13.12 -3.13
N ALA A 85 -9.02 -13.67 -3.83
CA ALA A 85 -10.17 -12.84 -4.32
C ALA A 85 -10.80 -12.09 -3.14
N MET A 86 -10.95 -12.75 -2.03
CA MET A 86 -11.53 -12.10 -0.83
C MET A 86 -10.56 -11.02 -0.30
N ASP A 87 -9.29 -11.28 -0.39
CA ASP A 87 -8.27 -10.30 0.11
C ASP A 87 -8.31 -9.01 -0.72
N THR A 88 -8.80 -9.08 -1.95
CA THR A 88 -8.87 -7.86 -2.81
C THR A 88 -9.61 -6.75 -2.06
N GLY A 89 -9.14 -5.54 -2.19
CA GLY A 89 -9.81 -4.42 -1.47
C GLY A 89 -8.96 -3.15 -1.51
N LEU A 90 -9.02 -2.36 -0.46
CA LEU A 90 -8.25 -1.09 -0.42
C LEU A 90 -7.07 -1.22 0.56
N TYR A 91 -5.92 -0.75 0.14
CA TYR A 91 -4.73 -0.74 1.04
C TYR A 91 -4.25 0.71 1.17
N ILE A 92 -4.13 1.21 2.38
CA ILE A 92 -3.73 2.65 2.58
C ILE A 92 -2.25 2.80 2.89
N CYS A 93 -1.55 3.58 2.10
CA CYS A 93 -0.12 3.84 2.40
C CYS A 93 -0.08 5.00 3.39
N LYS A 94 0.31 4.76 4.61
CA LYS A 94 0.34 5.84 5.62
C LYS A 94 1.79 6.29 5.84
N VAL A 95 2.02 7.57 5.97
CA VAL A 95 3.42 8.06 6.15
C VAL A 95 3.44 9.18 7.19
N GLU A 96 3.92 8.90 8.37
CA GLU A 96 3.95 9.96 9.42
C GLU A 96 5.30 10.07 10.11
N LEU A 97 5.83 11.26 10.22
CA LEU A 97 7.10 11.45 10.96
C LEU A 97 6.66 11.59 12.41
N MET A 98 6.37 10.48 13.03
CA MET A 98 5.81 10.54 14.41
C MET A 98 6.88 10.75 15.48
N TYR A 99 8.01 10.10 15.36
CA TYR A 99 9.08 10.27 16.40
C TYR A 99 9.66 11.70 16.43
N PRO A 100 9.99 12.27 15.30
CA PRO A 100 10.54 13.66 15.30
C PRO A 100 9.43 14.70 15.49
N PRO A 101 9.43 15.35 16.64
CA PRO A 101 8.37 16.42 16.94
C PRO A 101 8.86 17.85 16.45
N PRO A 102 8.08 18.93 15.91
CA PRO A 102 6.70 18.09 16.04
C PRO A 102 6.40 17.21 14.74
N TYR A 103 5.21 16.69 14.65
CA TYR A 103 4.84 15.88 13.45
C TYR A 103 4.27 16.71 12.30
N TYR A 104 4.68 16.40 11.06
CA TYR A 104 4.16 17.14 9.86
C TYR A 104 4.21 16.28 8.59
N LEU A 105 3.15 15.59 8.27
CA LEU A 105 3.16 14.72 7.05
C LEU A 105 1.71 14.41 6.61
N GLY A 106 1.48 13.27 6.00
CA GLY A 106 0.10 12.95 5.54
C GLY A 106 -0.03 11.46 5.25
N ILE A 107 -1.22 11.02 4.90
CA ILE A 107 -1.46 9.59 4.59
C ILE A 107 -1.91 9.45 3.13
N GLY A 108 -1.75 8.29 2.55
CA GLY A 108 -2.19 8.07 1.15
C GLY A 108 -3.66 7.65 1.17
N ASN A 109 -4.42 8.04 0.17
CA ASN A 109 -5.86 7.65 0.14
C ASN A 109 -6.00 6.13 0.14
N GLY A 110 -5.12 5.44 -0.53
CA GLY A 110 -5.18 3.96 -0.56
C GLY A 110 -5.34 3.43 -1.98
N THR A 111 -4.50 2.48 -2.34
CA THR A 111 -4.58 1.88 -3.70
C THR A 111 -5.43 0.62 -3.62
N GLN A 112 -6.39 0.48 -4.49
CA GLN A 112 -7.20 -0.77 -4.47
C GLN A 112 -6.42 -1.87 -5.19
N ILE A 113 -6.30 -3.03 -4.61
CA ILE A 113 -5.55 -4.11 -5.30
C ILE A 113 -6.55 -5.04 -6.00
N TYR A 114 -6.38 -5.23 -7.29
CA TYR A 114 -7.30 -6.11 -8.07
C TYR A 114 -6.66 -7.48 -8.35
N VAL A 115 -7.47 -8.50 -8.47
CA VAL A 115 -6.93 -9.85 -8.81
C VAL A 115 -7.14 -10.08 -10.31
N ILE A 116 -6.50 -11.06 -10.85
CA ILE A 116 -6.63 -11.35 -12.30
C ILE A 116 -7.58 -12.53 -12.55
N ASP A 117 -8.65 -12.30 -13.27
CA ASP A 117 -9.61 -13.39 -13.57
C ASP A 117 -9.70 -13.60 -15.09
N PRO A 118 -9.96 -14.83 -15.51
CA PRO A 118 -10.07 -15.12 -16.96
C PRO A 118 -11.34 -14.49 -17.53
N GLU A 119 -11.31 -14.09 -18.78
CA GLU A 119 -12.51 -13.48 -19.41
C GLU A 119 -12.82 -14.15 -20.75
N PRO A 120 -14.10 -14.29 -21.07
CA PRO A 120 -14.48 -14.92 -22.36
C PRO A 120 -14.13 -13.99 -23.53
N CYS A 121 -14.04 -14.53 -24.72
CA CYS A 121 -13.71 -13.69 -25.91
C CYS A 121 -14.99 -12.99 -26.41
N PRO A 122 -14.85 -11.73 -26.81
CA PRO A 122 -16.03 -10.98 -27.32
C PRO A 122 -16.49 -11.51 -28.68
N ASP A 123 -15.57 -11.91 -29.51
CA ASP A 123 -15.95 -12.45 -30.86
C ASP A 123 -16.71 -13.77 -30.72
N SER A 124 -16.29 -14.61 -29.82
CA SER A 124 -16.99 -15.92 -29.63
C SER A 124 -18.42 -15.70 -29.12
N ASP A 125 -18.64 -14.67 -28.36
CA ASP A 125 -20.01 -14.39 -27.83
C ASP A 125 -20.62 -13.17 -28.53
N GLN A 126 -21.77 -13.34 -29.12
CA GLN A 126 -22.43 -12.20 -29.82
C GLN A 126 -23.00 -11.21 -28.79
N GLU A 127 -23.16 -9.96 -29.17
CA GLU A 127 -23.70 -8.93 -28.22
C GLU A 127 -22.89 -8.92 -26.91
N PRO A 128 -21.58 -8.84 -27.03
CA PRO A 128 -20.70 -8.82 -25.82
C PRO A 128 -20.86 -7.50 -25.07
N LYS A 129 -20.36 -7.43 -23.86
CA LYS A 129 -20.47 -6.18 -23.05
C LYS A 129 -19.87 -5.00 -23.81
C1 NAG B . -9.51 8.68 0.58
C2 NAG B . -8.79 9.61 1.54
C3 NAG B . -9.78 10.56 2.20
C4 NAG B . -10.64 11.28 1.16
C5 NAG B . -11.26 10.27 0.19
C6 NAG B . -11.99 10.95 -0.95
C7 NAG B . -6.98 9.31 3.07
C8 NAG B . -6.50 8.67 4.37
N2 NAG B . -8.09 8.84 2.55
O3 NAG B . -9.06 11.52 2.97
O4 NAG B . -11.69 12.01 1.82
O5 NAG B . -10.24 9.45 -0.40
O6 NAG B . -11.92 10.13 -2.14
O7 NAG B . -6.37 10.21 2.54
H1 NAG B . -10.22 8.02 1.10
H2 NAG B . -8.02 10.16 0.97
H3 NAG B . -10.42 9.98 2.87
H4 NAG B . -10.02 11.98 0.59
H5 NAG B . -11.98 9.63 0.71
H61 NAG B . -13.04 11.12 -0.64
H62 NAG B . -11.51 11.91 -1.14
H81 NAG B . -6.54 7.57 4.29
H82 NAG B . -5.45 8.95 4.58
H83 NAG B . -7.12 9.00 5.20
HN2 NAG B . -8.44 7.98 2.83
HO3 NAG B . -9.28 11.40 3.90
C1 NAG B . -11.54 13.39 1.89
C2 NAG B . -12.79 14.00 2.53
C3 NAG B . -12.60 15.50 2.76
C4 NAG B . -11.29 15.77 3.50
C5 NAG B . -10.12 15.07 2.80
C6 NAG B . -8.83 15.22 3.59
C7 NAG B . -14.13 14.45 0.59
C8 NAG B . -13.93 13.73 -0.74
N2 NAG B . -13.95 13.77 1.69
O3 NAG B . -13.68 16.00 3.52
O4 NAG B . -11.04 17.18 3.56
O5 NAG B . -10.38 13.67 2.68
O6 NAG B . -7.79 15.71 2.76
O7 NAG B . -14.43 15.63 0.62
H1 NAG B . -11.38 13.77 0.87
H2 NAG B . -12.97 13.50 3.49
H3 NAG B . -12.56 16.02 1.79
H4 NAG B . -11.37 15.40 4.53
H5 NAG B . -9.94 15.50 1.82
H61 NAG B . -8.55 14.24 4.01
H62 NAG B . -9.03 15.91 4.42
H81 NAG B . -12.95 13.23 -0.74
H82 NAG B . -14.72 12.97 -0.87
H83 NAG B . -13.98 14.44 -1.56
HN2 NAG B . -14.61 13.09 1.96
HO3 NAG B . -14.07 16.76 3.08
HO6 NAG B . -7.51 16.57 3.09
C1 BMA B . -11.48 17.85 4.69
C2 BMA B . -10.28 18.22 5.55
C3 BMA B . -10.74 19.05 6.75
C4 BMA B . -11.57 20.24 6.29
C5 BMA B . -12.70 19.77 5.39
C6 BMA B . -13.48 20.94 4.81
O2 BMA B . -9.35 18.98 4.78
O3 BMA B . -9.60 19.52 7.47
O4 BMA B . -12.11 20.91 7.42
O5 BMA B . -12.18 19.02 4.27
O6 BMA B . -14.37 21.50 5.76
H1 BMA B . -12.19 17.20 5.23
H2 BMA B . -9.81 17.32 5.93
H3 BMA B . -11.35 18.44 7.42
H4 BMA B . -10.94 20.96 5.75
H5 BMA B . -13.42 19.15 5.93
H61 BMA B . -12.78 21.70 4.45
H62 BMA B . -14.07 20.58 3.94
HO2 BMA B . -9.82 19.69 4.33
HO3 BMA B . -9.28 18.83 8.05
HO4 BMA B . -11.42 21.42 7.85
HO6 BMA B . -14.65 22.36 5.47
C1 FUL B . -13.17 9.92 -2.73
C2 FUL B . -13.71 11.26 -3.24
O2 FUL B . -12.85 11.78 -4.25
C3 FUL B . -15.11 11.09 -3.81
O3 FUL B . -15.64 12.35 -4.18
C4 FUL B . -16.02 10.44 -2.76
O4 FUL B . -16.22 11.35 -1.70
C5 FUL B . -15.39 9.16 -2.23
C6 FUL B . -16.18 8.57 -1.08
O5 FUL B . -14.06 9.42 -1.75
H1 FUL B . -12.16 10.06 -3.15
H2 FUL B . -13.80 12.00 -2.45
HO2 FUL B . -13.00 12.72 -4.34
H3 FUL B . -15.03 10.49 -4.74
HO3 FUL B . -15.73 12.40 -5.13
H4 FUL B . -17.02 10.23 -3.14
HO4 FUL B . -16.96 11.93 -1.91
H5 FUL B . -15.24 8.34 -2.94
H61 FUL B . -16.53 9.38 -0.42
H62 FUL B . -17.04 8.02 -1.45
H63 FUL B . -15.54 7.90 -0.49
C1 NAG C . 9.62 -2.97 -4.44
C2 NAG C . 9.25 -2.70 -5.89
C3 NAG C . 9.23 -3.99 -6.69
C4 NAG C . 10.55 -4.76 -6.52
C5 NAG C . 10.89 -4.91 -5.03
C6 NAG C . 12.28 -5.50 -4.82
C7 NAG C . 7.61 -1.32 -6.97
C8 NAG C . 6.15 -1.29 -7.38
N2 NAG C . 7.94 -2.08 -5.95
O3 NAG C . 9.05 -3.70 -8.07
O4 NAG C . 10.42 -6.04 -7.20
O5 NAG C . 10.88 -3.62 -4.37
O6 NAG C . 12.93 -4.87 -3.68
O7 NAG C . 8.46 -0.67 -7.55
H1 NAG C . 8.87 -3.61 -3.93
H2 NAG C . 9.97 -1.97 -6.30
H3 NAG C . 8.42 -4.64 -6.36
H4 NAG C . 11.39 -4.28 -6.94
H5 NAG C . 10.14 -5.51 -4.48
H61 NAG C . 12.21 -6.56 -4.57
H62 NAG C . 12.86 -5.41 -5.73
H81 NAG C . 5.60 -2.10 -6.90
H82 NAG C . 5.71 -0.33 -7.08
H83 NAG C . 6.07 -1.40 -8.47
HN2 NAG C . 7.28 -2.23 -5.23
HO3 NAG C . 8.29 -4.21 -8.39
C1 NAG C . 10.87 -7.21 -6.60
C2 NAG C . 10.14 -8.40 -7.22
C3 NAG C . 10.67 -9.69 -6.63
C4 NAG C . 12.19 -9.76 -6.74
C5 NAG C . 12.83 -8.49 -6.18
C6 NAG C . 14.32 -8.45 -6.42
C7 NAG C . 7.87 -8.98 -7.68
C8 NAG C . 6.45 -9.09 -7.17
N2 NAG C . 8.71 -8.29 -6.97
O3 NAG C . 10.10 -10.80 -7.32
O4 NAG C . 12.68 -10.90 -6.02
O5 NAG C . 12.28 -7.32 -6.82
O6 NAG C . 14.64 -8.70 -7.78
O7 NAG C . 8.22 -9.51 -8.72
H1 NAG C . 10.64 -7.11 -5.56
H2 NAG C . 10.30 -8.40 -8.31
H3 NAG C . 10.38 -9.75 -5.57
H4 NAG C . 12.47 -9.85 -7.80
H5 NAG C . 12.67 -8.42 -5.10
H61 NAG C . 14.81 -9.20 -5.77
H62 NAG C . 14.71 -7.46 -6.12
H81 NAG C . 6.36 -8.59 -6.19
H82 NAG C . 5.75 -8.63 -7.87
H83 NAG C . 6.18 -10.16 -7.03
HN2 NAG C . 8.39 -7.69 -6.26
HO3 NAG C . 10.24 -11.60 -6.80
HO6 NAG C . 15.40 -8.16 -8.04
C1 BMA C . 13.74 -11.58 -6.60
C2 BMA C . 14.38 -12.50 -5.57
C3 BMA C . 15.47 -13.34 -6.21
C4 BMA C . 14.93 -14.07 -7.43
C5 BMA C . 14.24 -13.08 -8.39
C6 BMA C . 13.58 -13.77 -9.56
O2 BMA C . 13.39 -13.35 -5.00
O3 BMA C . 15.96 -14.30 -5.28
O4 BMA C . 15.99 -14.72 -8.12
O5 BMA C . 13.22 -12.35 -7.68
O6 BMA C . 12.44 -14.51 -9.13
H1 BMA C . 14.45 -10.85 -7.00
H2 BMA C . 14.84 -11.90 -4.78
H3 BMA C . 16.30 -12.70 -6.54
H4 BMA C . 14.21 -14.84 -7.13
H5 BMA C . 14.98 -12.37 -8.80
H61 BMA C . 13.29 -13.02 -10.30
H62 BMA C . 14.31 -14.45 -10.03
HO2 BMA C . 13.43 -13.29 -4.05
HO3 BMA C . 15.23 -14.84 -4.96
HO4 BMA C . 16.64 -14.07 -8.39
HO6 BMA C . 11.71 -14.33 -9.74
C1 FUC C . 14.33 -4.82 -3.77
C2 FUC C . 14.71 -3.58 -4.58
C3 FUC C . 14.01 -2.40 -3.92
C4 FUC C . 14.40 -2.32 -2.42
C5 FUC C . 14.29 -3.67 -1.71
C6 FUC C . 14.97 -3.68 -0.35
O2 FUC C . 14.31 -3.71 -5.92
O3 FUC C . 14.39 -1.20 -4.57
O4 FUC C . 15.74 -1.85 -2.32
O5 FUC C . 14.92 -4.69 -2.51
H1 FUC C . 14.45 -5.80 -4.27
H2 FUC C . 15.67 -3.06 -4.37
H3 FUC C . 12.94 -2.52 -4.12
H4 FUC C . 13.88 -1.53 -1.86
H5 FUC C . 13.29 -4.09 -1.58
H61 FUC C . 15.81 -2.95 -0.33
H62 FUC C . 15.38 -4.68 -0.15
H63 FUC C . 14.26 -3.42 0.43
HO2 FUC C . 15.03 -3.46 -6.51
HO3 FUC C . 13.82 -1.05 -5.32
HO4 FUC C . 16.34 -2.58 -2.50
N ALA A 1 0.14 20.41 3.92
CA ALA A 1 -0.47 19.65 5.04
C ALA A 1 -0.38 18.15 4.79
N MET A 2 -0.92 17.68 3.70
CA MET A 2 -0.86 16.22 3.39
C MET A 2 -0.54 16.01 1.91
N HIS A 3 0.71 16.15 1.54
CA HIS A 3 1.09 15.96 0.10
C HIS A 3 1.70 14.57 -0.10
N VAL A 4 1.09 13.76 -0.92
CA VAL A 4 1.62 12.38 -1.17
C VAL A 4 1.27 11.95 -2.60
N ALA A 5 2.12 11.16 -3.22
CA ALA A 5 1.82 10.70 -4.62
C ALA A 5 1.53 9.20 -4.64
N GLN A 6 0.45 8.80 -5.27
CA GLN A 6 0.10 7.35 -5.34
C GLN A 6 -0.53 6.99 -6.69
N PRO A 7 -0.16 5.83 -7.22
CA PRO A 7 -0.75 5.38 -8.50
C PRO A 7 -2.21 5.00 -8.28
N ALA A 8 -3.09 5.34 -9.19
CA ALA A 8 -4.52 5.00 -9.00
C ALA A 8 -4.72 3.49 -9.09
N VAL A 9 -3.88 2.80 -9.82
CA VAL A 9 -4.06 1.34 -9.91
C VAL A 9 -2.73 0.65 -10.23
N VAL A 10 -2.68 -0.61 -9.98
CA VAL A 10 -1.45 -1.39 -10.27
C VAL A 10 -1.83 -2.77 -10.82
N LEU A 11 -0.97 -3.36 -11.59
CA LEU A 11 -1.25 -4.71 -12.16
C LEU A 11 -0.38 -5.74 -11.46
N ALA A 12 -0.97 -6.82 -10.98
CA ALA A 12 -0.17 -7.87 -10.28
C ALA A 12 0.25 -8.96 -11.26
N SER A 13 1.42 -9.50 -11.08
CA SER A 13 1.92 -10.58 -11.99
C SER A 13 1.22 -11.90 -11.65
N SER A 14 1.39 -12.90 -12.49
CA SER A 14 0.74 -14.22 -12.22
C SER A 14 1.22 -14.79 -10.89
N ARG A 15 2.46 -14.56 -10.54
CA ARG A 15 2.99 -15.07 -9.23
C ARG A 15 2.18 -14.50 -8.07
N GLY A 16 1.60 -13.34 -8.25
CA GLY A 16 0.80 -12.72 -7.16
C GLY A 16 1.65 -11.67 -6.45
N ILE A 17 2.55 -11.04 -7.17
CA ILE A 17 3.42 -10.01 -6.55
C ILE A 17 2.96 -8.62 -7.00
N ALA A 18 2.27 -7.92 -6.14
CA ALA A 18 1.82 -6.55 -6.48
C ALA A 18 2.63 -5.54 -5.67
N SER A 19 3.27 -4.61 -6.32
CA SER A 19 4.09 -3.63 -5.57
C SER A 19 3.88 -2.21 -6.11
N PHE A 20 4.01 -1.24 -5.26
CA PHE A 20 3.84 0.19 -5.67
C PHE A 20 4.61 1.08 -4.69
N VAL A 21 4.84 2.32 -5.05
CA VAL A 21 5.61 3.21 -4.13
C VAL A 21 4.85 4.51 -3.86
N CYS A 22 4.61 4.81 -2.61
CA CYS A 22 3.92 6.08 -2.24
C CYS A 22 4.96 7.08 -1.74
N GLU A 23 5.25 8.09 -2.49
CA GLU A 23 6.29 9.08 -2.05
C GLU A 23 5.70 10.08 -1.05
N TYR A 24 6.55 10.71 -0.29
CA TYR A 24 6.07 11.70 0.70
C TYR A 24 7.03 12.90 0.70
N ALA A 25 6.75 13.88 1.52
CA ALA A 25 7.64 15.09 1.57
C ALA A 25 7.97 15.47 3.01
N SER A 26 9.23 15.59 3.33
CA SER A 26 9.64 15.97 4.71
C SER A 26 10.96 16.75 4.67
N PRO A 27 11.22 17.52 5.71
CA PRO A 27 12.49 18.30 5.76
C PRO A 27 13.68 17.37 5.93
N GLY A 28 14.65 17.45 5.05
CA GLY A 28 15.85 16.56 5.16
C GLY A 28 15.40 15.09 5.13
N LYS A 29 15.90 14.30 6.06
CA LYS A 29 15.49 12.87 6.11
C LYS A 29 14.96 12.52 7.50
N ALA A 30 13.97 11.67 7.57
CA ALA A 30 13.39 11.29 8.90
C ALA A 30 13.63 9.80 9.16
N THR A 31 13.86 9.44 10.40
CA THR A 31 14.12 8.00 10.73
C THR A 31 12.83 7.21 10.83
N GLU A 32 11.98 7.60 11.72
CA GLU A 32 10.73 6.83 11.95
C GLU A 32 9.62 7.21 10.98
N VAL A 33 9.68 6.77 9.73
CA VAL A 33 8.55 7.10 8.81
C VAL A 33 7.49 6.03 9.00
N ARG A 34 6.63 6.26 9.95
CA ARG A 34 5.55 5.27 10.27
C ARG A 34 4.72 4.96 9.01
N VAL A 35 5.02 3.87 8.34
CA VAL A 35 4.26 3.52 7.11
C VAL A 35 3.27 2.38 7.38
N THR A 36 2.04 2.56 7.00
CA THR A 36 1.00 1.51 7.21
C THR A 36 0.23 1.28 5.91
N VAL A 37 -0.17 0.07 5.67
CA VAL A 37 -0.94 -0.24 4.42
C VAL A 37 -2.35 -0.67 4.82
N LEU A 38 -3.39 -0.13 4.19
CA LEU A 38 -4.78 -0.52 4.59
C LEU A 38 -5.54 -1.12 3.43
N ARG A 39 -6.65 -1.72 3.71
CA ARG A 39 -7.49 -2.30 2.63
C ARG A 39 -8.92 -1.77 2.79
N GLN A 40 -9.43 -1.11 1.79
CA GLN A 40 -10.82 -0.56 1.92
C GLN A 40 -11.82 -1.36 1.08
N ALA A 41 -12.90 -1.75 1.68
CA ALA A 41 -13.94 -2.54 0.97
C ALA A 41 -15.30 -1.85 1.14
N ASP A 42 -16.22 -2.07 0.24
CA ASP A 42 -17.55 -1.41 0.36
C ASP A 42 -18.24 -1.81 1.67
N SER A 43 -18.20 -3.06 2.03
CA SER A 43 -18.85 -3.51 3.30
C SER A 43 -18.13 -2.96 4.53
N GLN A 44 -16.82 -3.11 4.58
CA GLN A 44 -16.05 -2.60 5.76
C GLN A 44 -14.59 -2.32 5.40
N VAL A 45 -13.90 -1.58 6.23
CA VAL A 45 -12.46 -1.28 5.96
C VAL A 45 -11.62 -1.70 7.18
N THR A 46 -10.50 -2.32 6.95
CA THR A 46 -9.64 -2.76 8.09
C THR A 46 -8.15 -2.54 7.79
N GLU A 47 -7.32 -2.61 8.79
CA GLU A 47 -5.86 -2.42 8.58
C GLU A 47 -5.24 -3.70 8.02
N VAL A 48 -4.12 -3.58 7.36
CA VAL A 48 -3.46 -4.77 6.76
C VAL A 48 -2.06 -4.95 7.33
N CYS A 49 -1.13 -4.10 6.95
CA CYS A 49 0.27 -4.22 7.46
C CYS A 49 0.73 -2.86 7.99
N ALA A 50 1.58 -2.83 8.99
CA ALA A 50 2.02 -1.51 9.54
C ALA A 50 3.37 -1.61 10.25
N ALA A 51 4.24 -0.65 10.01
CA ALA A 51 5.58 -0.64 10.66
C ALA A 51 6.31 0.67 10.31
N THR A 52 7.15 1.17 11.19
CA THR A 52 7.90 2.43 10.87
C THR A 52 9.25 2.08 10.27
N TYR A 53 9.52 2.50 9.07
CA TYR A 53 10.83 2.18 8.45
C TYR A 53 11.92 3.08 9.01
N MET A 54 12.87 2.51 9.68
CA MET A 54 14.00 3.32 10.22
C MET A 54 14.99 3.45 9.07
N MET A 55 15.98 4.28 9.19
CA MET A 55 16.94 4.41 8.05
C MET A 55 17.72 3.10 7.83
N GLY A 56 17.93 2.31 8.87
CA GLY A 56 18.71 1.04 8.67
C GLY A 56 18.22 -0.10 9.58
N ASN A 57 16.93 -0.31 9.71
CA ASN A 57 16.44 -1.43 10.57
C ASN A 57 15.36 -2.22 9.83
N GLU A 58 15.08 -3.43 10.27
CA GLU A 58 14.04 -4.26 9.59
C GLU A 58 12.76 -4.29 10.43
N LEU A 59 11.63 -3.94 9.84
CA LEU A 59 10.35 -3.92 10.60
C LEU A 59 9.55 -5.21 10.36
N THR A 60 8.94 -5.73 11.38
CA THR A 60 8.13 -6.96 11.25
C THR A 60 6.63 -6.62 11.15
N PHE A 61 5.90 -7.35 10.35
CA PHE A 61 4.43 -7.09 10.22
C PHE A 61 3.66 -8.18 10.99
N LEU A 62 2.69 -7.77 11.76
CA LEU A 62 1.91 -8.75 12.60
C LEU A 62 1.21 -9.83 11.74
N ASP A 63 0.58 -9.46 10.65
CA ASP A 63 -0.14 -10.48 9.82
C ASP A 63 -0.57 -9.90 8.47
N ASP A 64 -1.66 -10.38 7.91
CA ASP A 64 -2.15 -9.88 6.58
C ASP A 64 -1.09 -10.11 5.52
N SER A 65 -0.63 -11.33 5.39
CA SER A 65 0.41 -11.72 4.39
C SER A 65 1.76 -11.05 4.67
N ILE A 66 1.92 -10.42 5.82
CA ILE A 66 3.22 -9.76 6.16
C ILE A 66 3.74 -8.89 4.99
N CYS A 67 3.06 -7.80 4.71
CA CYS A 67 3.52 -6.92 3.58
C CYS A 67 4.93 -6.41 3.86
N THR A 68 5.81 -6.48 2.89
CA THR A 68 7.20 -5.99 3.12
C THR A 68 7.23 -4.46 3.00
N GLY A 69 7.77 -3.78 3.98
CA GLY A 69 7.81 -2.29 3.93
C GLY A 69 9.22 -1.80 3.62
N THR A 70 9.43 -1.31 2.43
CA THR A 70 10.77 -0.76 2.06
C THR A 70 10.66 0.74 1.85
N SER A 71 11.71 1.45 2.11
CA SER A 71 11.67 2.94 1.92
C SER A 71 13.06 3.47 1.58
N SER A 72 13.15 4.28 0.55
CA SER A 72 14.47 4.86 0.16
C SER A 72 14.28 6.32 -0.24
N GLY A 73 15.18 7.19 0.17
CA GLY A 73 15.04 8.64 -0.19
C GLY A 73 13.68 9.15 0.30
N ASN A 74 12.90 9.69 -0.59
CA ASN A 74 11.55 10.20 -0.19
C ASN A 74 10.44 9.30 -0.75
N GLN A 75 10.76 8.09 -1.17
CA GLN A 75 9.72 7.19 -1.73
C GLN A 75 9.65 5.87 -0.94
N VAL A 76 8.47 5.48 -0.52
CA VAL A 76 8.32 4.22 0.24
C VAL A 76 7.81 3.11 -0.71
N ASN A 77 8.47 1.98 -0.75
CA ASN A 77 8.02 0.89 -1.67
C ASN A 77 7.39 -0.28 -0.90
N LEU A 78 6.13 -0.54 -1.15
CA LEU A 78 5.43 -1.67 -0.45
C LEU A 78 5.11 -2.78 -1.47
N THR A 79 5.46 -4.01 -1.18
CA THR A 79 5.17 -5.13 -2.14
C THR A 79 4.40 -6.25 -1.43
N ILE A 80 3.42 -6.80 -2.11
CA ILE A 80 2.60 -7.91 -1.52
C ILE A 80 2.84 -9.21 -2.28
N GLN A 81 2.93 -10.31 -1.58
CA GLN A 81 3.12 -11.62 -2.28
C GLN A 81 2.02 -12.60 -1.87
N GLY A 82 1.29 -13.09 -2.82
CA GLY A 82 0.20 -14.07 -2.51
C GLY A 82 -1.16 -13.44 -2.78
N LEU A 83 -1.27 -12.63 -3.81
CA LEU A 83 -2.57 -11.98 -4.13
C LEU A 83 -3.38 -12.81 -5.13
N ARG A 84 -4.56 -13.21 -4.75
CA ARG A 84 -5.43 -14.00 -5.67
C ARG A 84 -6.45 -13.06 -6.32
N ALA A 85 -7.27 -13.56 -7.21
CA ALA A 85 -8.28 -12.67 -7.87
C ALA A 85 -9.20 -12.06 -6.81
N MET A 86 -9.56 -12.84 -5.82
CA MET A 86 -10.45 -12.34 -4.74
C MET A 86 -9.73 -11.29 -3.89
N ASP A 87 -8.44 -11.45 -3.71
CA ASP A 87 -7.66 -10.48 -2.87
C ASP A 87 -7.58 -9.10 -3.56
N THR A 88 -7.87 -9.02 -4.84
CA THR A 88 -7.80 -7.71 -5.56
C THR A 88 -8.58 -6.65 -4.79
N GLY A 89 -8.01 -5.48 -4.66
CA GLY A 89 -8.70 -4.40 -3.90
C GLY A 89 -7.85 -3.12 -3.86
N LEU A 90 -8.12 -2.25 -2.92
CA LEU A 90 -7.36 -0.98 -2.81
C LEU A 90 -6.43 -0.98 -1.59
N TYR A 91 -5.18 -0.66 -1.81
CA TYR A 91 -4.20 -0.58 -0.69
C TYR A 91 -3.82 0.88 -0.46
N ILE A 92 -3.69 1.30 0.77
CA ILE A 92 -3.39 2.74 1.06
C ILE A 92 -2.01 2.90 1.73
N CYS A 93 -1.19 3.78 1.24
CA CYS A 93 0.10 4.02 1.93
C CYS A 93 -0.20 4.96 3.10
N LYS A 94 0.49 4.83 4.19
CA LYS A 94 0.20 5.68 5.38
C LYS A 94 1.52 6.04 6.04
N VAL A 95 2.22 6.96 5.48
CA VAL A 95 3.53 7.36 6.04
C VAL A 95 3.39 8.62 6.89
N GLU A 96 3.62 8.48 8.17
CA GLU A 96 3.51 9.64 9.08
C GLU A 96 4.77 9.79 9.92
N LEU A 97 5.34 10.97 9.95
CA LEU A 97 6.54 11.17 10.81
C LEU A 97 5.96 11.32 12.20
N MET A 98 5.58 10.22 12.78
CA MET A 98 4.89 10.27 14.10
C MET A 98 5.86 10.39 15.29
N TYR A 99 6.92 9.63 15.27
CA TYR A 99 7.89 9.68 16.40
C TYR A 99 8.68 10.99 16.45
N PRO A 100 9.13 11.50 15.31
CA PRO A 100 9.92 12.76 15.34
C PRO A 100 8.98 14.02 15.28
N PRO A 101 8.89 14.81 16.39
CA PRO A 101 8.02 16.00 16.38
C PRO A 101 8.80 17.25 15.76
N PRO A 102 8.18 18.45 15.10
CA PRO A 102 6.74 17.80 15.19
C PRO A 102 6.35 16.84 14.01
N TYR A 103 5.15 16.27 14.00
CA TYR A 103 4.75 15.37 12.85
C TYR A 103 4.16 16.23 11.68
N TYR A 104 4.70 16.02 10.48
CA TYR A 104 4.27 16.78 9.28
C TYR A 104 4.29 15.91 8.02
N LEU A 105 3.40 14.97 7.93
CA LEU A 105 3.33 14.09 6.73
C LEU A 105 1.87 13.74 6.44
N GLY A 106 1.61 12.64 5.79
CA GLY A 106 0.19 12.29 5.48
C GLY A 106 0.05 10.83 4.98
N ILE A 107 -1.13 10.49 4.51
CA ILE A 107 -1.41 9.11 4.04
C ILE A 107 -1.69 9.14 2.53
N GLY A 108 -1.38 8.08 1.82
CA GLY A 108 -1.67 8.06 0.35
C GLY A 108 -3.15 7.72 0.14
N ASN A 109 -3.76 8.23 -0.90
CA ASN A 109 -5.21 7.94 -1.14
C ASN A 109 -5.42 6.43 -1.30
N GLY A 110 -4.51 5.77 -1.95
CA GLY A 110 -4.62 4.29 -2.14
C GLY A 110 -4.55 3.92 -3.62
N THR A 111 -4.01 2.75 -3.88
CA THR A 111 -3.91 2.27 -5.28
C THR A 111 -4.68 0.96 -5.42
N GLN A 112 -5.48 0.81 -6.45
CA GLN A 112 -6.22 -0.47 -6.61
C GLN A 112 -5.25 -1.50 -7.21
N ILE A 113 -5.14 -2.66 -6.63
CA ILE A 113 -4.21 -3.66 -7.22
C ILE A 113 -5.03 -4.64 -8.08
N TYR A 114 -4.70 -4.73 -9.35
CA TYR A 114 -5.45 -5.64 -10.27
C TYR A 114 -4.74 -6.97 -10.45
N VAL A 115 -5.45 -8.06 -10.33
CA VAL A 115 -4.82 -9.39 -10.55
C VAL A 115 -5.15 -9.85 -11.98
N ILE A 116 -4.48 -10.84 -12.44
CA ILE A 116 -4.72 -11.34 -13.82
C ILE A 116 -5.61 -12.59 -13.80
N ASP A 117 -6.78 -12.50 -14.38
CA ASP A 117 -7.71 -13.68 -14.41
C ASP A 117 -8.40 -13.77 -15.78
N PRO A 118 -8.29 -14.91 -16.44
CA PRO A 118 -8.94 -15.08 -17.76
C PRO A 118 -10.47 -15.13 -17.61
N GLU A 119 -11.18 -14.68 -18.60
CA GLU A 119 -12.67 -14.69 -18.53
C GLU A 119 -13.26 -15.48 -19.72
N PRO A 120 -14.36 -16.17 -19.49
CA PRO A 120 -14.99 -16.95 -20.58
C PRO A 120 -15.60 -16.02 -21.65
N CYS A 121 -15.80 -14.76 -21.33
CA CYS A 121 -16.39 -13.82 -22.32
C CYS A 121 -15.48 -12.59 -22.48
N PRO A 122 -15.47 -12.02 -23.68
CA PRO A 122 -14.63 -10.82 -23.93
C PRO A 122 -15.16 -9.59 -23.19
N ASP A 123 -16.35 -9.67 -22.65
CA ASP A 123 -16.92 -8.49 -21.92
C ASP A 123 -17.83 -8.96 -20.77
N SER A 124 -18.39 -8.04 -20.04
CA SER A 124 -19.29 -8.40 -18.90
C SER A 124 -20.58 -7.57 -18.96
N ASP A 125 -21.60 -7.99 -18.25
CA ASP A 125 -22.88 -7.23 -18.25
C ASP A 125 -22.81 -6.05 -17.27
N GLN A 126 -23.02 -4.86 -17.76
CA GLN A 126 -22.97 -3.66 -16.88
C GLN A 126 -24.36 -3.37 -16.30
N GLU A 127 -24.45 -2.47 -15.34
CA GLU A 127 -25.76 -2.13 -14.72
C GLU A 127 -26.48 -3.40 -14.21
N PRO A 128 -25.78 -4.21 -13.44
CA PRO A 128 -26.38 -5.45 -12.91
C PRO A 128 -27.45 -5.12 -11.85
N LYS A 129 -28.34 -6.03 -11.58
CA LYS A 129 -29.41 -5.79 -10.55
C LYS A 129 -30.17 -4.49 -10.87
C1 NAG B . -8.79 8.28 -0.96
C2 NAG B . -8.87 8.66 0.53
C3 NAG B . -10.01 7.93 1.24
C4 NAG B . -11.31 8.04 0.45
C5 NAG B . -11.08 7.60 -0.99
C6 NAG B . -12.32 7.73 -1.84
C7 NAG B . -7.14 9.10 2.12
C8 NAG B . -6.22 8.46 3.15
N2 NAG B . -7.61 8.33 1.18
O3 NAG B . -10.18 8.49 2.54
O4 NAG B . -12.31 7.20 1.07
O5 NAG B . -10.07 8.43 -1.58
O6 NAG B . -12.08 7.12 -3.14
O7 NAG B . -7.43 10.28 2.18
H1 NAG B . -8.49 7.23 -1.07
H2 NAG B . -9.05 9.74 0.56
H3 NAG B . -9.77 6.86 1.34
H4 NAG B . -11.68 9.07 0.44
H5 NAG B . -10.82 6.53 -1.06
H61 NAG B . -13.14 7.22 -1.30
H62 NAG B . -12.58 8.79 -1.96
H81 NAG B . -6.63 8.56 4.17
H82 NAG B . -6.10 7.38 2.94
H83 NAG B . -5.22 8.93 3.14
HN2 NAG B . -7.12 7.52 0.91
HO3 NAG B . -10.78 7.93 3.04
C1 NAG B . -13.55 7.77 1.32
C2 NAG B . -14.34 6.87 2.27
C3 NAG B . -15.67 7.54 2.64
C4 NAG B . -15.43 8.95 3.15
C5 NAG B . -14.57 9.75 2.17
C6 NAG B . -14.21 11.12 2.70
C7 NAG B . -15.27 5.50 0.55
C8 NAG B . -14.53 5.09 -0.71
N2 NAG B . -14.58 5.58 1.66
O3 NAG B . -16.31 6.76 3.64
O4 NAG B . -16.70 9.61 3.32
O5 NAG B . -13.34 9.05 1.92
O6 NAG B . -15.16 12.08 2.30
O7 NAG B . -16.46 5.73 0.54
H1 NAG B . -14.05 7.89 0.34
H2 NAG B . -13.74 6.69 3.18
H3 NAG B . -16.31 7.58 1.75
H4 NAG B . -14.92 8.92 4.12
H5 NAG B . -15.11 9.92 1.22
H61 NAG B . -13.21 11.39 2.32
H62 NAG B . -14.16 11.07 3.79
H81 NAG B . -14.60 4.00 -0.86
H82 NAG B . -14.97 5.60 -1.59
H83 NAG B . -13.47 5.37 -0.63
HN2 NAG B . -14.22 4.77 2.07
HO3 NAG B . -17.24 6.67 3.42
HO6 NAG B . -16.04 11.69 2.25
C1 BMA B . -17.07 9.91 4.62
C2 BMA B . -16.84 11.39 4.89
C3 BMA B . -17.34 11.76 6.28
C4 BMA B . -18.79 11.32 6.45
C5 BMA B . -18.95 9.84 6.10
C6 BMA B . -20.39 9.40 6.13
O2 BMA B . -17.50 12.17 3.92
O3 BMA B . -17.25 13.16 6.47
O4 BMA B . -19.19 11.52 7.80
O5 BMA B . -18.46 9.59 4.77
O6 BMA B . -20.80 9.07 7.45
H1 BMA B . -16.51 9.26 5.31
H2 BMA B . -15.76 11.60 4.86
H3 BMA B . -16.74 11.24 7.05
H4 BMA B . -19.44 11.93 5.81
H5 BMA B . -18.39 9.21 6.81
H61 BMA B . -21.02 10.20 5.74
H62 BMA B . -20.51 8.53 5.47
HO2 BMA B . -16.93 12.88 3.63
HO3 BMA B . -17.79 13.61 5.82
HO4 BMA B . -19.48 12.43 7.91
HO6 BMA B . -20.80 9.87 7.99
C1 FUL B . -13.08 6.20 -3.52
C2 FUL B . -14.34 6.97 -3.85
O2 FUL B . -14.89 7.58 -2.70
C3 FUL B . -13.95 8.04 -4.88
O3 FUL B . -15.10 8.74 -5.31
C4 FUL B . -13.27 7.38 -6.10
O4 FUL B . -14.27 6.70 -6.86
C5 FUL B . -12.18 6.37 -5.71
C6 FUL B . -11.77 5.48 -6.86
O5 FUL B . -12.68 5.49 -4.67
H1 FUL B . -13.07 5.66 -2.56
H2 FUL B . -15.04 6.57 -4.60
HO2 FUL B . -15.84 7.48 -2.70
H3 FUL B . -13.33 8.78 -4.35
HO3 FUL B . -15.16 9.58 -4.83
H4 FUL B . -12.91 8.09 -6.86
HO4 FUL B . -13.88 6.36 -7.68
H5 FUL B . -11.28 6.76 -5.23
H61 FUL B . -10.89 4.89 -6.58
H62 FUL B . -12.58 4.80 -7.14
H63 FUL B . -11.52 6.11 -7.74
C1 NAG C . 10.39 -2.34 -4.02
C2 NAG C . 10.19 -3.15 -5.29
C3 NAG C . 10.71 -4.57 -5.11
C4 NAG C . 12.14 -4.55 -4.59
C5 NAG C . 12.24 -3.68 -3.34
C6 NAG C . 13.66 -3.56 -2.83
C7 NAG C . 8.39 -2.98 -6.85
C8 NAG C . 8.05 -1.54 -7.24
N2 NAG C . 8.78 -3.19 -5.62
O3 NAG C . 10.67 -5.26 -6.36
O4 NAG C . 12.57 -5.89 -4.31
O5 NAG C . 11.76 -2.36 -3.62
O6 NAG C . 14.27 -2.35 -3.32
O7 NAG C . 8.30 -3.89 -7.65
H1 NAG C . 9.78 -2.74 -3.18
H2 NAG C . 10.72 -2.64 -6.11
H3 NAG C . 10.06 -5.08 -4.40
H4 NAG C . 12.83 -4.21 -5.30
H5 NAG C . 11.63 -4.05 -2.51
H61 NAG C . 13.62 -3.59 -1.73
H62 NAG C . 14.23 -4.45 -3.16
H81 NAG C . 8.94 -0.92 -7.19
H82 NAG C . 7.63 -1.51 -8.26
H83 NAG C . 7.29 -1.14 -6.54
HN2 NAG C . 8.12 -3.37 -4.92
HO3 NAG C . 9.78 -5.61 -6.50
C1 NAG C . 11.94 -6.53 -3.26
C2 NAG C . 11.30 -7.83 -3.75
C3 NAG C . 10.70 -8.60 -2.58
C4 NAG C . 11.72 -8.76 -1.45
C5 NAG C . 12.34 -7.42 -1.09
C6 NAG C . 13.45 -7.55 -0.07
C7 NAG C . 10.35 -8.00 -5.94
C8 NAG C . 9.19 -8.83 -6.45
N2 NAG C . 10.27 -7.54 -4.72
O3 NAG C . 10.27 -9.88 -3.01
O4 NAG C . 11.09 -9.34 -0.29
O5 NAG C . 12.91 -6.81 -2.26
O6 NAG C . 14.59 -8.18 -0.63
O7 NAG C . 11.33 -7.78 -6.63
H1 NAG C . 11.18 -5.84 -2.92
H2 NAG C . 12.08 -8.46 -4.20
H3 NAG C . 9.82 -8.06 -2.20
H4 NAG C . 12.53 -9.43 -1.78
H5 NAG C . 11.60 -6.74 -0.64
H61 NAG C . 13.08 -8.11 0.79
H62 NAG C . 13.72 -6.54 0.28
H81 NAG C . 8.91 -8.51 -7.46
H82 NAG C . 9.47 -9.90 -6.47
H83 NAG C . 8.34 -8.71 -5.78
HN2 NAG C . 9.50 -6.98 -4.47
HO3 NAG C . 9.82 -10.34 -2.30
HO6 NAG C . 14.32 -9.02 -1.02
C1 BMA C . 11.39 -10.66 -0.03
C2 BMA C . 12.66 -10.73 0.81
C3 BMA C . 12.95 -12.18 1.18
C4 BMA C . 11.73 -12.81 1.86
C5 BMA C . 10.48 -12.61 1.00
C6 BMA C . 9.23 -13.09 1.70
O2 BMA C . 12.51 -9.96 1.99
O3 BMA C . 14.06 -12.23 2.07
O4 BMA C . 11.96 -14.20 2.05
O5 BMA C . 10.29 -11.22 0.70
O6 BMA C . 9.08 -12.49 2.97
H1 BMA C . 11.47 -11.17 -0.98
H2 BMA C . 13.50 -10.36 0.21
H3 BMA C . 13.18 -12.76 0.27
H4 BMA C . 11.59 -12.35 2.84
H5 BMA C . 10.57 -13.17 0.06
H61 BMA C . 8.35 -12.87 1.07
H62 BMA C . 9.29 -14.19 1.81
HO2 BMA C . 11.87 -9.25 1.89
HO3 BMA C . 14.42 -13.12 2.07
HO4 BMA C . 12.19 -14.36 2.97
HO6 BMA C . 9.77 -12.80 3.56
C1 FUC C . 15.64 -2.49 -3.54
C2 FUC C . 16.20 -1.16 -4.00
C3 FUC C . 15.81 -0.13 -2.93
C4 FUC C . 16.32 -0.57 -1.55
C5 FUC C . 15.97 -2.04 -1.23
C6 FUC C . 16.71 -2.57 -0.03
O2 FUC C . 15.65 -0.80 -5.25
O3 FUC C . 16.39 1.13 -3.26
O4 FUC C . 17.74 -0.43 -1.51
O5 FUC C . 16.31 -2.87 -2.35
H1 FUC C . 15.45 -3.18 -4.36
H2 FUC C . 17.28 -0.96 -3.85
H3 FUC C . 14.73 0.02 -3.01
H4 FUC C . 16.03 0.09 -0.72
H5 FUC C . 14.90 -2.25 -1.10
H61 FUC C . 16.54 -3.65 0.07
H62 FUC C . 17.79 -2.38 -0.15
H63 FUC C . 16.36 -2.06 0.88
HO2 FUC C . 14.71 -0.65 -5.16
HO3 FUC C . 17.36 1.06 -3.25
HO4 FUC C . 18.15 -1.17 -1.97
N ALA A 1 7.18 21.37 -2.25
CA ALA A 1 6.12 21.51 -1.22
C ALA A 1 5.68 20.15 -0.71
N MET A 2 4.54 20.08 -0.05
CA MET A 2 4.06 18.77 0.48
C MET A 2 3.10 18.12 -0.52
N HIS A 3 3.61 17.24 -1.35
CA HIS A 3 2.75 16.57 -2.37
C HIS A 3 2.56 15.08 -2.00
N VAL A 4 1.34 14.61 -2.04
CA VAL A 4 1.08 13.17 -1.71
C VAL A 4 0.22 12.54 -2.81
N ALA A 5 0.66 11.45 -3.38
CA ALA A 5 -0.14 10.78 -4.46
C ALA A 5 -0.57 9.39 -4.02
N GLN A 6 -1.82 9.07 -4.18
CA GLN A 6 -2.32 7.71 -3.77
C GLN A 6 -3.24 7.13 -4.86
N PRO A 7 -3.00 5.89 -5.25
CA PRO A 7 -3.86 5.24 -6.27
C PRO A 7 -5.22 4.92 -5.66
N ALA A 8 -6.28 5.19 -6.37
CA ALA A 8 -7.63 4.89 -5.82
C ALA A 8 -7.92 3.40 -5.90
N VAL A 9 -7.35 2.71 -6.86
CA VAL A 9 -7.60 1.26 -6.96
C VAL A 9 -6.42 0.55 -7.62
N VAL A 10 -6.39 -0.73 -7.45
CA VAL A 10 -5.32 -1.54 -8.06
C VAL A 10 -5.93 -2.84 -8.63
N LEU A 11 -5.31 -3.38 -9.65
CA LEU A 11 -5.82 -4.63 -10.24
C LEU A 11 -4.77 -5.73 -10.14
N ALA A 12 -5.07 -6.82 -9.49
CA ALA A 12 -4.08 -7.93 -9.36
C ALA A 12 -3.97 -8.64 -10.71
N SER A 13 -2.78 -9.02 -11.11
CA SER A 13 -2.62 -9.67 -12.45
C SER A 13 -2.26 -11.17 -12.34
N SER A 14 -1.08 -11.49 -11.89
CA SER A 14 -0.68 -12.93 -11.79
C SER A 14 -0.34 -13.31 -10.35
N ARG A 15 -0.54 -14.56 -9.99
CA ARG A 15 -0.24 -15.02 -8.60
C ARG A 15 -1.03 -14.19 -7.57
N GLY A 16 -2.08 -13.51 -7.99
CA GLY A 16 -2.90 -12.70 -7.03
C GLY A 16 -2.00 -11.77 -6.23
N ILE A 17 -1.05 -11.13 -6.89
CA ILE A 17 -0.13 -10.22 -6.17
C ILE A 17 -0.44 -8.78 -6.56
N ALA A 18 -1.00 -8.03 -5.66
CA ALA A 18 -1.33 -6.61 -5.98
C ALA A 18 -0.29 -5.68 -5.37
N SER A 19 0.31 -4.82 -6.16
CA SER A 19 1.33 -3.90 -5.62
C SER A 19 1.09 -2.47 -6.11
N PHE A 20 1.19 -1.52 -5.22
CA PHE A 20 0.99 -0.09 -5.60
C PHE A 20 1.90 0.81 -4.77
N VAL A 21 2.14 2.01 -5.21
CA VAL A 21 3.03 2.92 -4.43
C VAL A 21 2.27 4.16 -3.95
N CYS A 22 2.21 4.35 -2.66
CA CYS A 22 1.54 5.57 -2.09
C CYS A 22 2.65 6.55 -1.73
N GLU A 23 2.85 7.56 -2.53
CA GLU A 23 3.96 8.50 -2.26
C GLU A 23 3.59 9.52 -1.18
N TYR A 24 4.58 10.17 -0.66
CA TYR A 24 4.36 11.19 0.39
C TYR A 24 5.41 12.29 0.27
N ALA A 25 5.34 13.28 1.12
CA ALA A 25 6.33 14.39 1.08
C ALA A 25 6.69 14.82 2.50
N SER A 26 7.96 14.96 2.81
CA SER A 26 8.37 15.37 4.18
C SER A 26 9.38 16.53 4.11
N PRO A 27 9.35 17.39 5.11
CA PRO A 27 10.30 18.54 5.14
C PRO A 27 11.69 18.06 5.56
N GLY A 28 12.72 18.62 4.97
CA GLY A 28 14.12 18.21 5.33
C GLY A 28 14.31 16.71 5.06
N LYS A 29 15.17 16.07 5.81
CA LYS A 29 15.41 14.62 5.61
C LYS A 29 15.31 13.88 6.95
N ALA A 30 14.73 12.70 6.94
CA ALA A 30 14.59 11.91 8.20
C ALA A 30 14.74 10.42 7.91
N THR A 31 15.33 9.68 8.82
CA THR A 31 15.50 8.21 8.60
C THR A 31 14.22 7.47 8.89
N GLU A 32 13.62 7.78 10.00
CA GLU A 32 12.41 7.05 10.42
C GLU A 32 11.16 7.49 9.69
N VAL A 33 10.62 6.63 8.88
CA VAL A 33 9.36 6.93 8.17
C VAL A 33 8.37 5.81 8.51
N ARG A 34 7.54 6.05 9.49
CA ARG A 34 6.57 5.00 9.93
C ARG A 34 5.39 4.89 8.98
N VAL A 35 5.15 3.72 8.45
CA VAL A 35 4.00 3.53 7.53
C VAL A 35 3.07 2.46 8.08
N THR A 36 1.80 2.66 7.93
CA THR A 36 0.81 1.66 8.45
C THR A 36 -0.20 1.31 7.36
N VAL A 37 -0.41 0.03 7.14
CA VAL A 37 -1.41 -0.40 6.11
C VAL A 37 -2.67 -0.87 6.83
N LEU A 38 -3.85 -0.43 6.43
CA LEU A 38 -5.08 -0.88 7.16
C LEU A 38 -6.12 -1.45 6.19
N ARG A 39 -7.13 -2.07 6.72
CA ARG A 39 -8.21 -2.63 5.86
C ARG A 39 -9.55 -2.02 6.28
N GLN A 40 -10.17 -1.26 5.40
CA GLN A 40 -11.47 -0.62 5.74
C GLN A 40 -12.64 -1.58 5.51
N ALA A 41 -13.68 -1.41 6.26
CA ALA A 41 -14.88 -2.28 6.13
C ALA A 41 -16.11 -1.40 5.87
N ASP A 42 -17.29 -1.94 6.07
CA ASP A 42 -18.52 -1.13 5.84
C ASP A 42 -18.53 0.11 6.75
N SER A 43 -18.22 -0.05 8.01
CA SER A 43 -18.23 1.12 8.94
C SER A 43 -16.98 1.13 9.84
N GLN A 44 -16.14 0.12 9.77
CA GLN A 44 -14.92 0.10 10.65
C GLN A 44 -13.68 -0.35 9.87
N VAL A 45 -12.51 -0.07 10.39
CA VAL A 45 -11.25 -0.49 9.71
C VAL A 45 -10.40 -1.30 10.69
N THR A 46 -9.52 -2.14 10.18
CA THR A 46 -8.67 -2.96 11.09
C THR A 46 -7.18 -2.74 10.78
N GLU A 47 -6.32 -3.02 11.73
CA GLU A 47 -4.85 -2.82 11.50
C GLU A 47 -4.23 -4.07 10.88
N VAL A 48 -3.29 -3.87 10.00
CA VAL A 48 -2.62 -5.01 9.33
C VAL A 48 -1.13 -5.04 9.70
N CYS A 49 -0.35 -4.12 9.20
CA CYS A 49 1.11 -4.10 9.53
C CYS A 49 1.59 -2.66 9.74
N ALA A 50 2.63 -2.48 10.52
CA ALA A 50 3.15 -1.10 10.79
C ALA A 50 4.61 -1.14 11.26
N ALA A 51 5.45 -0.30 10.73
CA ALA A 51 6.89 -0.27 11.15
C ALA A 51 7.60 0.95 10.55
N THR A 52 8.67 1.39 11.16
CA THR A 52 9.43 2.57 10.61
C THR A 52 10.67 2.08 9.89
N TYR A 53 10.90 2.54 8.69
CA TYR A 53 12.13 2.09 7.98
C TYR A 53 13.14 3.22 7.85
N MET A 54 14.39 2.90 8.00
CA MET A 54 15.44 3.94 7.86
C MET A 54 15.61 4.18 6.36
N MET A 55 16.23 5.26 5.96
CA MET A 55 16.41 5.49 4.49
C MET A 55 17.42 4.49 3.95
N GLY A 56 16.98 3.28 3.72
CA GLY A 56 17.88 2.20 3.21
C GLY A 56 17.09 0.90 3.21
N ASN A 57 17.67 -0.17 3.69
CA ASN A 57 16.93 -1.46 3.74
C ASN A 57 16.36 -1.71 5.13
N GLU A 58 15.13 -2.14 5.19
CA GLU A 58 14.46 -2.42 6.50
C GLU A 58 13.05 -2.98 6.22
N LEU A 59 12.33 -3.38 7.24
CA LEU A 59 10.95 -3.90 7.01
C LEU A 59 9.92 -2.91 7.53
N THR A 60 8.87 -2.70 6.78
CA THR A 60 7.82 -1.78 7.19
C THR A 60 6.75 -2.52 7.99
N PHE A 61 6.97 -3.78 8.32
CA PHE A 61 5.94 -4.53 9.11
C PHE A 61 6.58 -5.25 10.31
N LEU A 62 6.25 -4.84 11.51
CA LEU A 62 6.83 -5.50 12.71
C LEU A 62 6.31 -6.94 12.80
N ASP A 63 5.09 -7.15 12.42
CA ASP A 63 4.49 -8.52 12.47
C ASP A 63 3.62 -8.75 11.24
N ASP A 64 2.85 -9.82 11.21
CA ASP A 64 1.98 -10.12 10.03
C ASP A 64 2.80 -10.11 8.75
N SER A 65 3.80 -10.97 8.69
CA SER A 65 4.68 -11.05 7.47
C SER A 65 3.86 -11.15 6.18
N ILE A 66 2.62 -11.59 6.25
CA ILE A 66 1.78 -11.71 5.01
C ILE A 66 1.85 -10.41 4.17
N CYS A 67 2.11 -9.30 4.81
CA CYS A 67 2.20 -8.01 4.05
C CYS A 67 3.67 -7.71 3.73
N THR A 68 3.96 -7.42 2.49
CA THR A 68 5.38 -7.13 2.10
C THR A 68 5.40 -5.95 1.12
N GLY A 69 6.45 -5.16 1.15
CA GLY A 69 6.52 -4.00 0.22
C GLY A 69 7.90 -3.34 0.29
N THR A 70 8.04 -2.24 -0.39
CA THR A 70 9.34 -1.51 -0.41
C THR A 70 9.11 -0.04 -0.09
N SER A 71 10.15 0.66 0.25
CA SER A 71 10.04 2.11 0.56
C SER A 71 11.32 2.83 0.15
N SER A 72 11.23 3.87 -0.63
CA SER A 72 12.48 4.59 -1.05
C SER A 72 12.17 6.04 -1.43
N GLY A 73 13.02 6.95 -1.05
CA GLY A 73 12.79 8.39 -1.38
C GLY A 73 11.43 8.84 -0.86
N ASN A 74 10.59 9.35 -1.72
CA ASN A 74 9.24 9.80 -1.29
C ASN A 74 8.15 8.85 -1.80
N GLN A 75 8.53 7.65 -2.22
CA GLN A 75 7.51 6.70 -2.74
C GLN A 75 7.48 5.41 -1.91
N VAL A 76 6.37 5.08 -1.30
CA VAL A 76 6.33 3.82 -0.51
C VAL A 76 5.56 2.75 -1.30
N ASN A 77 6.16 1.62 -1.54
CA ASN A 77 5.49 0.55 -2.35
C ASN A 77 4.94 -0.58 -1.46
N LEU A 78 3.64 -0.69 -1.35
CA LEU A 78 3.04 -1.80 -0.54
C LEU A 78 2.59 -2.92 -1.48
N THR A 79 2.86 -4.16 -1.16
CA THR A 79 2.45 -5.29 -2.05
C THR A 79 1.85 -6.43 -1.23
N ILE A 80 0.86 -7.10 -1.78
CA ILE A 80 0.23 -8.25 -1.06
C ILE A 80 0.39 -9.52 -1.87
N GLN A 81 0.83 -10.58 -1.25
CA GLN A 81 0.97 -11.86 -1.99
C GLN A 81 -0.01 -12.89 -1.45
N GLY A 82 -0.89 -13.36 -2.30
CA GLY A 82 -1.90 -14.37 -1.88
C GLY A 82 -3.28 -13.72 -1.83
N LEU A 83 -3.64 -13.00 -2.85
CA LEU A 83 -4.97 -12.34 -2.87
C LEU A 83 -6.06 -13.24 -3.46
N ARG A 84 -7.15 -13.38 -2.76
CA ARG A 84 -8.28 -14.20 -3.26
C ARG A 84 -9.52 -13.30 -3.41
N ALA A 85 -10.62 -13.85 -3.83
CA ALA A 85 -11.87 -13.02 -4.00
C ALA A 85 -12.22 -12.34 -2.67
N MET A 86 -12.14 -13.08 -1.60
CA MET A 86 -12.48 -12.54 -0.26
C MET A 86 -11.51 -11.44 0.17
N ASP A 87 -10.26 -11.53 -0.22
CA ASP A 87 -9.25 -10.50 0.19
C ASP A 87 -9.54 -9.15 -0.47
N THR A 88 -10.29 -9.14 -1.55
CA THR A 88 -10.60 -7.85 -2.25
C THR A 88 -11.14 -6.82 -1.26
N GLY A 89 -10.68 -5.61 -1.36
CA GLY A 89 -11.16 -4.55 -0.42
C GLY A 89 -10.29 -3.30 -0.53
N LEU A 90 -10.28 -2.49 0.50
CA LEU A 90 -9.47 -1.23 0.48
C LEU A 90 -8.27 -1.31 1.43
N TYR A 91 -7.11 -0.91 0.96
CA TYR A 91 -5.91 -0.91 1.84
C TYR A 91 -5.42 0.54 1.99
N ILE A 92 -5.20 0.98 3.20
CA ILE A 92 -4.76 2.40 3.43
C ILE A 92 -3.25 2.52 3.56
N CYS A 93 -2.65 3.38 2.78
CA CYS A 93 -1.18 3.61 2.91
C CYS A 93 -0.98 4.77 3.87
N LYS A 94 -0.42 4.53 5.03
CA LYS A 94 -0.21 5.64 6.00
C LYS A 94 1.26 6.02 6.05
N VAL A 95 1.56 7.28 6.25
CA VAL A 95 2.99 7.71 6.27
C VAL A 95 3.18 8.78 7.36
N GLU A 96 3.82 8.42 8.47
CA GLU A 96 4.01 9.42 9.56
C GLU A 96 5.43 9.45 10.10
N LEU A 97 6.03 10.61 10.15
CA LEU A 97 7.37 10.74 10.74
C LEU A 97 7.14 10.72 12.24
N MET A 98 7.03 9.55 12.80
CA MET A 98 6.70 9.45 14.26
C MET A 98 7.92 9.67 15.16
N TYR A 99 8.99 8.96 14.92
CA TYR A 99 10.21 9.10 15.77
C TYR A 99 10.89 10.50 15.68
N PRO A 100 11.01 11.06 14.50
CA PRO A 100 11.69 12.35 14.36
C PRO A 100 10.73 13.55 14.60
N PRO A 101 10.95 14.31 15.66
CA PRO A 101 10.06 15.50 15.96
C PRO A 101 10.64 16.92 15.29
N PRO A 102 9.84 17.99 14.90
CA PRO A 102 8.51 17.27 15.31
C PRO A 102 7.92 16.30 14.20
N TYR A 103 6.85 15.66 14.53
CA TYR A 103 6.17 14.74 13.56
C TYR A 103 5.18 15.58 12.67
N TYR A 104 5.25 15.47 11.36
CA TYR A 104 4.29 16.20 10.45
C TYR A 104 4.28 15.53 9.06
N LEU A 105 3.20 14.90 8.70
CA LEU A 105 3.13 14.21 7.37
C LEU A 105 1.68 14.06 6.90
N GLY A 106 1.34 12.98 6.23
CA GLY A 106 -0.06 12.79 5.75
C GLY A 106 -0.36 11.29 5.62
N ILE A 107 -1.59 10.96 5.29
CA ILE A 107 -1.98 9.54 5.16
C ILE A 107 -2.56 9.29 3.76
N GLY A 108 -2.70 8.04 3.38
CA GLY A 108 -3.25 7.72 2.04
C GLY A 108 -4.74 7.43 2.14
N ASN A 109 -5.51 7.90 1.20
CA ASN A 109 -6.99 7.68 1.23
C ASN A 109 -7.30 6.17 1.20
N GLY A 110 -6.41 5.39 0.64
CA GLY A 110 -6.64 3.92 0.58
C GLY A 110 -6.89 3.48 -0.87
N THR A 111 -6.26 2.41 -1.27
CA THR A 111 -6.44 1.89 -2.66
C THR A 111 -7.28 0.63 -2.64
N GLN A 112 -8.30 0.57 -3.45
CA GLN A 112 -9.12 -0.67 -3.49
C GLN A 112 -8.36 -1.69 -4.35
N ILE A 113 -8.45 -2.95 -4.03
CA ILE A 113 -7.74 -3.97 -4.87
C ILE A 113 -8.79 -4.89 -5.50
N TYR A 114 -8.73 -5.11 -6.79
CA TYR A 114 -9.73 -5.98 -7.45
C TYR A 114 -9.09 -7.30 -7.92
N VAL A 115 -9.80 -8.38 -7.76
CA VAL A 115 -9.27 -9.69 -8.24
C VAL A 115 -9.85 -9.96 -9.62
N ILE A 116 -9.10 -10.61 -10.46
CA ILE A 116 -9.58 -10.91 -11.83
C ILE A 116 -10.54 -12.10 -11.81
N ASP A 117 -11.67 -11.97 -12.46
CA ASP A 117 -12.67 -13.09 -12.48
C ASP A 117 -12.54 -13.89 -13.80
N PRO A 118 -12.37 -15.18 -13.69
CA PRO A 118 -12.22 -16.03 -14.91
C PRO A 118 -13.56 -16.10 -15.66
N GLU A 119 -13.52 -16.29 -16.96
CA GLU A 119 -14.78 -16.37 -17.75
C GLU A 119 -14.86 -17.73 -18.47
N PRO A 120 -16.07 -18.20 -18.68
CA PRO A 120 -16.25 -19.50 -19.37
C PRO A 120 -15.86 -19.42 -20.85
N CYS A 121 -15.63 -18.24 -21.36
CA CYS A 121 -15.24 -18.10 -22.80
C CYS A 121 -13.71 -18.28 -22.95
N PRO A 122 -13.31 -19.12 -23.89
CA PRO A 122 -11.86 -19.36 -24.10
C PRO A 122 -11.16 -18.10 -24.65
N ASP A 123 -11.92 -17.12 -25.10
CA ASP A 123 -11.29 -15.88 -25.64
C ASP A 123 -10.78 -14.99 -24.50
N SER A 124 -10.03 -13.97 -24.81
CA SER A 124 -9.50 -13.06 -23.74
C SER A 124 -10.63 -12.23 -23.15
N ASP A 125 -10.44 -11.70 -21.97
CA ASP A 125 -11.50 -10.87 -21.33
C ASP A 125 -11.78 -9.62 -22.15
N GLN A 126 -10.75 -9.05 -22.75
CA GLN A 126 -10.94 -7.82 -23.57
C GLN A 126 -10.04 -7.87 -24.81
N GLU A 127 -10.33 -7.07 -25.80
CA GLU A 127 -9.49 -7.07 -27.06
C GLU A 127 -9.40 -8.48 -27.65
N PRO A 128 -10.53 -9.14 -27.82
CA PRO A 128 -10.53 -10.52 -28.39
C PRO A 128 -10.17 -10.47 -29.87
N LYS A 129 -9.69 -11.57 -30.40
CA LYS A 129 -9.31 -11.60 -31.85
C LYS A 129 -10.56 -11.68 -32.73
C1 NAG B . -8.53 10.99 1.89
C2 NAG B . -8.35 11.04 3.41
C3 NAG B . -9.57 11.68 4.07
C4 NAG B . -9.88 13.02 3.42
C5 NAG B . -9.98 12.89 1.91
C6 NAG B . -10.14 14.22 1.22
C7 NAG B . -7.40 9.51 4.98
C8 NAG B . -6.39 8.37 4.90
N2 NAG B . -8.16 9.70 3.93
O3 NAG B . -9.32 11.86 5.46
O4 NAG B . -11.13 13.53 3.94
O5 NAG B . -8.77 12.30 1.38
O6 NAG B . -11.44 14.30 0.58
O7 NAG B . -7.50 10.21 5.96
H1 NAG B . -9.36 10.33 1.60
H2 NAG B . -7.43 11.61 3.63
H3 NAG B . -10.44 11.02 3.95
H4 NAG B . -9.08 13.75 3.66
H5 NAG B . -10.84 12.27 1.62
H61 NAG B . -10.04 15.03 1.97
H62 NAG B . -9.35 14.36 0.47
H81 NAG B . -6.86 7.45 4.52
H82 NAG B . -5.55 8.65 4.25
H83 NAG B . -5.98 8.17 5.91
HN2 NAG B . -8.61 8.95 3.50
HO3 NAG B . -10.15 12.08 5.90
C1 NAG B . -11.09 14.52 4.92
C2 NAG B . -12.31 14.40 5.82
C3 NAG B . -12.23 15.38 6.98
C4 NAG B . -10.90 15.25 7.70
C5 NAG B . -9.75 15.35 6.70
C6 NAG B . -8.39 15.12 7.36
C7 NAG B . -13.70 15.79 4.46
C8 NAG B . -13.57 15.82 2.94
N2 NAG B . -13.52 14.64 5.05
O3 NAG B . -13.29 15.13 7.89
O4 NAG B . -10.77 16.30 8.68
O5 NAG B . -9.89 14.34 5.68
O6 NAG B . -7.35 15.10 6.39
O7 NAG B . -13.94 16.79 5.10
H1 NAG B . -11.05 15.48 4.40
H2 NAG B . -12.36 13.37 6.21
H3 NAG B . -12.33 16.41 6.61
H4 NAG B . -10.84 14.28 8.21
H5 NAG B . -9.68 16.35 6.25
H61 NAG B . -8.41 14.17 7.91
H62 NAG B . -8.21 15.93 8.07
H81 NAG B . -14.42 16.36 2.52
H82 NAG B . -12.65 16.33 2.65
H83 NAG B . -13.56 14.79 2.55
HN2 NAG B . -14.20 13.93 4.97
HO3 NAG B . -13.22 14.23 8.22
HO6 NAG B . -7.19 14.20 6.11
C1 BMA B . -10.62 15.90 10.00
C2 BMA B . -9.15 15.79 10.35
C3 BMA B . -8.98 15.45 11.83
C4 BMA B . -9.76 16.43 12.69
C5 BMA B . -11.21 16.52 12.22
C6 BMA B . -11.99 17.58 12.97
O2 BMA B . -8.50 17.02 10.07
O3 BMA B . -7.60 15.50 12.17
O4 BMA B . -9.73 16.01 14.04
O5 BMA B . -11.26 16.87 10.82
O6 BMA B . -12.31 17.15 14.29
H1 BMA B . -11.16 14.94 10.12
H2 BMA B . -8.69 14.99 9.76
H3 BMA B . -9.37 14.43 12.02
H4 BMA B . -9.30 17.43 12.64
H5 BMA B . -11.74 15.57 12.38
H61 BMA B . -11.39 18.50 13.02
H62 BMA B . -12.92 17.80 12.42
HO2 BMA B . -8.87 17.71 10.63
HO3 BMA B . -7.22 14.62 12.08
HO4 BMA B . -9.87 15.05 14.08
HO6 BMA B . -11.52 17.18 14.83
C1 FUL B . -11.46 13.78 -0.74
C2 FUL B . -12.90 13.59 -1.18
O2 FUL B . -13.59 14.83 -1.22
C3 FUL B . -12.94 12.93 -2.56
O3 FUL B . -14.28 12.65 -2.92
C4 FUL B . -12.12 11.64 -2.55
O4 FUL B . -12.78 10.69 -1.74
C5 FUL B . -10.72 11.89 -2.01
C6 FUL B . -9.95 10.60 -1.83
O5 FUL B . -10.79 12.53 -0.72
H1 FUL B . -11.67 14.81 -0.35
H2 FUL B . -13.46 12.93 -0.50
HO2 FUL B . -13.10 15.45 -1.77
H3 FUL B . -12.55 13.66 -3.29
HO3 FUL B . -14.53 13.21 -3.66
H4 FUL B . -12.06 11.17 -3.54
HO4 FUL B . -13.17 10.00 -2.29
H5 FUL B . -10.08 12.57 -2.59
H61 FUL B . -9.69 10.47 -0.77
H62 FUL B . -10.56 9.75 -2.15
H63 FUL B . -9.03 10.63 -2.44
C1 NAG C . 6.89 -2.34 -6.00
C2 NAG C . 6.45 -2.42 -7.46
C3 NAG C . 6.86 -3.75 -8.08
C4 NAG C . 8.36 -4.00 -7.86
C5 NAG C . 8.72 -3.85 -6.37
C6 NAG C . 10.21 -3.96 -6.11
C7 NAG C . 4.48 -1.23 -8.09
C8 NAG C . 3.43 -1.45 -9.17
N2 NAG C . 5.01 -2.28 -7.54
O3 NAG C . 6.60 -3.72 -9.48
O4 NAG C . 8.71 -5.31 -8.39
O5 NAG C . 8.30 -2.56 -5.89
O6 NAG C . 10.80 -2.64 -6.07
O7 NAG C . 4.82 -0.10 -7.77
H1 NAG C . 6.37 -3.10 -5.38
H2 NAG C . 6.92 -1.57 -7.99
H3 NAG C . 6.29 -4.57 -7.64
H4 NAG C . 9.03 -3.35 -8.36
H5 NAG C . 8.18 -4.54 -5.72
H61 NAG C . 10.34 -4.48 -5.16
H62 NAG C . 10.66 -4.57 -6.91
H81 NAG C . 3.89 -1.40 -10.16
H82 NAG C . 2.97 -2.44 -9.03
H83 NAG C . 2.64 -0.69 -9.09
HN2 NAG C . 4.43 -2.98 -7.17
HO3 NAG C . 6.48 -4.62 -9.79
C1 NAG C . 9.14 -6.34 -7.56
C2 NAG C . 8.28 -7.58 -7.82
C3 NAG C . 8.82 -8.77 -7.04
C4 NAG C . 10.31 -8.96 -7.27
C5 NAG C . 11.07 -7.65 -7.06
C6 NAG C . 12.53 -7.75 -7.42
C7 NAG C . 5.95 -7.42 -8.31
C8 NAG C . 5.37 -8.80 -8.56
N2 NAG C . 6.91 -7.32 -7.43
O3 NAG C . 8.12 -9.95 -7.41
O4 NAG C . 10.82 -9.95 -6.36
O5 NAG C . 10.50 -6.61 -7.87
O6 NAG C . 13.10 -6.46 -7.60
O7 NAG C . 5.52 -6.45 -8.90
H1 NAG C . 9.07 -6.02 -6.56
H2 NAG C . 8.30 -7.79 -8.91
H3 NAG C . 8.64 -8.58 -5.97
H4 NAG C . 10.49 -9.30 -8.31
H5 NAG C . 11.02 -7.33 -6.00
H61 NAG C . 12.63 -8.32 -8.35
H62 NAG C . 13.06 -8.29 -6.63
H81 NAG C . 5.97 -9.56 -8.02
H82 NAG C . 4.33 -8.86 -8.21
H83 NAG C . 5.40 -9.04 -9.64
HN2 NAG C . 6.71 -7.06 -6.51
HO3 NAG C . 8.31 -10.14 -8.34
HO6 NAG C . 13.69 -6.26 -6.86
C1 BMA C . 11.94 -10.65 -6.76
C2 BMA C . 12.93 -10.76 -5.60
C3 BMA C . 14.11 -11.65 -5.97
C4 BMA C . 13.62 -12.99 -6.51
C5 BMA C . 12.62 -12.77 -7.63
C6 BMA C . 12.03 -14.06 -8.17
O2 BMA C . 12.27 -11.30 -4.46
O3 BMA C . 14.92 -11.87 -4.83
O4 BMA C . 14.73 -13.74 -6.99
O5 BMA C . 11.51 -11.96 -7.17
O6 BMA C . 12.80 -14.57 -9.24
H1 BMA C . 12.38 -10.16 -7.64
H2 BMA C . 13.32 -9.77 -5.35
H3 BMA C . 14.71 -11.17 -6.75
H4 BMA C . 13.15 -13.56 -5.70
H5 BMA C . 13.08 -12.32 -8.49
H61 BMA C . 12.05 -14.73 -7.32
H62 BMA C . 11.01 -13.84 -8.49
HO2 BMA C . 12.12 -12.24 -4.59
HO3 BMA C . 14.37 -12.08 -4.07
HO4 BMA C . 15.47 -13.62 -6.41
HO6 BMA C . 13.65 -14.88 -8.90
C1 FUC C . 12.00 -2.58 -6.79
C2 FUC C . 12.62 -1.20 -6.61
C3 FUC C . 12.76 -0.99 -5.11
C4 FUC C . 13.58 -2.11 -4.47
C5 FUC C . 13.09 -3.51 -4.90
C6 FUC C . 14.06 -4.60 -4.54
O2 FUC C . 11.77 -0.21 -7.17
O3 FUC C . 13.41 0.26 -4.87
O4 FUC C . 14.94 -1.97 -4.85
O5 FUC C . 12.93 -3.53 -6.34
H1 FUC C . 11.45 -2.69 -7.74
H2 FUC C . 13.70 -1.08 -6.76
H3 FUC C . 11.74 -0.86 -4.71
H4 FUC C . 13.66 -2.06 -3.37
H5 FUC C . 12.10 -3.81 -4.56
H61 FUC C . 13.68 -5.57 -4.91
H62 FUC C . 14.19 -4.65 -3.45
H63 FUC C . 15.05 -4.40 -5.00
HO2 FUC C . 11.82 -0.27 -8.14
HO3 FUC C . 12.93 0.96 -5.32
HO4 FUC C . 15.50 -2.24 -4.13
N ALA A 1 -0.66 21.65 3.91
CA ALA A 1 -0.06 21.23 2.61
C ALA A 1 -0.36 19.76 2.35
N MET A 2 0.30 18.87 3.06
CA MET A 2 0.07 17.40 2.86
C MET A 2 0.22 17.02 1.38
N HIS A 3 1.44 16.81 0.93
CA HIS A 3 1.65 16.44 -0.49
C HIS A 3 2.11 14.98 -0.60
N VAL A 4 1.48 14.21 -1.45
CA VAL A 4 1.87 12.78 -1.62
C VAL A 4 1.63 12.34 -3.07
N ALA A 5 2.39 11.39 -3.56
CA ALA A 5 2.19 10.94 -4.98
C ALA A 5 2.11 9.41 -5.08
N GLN A 6 1.14 8.93 -5.81
CA GLN A 6 0.97 7.45 -5.97
C GLN A 6 0.35 7.11 -7.34
N PRO A 7 0.69 5.95 -7.87
CA PRO A 7 0.08 5.51 -9.15
C PRO A 7 -1.38 5.16 -8.88
N ALA A 8 -2.26 5.50 -9.78
CA ALA A 8 -3.70 5.20 -9.55
C ALA A 8 -3.95 3.69 -9.57
N VAL A 9 -3.06 2.92 -10.15
CA VAL A 9 -3.29 1.47 -10.16
C VAL A 9 -1.97 0.72 -10.31
N VAL A 10 -2.00 -0.55 -10.06
CA VAL A 10 -0.78 -1.37 -10.22
C VAL A 10 -1.13 -2.70 -10.88
N LEU A 11 -0.19 -3.29 -11.54
CA LEU A 11 -0.44 -4.60 -12.21
C LEU A 11 0.30 -5.71 -11.47
N ALA A 12 -0.38 -6.78 -11.14
CA ALA A 12 0.29 -7.89 -10.40
C ALA A 12 0.64 -9.04 -11.34
N SER A 13 1.84 -9.54 -11.26
CA SER A 13 2.26 -10.67 -12.13
C SER A 13 1.53 -11.94 -11.71
N SER A 14 1.71 -13.02 -12.44
CA SER A 14 1.01 -14.29 -12.07
C SER A 14 1.43 -14.73 -10.66
N ARG A 15 2.66 -14.49 -10.30
CA ARG A 15 3.15 -14.88 -8.95
C ARG A 15 2.33 -14.16 -7.87
N GLY A 16 1.89 -12.96 -8.16
CA GLY A 16 1.09 -12.18 -7.17
C GLY A 16 2.01 -11.16 -6.48
N ILE A 17 2.96 -10.64 -7.20
CA ILE A 17 3.89 -9.64 -6.60
C ILE A 17 3.53 -8.24 -7.13
N ALA A 18 2.86 -7.46 -6.34
CA ALA A 18 2.49 -6.07 -6.76
C ALA A 18 3.35 -5.08 -5.99
N SER A 19 4.08 -4.24 -6.68
CA SER A 19 4.94 -3.25 -5.96
C SER A 19 4.76 -1.84 -6.53
N PHE A 20 4.56 -0.89 -5.66
CA PHE A 20 4.42 0.53 -6.10
C PHE A 20 5.06 1.45 -5.07
N VAL A 21 5.38 2.66 -5.45
CA VAL A 21 6.05 3.58 -4.48
C VAL A 21 5.18 4.81 -4.19
N CYS A 22 4.93 5.06 -2.92
CA CYS A 22 4.12 6.25 -2.53
C CYS A 22 5.06 7.29 -1.90
N GLU A 23 5.36 8.35 -2.61
CA GLU A 23 6.30 9.35 -2.04
C GLU A 23 5.58 10.29 -1.06
N TYR A 24 6.30 10.82 -0.10
CA TYR A 24 5.67 11.72 0.89
C TYR A 24 6.63 12.89 1.18
N ALA A 25 6.22 13.79 2.02
CA ALA A 25 7.10 14.95 2.36
C ALA A 25 7.17 15.14 3.88
N SER A 26 8.36 15.22 4.41
CA SER A 26 8.51 15.41 5.89
C SER A 26 9.66 16.39 6.19
N PRO A 27 9.53 17.14 7.27
CA PRO A 27 10.59 18.12 7.63
C PRO A 27 11.81 17.39 8.19
N GLY A 28 12.99 17.84 7.84
CA GLY A 28 14.24 17.20 8.35
C GLY A 28 14.25 15.71 8.02
N LYS A 29 15.00 14.93 8.77
CA LYS A 29 15.04 13.46 8.52
C LYS A 29 14.82 12.69 9.82
N ALA A 30 14.24 11.51 9.74
CA ALA A 30 13.98 10.71 10.97
C ALA A 30 14.05 9.22 10.64
N THR A 31 14.34 8.39 11.61
CA THR A 31 14.42 6.92 11.35
C THR A 31 13.04 6.31 11.32
N GLU A 32 12.22 6.70 12.25
CA GLU A 32 10.87 6.10 12.36
C GLU A 32 9.89 6.70 11.36
N VAL A 33 9.44 5.89 10.43
CA VAL A 33 8.42 6.37 9.45
C VAL A 33 7.29 5.34 9.46
N ARG A 34 6.34 5.51 10.35
CA ARG A 34 5.22 4.54 10.44
C ARG A 34 4.47 4.44 9.12
N VAL A 35 4.60 3.32 8.44
CA VAL A 35 3.90 3.14 7.15
C VAL A 35 2.83 2.05 7.27
N THR A 36 1.63 2.38 6.88
CA THR A 36 0.52 1.38 6.95
C THR A 36 -0.18 1.31 5.59
N VAL A 37 -0.55 0.12 5.19
CA VAL A 37 -1.25 -0.04 3.88
C VAL A 37 -2.70 -0.43 4.18
N LEU A 38 -3.67 0.13 3.50
CA LEU A 38 -5.09 -0.24 3.82
C LEU A 38 -5.81 -0.79 2.60
N ARG A 39 -6.88 -1.49 2.82
CA ARG A 39 -7.67 -2.04 1.68
C ARG A 39 -9.09 -1.50 1.75
N GLN A 40 -9.52 -0.76 0.75
CA GLN A 40 -10.90 -0.20 0.79
C GLN A 40 -11.86 -1.04 -0.08
N ALA A 41 -13.01 -1.37 0.47
CA ALA A 41 -14.01 -2.17 -0.29
C ALA A 41 -15.36 -1.45 -0.26
N ASP A 42 -16.24 -1.79 -1.16
CA ASP A 42 -17.59 -1.12 -1.18
C ASP A 42 -18.33 -1.33 0.15
N SER A 43 -18.25 -2.51 0.70
CA SER A 43 -18.96 -2.78 1.99
C SER A 43 -18.28 -2.04 3.15
N GLN A 44 -17.00 -2.30 3.37
CA GLN A 44 -16.28 -1.62 4.48
C GLN A 44 -14.77 -1.54 4.18
N VAL A 45 -14.05 -0.79 4.98
CA VAL A 45 -12.58 -0.67 4.76
C VAL A 45 -11.84 -1.22 6.00
N THR A 46 -10.79 -1.97 5.78
CA THR A 46 -10.03 -2.54 6.94
C THR A 46 -8.52 -2.33 6.77
N GLU A 47 -7.78 -2.45 7.85
CA GLU A 47 -6.30 -2.26 7.77
C GLU A 47 -5.63 -3.52 7.22
N VAL A 48 -4.45 -3.39 6.69
CA VAL A 48 -3.75 -4.56 6.11
C VAL A 48 -2.41 -4.81 6.85
N CYS A 49 -1.36 -4.10 6.49
CA CYS A 49 -0.05 -4.30 7.19
C CYS A 49 0.41 -2.99 7.83
N ALA A 50 1.21 -3.04 8.88
CA ALA A 50 1.64 -1.77 9.53
C ALA A 50 2.89 -1.95 10.40
N ALA A 51 3.85 -1.07 10.25
CA ALA A 51 5.11 -1.12 11.06
C ALA A 51 5.93 0.14 10.78
N THR A 52 6.84 0.50 11.66
CA THR A 52 7.66 1.73 11.40
C THR A 52 8.95 1.36 10.70
N TYR A 53 9.08 1.74 9.46
CA TYR A 53 10.33 1.40 8.72
C TYR A 53 11.46 2.28 9.23
N MET A 54 12.54 1.69 9.66
CA MET A 54 13.68 2.51 10.15
C MET A 54 14.55 2.85 8.94
N MET A 55 15.12 4.02 8.91
CA MET A 55 15.97 4.40 7.73
C MET A 55 17.14 3.42 7.57
N GLY A 56 17.58 2.81 8.64
CA GLY A 56 18.72 1.84 8.53
C GLY A 56 18.21 0.40 8.60
N ASN A 57 17.04 0.17 9.15
CA ASN A 57 16.52 -1.23 9.26
C ASN A 57 15.07 -1.32 8.74
N GLU A 58 14.66 -2.50 8.35
CA GLU A 58 13.26 -2.70 7.84
C GLU A 58 12.46 -3.57 8.81
N LEU A 59 11.25 -3.19 9.10
CA LEU A 59 10.41 -3.99 10.06
C LEU A 59 9.48 -4.95 9.32
N THR A 60 8.90 -5.87 10.05
CA THR A 60 7.97 -6.86 9.47
C THR A 60 6.56 -6.63 10.03
N PHE A 61 5.56 -7.11 9.35
CA PHE A 61 4.15 -6.94 9.85
C PHE A 61 3.73 -8.19 10.64
N LEU A 62 3.32 -8.02 11.86
CA LEU A 62 2.96 -9.20 12.72
C LEU A 62 1.82 -10.04 12.13
N ASP A 63 0.77 -9.43 11.64
CA ASP A 63 -0.38 -10.24 11.09
C ASP A 63 -1.00 -9.58 9.87
N ASP A 64 -2.16 -10.05 9.48
CA ASP A 64 -2.87 -9.49 8.29
C ASP A 64 -1.96 -9.56 7.06
N SER A 65 -1.55 -10.74 6.70
CA SER A 65 -0.64 -10.94 5.52
C SER A 65 0.65 -10.13 5.68
N ILE A 66 1.73 -10.80 5.98
CA ILE A 66 3.03 -10.09 6.17
C ILE A 66 3.45 -9.40 4.86
N CYS A 67 3.09 -8.16 4.69
CA CYS A 67 3.47 -7.43 3.45
C CYS A 67 4.98 -7.16 3.46
N THR A 68 5.54 -6.83 2.33
CA THR A 68 7.01 -6.55 2.27
C THR A 68 7.24 -5.33 1.38
N GLY A 69 8.28 -4.56 1.63
CA GLY A 69 8.53 -3.38 0.78
C GLY A 69 9.83 -2.67 1.18
N THR A 70 10.10 -1.56 0.56
CA THR A 70 11.33 -0.78 0.87
C THR A 70 10.96 0.68 1.12
N SER A 71 11.87 1.44 1.67
CA SER A 71 11.60 2.88 1.94
C SER A 71 12.91 3.66 1.92
N SER A 72 13.01 4.66 1.08
CA SER A 72 14.28 5.46 1.02
C SER A 72 13.98 6.91 0.64
N GLY A 73 14.76 7.85 1.13
CA GLY A 73 14.52 9.28 0.80
C GLY A 73 13.07 9.66 1.08
N ASN A 74 12.38 10.19 0.11
CA ASN A 74 10.96 10.57 0.30
C ASN A 74 10.04 9.61 -0.48
N GLN A 75 10.53 8.44 -0.85
CA GLN A 75 9.68 7.48 -1.61
C GLN A 75 9.60 6.13 -0.88
N VAL A 76 8.41 5.69 -0.56
CA VAL A 76 8.27 4.38 0.14
C VAL A 76 7.74 3.33 -0.85
N ASN A 77 8.46 2.25 -1.01
CA ASN A 77 8.01 1.19 -1.97
C ASN A 77 7.31 0.04 -1.25
N LEU A 78 6.03 -0.15 -1.48
CA LEU A 78 5.30 -1.28 -0.82
C LEU A 78 5.13 -2.43 -1.81
N THR A 79 5.48 -3.63 -1.42
CA THR A 79 5.33 -4.80 -2.33
C THR A 79 4.39 -5.84 -1.71
N ILE A 80 3.45 -6.33 -2.47
CA ILE A 80 2.49 -7.34 -1.93
C ILE A 80 2.75 -8.70 -2.57
N GLN A 81 2.86 -9.73 -1.77
CA GLN A 81 3.06 -11.09 -2.33
C GLN A 81 1.96 -12.02 -1.86
N GLY A 82 1.23 -12.59 -2.79
CA GLY A 82 0.12 -13.51 -2.44
C GLY A 82 -1.20 -12.84 -2.80
N LEU A 83 -1.26 -12.26 -3.97
CA LEU A 83 -2.51 -11.56 -4.40
C LEU A 83 -3.56 -12.54 -4.91
N ARG A 84 -4.77 -12.36 -4.47
CA ARG A 84 -5.89 -13.23 -4.91
C ARG A 84 -6.95 -12.35 -5.58
N ALA A 85 -7.90 -12.93 -6.26
CA ALA A 85 -8.96 -12.12 -6.93
C ALA A 85 -9.72 -11.29 -5.88
N MET A 86 -9.97 -11.86 -4.74
CA MET A 86 -10.70 -11.13 -3.66
C MET A 86 -9.85 -10.00 -3.09
N ASP A 87 -8.57 -10.22 -2.93
CA ASP A 87 -7.67 -9.17 -2.36
C ASP A 87 -7.56 -7.96 -3.29
N THR A 88 -7.83 -8.13 -4.56
CA THR A 88 -7.74 -7.00 -5.52
C THR A 88 -8.54 -5.81 -5.02
N GLY A 89 -7.98 -4.63 -5.12
CA GLY A 89 -8.70 -3.42 -4.61
C GLY A 89 -7.73 -2.27 -4.39
N LEU A 90 -8.16 -1.26 -3.67
CA LEU A 90 -7.29 -0.07 -3.42
C LEU A 90 -6.34 -0.27 -2.22
N TYR A 91 -5.09 0.04 -2.42
CA TYR A 91 -4.09 -0.05 -1.32
C TYR A 91 -3.62 1.38 -1.00
N ILE A 92 -3.68 1.76 0.25
CA ILE A 92 -3.31 3.15 0.64
C ILE A 92 -2.01 3.23 1.44
N CYS A 93 -1.10 4.08 1.06
CA CYS A 93 0.13 4.25 1.88
C CYS A 93 -0.24 5.15 3.06
N LYS A 94 0.38 4.95 4.18
CA LYS A 94 0.06 5.77 5.40
C LYS A 94 1.36 6.03 6.14
N VAL A 95 2.07 7.01 5.70
CA VAL A 95 3.39 7.32 6.34
C VAL A 95 3.25 8.37 7.44
N GLU A 96 3.52 7.97 8.66
CA GLU A 96 3.39 8.90 9.81
C GLU A 96 4.62 8.86 10.71
N LEU A 97 5.17 10.00 11.05
CA LEU A 97 6.31 10.02 11.99
C LEU A 97 5.67 9.89 13.37
N MET A 98 5.25 8.70 13.69
CA MET A 98 4.52 8.49 14.97
C MET A 98 5.46 8.38 16.16
N TYR A 99 6.62 7.81 15.98
CA TYR A 99 7.55 7.64 17.16
C TYR A 99 8.12 8.98 17.66
N PRO A 100 8.55 9.85 16.79
CA PRO A 100 9.11 11.15 17.24
C PRO A 100 8.08 12.29 17.38
N PRO A 101 7.73 12.63 18.65
CA PRO A 101 6.79 13.75 18.83
C PRO A 101 7.58 15.18 18.56
N PRO A 102 6.98 16.48 18.14
CA PRO A 102 5.64 15.77 17.82
C PRO A 102 5.51 15.17 16.33
N TYR A 103 4.43 14.45 16.16
CA TYR A 103 4.13 13.78 14.86
C TYR A 103 3.29 14.70 13.93
N TYR A 104 3.70 14.74 12.67
CA TYR A 104 3.02 15.52 11.59
C TYR A 104 3.46 14.98 10.21
N LEU A 105 2.54 14.38 9.48
CA LEU A 105 2.89 13.82 8.12
C LEU A 105 1.63 13.68 7.26
N GLY A 106 1.55 12.68 6.42
CA GLY A 106 0.35 12.56 5.54
C GLY A 106 0.08 11.11 5.10
N ILE A 107 -1.05 10.91 4.49
CA ILE A 107 -1.46 9.57 4.02
C ILE A 107 -1.43 9.53 2.49
N GLY A 108 -1.20 8.37 1.94
CA GLY A 108 -1.17 8.27 0.45
C GLY A 108 -2.59 8.20 -0.08
N ASN A 109 -2.83 8.73 -1.25
CA ASN A 109 -4.21 8.69 -1.82
C ASN A 109 -4.69 7.25 -1.97
N GLY A 110 -3.80 6.36 -2.38
CA GLY A 110 -4.18 4.93 -2.54
C GLY A 110 -4.08 4.49 -4.00
N THR A 111 -3.52 3.32 -4.21
CA THR A 111 -3.37 2.75 -5.58
C THR A 111 -4.12 1.43 -5.66
N GLN A 112 -4.77 1.14 -6.76
CA GLN A 112 -5.48 -0.17 -6.85
C GLN A 112 -4.53 -1.23 -7.41
N ILE A 113 -4.34 -2.31 -6.70
CA ILE A 113 -3.46 -3.38 -7.23
C ILE A 113 -4.34 -4.31 -8.09
N TYR A 114 -3.98 -4.52 -9.33
CA TYR A 114 -4.82 -5.40 -10.20
C TYR A 114 -4.29 -6.83 -10.22
N VAL A 115 -5.18 -7.76 -10.42
CA VAL A 115 -4.78 -9.19 -10.52
C VAL A 115 -5.45 -9.78 -11.75
N ILE A 116 -5.02 -10.94 -12.15
CA ILE A 116 -5.62 -11.58 -13.35
C ILE A 116 -6.64 -12.64 -12.94
N ASP A 117 -7.89 -12.43 -13.26
CA ASP A 117 -8.95 -13.41 -12.89
C ASP A 117 -9.97 -13.57 -14.04
N PRO A 118 -10.23 -14.80 -14.44
CA PRO A 118 -11.21 -15.03 -15.53
C PRO A 118 -12.63 -14.69 -15.05
N GLU A 119 -13.56 -14.53 -15.96
CA GLU A 119 -14.95 -14.17 -15.55
C GLU A 119 -15.70 -15.42 -15.07
N PRO A 120 -16.30 -15.34 -13.89
CA PRO A 120 -17.04 -16.50 -13.35
C PRO A 120 -18.33 -16.76 -14.14
N CYS A 121 -18.77 -15.82 -14.94
CA CYS A 121 -20.03 -16.02 -15.72
C CYS A 121 -19.69 -16.31 -17.20
N PRO A 122 -20.11 -17.47 -17.69
CA PRO A 122 -19.84 -17.83 -19.10
C PRO A 122 -20.67 -16.97 -20.07
N ASP A 123 -21.65 -16.25 -19.58
CA ASP A 123 -22.50 -15.41 -20.49
C ASP A 123 -21.74 -14.16 -20.94
N SER A 124 -22.28 -13.44 -21.88
CA SER A 124 -21.61 -12.20 -22.37
C SER A 124 -22.10 -10.96 -21.61
N ASP A 125 -22.94 -11.13 -20.62
CA ASP A 125 -23.44 -9.95 -19.85
C ASP A 125 -22.29 -9.26 -19.11
N GLN A 126 -22.25 -7.96 -19.15
CA GLN A 126 -21.14 -7.22 -18.46
C GLN A 126 -21.72 -6.33 -17.35
N GLU A 127 -21.02 -6.21 -16.26
CA GLU A 127 -21.51 -5.35 -15.11
C GLU A 127 -22.94 -5.74 -14.71
N PRO A 128 -23.18 -7.02 -14.50
CA PRO A 128 -24.54 -7.48 -14.11
C PRO A 128 -24.86 -7.02 -12.69
N LYS A 129 -26.12 -6.81 -12.40
CA LYS A 129 -26.52 -6.36 -11.04
C LYS A 129 -28.03 -6.53 -10.84
C1 NAG B . -7.65 9.42 -2.58
C2 NAG B . -8.04 9.63 -1.12
C3 NAG B . -9.36 8.94 -0.82
C4 NAG B . -10.43 9.36 -1.82
C5 NAG B . -9.92 9.18 -3.25
C6 NAG B . -10.91 9.71 -4.28
C7 NAG B . -6.72 9.67 0.89
C8 NAG B . -5.63 9.05 1.75
N2 NAG B . -7.00 9.09 -0.25
O3 NAG B . -9.79 9.30 0.49
O4 NAG B . -11.61 8.57 -1.63
O5 NAG B . -8.69 9.88 -3.44
O6 NAG B . -10.69 11.12 -4.47
O7 NAG B . -7.31 10.67 1.24
H1 NAG B . -7.46 8.36 -2.81
H2 NAG B . -8.10 10.71 -0.93
H3 NAG B . -9.23 7.86 -0.88
H4 NAG B . -10.69 10.42 -1.68
H5 NAG B . -9.77 8.11 -3.47
H61 NAG B . -10.75 9.17 -5.23
H62 NAG B . -11.92 9.52 -3.92
H81 NAG B . -4.64 9.39 1.45
H82 NAG B . -5.75 9.31 2.82
H83 NAG B . -5.65 7.95 1.68
HN2 NAG B . -6.51 8.28 -0.52
HO3 NAG B . -9.77 8.51 1.05
C1 NAG B . -12.70 9.20 -1.04
C2 NAG B . -13.72 8.15 -0.60
C3 NAG B . -14.86 8.82 0.16
C4 NAG B . -14.33 9.70 1.28
C5 NAG B . -13.28 10.67 0.74
C6 NAG B . -12.64 11.50 1.83
C7 NAG B . -14.91 8.09 -2.67
C8 NAG B . -14.17 8.47 -3.94
N2 NAG B . -14.23 7.45 -1.76
O3 NAG B . -15.71 7.82 0.71
O4 NAG B . -15.42 10.45 1.87
O5 NAG B . -12.23 9.96 0.08
O6 NAG B . -11.77 12.48 1.30
O7 NAG B . -16.08 8.37 -2.52
H1 NAG B . -13.12 9.89 -1.79
H2 NAG B . -13.21 7.43 0.04
H3 NAG B . -15.46 9.43 -0.52
H4 NAG B . -13.87 9.08 2.06
H5 NAG B . -13.73 11.40 0.04
H61 NAG B . -12.09 10.82 2.50
H62 NAG B . -13.43 11.98 2.42
H81 NAG B . -13.93 9.55 -3.92
H82 NAG B . -13.23 7.90 -4.01
H83 NAG B . -14.78 8.25 -4.83
HN2 NAG B . -14.07 6.48 -1.85
HO3 NAG B . -15.94 7.17 0.03
HO6 NAG B . -12.22 12.94 0.58
C1 BMA B . -15.76 10.12 3.17
C2 BMA B . -15.16 11.15 4.12
C3 BMA B . -15.61 10.86 5.55
C4 BMA B . -17.13 10.75 5.62
C5 BMA B . -17.63 9.75 4.58
C6 BMA B . -19.15 9.70 4.53
O2 BMA B . -15.59 12.45 3.74
O3 BMA B . -15.17 11.91 6.40
O4 BMA B . -17.52 10.33 6.92
O5 BMA B . -17.18 10.11 3.27
O6 BMA B . -19.68 10.85 3.92
H1 BMA B . -15.38 9.10 3.38
H2 BMA B . -14.06 11.09 4.09
H3 BMA B . -15.18 9.92 5.89
H4 BMA B . -17.59 11.73 5.43
H5 BMA B . -17.29 8.73 4.83
H61 BMA B . -19.45 8.80 3.96
H62 BMA B . -19.54 9.59 5.55
HO2 BMA B . -14.81 13.00 3.60
HO3 BMA B . -14.24 12.08 6.25
HO4 BMA B . -16.99 9.57 7.17
HO6 BMA B . -19.33 11.64 4.37
C1 FUL B . -11.08 11.59 -5.73
C2 FUL B . -12.59 11.45 -5.86
O2 FUL B . -12.97 10.08 -5.92
C3 FUL B . -13.20 12.15 -4.65
O3 FUL B . -14.61 12.11 -4.75
C4 FUL B . -12.73 13.60 -4.57
O4 FUL B . -13.38 14.35 -5.59
C5 FUL B . -11.20 13.74 -4.76
C6 FUL B . -10.77 15.17 -5.02
O5 FUL B . -10.76 12.96 -5.88
H1 FUL B . -10.48 10.85 -6.28
H2 FUL B . -13.14 12.14 -6.52
HO2 FUL B . -13.92 10.03 -6.07
H3 FUL B . -12.95 11.51 -3.78
HO3 FUL B . -14.99 11.83 -3.90
H4 FUL B . -13.07 14.15 -3.68
HO4 FUL B . -14.19 14.71 -5.24
H5 FUL B . -10.57 13.33 -3.95
H61 FUL B . -10.69 15.34 -6.10
H62 FUL B . -11.51 15.86 -4.60
H63 FUL B . -9.80 15.36 -4.55
C1 NAG C . 10.54 -1.46 -5.10
C2 NAG C . 10.46 -1.76 -6.59
C3 NAG C . 11.24 -3.02 -6.91
C4 NAG C . 12.67 -2.89 -6.40
C5 NAG C . 12.67 -2.52 -4.90
C6 NAG C . 14.08 -2.23 -4.39
C7 NAG C . 8.63 -1.34 -8.07
C8 NAG C . 7.38 -0.49 -7.93
N2 NAG C . 9.08 -1.93 -6.98
O3 NAG C . 11.28 -3.21 -8.33
O4 NAG C . 13.40 -4.11 -6.64
O5 NAG C . 11.91 -1.32 -4.69
O6 NAG C . 14.53 -0.99 -4.94
O7 NAG C . 9.19 -1.48 -9.13
H1 NAG C . 10.04 -2.26 -4.51
H2 NAG C . 10.86 -0.89 -7.14
H3 NAG C . 10.73 -3.88 -6.47
H4 NAG C . 13.27 -2.20 -6.87
H5 NAG C . 12.17 -3.25 -4.27
H61 NAG C . 14.06 -2.20 -3.29
H62 NAG C . 14.74 -3.06 -4.71
H81 NAG C . 6.92 -0.65 -6.95
H82 NAG C . 7.63 0.57 -8.04
H83 NAG C . 6.65 -0.76 -8.71
HN2 NAG C . 8.48 -2.47 -6.44
HO3 NAG C . 11.80 -2.51 -8.74
C1 NAG C . 13.28 -5.16 -5.75
C2 NAG C . 12.79 -6.41 -6.49
C3 NAG C . 12.79 -7.62 -5.55
C4 NAG C . 14.14 -7.76 -4.86
C5 NAG C . 14.53 -6.45 -4.19
C6 NAG C . 15.92 -6.51 -3.57
C7 NAG C . 11.17 -6.48 -8.24
C8 NAG C . 9.72 -6.74 -8.59
N2 NAG C . 11.45 -6.20 -7.00
O3 NAG C . 12.51 -8.80 -6.30
O4 NAG C . 14.06 -8.80 -3.86
O5 NAG C . 14.56 -5.39 -5.16
O6 NAG C . 15.89 -7.17 -2.32
O7 NAG C . 12.05 -6.55 -9.09
H1 NAG C . 12.56 -4.87 -5.03
H2 NAG C . 13.48 -6.63 -7.32
H3 NAG C . 12.00 -7.49 -4.80
H4 NAG C . 14.91 -8.04 -5.58
H5 NAG C . 13.85 -6.19 -3.37
H61 NAG C . 16.30 -5.49 -3.45
H62 NAG C . 16.59 -7.04 -4.26
H81 NAG C . 9.24 -5.80 -8.94
H82 NAG C . 9.64 -7.49 -9.38
H83 NAG C . 9.17 -7.08 -7.70
HN2 NAG C . 10.74 -5.85 -6.41
HO3 NAG C . 12.26 -9.50 -5.70
HO6 NAG C . 16.30 -6.60 -1.65
C1 BMA C . 15.20 -9.58 -3.72
C2 BMA C . 15.19 -10.27 -2.36
C3 BMA C . 16.38 -11.21 -2.23
C4 BMA C . 16.43 -12.17 -3.42
C5 BMA C . 16.37 -11.40 -4.73
C6 BMA C . 16.30 -12.31 -5.93
O2 BMA C . 13.98 -11.01 -2.22
O3 BMA C . 16.27 -11.96 -1.02
O4 BMA C . 17.63 -12.93 -3.36
O5 BMA C . 15.20 -10.55 -4.77
O6 BMA C . 15.17 -13.17 -5.87
H1 BMA C . 16.08 -8.93 -3.85
H2 BMA C . 15.25 -9.51 -1.57
H3 BMA C . 17.31 -10.63 -2.22
H4 BMA C . 15.59 -12.87 -3.36
H5 BMA C . 17.27 -10.77 -4.86
H61 BMA C . 16.25 -11.70 -6.85
H62 BMA C . 17.22 -12.91 -5.98
HO2 BMA C . 13.54 -10.74 -1.40
HO3 BMA C . 17.04 -11.78 -0.47
HO4 BMA C . 17.49 -13.72 -2.86
HO6 BMA C . 14.82 -13.31 -6.75
C1 FUC C . 15.93 -0.94 -5.11
C2 FUC C . 16.30 0.40 -5.71
C3 FUC C . 15.69 1.47 -4.81
C4 FUC C . 16.18 1.29 -3.36
C5 FUC C . 16.06 -0.16 -2.87
C6 FUC C . 16.83 -0.39 -1.59
O2 FUC C . 15.77 0.50 -7.03
O3 FUC C . 16.07 2.76 -5.28
O4 FUC C . 17.54 1.69 -3.28
O5 FUC C . 16.59 -1.05 -3.86
H1 FUC C . 15.90 -1.76 -5.83
H2 FUC C . 17.31 0.79 -5.55
H3 FUC C . 14.60 1.42 -4.95
H4 FUC C . 15.72 2.00 -2.65
H5 FUC C . 15.04 -0.55 -2.74
H61 FUC C . 17.27 0.55 -1.24
H62 FUC C . 16.17 -0.80 -0.80
H63 FUC C . 17.64 -1.12 -1.77
HO2 FUC C . 15.84 -0.35 -7.46
HO3 FUC C . 15.44 3.05 -5.95
HO4 FUC C . 17.63 2.60 -3.58
N ALA A 1 1.51 16.59 2.97
CA ALA A 1 0.73 17.87 2.89
C ALA A 1 1.06 18.61 1.59
N MET A 2 2.24 18.40 1.06
CA MET A 2 2.62 19.09 -0.21
C MET A 2 2.16 18.29 -1.43
N HIS A 3 2.88 17.27 -1.81
CA HIS A 3 2.48 16.45 -2.99
C HIS A 3 2.31 14.98 -2.62
N VAL A 4 1.13 14.44 -2.80
CA VAL A 4 0.89 12.99 -2.46
C VAL A 4 0.23 12.31 -3.66
N ALA A 5 0.80 11.23 -4.13
CA ALA A 5 0.21 10.52 -5.32
C ALA A 5 -0.11 9.06 -4.96
N GLN A 6 -1.25 8.57 -5.38
CA GLN A 6 -1.62 7.16 -5.07
C GLN A 6 -2.53 6.57 -6.17
N PRO A 7 -2.35 5.29 -6.45
CA PRO A 7 -3.20 4.63 -7.47
C PRO A 7 -4.62 4.46 -6.92
N ALA A 8 -5.61 4.52 -7.78
CA ALA A 8 -7.01 4.34 -7.30
C ALA A 8 -7.33 2.86 -7.22
N VAL A 9 -6.67 2.05 -8.01
CA VAL A 9 -6.94 0.60 -7.94
C VAL A 9 -5.70 -0.16 -8.40
N VAL A 10 -5.57 -1.37 -7.97
CA VAL A 10 -4.39 -2.17 -8.39
C VAL A 10 -4.82 -3.60 -8.72
N LEU A 11 -4.10 -4.23 -9.60
CA LEU A 11 -4.42 -5.63 -9.98
C LEU A 11 -3.40 -6.56 -9.33
N ALA A 12 -3.86 -7.55 -8.60
CA ALA A 12 -2.90 -8.47 -7.92
C ALA A 12 -2.15 -9.32 -8.95
N SER A 13 -0.97 -9.78 -8.60
CA SER A 13 -0.17 -10.61 -9.54
C SER A 13 -0.36 -12.10 -9.22
N SER A 14 0.27 -12.97 -9.95
CA SER A 14 0.13 -14.44 -9.70
C SER A 14 0.44 -14.75 -8.22
N ARG A 15 -0.01 -15.90 -7.75
CA ARG A 15 0.23 -16.30 -6.32
C ARG A 15 -0.37 -15.28 -5.35
N GLY A 16 -1.27 -14.45 -5.80
CA GLY A 16 -1.90 -13.44 -4.89
C GLY A 16 -0.88 -12.37 -4.46
N ILE A 17 -0.02 -11.94 -5.34
CA ILE A 17 0.97 -10.87 -4.97
C ILE A 17 0.45 -9.52 -5.49
N ALA A 18 -0.13 -8.73 -4.62
CA ALA A 18 -0.63 -7.39 -5.05
C ALA A 18 0.33 -6.32 -4.53
N SER A 19 0.84 -5.50 -5.40
CA SER A 19 1.80 -4.45 -4.95
C SER A 19 1.49 -3.10 -5.60
N PHE A 20 1.79 -2.04 -4.90
CA PHE A 20 1.55 -0.67 -5.44
C PHE A 20 2.47 0.32 -4.73
N VAL A 21 2.64 1.49 -5.28
CA VAL A 21 3.55 2.48 -4.64
C VAL A 21 2.84 3.81 -4.36
N CYS A 22 2.66 4.14 -3.11
CA CYS A 22 2.00 5.42 -2.74
C CYS A 22 3.11 6.42 -2.36
N GLU A 23 3.34 7.42 -3.17
CA GLU A 23 4.43 8.39 -2.85
C GLU A 23 3.99 9.43 -1.81
N TYR A 24 4.93 10.11 -1.23
CA TYR A 24 4.61 11.14 -0.21
C TYR A 24 5.63 12.28 -0.31
N ALA A 25 5.47 13.29 0.50
CA ALA A 25 6.41 14.46 0.44
C ALA A 25 7.04 14.70 1.82
N SER A 26 8.34 14.85 1.86
CA SER A 26 9.03 15.12 3.15
C SER A 26 10.19 16.10 2.94
N PRO A 27 10.63 16.73 4.01
CA PRO A 27 11.74 17.71 3.91
C PRO A 27 13.08 17.02 3.60
N GLY A 28 13.13 15.71 3.67
CA GLY A 28 14.41 14.99 3.38
C GLY A 28 15.05 14.58 4.71
N LYS A 29 16.15 13.88 4.65
CA LYS A 29 16.85 13.43 5.90
C LYS A 29 15.84 12.69 6.81
N ALA A 30 16.08 12.65 8.11
CA ALA A 30 15.14 11.95 9.05
C ALA A 30 15.06 10.47 8.69
N THR A 31 15.47 9.59 9.59
CA THR A 31 15.41 8.13 9.29
C THR A 31 14.00 7.60 9.49
N GLU A 32 13.31 8.12 10.46
CA GLU A 32 11.96 7.57 10.77
C GLU A 32 10.88 8.10 9.82
N VAL A 33 10.24 7.19 9.15
CA VAL A 33 9.12 7.54 8.25
C VAL A 33 7.97 6.58 8.57
N ARG A 34 7.22 6.89 9.58
CA ARG A 34 6.13 5.97 10.01
C ARG A 34 5.12 5.74 8.89
N VAL A 35 5.04 4.51 8.41
CA VAL A 35 4.06 4.19 7.35
C VAL A 35 2.99 3.26 7.95
N THR A 36 1.81 3.29 7.41
CA THR A 36 0.72 2.41 7.93
C THR A 36 -0.22 1.99 6.81
N VAL A 37 -0.65 0.75 6.83
CA VAL A 37 -1.58 0.26 5.78
C VAL A 37 -2.92 -0.10 6.44
N LEU A 38 -4.05 0.35 5.90
CA LEU A 38 -5.35 0.00 6.58
C LEU A 38 -6.28 -0.75 5.64
N ARG A 39 -7.24 -1.44 6.20
CA ARG A 39 -8.25 -2.16 5.38
C ARG A 39 -9.62 -1.56 5.66
N GLN A 40 -10.36 -1.21 4.65
CA GLN A 40 -11.71 -0.60 4.89
C GLN A 40 -12.82 -1.60 4.65
N ALA A 41 -13.82 -1.57 5.49
CA ALA A 41 -14.98 -2.50 5.35
C ALA A 41 -16.27 -1.69 5.50
N ASP A 42 -17.35 -2.17 4.94
CA ASP A 42 -18.64 -1.42 5.05
C ASP A 42 -19.05 -1.26 6.51
N SER A 43 -18.93 -2.30 7.30
CA SER A 43 -19.32 -2.20 8.73
C SER A 43 -18.31 -1.34 9.51
N GLN A 44 -17.04 -1.53 9.29
CA GLN A 44 -16.02 -0.74 10.03
C GLN A 44 -14.65 -0.84 9.35
N VAL A 45 -13.72 0.00 9.75
CA VAL A 45 -12.34 -0.04 9.16
C VAL A 45 -11.34 -0.35 10.28
N THR A 46 -10.38 -1.21 10.02
CA THR A 46 -9.38 -1.56 11.08
C THR A 46 -7.95 -1.44 10.55
N GLU A 47 -6.98 -1.49 11.44
CA GLU A 47 -5.56 -1.39 11.01
C GLU A 47 -5.06 -2.73 10.48
N VAL A 48 -4.07 -2.70 9.62
CA VAL A 48 -3.53 -3.97 9.05
C VAL A 48 -2.06 -4.15 9.43
N CYS A 49 -1.17 -3.41 8.80
CA CYS A 49 0.28 -3.55 9.13
C CYS A 49 0.91 -2.18 9.37
N ALA A 50 2.10 -2.13 9.94
CA ALA A 50 2.74 -0.80 10.21
C ALA A 50 4.20 -0.95 10.64
N ALA A 51 5.01 0.02 10.30
CA ALA A 51 6.46 -0.01 10.69
C ALA A 51 7.12 1.32 10.27
N THR A 52 7.99 1.85 11.08
CA THR A 52 8.64 3.15 10.69
C THR A 52 9.85 2.87 9.82
N TYR A 53 9.74 3.12 8.55
CA TYR A 53 10.88 2.85 7.63
C TYR A 53 12.10 3.67 8.03
N MET A 54 13.23 3.04 8.20
CA MET A 54 14.46 3.78 8.55
C MET A 54 15.23 4.06 7.25
N MET A 55 15.71 5.26 7.06
CA MET A 55 16.45 5.56 5.79
C MET A 55 17.65 4.62 5.61
N GLY A 56 18.11 4.01 6.67
CA GLY A 56 19.28 3.08 6.55
C GLY A 56 18.90 1.64 6.93
N ASN A 57 17.75 1.43 7.53
CA ASN A 57 17.36 0.04 7.92
C ASN A 57 15.93 -0.29 7.45
N GLU A 58 15.62 -1.57 7.36
CA GLU A 58 14.26 -1.98 6.90
C GLU A 58 13.47 -2.58 8.08
N LEU A 59 12.24 -2.16 8.27
CA LEU A 59 11.43 -2.68 9.40
C LEU A 59 10.55 -3.85 8.94
N THR A 60 10.21 -4.72 9.85
CA THR A 60 9.38 -5.90 9.51
C THR A 60 7.92 -5.69 9.92
N PHE A 61 7.01 -6.13 9.09
CA PHE A 61 5.55 -6.02 9.40
C PHE A 61 5.05 -7.37 9.93
N LEU A 62 5.92 -8.11 10.59
CA LEU A 62 5.54 -9.46 11.11
C LEU A 62 4.38 -9.36 12.10
N ASP A 63 4.33 -8.32 12.89
CA ASP A 63 3.21 -8.18 13.89
C ASP A 63 1.84 -8.34 13.22
N ASP A 64 1.79 -8.05 11.96
CA ASP A 64 0.52 -8.17 11.19
C ASP A 64 0.62 -9.27 10.12
N SER A 65 1.64 -10.07 10.18
CA SER A 65 1.84 -11.18 9.19
C SER A 65 1.92 -10.67 7.74
N ILE A 66 2.84 -11.20 6.98
CA ILE A 66 3.00 -10.79 5.54
C ILE A 66 3.28 -9.26 5.45
N CYS A 67 2.61 -8.51 4.60
CA CYS A 67 2.88 -7.03 4.48
C CYS A 67 4.37 -6.76 4.27
N THR A 68 4.90 -7.14 3.14
CA THR A 68 6.34 -6.89 2.85
C THR A 68 6.48 -6.30 1.45
N GLY A 69 7.49 -5.49 1.23
CA GLY A 69 7.67 -4.88 -0.12
C GLY A 69 8.89 -3.96 -0.12
N THR A 70 8.78 -2.83 -0.77
CA THR A 70 9.92 -1.88 -0.83
C THR A 70 9.48 -0.48 -0.43
N SER A 71 10.42 0.38 -0.15
CA SER A 71 10.10 1.79 0.24
C SER A 71 11.39 2.61 0.18
N SER A 72 11.43 3.65 -0.64
CA SER A 72 12.69 4.46 -0.72
C SER A 72 12.38 5.85 -1.27
N GLY A 73 13.21 6.82 -0.92
CA GLY A 73 12.99 8.22 -1.41
C GLY A 73 11.60 8.70 -0.99
N ASN A 74 10.81 9.11 -1.94
CA ASN A 74 9.44 9.58 -1.62
C ASN A 74 8.38 8.58 -2.11
N GLN A 75 8.77 7.38 -2.48
CA GLN A 75 7.78 6.38 -2.96
C GLN A 75 7.82 5.12 -2.10
N VAL A 76 6.72 4.76 -1.49
CA VAL A 76 6.71 3.54 -0.64
C VAL A 76 5.94 2.41 -1.36
N ASN A 77 6.56 1.29 -1.56
CA ASN A 77 5.89 0.16 -2.26
C ASN A 77 5.46 -0.94 -1.27
N LEU A 78 4.18 -1.13 -1.10
CA LEU A 78 3.68 -2.19 -0.17
C LEU A 78 3.14 -3.37 -1.00
N THR A 79 3.57 -4.58 -0.71
CA THR A 79 3.07 -5.76 -1.50
C THR A 79 2.46 -6.82 -0.57
N ILE A 80 1.35 -7.38 -0.96
CA ILE A 80 0.68 -8.41 -0.12
C ILE A 80 0.76 -9.78 -0.80
N GLN A 81 1.00 -10.82 -0.05
CA GLN A 81 1.05 -12.18 -0.65
C GLN A 81 -0.01 -13.07 0.00
N GLY A 82 -0.91 -13.57 -0.79
CA GLY A 82 -1.98 -14.47 -0.27
C GLY A 82 -3.32 -13.73 -0.27
N LEU A 83 -3.70 -13.16 -1.38
CA LEU A 83 -5.00 -12.42 -1.45
C LEU A 83 -6.10 -13.28 -2.09
N ARG A 84 -7.23 -13.36 -1.43
CA ARG A 84 -8.38 -14.14 -1.98
C ARG A 84 -9.43 -13.17 -2.52
N ALA A 85 -10.52 -13.69 -3.04
CA ALA A 85 -11.59 -12.79 -3.58
C ALA A 85 -12.12 -11.90 -2.46
N MET A 86 -12.39 -12.48 -1.33
CA MET A 86 -12.90 -11.70 -0.17
C MET A 86 -11.89 -10.64 0.26
N ASP A 87 -10.62 -10.96 0.25
CA ASP A 87 -9.58 -9.97 0.66
C ASP A 87 -9.64 -8.71 -0.20
N THR A 88 -10.13 -8.81 -1.42
CA THR A 88 -10.23 -7.63 -2.31
C THR A 88 -10.92 -6.47 -1.59
N GLY A 89 -10.43 -5.28 -1.80
CA GLY A 89 -11.04 -4.11 -1.10
C GLY A 89 -10.07 -2.92 -1.09
N LEU A 90 -10.31 -1.97 -0.23
CA LEU A 90 -9.43 -0.76 -0.16
C LEU A 90 -8.24 -0.96 0.79
N TYR A 91 -7.10 -0.46 0.38
CA TYR A 91 -5.88 -0.50 1.24
C TYR A 91 -5.34 0.93 1.31
N ILE A 92 -5.09 1.44 2.48
CA ILE A 92 -4.62 2.86 2.60
C ILE A 92 -3.11 2.94 2.83
N CYS A 93 -2.44 3.74 2.06
CA CYS A 93 -0.98 3.94 2.27
C CYS A 93 -0.83 5.12 3.21
N LYS A 94 -0.12 4.97 4.30
CA LYS A 94 0.04 6.12 5.25
C LYS A 94 1.49 6.55 5.34
N VAL A 95 1.75 7.82 5.51
CA VAL A 95 3.16 8.29 5.59
C VAL A 95 3.28 9.42 6.62
N GLU A 96 3.83 9.12 7.77
CA GLU A 96 3.96 10.19 8.81
C GLU A 96 5.35 10.20 9.43
N LEU A 97 5.86 11.36 9.65
CA LEU A 97 7.18 11.49 10.33
C LEU A 97 6.82 11.63 11.81
N MET A 98 6.55 10.53 12.46
CA MET A 98 6.07 10.61 13.86
C MET A 98 7.22 10.82 14.86
N TYR A 99 8.39 10.31 14.57
CA TYR A 99 9.53 10.47 15.51
C TYR A 99 10.12 11.93 15.48
N PRO A 100 10.40 12.46 14.28
CA PRO A 100 11.00 13.84 14.12
C PRO A 100 10.03 14.98 14.36
N PRO A 101 10.32 15.83 15.34
CA PRO A 101 9.46 16.96 15.53
C PRO A 101 9.84 18.18 14.46
N PRO A 102 8.81 19.01 13.99
CA PRO A 102 7.78 18.52 14.98
C PRO A 102 6.61 17.82 14.18
N TYR A 103 6.91 16.84 13.44
CA TYR A 103 5.93 15.96 12.74
C TYR A 103 4.97 16.75 11.85
N TYR A 104 4.98 16.48 10.56
CA TYR A 104 4.09 17.21 9.55
C TYR A 104 4.08 16.42 8.23
N LEU A 105 3.02 15.72 7.91
CA LEU A 105 2.99 14.94 6.62
C LEU A 105 1.53 14.64 6.19
N GLY A 106 1.30 13.53 5.51
CA GLY A 106 -0.10 13.23 5.06
C GLY A 106 -0.28 11.73 4.84
N ILE A 107 -1.49 11.33 4.56
CA ILE A 107 -1.79 9.90 4.34
C ILE A 107 -2.36 9.72 2.93
N GLY A 108 -2.37 8.50 2.45
CA GLY A 108 -2.93 8.22 1.10
C GLY A 108 -4.39 7.81 1.26
N ASN A 109 -5.25 8.26 0.38
CA ASN A 109 -6.69 7.91 0.50
C ASN A 109 -6.88 6.39 0.44
N GLY A 110 -6.13 5.71 -0.39
CA GLY A 110 -6.25 4.24 -0.47
C GLY A 110 -6.43 3.74 -1.91
N THR A 111 -5.92 2.57 -2.18
CA THR A 111 -6.07 1.95 -3.52
C THR A 111 -6.85 0.66 -3.38
N GLN A 112 -7.74 0.36 -4.30
CA GLN A 112 -8.47 -0.93 -4.18
C GLN A 112 -7.68 -2.01 -4.91
N ILE A 113 -7.45 -3.13 -4.27
CA ILE A 113 -6.69 -4.21 -4.95
C ILE A 113 -7.69 -5.18 -5.58
N TYR A 114 -7.49 -5.53 -6.83
CA TYR A 114 -8.43 -6.46 -7.54
C TYR A 114 -7.81 -7.84 -7.72
N VAL A 115 -8.63 -8.87 -7.74
CA VAL A 115 -8.11 -10.23 -7.97
C VAL A 115 -7.95 -10.45 -9.48
N ILE A 116 -7.29 -11.50 -9.87
CA ILE A 116 -7.08 -11.76 -11.31
C ILE A 116 -8.03 -12.85 -11.83
N ASP A 117 -8.54 -12.66 -13.02
CA ASP A 117 -9.47 -13.65 -13.63
C ASP A 117 -8.84 -14.21 -14.91
N PRO A 118 -9.07 -15.47 -15.20
CA PRO A 118 -8.49 -16.08 -16.42
C PRO A 118 -9.02 -15.37 -17.66
N GLU A 119 -8.24 -15.32 -18.71
CA GLU A 119 -8.69 -14.62 -19.96
C GLU A 119 -9.87 -15.33 -20.61
N PRO A 120 -10.80 -14.56 -21.16
CA PRO A 120 -11.99 -15.16 -21.83
C PRO A 120 -11.62 -15.68 -23.23
N CYS A 121 -10.37 -15.56 -23.65
CA CYS A 121 -9.93 -16.04 -25.02
C CYS A 121 -10.40 -15.04 -26.09
N PRO A 122 -9.97 -15.26 -27.32
CA PRO A 122 -10.34 -14.33 -28.43
C PRO A 122 -11.83 -14.44 -28.80
N ASP A 123 -12.53 -15.41 -28.27
CA ASP A 123 -13.98 -15.54 -28.61
C ASP A 123 -14.79 -14.34 -28.09
N SER A 124 -14.21 -13.53 -27.22
CA SER A 124 -14.94 -12.35 -26.68
C SER A 124 -14.28 -11.05 -27.15
N ASP A 125 -15.02 -9.98 -27.21
CA ASP A 125 -14.45 -8.67 -27.67
C ASP A 125 -13.46 -8.13 -26.63
N GLN A 126 -12.37 -7.57 -27.08
CA GLN A 126 -11.35 -7.01 -26.14
C GLN A 126 -11.20 -5.51 -26.36
N GLU A 127 -10.85 -4.77 -25.33
CA GLU A 127 -10.67 -3.28 -25.48
C GLU A 127 -11.93 -2.64 -26.10
N PRO A 128 -13.08 -2.94 -25.54
CA PRO A 128 -14.35 -2.37 -26.08
C PRO A 128 -14.41 -0.86 -25.83
N LYS A 129 -13.65 -0.37 -24.89
CA LYS A 129 -13.67 1.11 -24.60
C LYS A 129 -13.03 1.88 -25.75
C1 NAG B . -10.24 8.42 1.61
C2 NAG B . -9.78 8.35 3.07
C3 NAG B . -10.85 7.69 3.92
C4 NAG B . -12.21 8.34 3.72
C5 NAG B . -12.54 8.42 2.22
C6 NAG B . -13.82 9.19 1.97
C7 NAG B . -7.81 7.66 4.25
C8 NAG B . -6.58 8.57 4.23
N2 NAG B . -8.54 7.61 3.16
O3 NAG B . -10.49 7.80 5.30
O4 NAG B . -13.22 7.57 4.39
O5 NAG B . -11.50 9.09 1.50
O6 NAG B . -14.86 8.30 1.50
O7 NAG B . -8.10 7.02 5.23
H1 NAG B . -10.34 7.41 1.16
H2 NAG B . -9.57 9.38 3.41
H3 NAG B . -10.92 6.63 3.66
H4 NAG B . -12.20 9.36 4.12
H5 NAG B . -12.68 7.41 1.80
H61 NAG B . -14.13 9.67 2.91
H62 NAG B . -13.61 9.99 1.24
H81 NAG B . -6.86 9.60 4.47
H82 NAG B . -5.83 8.24 4.98
H83 NAG B . -6.09 8.53 3.24
HN2 NAG B . -8.25 7.04 2.42
HO3 NAG B . -11.19 7.43 5.84
C1 NAG B . -13.91 8.21 5.40
C2 NAG B . -14.64 7.17 6.26
C3 NAG B . -15.33 7.83 7.44
C4 NAG B . -14.33 8.69 8.22
C5 NAG B . -13.61 9.66 7.27
C6 NAG B . -12.53 10.45 7.98
C7 NAG B . -16.60 7.14 4.87
C8 NAG B . -16.56 7.27 3.36
N2 NAG B . -15.63 6.47 5.44
O3 NAG B . -15.86 6.83 8.30
O4 NAG B . -15.03 9.44 9.24
O5 NAG B . -12.98 8.93 6.21
O6 NAG B . -11.67 11.09 7.05
O7 NAG B . -17.50 7.63 5.53
H1 NAG B . -14.61 8.92 4.93
H2 NAG B . -13.92 6.42 6.60
H3 NAG B . -16.15 8.47 7.10
H4 NAG B . -13.59 8.05 8.71
H5 NAG B . -14.31 10.40 6.86
H61 NAG B . -11.95 9.76 8.62
H62 NAG B . -13.01 11.19 8.64
H81 NAG B . -17.45 6.82 2.92
H82 NAG B . -16.51 8.33 3.08
H83 NAG B . -15.67 6.76 2.97
HN2 NAG B . -15.57 5.50 5.33
HO3 NAG B . -15.14 6.36 8.72
HO6 NAG B . -11.15 10.43 6.59
C1 BMA B . -14.86 9.00 10.54
C2 BMA B . -13.93 9.97 11.28
C3 BMA B . -13.82 9.58 12.75
C4 BMA B . -15.21 9.45 13.36
C5 BMA B . -16.08 8.52 12.53
C6 BMA B . -17.50 8.46 13.04
O2 BMA B . -14.43 11.29 11.18
O3 BMA B . -13.07 10.56 13.45
O4 BMA B . -15.09 8.93 14.68
O5 BMA B . -16.14 8.98 11.17
O6 BMA B . -17.73 7.28 13.81
H1 BMA B . -14.47 7.98 10.52
H2 BMA B . -12.92 9.91 10.83
H3 BMA B . -13.32 8.61 12.83
H4 BMA B . -15.67 10.44 13.43
H5 BMA B . -15.69 7.49 12.55
H61 BMA B . -17.70 9.34 13.66
H62 BMA B . -18.19 8.49 12.18
HO2 BMA B . -15.33 11.32 11.51
HO3 BMA B . -13.55 11.39 13.43
HO4 BMA B . -15.97 8.77 15.04
HO6 BMA B . -17.87 6.54 13.21
C1 FUL B . -15.34 8.63 0.23
C2 FUL B . -16.16 7.46 -0.32
O2 FUL B . -17.30 7.22 0.50
C3 FUL B . -16.62 7.75 -1.75
O3 FUL B . -17.28 6.62 -2.27
C4 FUL B . -15.41 8.10 -2.62
O4 FUL B . -14.60 6.94 -2.78
C5 FUL B . -14.58 9.21 -1.98
C6 FUL B . -13.30 9.46 -2.73
O5 FUL B . -14.23 8.85 -0.64
H1 FUL B . -15.87 8.59 1.19
H2 FUL B . -15.58 6.52 -0.35
HO2 FUL B . -17.81 8.03 0.59
H3 FUL B . -17.35 8.57 -1.71
HO3 FUL B . -18.15 6.87 -2.60
H4 FUL B . -15.69 8.38 -3.64
HO4 FUL B . -14.36 6.59 -1.92
H5 FUL B . -15.07 10.18 -1.86
H61 FUL B . -12.72 8.52 -2.81
H62 FUL B . -13.51 9.82 -3.74
H63 FUL B . -12.69 10.20 -2.20
C1 NAG C . 7.11 -2.71 -6.01
C2 NAG C . 6.37 -2.81 -7.34
C3 NAG C . 6.71 -4.11 -8.05
C4 NAG C . 8.22 -4.27 -8.15
C5 NAG C . 8.87 -4.12 -6.78
C6 NAG C . 10.39 -4.17 -6.83
C7 NAG C . 4.13 -2.57 -8.14
C8 NAG C . 3.71 -1.15 -8.48
N2 NAG C . 4.94 -2.74 -7.13
O3 NAG C . 6.14 -4.11 -9.35
O4 NAG C . 8.54 -5.54 -8.78
O5 NAG C . 8.51 -2.85 -6.20
O6 NAG C . 10.93 -2.84 -6.91
O7 NAG C . 3.72 -3.52 -8.78
H1 NAG C . 6.78 -3.50 -5.31
H2 NAG C . 6.64 -1.94 -7.95
H3 NAG C . 6.30 -4.97 -7.50
H4 NAG C . 8.74 -3.60 -8.78
H5 NAG C . 8.52 -4.84 -6.03
H61 NAG C . 10.74 -4.69 -5.93
H62 NAG C . 10.68 -4.76 -7.71
H81 NAG C . 3.89 -0.95 -9.54
H82 NAG C . 2.65 -1.01 -8.26
H83 NAG C . 4.29 -0.43 -7.88
HN2 NAG C . 4.57 -2.81 -6.22
HO3 NAG C . 5.90 -5.01 -9.60
C1 NAG C . 9.08 -6.60 -8.05
C2 NAG C . 8.15 -7.80 -8.16
C3 NAG C . 8.80 -9.04 -7.53
C4 NAG C . 10.22 -9.26 -8.05
C5 NAG C . 11.02 -7.97 -7.93
C6 NAG C . 12.40 -8.10 -8.54
C7 NAG C . 6.66 -7.72 -6.27
C8 NAG C . 7.07 -6.62 -5.29
N2 NAG C . 6.87 -7.52 -7.55
O3 NAG C . 8.01 -10.20 -7.82
O4 NAG C . 10.85 -10.30 -7.30
O5 NAG C . 10.36 -6.89 -8.61
O6 NAG C . 12.33 -8.46 -9.91
O7 NAG C . 6.15 -8.76 -5.87
H1 NAG C . 9.23 -6.30 -7.05
H2 NAG C . 7.95 -7.98 -9.23
H3 NAG C . 8.86 -8.90 -6.44
H4 NAG C . 10.18 -9.55 -9.11
H5 NAG C . 11.19 -7.70 -6.88
H61 NAG C . 12.97 -8.86 -7.98
H62 NAG C . 12.93 -7.14 -8.43
H81 NAG C . 6.73 -5.65 -5.66
H82 NAG C . 6.63 -6.81 -4.31
H83 NAG C . 8.17 -6.62 -5.19
HN2 NAG C . 6.15 -7.15 -8.10
HO3 NAG C . 7.77 -10.19 -8.74
HO6 NAG C . 12.67 -9.35 -10.02
C1 BMA C . 10.64 -11.60 -7.75
C2 BMA C . 11.90 -12.43 -7.50
C3 BMA C . 11.65 -13.88 -7.88
C4 BMA C . 10.40 -14.41 -7.18
C5 BMA C . 9.21 -13.48 -7.44
C6 BMA C . 7.98 -13.90 -6.67
O2 BMA C . 12.25 -12.35 -6.12
O3 BMA C . 12.77 -14.68 -7.50
O4 BMA C . 10.09 -15.70 -7.67
O5 BMA C . 9.54 -12.13 -7.03
O6 BMA C . 8.16 -13.71 -5.27
H1 BMA C . 10.38 -11.55 -8.82
H2 BMA C . 12.71 -12.05 -8.12
H3 BMA C . 11.50 -13.96 -8.97
H4 BMA C . 10.58 -14.49 -6.11
H5 BMA C . 8.94 -13.47 -8.51
H61 BMA C . 7.13 -13.30 -7.02
H62 BMA C . 7.77 -14.95 -6.88
HO2 BMA C . 11.49 -12.59 -5.58
HO3 BMA C . 13.58 -14.25 -7.82
HO4 BMA C . 10.48 -16.37 -7.09
HO6 BMA C . 7.42 -13.22 -4.91
C1 FUC C . 12.05 -2.76 -7.74
C2 FUC C . 12.58 -1.33 -7.72
C3 FUC C . 12.84 -0.98 -6.25
C4 FUC C . 13.78 -2.00 -5.61
C5 FUC C . 13.36 -3.47 -5.89
C6 FUC C . 14.44 -4.46 -5.54
O2 FUC C . 11.63 -0.44 -8.28
O3 FUC C . 13.41 0.30 -6.17
O4 FUC C . 15.09 -1.81 -6.12
O5 FUC C . 13.08 -3.62 -7.29
H1 FUC C . 11.43 -2.98 -8.63
H2 FUC C . 13.64 -1.16 -7.97
H3 FUC C . 11.85 -0.90 -5.77
H4 FUC C . 13.96 -1.85 -4.54
H5 FUC C . 12.42 -3.79 -5.43
H61 FUC C . 14.67 -4.39 -4.47
H62 FUC C . 15.35 -4.25 -6.11
H63 FUC C . 14.08 -5.48 -5.77
HO2 FUC C . 10.85 -0.43 -7.73
HO3 FUC C . 13.28 0.67 -5.29
HO4 FUC C . 15.54 -1.14 -5.59
N ALA A 1 -4.21 19.26 -3.97
CA ALA A 1 -3.13 18.23 -3.95
C ALA A 1 -1.94 18.72 -3.13
N MET A 2 -1.62 18.05 -2.05
CA MET A 2 -0.46 18.46 -1.20
C MET A 2 0.84 17.96 -1.83
N HIS A 3 1.84 17.65 -1.03
CA HIS A 3 3.14 17.16 -1.59
C HIS A 3 3.19 15.64 -1.55
N VAL A 4 2.06 15.01 -1.67
CA VAL A 4 2.02 13.52 -1.65
C VAL A 4 1.28 13.01 -2.89
N ALA A 5 1.86 12.08 -3.61
CA ALA A 5 1.20 11.57 -4.85
C ALA A 5 0.64 10.16 -4.60
N GLN A 6 -0.59 9.93 -4.98
CA GLN A 6 -1.20 8.58 -4.76
C GLN A 6 -1.97 8.12 -6.02
N PRO A 7 -1.74 6.89 -6.44
CA PRO A 7 -2.46 6.35 -7.62
C PRO A 7 -3.92 6.09 -7.27
N ALA A 8 -4.83 6.39 -8.15
CA ALA A 8 -6.27 6.14 -7.84
C ALA A 8 -6.55 4.65 -7.91
N VAL A 9 -5.86 3.94 -8.76
CA VAL A 9 -6.09 2.49 -8.85
C VAL A 9 -4.83 1.76 -9.28
N VAL A 10 -4.77 0.51 -8.96
CA VAL A 10 -3.59 -0.31 -9.35
C VAL A 10 -4.04 -1.70 -9.81
N LEU A 11 -3.45 -2.17 -10.88
CA LEU A 11 -3.80 -3.51 -11.41
C LEU A 11 -2.78 -4.55 -10.92
N ALA A 12 -3.24 -5.60 -10.29
CA ALA A 12 -2.31 -6.65 -9.79
C ALA A 12 -2.01 -7.67 -10.89
N SER A 13 -0.85 -8.27 -10.86
CA SER A 13 -0.48 -9.28 -11.90
C SER A 13 -1.21 -10.61 -11.66
N SER A 14 -1.10 -11.53 -12.58
CA SER A 14 -1.79 -12.85 -12.40
C SER A 14 -1.27 -13.54 -11.13
N ARG A 15 -0.05 -13.27 -10.75
CA ARG A 15 0.52 -13.89 -9.52
C ARG A 15 -0.32 -13.49 -8.30
N GLY A 16 -0.96 -12.35 -8.37
CA GLY A 16 -1.79 -11.87 -7.22
C GLY A 16 -0.97 -10.87 -6.40
N ILE A 17 0.01 -10.25 -6.99
CA ILE A 17 0.82 -9.25 -6.28
C ILE A 17 0.55 -7.85 -6.81
N ALA A 18 -0.10 -7.05 -6.02
CA ALA A 18 -0.38 -5.65 -6.43
C ALA A 18 0.64 -4.73 -5.77
N SER A 19 1.42 -4.04 -6.55
CA SER A 19 2.44 -3.14 -5.97
C SER A 19 2.28 -1.71 -6.50
N PHE A 20 2.46 -0.75 -5.64
CA PHE A 20 2.31 0.67 -6.06
C PHE A 20 3.23 1.56 -5.22
N VAL A 21 3.45 2.77 -5.64
CA VAL A 21 4.35 3.67 -4.87
C VAL A 21 3.62 4.96 -4.48
N CYS A 22 3.42 5.16 -3.20
CA CYS A 22 2.77 6.42 -2.72
C CYS A 22 3.88 7.33 -2.24
N GLU A 23 4.18 8.37 -2.97
CA GLU A 23 5.31 9.24 -2.57
C GLU A 23 4.89 10.23 -1.48
N TYR A 24 5.87 10.82 -0.86
CA TYR A 24 5.60 11.79 0.23
C TYR A 24 6.71 12.85 0.27
N ALA A 25 6.61 13.78 1.17
CA ALA A 25 7.66 14.83 1.30
C ALA A 25 8.13 14.93 2.75
N SER A 26 9.43 14.89 2.97
CA SER A 26 9.95 14.96 4.37
C SER A 26 10.73 16.27 4.59
N PRO A 27 10.71 16.74 5.82
CA PRO A 27 11.41 18.00 6.17
C PRO A 27 12.94 17.82 6.10
N GLY A 28 13.41 16.60 6.16
CA GLY A 28 14.89 16.37 6.10
C GLY A 28 15.19 14.87 5.98
N LYS A 29 16.42 14.48 6.20
CA LYS A 29 16.78 13.04 6.10
C LYS A 29 16.69 12.35 7.46
N ALA A 30 15.97 11.27 7.53
CA ALA A 30 15.83 10.53 8.82
C ALA A 30 15.61 9.04 8.55
N THR A 31 15.97 8.17 9.46
CA THR A 31 15.78 6.71 9.22
C THR A 31 14.34 6.31 9.47
N GLU A 32 13.74 6.89 10.47
CA GLU A 32 12.36 6.48 10.84
C GLU A 32 11.30 7.11 9.93
N VAL A 33 10.65 6.29 9.14
CA VAL A 33 9.55 6.78 8.27
C VAL A 33 8.37 5.83 8.45
N ARG A 34 7.61 6.04 9.49
CA ARG A 34 6.45 5.14 9.79
C ARG A 34 5.46 5.12 8.64
N VAL A 35 5.22 3.96 8.08
CA VAL A 35 4.23 3.85 6.99
C VAL A 35 3.18 2.81 7.37
N THR A 36 1.94 3.15 7.20
CA THR A 36 0.84 2.21 7.56
C THR A 36 -0.10 2.00 6.37
N VAL A 37 -0.40 0.77 6.05
CA VAL A 37 -1.32 0.50 4.92
C VAL A 37 -2.69 0.09 5.50
N LEU A 38 -3.79 0.55 4.94
CA LEU A 38 -5.11 0.16 5.51
C LEU A 38 -6.03 -0.48 4.47
N ARG A 39 -7.06 -1.13 4.93
CA ARG A 39 -8.04 -1.77 4.00
C ARG A 39 -9.40 -1.10 4.18
N GLN A 40 -9.69 -0.09 3.41
CA GLN A 40 -11.01 0.60 3.55
C GLN A 40 -12.02 0.00 2.58
N ALA A 41 -13.23 -0.15 3.04
CA ALA A 41 -14.29 -0.72 2.18
C ALA A 41 -15.65 -0.16 2.61
N ASP A 42 -16.60 -0.12 1.71
CA ASP A 42 -17.95 0.42 2.09
C ASP A 42 -18.56 -0.39 3.23
N SER A 43 -18.43 -1.71 3.16
CA SER A 43 -19.01 -2.55 4.24
C SER A 43 -18.20 -2.39 5.55
N GLN A 44 -16.90 -2.38 5.47
CA GLN A 44 -16.06 -2.23 6.71
C GLN A 44 -14.67 -1.68 6.37
N VAL A 45 -13.99 -1.14 7.35
CA VAL A 45 -12.61 -0.61 7.12
C VAL A 45 -11.68 -1.17 8.20
N THR A 46 -10.54 -1.70 7.81
CA THR A 46 -9.60 -2.28 8.82
C THR A 46 -8.14 -1.94 8.47
N GLU A 47 -7.24 -2.14 9.41
CA GLU A 47 -5.80 -1.85 9.15
C GLU A 47 -5.16 -3.02 8.40
N VAL A 48 -4.05 -2.78 7.76
CA VAL A 48 -3.37 -3.86 6.98
C VAL A 48 -1.93 -4.06 7.47
N CYS A 49 -0.98 -3.30 6.94
CA CYS A 49 0.45 -3.46 7.37
C CYS A 49 0.95 -2.16 8.01
N ALA A 50 1.92 -2.25 8.90
CA ALA A 50 2.43 -1.01 9.56
C ALA A 50 3.75 -1.24 10.34
N ALA A 51 4.75 -0.43 10.08
CA ALA A 51 6.05 -0.54 10.80
C ALA A 51 6.93 0.66 10.42
N THR A 52 7.95 0.97 11.19
CA THR A 52 8.80 2.14 10.83
C THR A 52 9.84 1.72 9.80
N TYR A 53 9.83 2.32 8.64
CA TYR A 53 10.82 1.95 7.61
C TYR A 53 12.15 2.61 7.93
N MET A 54 13.12 1.84 8.34
CA MET A 54 14.45 2.43 8.65
C MET A 54 15.24 2.53 7.34
N MET A 55 15.95 3.60 7.11
CA MET A 55 16.71 3.73 5.84
C MET A 55 17.71 2.57 5.68
N GLY A 56 18.06 1.91 6.77
CA GLY A 56 19.03 0.78 6.68
C GLY A 56 18.27 -0.55 6.56
N ASN A 57 18.01 -1.20 7.67
CA ASN A 57 17.29 -2.51 7.64
C ASN A 57 15.78 -2.28 7.51
N GLU A 58 15.05 -3.31 7.15
CA GLU A 58 13.57 -3.15 6.99
C GLU A 58 12.82 -3.90 8.09
N LEU A 59 11.90 -3.25 8.75
CA LEU A 59 11.12 -3.92 9.84
C LEU A 59 10.07 -4.86 9.25
N THR A 60 9.48 -5.67 10.08
CA THR A 60 8.44 -6.61 9.60
C THR A 60 7.05 -6.01 9.82
N PHE A 61 6.04 -6.54 9.19
CA PHE A 61 4.67 -5.99 9.38
C PHE A 61 3.77 -7.05 10.02
N LEU A 62 3.67 -7.01 11.33
CA LEU A 62 2.80 -8.00 12.05
C LEU A 62 1.32 -7.74 11.76
N ASP A 63 0.98 -6.50 11.49
CA ASP A 63 -0.46 -6.16 11.23
C ASP A 63 -0.99 -6.91 10.01
N ASP A 64 -0.22 -6.98 8.99
CA ASP A 64 -0.65 -7.67 7.75
C ASP A 64 -0.09 -9.08 7.64
N SER A 65 0.48 -9.59 8.71
CA SER A 65 1.07 -10.97 8.70
C SER A 65 2.23 -11.07 7.68
N ILE A 66 1.94 -10.98 6.42
CA ILE A 66 3.02 -11.09 5.39
C ILE A 66 2.92 -9.96 4.34
N CYS A 67 3.28 -8.76 4.70
CA CYS A 67 3.24 -7.63 3.71
C CYS A 67 4.66 -7.17 3.42
N THR A 68 4.87 -6.52 2.29
CA THR A 68 6.24 -6.06 1.95
C THR A 68 6.20 -4.58 1.53
N GLY A 69 7.25 -3.85 1.76
CA GLY A 69 7.25 -2.41 1.38
C GLY A 69 8.69 -1.90 1.19
N THR A 70 8.86 -0.95 0.31
CA THR A 70 10.21 -0.36 0.07
C THR A 70 10.10 1.17 0.13
N SER A 71 11.19 1.83 0.35
CA SER A 71 11.16 3.32 0.41
C SER A 71 12.46 3.91 -0.15
N SER A 72 12.40 4.51 -1.32
CA SER A 72 13.63 5.11 -1.91
C SER A 72 13.41 6.61 -2.12
N GLY A 73 14.26 7.42 -1.57
CA GLY A 73 14.10 8.90 -1.73
C GLY A 73 12.75 9.32 -1.14
N ASN A 74 11.90 9.90 -1.94
CA ASN A 74 10.55 10.32 -1.44
C ASN A 74 9.45 9.39 -1.98
N GLN A 75 9.82 8.20 -2.43
CA GLN A 75 8.79 7.27 -2.98
C GLN A 75 8.70 6.00 -2.15
N VAL A 76 7.54 5.69 -1.58
CA VAL A 76 7.43 4.43 -0.78
C VAL A 76 6.65 3.38 -1.60
N ASN A 77 7.24 2.23 -1.80
CA ASN A 77 6.56 1.17 -2.61
C ASN A 77 5.99 0.06 -1.71
N LEU A 78 4.68 0.00 -1.57
CA LEU A 78 4.04 -1.07 -0.74
C LEU A 78 3.40 -2.12 -1.66
N THR A 79 3.52 -3.39 -1.32
CA THR A 79 2.93 -4.45 -2.19
C THR A 79 2.31 -5.56 -1.37
N ILE A 80 1.31 -6.23 -1.92
CA ILE A 80 0.63 -7.34 -1.21
C ILE A 80 0.76 -8.63 -2.02
N GLN A 81 0.98 -9.75 -1.37
CA GLN A 81 1.06 -11.03 -2.12
C GLN A 81 -0.08 -11.95 -1.68
N GLY A 82 -0.89 -12.35 -2.61
CA GLY A 82 -2.03 -13.25 -2.28
C GLY A 82 -3.34 -12.46 -2.37
N LEU A 83 -3.57 -11.80 -3.47
CA LEU A 83 -4.83 -10.99 -3.62
C LEU A 83 -5.88 -11.78 -4.40
N ARG A 84 -6.99 -12.07 -3.76
CA ARG A 84 -8.09 -12.80 -4.44
C ARG A 84 -9.18 -11.80 -4.82
N ALA A 85 -10.25 -12.24 -5.44
CA ALA A 85 -11.35 -11.30 -5.82
C ALA A 85 -11.89 -10.61 -4.56
N MET A 86 -12.08 -11.36 -3.51
CA MET A 86 -12.59 -10.77 -2.24
C MET A 86 -11.61 -9.73 -1.69
N ASP A 87 -10.34 -9.99 -1.81
CA ASP A 87 -9.31 -9.04 -1.29
C ASP A 87 -9.31 -7.73 -2.10
N THR A 88 -9.73 -7.79 -3.34
CA THR A 88 -9.76 -6.57 -4.19
C THR A 88 -10.50 -5.44 -3.48
N GLY A 89 -9.95 -4.27 -3.50
CA GLY A 89 -10.60 -3.11 -2.81
C GLY A 89 -9.67 -1.91 -2.77
N LEU A 90 -9.80 -1.08 -1.76
CA LEU A 90 -8.94 0.13 -1.66
C LEU A 90 -7.88 -0.01 -0.55
N TYR A 91 -6.66 0.35 -0.86
CA TYR A 91 -5.57 0.31 0.15
C TYR A 91 -5.07 1.73 0.40
N ILE A 92 -4.69 2.05 1.60
CA ILE A 92 -4.25 3.45 1.90
C ILE A 92 -2.76 3.52 2.22
N CYS A 93 -2.05 4.40 1.58
CA CYS A 93 -0.61 4.57 1.90
C CYS A 93 -0.49 5.66 2.95
N LYS A 94 0.13 5.38 4.06
CA LYS A 94 0.26 6.39 5.15
C LYS A 94 1.74 6.67 5.38
N VAL A 95 2.11 7.91 5.57
CA VAL A 95 3.56 8.24 5.77
C VAL A 95 3.70 9.23 6.93
N GLU A 96 4.30 8.80 8.02
CA GLU A 96 4.45 9.73 9.19
C GLU A 96 5.82 9.62 9.86
N LEU A 97 6.52 10.71 9.96
CA LEU A 97 7.81 10.70 10.69
C LEU A 97 7.42 10.69 12.15
N MET A 98 7.11 9.52 12.64
CA MET A 98 6.62 9.41 14.05
C MET A 98 7.75 9.48 15.09
N TYR A 99 8.75 8.66 14.93
CA TYR A 99 9.88 8.66 15.91
C TYR A 99 10.73 9.95 15.83
N PRO A 100 10.98 10.49 14.67
CA PRO A 100 11.78 11.73 14.57
C PRO A 100 10.95 13.00 14.81
N PRO A 101 11.22 13.66 15.91
CA PRO A 101 10.52 14.94 16.16
C PRO A 101 11.22 16.24 15.39
N PRO A 102 10.56 17.39 14.96
CA PRO A 102 9.17 16.86 15.21
C PRO A 102 8.44 16.08 14.07
N TYR A 103 7.31 15.59 14.48
CA TYR A 103 6.48 14.83 13.51
C TYR A 103 5.66 15.83 12.62
N TYR A 104 5.79 15.66 11.31
CA TYR A 104 5.01 16.51 10.35
C TYR A 104 4.94 15.85 8.96
N LEU A 105 3.83 15.31 8.57
CA LEU A 105 3.75 14.69 7.22
C LEU A 105 2.31 14.61 6.74
N GLY A 106 1.94 13.57 6.03
CA GLY A 106 0.53 13.48 5.55
C GLY A 106 0.19 12.04 5.12
N ILE A 107 -1.05 11.81 4.78
CA ILE A 107 -1.48 10.45 4.38
C ILE A 107 -2.12 10.50 2.98
N GLY A 108 -2.36 9.36 2.38
CA GLY A 108 -3.02 9.32 1.05
C GLY A 108 -4.40 8.70 1.23
N ASN A 109 -5.39 9.14 0.49
CA ASN A 109 -6.75 8.54 0.68
C ASN A 109 -6.72 7.04 0.36
N GLY A 110 -5.99 6.63 -0.64
CA GLY A 110 -5.92 5.18 -0.95
C GLY A 110 -5.96 4.92 -2.46
N THR A 111 -5.57 3.74 -2.83
CA THR A 111 -5.59 3.32 -4.26
C THR A 111 -6.43 2.06 -4.39
N GLN A 112 -7.31 2.00 -5.35
CA GLN A 112 -8.10 0.74 -5.52
C GLN A 112 -7.17 -0.28 -6.17
N ILE A 113 -7.22 -1.53 -5.76
CA ILE A 113 -6.32 -2.53 -6.39
C ILE A 113 -7.19 -3.58 -7.11
N TYR A 114 -6.96 -3.79 -8.38
CA TYR A 114 -7.76 -4.81 -9.14
C TYR A 114 -6.91 -6.05 -9.37
N VAL A 115 -7.48 -7.22 -9.26
CA VAL A 115 -6.69 -8.46 -9.50
C VAL A 115 -7.15 -9.13 -10.79
N ILE A 116 -6.29 -9.90 -11.36
CA ILE A 116 -6.60 -10.61 -12.62
C ILE A 116 -6.90 -12.08 -12.35
N ASP A 117 -7.88 -12.63 -13.02
CA ASP A 117 -8.23 -14.07 -12.82
C ASP A 117 -7.99 -14.86 -14.12
N PRO A 118 -6.85 -15.50 -14.22
CA PRO A 118 -6.54 -16.29 -15.45
C PRO A 118 -7.42 -17.53 -15.53
N GLU A 119 -7.77 -17.95 -16.72
CA GLU A 119 -8.62 -19.15 -16.89
C GLU A 119 -8.00 -20.10 -17.93
N PRO A 120 -8.32 -21.38 -17.82
CA PRO A 120 -7.76 -22.37 -18.77
C PRO A 120 -8.30 -22.15 -20.19
N CYS A 121 -9.40 -21.46 -20.32
CA CYS A 121 -9.97 -21.19 -21.67
C CYS A 121 -9.28 -19.97 -22.32
N PRO A 122 -9.14 -20.00 -23.62
CA PRO A 122 -8.48 -18.87 -24.33
C PRO A 122 -9.35 -17.60 -24.25
N ASP A 123 -10.63 -17.76 -24.03
CA ASP A 123 -11.52 -16.56 -23.94
C ASP A 123 -12.72 -16.85 -23.04
N SER A 124 -13.24 -15.85 -22.38
CA SER A 124 -14.41 -16.07 -21.48
C SER A 124 -15.24 -14.79 -21.37
N ASP A 125 -16.50 -14.91 -21.00
CA ASP A 125 -17.36 -13.70 -20.87
C ASP A 125 -18.27 -13.85 -19.63
N GLN A 126 -17.76 -13.51 -18.47
CA GLN A 126 -18.58 -13.63 -17.23
C GLN A 126 -18.37 -12.40 -16.33
N GLU A 127 -19.40 -11.96 -15.66
CA GLU A 127 -19.28 -10.77 -14.76
C GLU A 127 -18.64 -9.57 -15.50
N PRO A 128 -19.16 -9.25 -16.67
CA PRO A 128 -18.60 -8.12 -17.45
C PRO A 128 -18.93 -6.78 -16.77
N LYS A 129 -18.08 -5.81 -16.93
CA LYS A 129 -18.32 -4.48 -16.28
C LYS A 129 -19.07 -3.56 -17.25
C1 NAG B . -9.82 9.80 1.75
C2 NAG B . -9.83 9.42 3.22
C3 NAG B . -11.06 8.59 3.57
C4 NAG B . -12.33 9.27 3.08
C5 NAG B . -12.20 9.67 1.61
C6 NAG B . -13.39 10.48 1.12
C7 NAG B . -7.90 8.97 4.60
C8 NAG B . -6.39 9.03 4.42
N2 NAG B . -8.62 8.66 3.54
O3 NAG B . -11.13 8.40 4.98
O4 NAG B . -13.43 8.35 3.22
O5 NAG B . -11.02 10.50 1.41
O6 NAG B . -13.68 11.54 2.06
O7 NAG B . -8.43 9.19 5.66
H1 NAG B . -9.78 8.94 1.06
H2 NAG B . -9.74 10.37 3.79
H3 NAG B . -10.97 7.61 3.07
H4 NAG B . -12.52 10.17 3.68
H5 NAG B . -12.13 8.80 0.95
H61 NAG B . -13.16 10.89 0.12
H62 NAG B . -14.25 9.79 1.03
H81 NAG B . -5.90 9.44 5.32
H82 NAG B . -5.98 8.01 4.26
H83 NAG B . -6.12 9.65 3.56
HN2 NAG B . -8.36 7.91 2.96
HO3 NAG B . -11.16 9.26 5.41
C1 NAG B . -14.52 8.80 3.97
C2 NAG B . -15.46 7.63 4.24
C3 NAG B . -16.59 8.06 5.15
C4 NAG B . -16.04 8.73 6.41
C5 NAG B . -15.06 9.83 6.05
C6 NAG B . -14.39 10.43 7.27
C7 NAG B . -15.24 6.51 2.14
C8 NAG B . -14.91 7.22 0.83
N2 NAG B . -16.00 7.15 2.98
O3 NAG B . -17.38 6.93 5.52
O4 NAG B . -17.13 9.28 7.18
O5 NAG B . -14.01 9.32 5.21
O6 NAG B . -13.12 10.98 6.94
O7 NAG B . -14.80 5.41 2.39
H1 NAG B . -15.00 9.61 3.40
H2 NAG B . -14.90 6.81 4.69
H3 NAG B . -17.24 8.78 4.62
H4 NAG B . -15.52 7.98 7.04
H5 NAG B . -15.56 10.66 5.53
H61 NAG B . -14.29 9.65 8.03
H62 NAG B . -15.04 11.21 7.68
H81 NAG B . -15.42 8.19 0.79
H82 NAG B . -13.82 7.38 0.75
H83 NAG B . -15.24 6.61 -0.02
HN2 NAG B . -16.95 7.29 2.76
HO3 NAG B . -17.60 6.43 4.73
HO6 NAG B . -12.63 11.14 7.75
C1 BMA B . -17.55 8.53 8.26
C2 BMA B . -17.13 9.21 9.56
C3 BMA B . -17.68 8.45 10.77
C4 BMA B . -19.19 8.27 10.62
C5 BMA B . -19.52 7.64 9.27
C6 BMA B . -21.01 7.55 9.04
O2 BMA B . -17.59 10.54 9.57
O3 BMA B . -17.40 9.19 11.95
O4 BMA B . -19.67 7.44 11.68
O5 BMA B . -18.98 8.43 8.20
O6 BMA B . -21.62 6.63 9.94
H1 BMA B . -17.13 7.50 8.18
H2 BMA B . -16.03 9.19 9.63
H3 BMA B . -17.23 7.46 10.82
H4 BMA B . -19.69 9.24 10.71
H5 BMA B . -19.13 6.62 9.22
H61 BMA B . -21.46 8.54 9.17
H62 BMA B . -21.20 7.23 8.01
HO2 BMA B . -16.86 11.14 9.38
HO3 BMA B . -17.97 9.95 12.01
HO4 BMA B . -20.54 7.74 11.93
HO6 BMA B . -21.72 5.78 9.51
C1 FUL B . -14.67 12.42 1.57
C2 FUL B . -15.99 11.67 1.44
O2 FUL B . -16.43 11.22 2.72
C3 FUL B . -17.05 12.57 0.83
O3 FUL B . -18.25 11.83 0.61
C4 FUL B . -16.54 13.13 -0.51
O4 FUL B . -16.44 12.07 -1.45
C5 FUL B . -15.18 13.79 -0.34
C6 FUL B . -14.58 14.20 -1.66
O5 FUL B . -14.26 12.86 0.29
H1 FUL B . -14.43 12.03 2.57
H2 FUL B . -15.92 10.80 0.77
HO2 FUL B . -16.83 10.35 2.63
H3 FUL B . -17.29 13.36 1.54
HO3 FUL B . -18.41 11.28 1.37
H4 FUL B . -17.25 13.84 -0.96
HO4 FUL B . -17.32 11.74 -1.66
H5 FUL B . -15.13 14.67 0.32
H61 FUL B . -15.31 14.04 -2.47
H62 FUL B . -14.30 15.26 -1.62
H63 FUL B . -13.68 13.59 -1.86
C1 NAG C . 8.51 -2.03 -5.44
C2 NAG C . 8.41 -2.70 -6.80
C3 NAG C . 9.01 -4.09 -6.75
C4 NAG C . 10.43 -4.04 -6.20
C5 NAG C . 10.48 -3.27 -4.87
C6 NAG C . 11.91 -3.03 -4.40
C7 NAG C . 6.72 -3.13 -8.42
C8 NAG C . 6.49 -2.02 -9.45
N2 NAG C . 7.02 -2.77 -7.21
O3 NAG C . 9.03 -4.65 -8.06
O4 NAG C . 10.94 -5.40 -6.07
O5 NAG C . 9.88 -1.96 -5.03
O6 NAG C . 12.59 -2.15 -5.32
O7 NAG C . 6.62 -4.31 -8.73
H1 NAG C . 7.92 -2.56 -4.67
H2 NAG C . 8.91 -2.05 -7.54
H3 NAG C . 8.39 -4.74 -6.11
H4 NAG C . 11.14 -3.56 -6.81
H5 NAG C . 9.89 -3.72 -4.10
H61 NAG C . 11.83 -2.53 -3.42
H62 NAG C . 12.46 -3.96 -4.23
H81 NAG C . 7.35 -1.34 -9.45
H82 NAG C . 6.36 -2.45 -10.45
H83 NAG C . 5.58 -1.46 -9.19
HN2 NAG C . 6.31 -2.55 -6.57
HO3 NAG C . 9.72 -4.22 -8.57
C1 NAG C . 11.08 -6.01 -4.83
C2 NAG C . 9.95 -7.03 -4.63
C3 NAG C . 10.20 -7.93 -3.41
C4 NAG C . 11.63 -8.46 -3.39
C5 NAG C . 12.62 -7.33 -3.57
C6 NAG C . 14.05 -7.82 -3.65
C7 NAG C . 8.47 -5.61 -3.41
C8 NAG C . 7.05 -5.13 -3.18
N2 NAG C . 8.68 -6.35 -4.47
O3 NAG C . 9.30 -9.02 -3.43
O4 NAG C . 11.88 -9.11 -2.13
O5 NAG C . 12.36 -6.65 -4.81
O6 NAG C . 14.95 -6.76 -3.90
O7 NAG C . 9.37 -5.32 -2.64
H1 NAG C . 11.10 -5.29 -4.05
H2 NAG C . 9.92 -7.66 -5.53
H3 NAG C . 10.10 -7.36 -2.48
H4 NAG C . 11.79 -9.18 -4.20
H5 NAG C . 12.62 -6.61 -2.74
H61 NAG C . 14.13 -8.58 -4.44
H62 NAG C . 14.30 -8.31 -2.69
H81 NAG C . 6.98 -4.06 -3.47
H82 NAG C . 6.36 -5.72 -3.80
H83 NAG C . 6.79 -5.24 -2.13
HN2 NAG C . 7.99 -6.43 -5.15
HO3 NAG C . 8.62 -8.88 -2.75
HO6 NAG C . 15.84 -7.11 -4.00
C1 BMA C . 11.85 -10.49 -2.12
C2 BMA C . 12.73 -11.02 -0.99
C3 BMA C . 12.62 -12.54 -0.89
C4 BMA C . 11.15 -12.95 -0.80
C5 BMA C . 10.34 -12.33 -1.92
C6 BMA C . 8.85 -12.61 -1.79
O2 BMA C . 12.33 -10.43 0.24
O3 BMA C . 13.31 -13.00 0.25
O4 BMA C . 11.05 -14.37 -0.87
O5 BMA C . 10.49 -10.89 -1.91
O6 BMA C . 8.40 -12.38 -0.47
H1 BMA C . 12.17 -10.85 -3.10
H2 BMA C . 13.77 -10.77 -1.20
H3 BMA C . 13.04 -13.00 -1.79
H4 BMA C . 10.73 -12.63 0.17
H5 BMA C . 10.65 -12.72 -2.90
H61 BMA C . 8.30 -11.97 -2.50
H62 BMA C . 8.67 -13.66 -2.08
HO2 BMA C . 11.39 -10.59 0.38
HO3 BMA C . 12.94 -12.59 1.05
HO4 BMA C . 10.79 -14.71 -0.02
HO6 BMA C . 8.02 -13.20 -0.12
C1 FUC C . 13.84 -2.67 -5.70
C2 FUC C . 14.56 -1.63 -6.54
C3 FUC C . 14.62 -0.35 -5.71
C4 FUC C . 15.29 -0.63 -4.35
C5 FUC C . 14.72 -1.86 -3.65
C6 FUC C . 15.57 -2.32 -2.49
O2 FUC C . 13.85 -1.41 -7.75
O3 FUC C . 15.36 0.63 -6.41
O4 FUC C . 16.68 -0.82 -4.56
O5 FUC C . 14.65 -2.96 -4.58
H1 FUC C . 13.34 -3.45 -6.29
H2 FUC C . 15.65 -1.68 -6.61
H3 FUC C . 13.59 0.03 -5.65
H4 FUC C . 15.30 0.23 -3.67
H5 FUC C . 13.68 -1.79 -3.31
H61 FUC C . 16.28 -3.08 -2.82
H62 FUC C . 14.93 -2.74 -1.70
H63 FUC C . 16.12 -1.46 -2.07
HO2 FUC C . 12.90 -1.44 -7.59
HO3 FUC C . 15.15 0.59 -7.35
HO4 FUC C . 17.13 -0.87 -3.72
N ALA A 1 -2.07 21.70 -0.48
CA ALA A 1 -0.94 22.16 0.37
C ALA A 1 0.08 21.03 0.55
N MET A 2 -0.31 19.97 1.23
CA MET A 2 0.63 18.83 1.45
C MET A 2 0.98 18.18 0.11
N HIS A 3 2.22 17.83 -0.09
CA HIS A 3 2.63 17.19 -1.38
C HIS A 3 2.98 15.71 -1.17
N VAL A 4 2.42 14.85 -1.97
CA VAL A 4 2.72 13.39 -1.84
C VAL A 4 2.63 12.75 -3.24
N ALA A 5 3.47 11.77 -3.51
CA ALA A 5 3.43 11.13 -4.87
C ALA A 5 3.04 9.66 -4.79
N GLN A 6 1.94 9.31 -5.38
CA GLN A 6 1.47 7.89 -5.39
C GLN A 6 0.83 7.53 -6.74
N PRO A 7 1.09 6.33 -7.21
CA PRO A 7 0.48 5.89 -8.50
C PRO A 7 -1.01 5.66 -8.31
N ALA A 8 -1.82 6.09 -9.25
CA ALA A 8 -3.29 5.88 -9.12
C ALA A 8 -3.63 4.41 -9.27
N VAL A 9 -2.86 3.68 -10.04
CA VAL A 9 -3.17 2.25 -10.19
C VAL A 9 -1.89 1.45 -10.43
N VAL A 10 -1.95 0.20 -10.13
CA VAL A 10 -0.78 -0.69 -10.35
C VAL A 10 -1.26 -2.04 -10.87
N LEU A 11 -0.44 -2.70 -11.63
CA LEU A 11 -0.83 -4.04 -12.18
C LEU A 11 0.01 -5.13 -11.52
N ALA A 12 -0.62 -6.16 -11.02
CA ALA A 12 0.13 -7.25 -10.34
C ALA A 12 0.54 -8.33 -11.35
N SER A 13 1.77 -8.78 -11.27
CA SER A 13 2.26 -9.83 -12.22
C SER A 13 1.59 -11.17 -11.92
N SER A 14 1.83 -12.15 -12.76
CA SER A 14 1.20 -13.50 -12.55
C SER A 14 1.64 -14.07 -11.20
N ARG A 15 2.82 -13.72 -10.75
CA ARG A 15 3.31 -14.24 -9.43
C ARG A 15 2.35 -13.82 -8.31
N GLY A 16 1.71 -12.69 -8.48
CA GLY A 16 0.77 -12.19 -7.44
C GLY A 16 1.49 -11.16 -6.55
N ILE A 17 2.49 -10.51 -7.09
CA ILE A 17 3.23 -9.49 -6.30
C ILE A 17 3.03 -8.11 -6.91
N ALA A 18 2.40 -7.25 -6.17
CA ALA A 18 2.17 -5.85 -6.64
C ALA A 18 3.07 -4.91 -5.85
N SER A 19 3.83 -4.09 -6.52
CA SER A 19 4.75 -3.16 -5.80
C SER A 19 4.57 -1.72 -6.24
N PHE A 20 4.48 -0.83 -5.30
CA PHE A 20 4.32 0.62 -5.62
C PHE A 20 5.11 1.45 -4.60
N VAL A 21 5.30 2.71 -4.87
CA VAL A 21 6.09 3.54 -3.91
C VAL A 21 5.34 4.84 -3.54
N CYS A 22 5.14 5.07 -2.26
CA CYS A 22 4.44 6.31 -1.81
C CYS A 22 5.49 7.32 -1.35
N GLU A 23 5.69 8.37 -2.10
CA GLU A 23 6.70 9.39 -1.71
C GLU A 23 6.10 10.43 -0.77
N TYR A 24 6.86 10.85 0.21
CA TYR A 24 6.35 11.84 1.17
C TYR A 24 7.39 12.97 1.30
N ALA A 25 6.98 14.10 1.81
CA ALA A 25 7.93 15.24 1.97
C ALA A 25 7.60 16.05 3.22
N SER A 26 8.59 16.32 4.03
CA SER A 26 8.35 17.11 5.29
C SER A 26 9.67 17.71 5.80
N PRO A 27 9.56 18.74 6.62
CA PRO A 27 10.78 19.38 7.17
C PRO A 27 11.45 18.48 8.21
N GLY A 28 12.76 18.54 8.32
CA GLY A 28 13.48 17.70 9.31
C GLY A 28 13.46 16.24 8.86
N LYS A 29 14.25 15.40 9.48
CA LYS A 29 14.29 13.96 9.10
C LYS A 29 14.14 13.08 10.34
N ALA A 30 13.57 11.91 10.18
CA ALA A 30 13.39 10.99 11.35
C ALA A 30 13.46 9.54 10.86
N THR A 31 13.93 8.64 11.69
CA THR A 31 14.02 7.21 11.26
C THR A 31 12.66 6.52 11.36
N GLU A 32 11.89 6.92 12.32
CA GLU A 32 10.59 6.24 12.53
C GLU A 32 9.51 6.73 11.58
N VAL A 33 9.56 6.33 10.32
CA VAL A 33 8.45 6.75 9.40
C VAL A 33 7.39 5.67 9.42
N ARG A 34 6.49 5.79 10.35
CA ARG A 34 5.41 4.77 10.51
C ARG A 34 4.67 4.55 9.19
N VAL A 35 4.94 3.43 8.53
CA VAL A 35 4.26 3.16 7.24
C VAL A 35 3.21 2.05 7.39
N THR A 36 2.03 2.29 6.90
CA THR A 36 0.94 1.27 6.98
C THR A 36 0.22 1.18 5.63
N VAL A 37 -0.30 0.04 5.31
CA VAL A 37 -1.02 -0.14 4.03
C VAL A 37 -2.48 -0.51 4.34
N LEU A 38 -3.44 0.02 3.61
CA LEU A 38 -4.86 -0.31 3.93
C LEU A 38 -5.59 -0.80 2.70
N ARG A 39 -6.73 -1.41 2.88
CA ARG A 39 -7.52 -1.89 1.73
C ARG A 39 -8.95 -1.37 1.85
N GLN A 40 -9.39 -0.56 0.92
CA GLN A 40 -10.77 -0.02 1.00
C GLN A 40 -11.69 -0.71 -0.01
N ALA A 41 -12.76 -1.27 0.49
CA ALA A 41 -13.71 -1.99 -0.41
C ALA A 41 -15.11 -1.37 -0.23
N ASP A 42 -15.94 -1.47 -1.23
CA ASP A 42 -17.32 -0.89 -1.11
C ASP A 42 -18.07 -1.53 0.04
N SER A 43 -17.99 -2.83 0.17
CA SER A 43 -18.70 -3.52 1.29
C SER A 43 -18.09 -3.16 2.65
N GLN A 44 -16.78 -3.25 2.78
CA GLN A 44 -16.12 -2.91 4.08
C GLN A 44 -14.66 -2.48 3.87
N VAL A 45 -14.10 -1.80 4.83
CA VAL A 45 -12.67 -1.36 4.73
C VAL A 45 -11.90 -1.85 5.96
N THR A 46 -10.73 -2.40 5.75
CA THR A 46 -9.92 -2.91 6.91
C THR A 46 -8.43 -2.61 6.71
N GLU A 47 -7.66 -2.70 7.77
CA GLU A 47 -6.19 -2.45 7.67
C GLU A 47 -5.49 -3.68 7.10
N VAL A 48 -4.33 -3.48 6.54
CA VAL A 48 -3.58 -4.62 5.95
C VAL A 48 -2.27 -4.85 6.74
N CYS A 49 -1.18 -4.21 6.38
CA CYS A 49 0.08 -4.41 7.13
C CYS A 49 0.61 -3.08 7.65
N ALA A 50 1.31 -3.08 8.77
CA ALA A 50 1.82 -1.79 9.33
C ALA A 50 3.12 -1.98 10.12
N ALA A 51 4.04 -1.07 9.97
CA ALA A 51 5.34 -1.14 10.70
C ALA A 51 6.12 0.16 10.49
N THR A 52 6.99 0.54 11.40
CA THR A 52 7.76 1.81 11.20
C THR A 52 9.07 1.49 10.50
N TYR A 53 9.31 2.07 9.36
CA TYR A 53 10.58 1.80 8.65
C TYR A 53 11.68 2.63 9.27
N MET A 54 12.57 1.99 9.97
CA MET A 54 13.70 2.74 10.58
C MET A 54 14.72 2.95 9.48
N MET A 55 15.72 3.76 9.68
CA MET A 55 16.71 3.96 8.59
C MET A 55 17.51 2.68 8.33
N GLY A 56 17.70 1.84 9.32
CA GLY A 56 18.51 0.60 9.08
C GLY A 56 17.98 -0.61 9.89
N ASN A 57 16.69 -0.74 10.09
CA ASN A 57 16.17 -1.93 10.84
C ASN A 57 15.03 -2.59 10.06
N GLU A 58 14.74 -3.83 10.36
CA GLU A 58 13.64 -4.56 9.63
C GLU A 58 12.27 -4.24 10.24
N LEU A 59 11.28 -4.08 9.40
CA LEU A 59 9.91 -3.77 9.89
C LEU A 59 9.14 -5.07 10.15
N THR A 60 8.53 -5.18 11.31
CA THR A 60 7.78 -6.42 11.63
C THR A 60 6.27 -6.20 11.44
N PHE A 61 5.61 -7.14 10.82
CA PHE A 61 4.13 -7.03 10.61
C PHE A 61 3.42 -8.02 11.54
N LEU A 62 2.67 -7.51 12.48
CA LEU A 62 1.98 -8.40 13.48
C LEU A 62 1.02 -9.40 12.83
N ASP A 63 0.23 -8.98 11.87
CA ASP A 63 -0.75 -9.92 11.25
C ASP A 63 -1.02 -9.57 9.78
N ASP A 64 -2.10 -10.07 9.23
CA ASP A 64 -2.45 -9.79 7.80
C ASP A 64 -1.30 -10.22 6.88
N SER A 65 -0.94 -11.47 6.95
CA SER A 65 0.17 -12.01 6.10
C SER A 65 1.47 -11.23 6.37
N ILE A 66 2.59 -11.77 5.95
CA ILE A 66 3.89 -11.09 6.18
C ILE A 66 4.21 -10.15 5.01
N CYS A 67 3.72 -8.94 5.06
CA CYS A 67 4.01 -7.97 3.96
C CYS A 67 5.49 -7.59 3.99
N THR A 68 6.04 -7.22 2.86
CA THR A 68 7.48 -6.84 2.83
C THR A 68 7.65 -5.62 1.92
N GLY A 69 8.63 -4.79 2.18
CA GLY A 69 8.83 -3.60 1.32
C GLY A 69 10.13 -2.88 1.68
N THR A 70 10.40 -1.82 0.98
CA THR A 70 11.64 -1.03 1.23
C THR A 70 11.28 0.46 1.37
N SER A 71 12.21 1.27 1.80
CA SER A 71 11.94 2.73 1.94
C SER A 71 13.27 3.49 1.85
N SER A 72 13.39 4.43 0.94
CA SER A 72 14.68 5.17 0.83
C SER A 72 14.43 6.64 0.55
N GLY A 73 15.26 7.51 1.07
CA GLY A 73 15.07 8.98 0.84
C GLY A 73 13.65 9.39 1.20
N ASN A 74 12.94 9.96 0.26
CA ASN A 74 11.54 10.39 0.51
C ASN A 74 10.54 9.44 -0.17
N GLN A 75 11.00 8.29 -0.65
CA GLN A 75 10.06 7.34 -1.34
C GLN A 75 9.97 6.03 -0.57
N VAL A 76 8.77 5.60 -0.23
CA VAL A 76 8.63 4.32 0.50
C VAL A 76 8.05 3.25 -0.42
N ASN A 77 8.73 2.15 -0.57
CA ASN A 77 8.26 1.06 -1.47
C ASN A 77 7.59 -0.08 -0.66
N LEU A 78 6.33 -0.34 -0.90
CA LEU A 78 5.63 -1.45 -0.18
C LEU A 78 5.29 -2.56 -1.18
N THR A 79 5.49 -3.81 -0.81
CA THR A 79 5.20 -4.93 -1.76
C THR A 79 4.30 -5.98 -1.11
N ILE A 80 3.35 -6.51 -1.84
CA ILE A 80 2.44 -7.54 -1.28
C ILE A 80 2.61 -8.86 -2.04
N GLN A 81 2.74 -9.96 -1.33
CA GLN A 81 2.86 -11.28 -2.02
C GLN A 81 1.68 -12.18 -1.61
N GLY A 82 0.92 -12.61 -2.58
CA GLY A 82 -0.24 -13.49 -2.28
C GLY A 82 -1.54 -12.73 -2.52
N LEU A 83 -1.69 -12.16 -3.69
CA LEU A 83 -2.93 -11.40 -3.99
C LEU A 83 -4.01 -12.29 -4.62
N ARG A 84 -5.14 -12.39 -3.97
CA ARG A 84 -6.25 -13.23 -4.51
C ARG A 84 -7.24 -12.33 -5.23
N ALA A 85 -8.28 -12.88 -5.80
CA ALA A 85 -9.28 -12.04 -6.52
C ALA A 85 -9.89 -11.03 -5.54
N MET A 86 -10.18 -11.46 -4.34
CA MET A 86 -10.76 -10.55 -3.31
C MET A 86 -9.76 -9.46 -2.93
N ASP A 87 -8.50 -9.81 -2.84
CA ASP A 87 -7.46 -8.80 -2.46
C ASP A 87 -7.42 -7.63 -3.44
N THR A 88 -7.69 -7.88 -4.70
CA THR A 88 -7.66 -6.78 -5.71
C THR A 88 -8.53 -5.62 -5.24
N GLY A 89 -7.99 -4.43 -5.29
CA GLY A 89 -8.76 -3.24 -4.84
C GLY A 89 -7.83 -2.04 -4.69
N LEU A 90 -8.05 -1.23 -3.69
CA LEU A 90 -7.20 -0.02 -3.48
C LEU A 90 -6.28 -0.18 -2.27
N TYR A 91 -5.01 0.07 -2.45
CA TYR A 91 -4.05 -0.01 -1.32
C TYR A 91 -3.58 1.41 -0.96
N ILE A 92 -3.59 1.74 0.30
CA ILE A 92 -3.21 3.13 0.73
C ILE A 92 -1.88 3.14 1.48
N CYS A 93 -0.97 4.00 1.10
CA CYS A 93 0.29 4.10 1.89
C CYS A 93 -0.03 4.95 3.11
N LYS A 94 0.70 4.81 4.18
CA LYS A 94 0.39 5.60 5.41
C LYS A 94 1.68 5.91 6.13
N VAL A 95 2.40 6.89 5.66
CA VAL A 95 3.70 7.23 6.30
C VAL A 95 3.52 8.36 7.30
N GLU A 96 3.76 8.06 8.55
CA GLU A 96 3.60 9.08 9.62
C GLU A 96 4.77 9.07 10.60
N LEU A 97 5.24 10.23 10.98
CA LEU A 97 6.34 10.29 11.98
C LEU A 97 5.65 10.21 13.34
N MET A 98 5.22 9.04 13.70
CA MET A 98 4.44 8.89 14.97
C MET A 98 5.35 8.84 16.21
N TYR A 99 6.53 8.31 16.08
CA TYR A 99 7.43 8.20 17.26
C TYR A 99 8.29 9.46 17.47
N PRO A 100 8.78 10.07 16.40
CA PRO A 100 9.64 11.27 16.56
C PRO A 100 8.78 12.56 16.48
N PRO A 101 8.78 13.33 17.56
CA PRO A 101 8.02 14.64 17.56
C PRO A 101 8.99 15.89 17.07
N PRO A 102 8.47 17.18 16.47
CA PRO A 102 6.91 16.68 16.62
C PRO A 102 6.30 15.86 15.38
N TYR A 103 5.13 15.40 15.53
CA TYR A 103 4.56 14.51 14.46
C TYR A 103 3.97 15.39 13.33
N TYR A 104 4.32 15.13 12.09
CA TYR A 104 3.79 15.93 10.95
C TYR A 104 4.11 15.19 9.66
N LEU A 105 3.15 14.57 9.04
CA LEU A 105 3.44 13.86 7.74
C LEU A 105 2.14 13.69 6.93
N GLY A 106 2.01 12.63 6.15
CA GLY A 106 0.75 12.48 5.36
C GLY A 106 0.47 11.01 4.97
N ILE A 107 -0.69 10.77 4.43
CA ILE A 107 -1.07 9.39 4.00
C ILE A 107 -1.26 9.36 2.48
N GLY A 108 -0.94 8.27 1.83
CA GLY A 108 -1.12 8.19 0.34
C GLY A 108 -2.61 8.06 0.03
N ASN A 109 -3.08 8.70 -1.01
CA ASN A 109 -4.54 8.61 -1.35
C ASN A 109 -4.91 7.15 -1.61
N GLY A 110 -3.98 6.38 -2.11
CA GLY A 110 -4.24 4.93 -2.37
C GLY A 110 -4.08 4.59 -3.86
N THR A 111 -3.49 3.47 -4.12
CA THR A 111 -3.30 3.01 -5.53
C THR A 111 -4.17 1.78 -5.76
N GLN A 112 -4.79 1.67 -6.90
CA GLN A 112 -5.62 0.45 -7.16
C GLN A 112 -4.68 -0.66 -7.67
N ILE A 113 -4.61 -1.78 -6.99
CA ILE A 113 -3.72 -2.86 -7.49
C ILE A 113 -4.57 -3.86 -8.29
N TYR A 114 -4.33 -3.95 -9.58
CA TYR A 114 -5.12 -4.88 -10.44
C TYR A 114 -4.51 -6.29 -10.46
N VAL A 115 -5.34 -7.28 -10.40
CA VAL A 115 -4.84 -8.68 -10.46
C VAL A 115 -5.58 -9.40 -11.59
N ILE A 116 -5.07 -10.52 -12.00
CA ILE A 116 -5.71 -11.28 -13.10
C ILE A 116 -6.56 -12.42 -12.54
N ASP A 117 -7.84 -12.41 -12.81
CA ASP A 117 -8.73 -13.49 -12.30
C ASP A 117 -9.72 -13.94 -13.40
N PRO A 118 -9.76 -15.23 -13.67
CA PRO A 118 -10.68 -15.74 -14.72
C PRO A 118 -12.14 -15.64 -14.24
N GLU A 119 -13.07 -15.66 -15.16
CA GLU A 119 -14.51 -15.54 -14.77
C GLU A 119 -15.26 -16.85 -15.12
N PRO A 120 -16.28 -17.15 -14.34
CA PRO A 120 -17.07 -18.39 -14.59
C PRO A 120 -17.85 -18.29 -15.90
N CYS A 121 -18.07 -17.09 -16.39
CA CYS A 121 -18.83 -16.93 -17.67
C CYS A 121 -17.86 -16.64 -18.82
N PRO A 122 -17.88 -17.45 -19.87
CA PRO A 122 -16.96 -17.24 -21.01
C PRO A 122 -17.35 -15.98 -21.80
N ASP A 123 -18.55 -15.48 -21.63
CA ASP A 123 -18.97 -14.25 -22.38
C ASP A 123 -18.63 -12.99 -21.59
N SER A 124 -18.92 -11.83 -22.15
CA SER A 124 -18.61 -10.55 -21.44
C SER A 124 -19.74 -10.21 -20.46
N ASP A 125 -19.53 -9.23 -19.62
CA ASP A 125 -20.59 -8.84 -18.64
C ASP A 125 -21.52 -7.78 -19.24
N GLN A 126 -22.71 -8.17 -19.60
CA GLN A 126 -23.67 -7.20 -20.20
C GLN A 126 -25.03 -7.28 -19.48
N GLU A 127 -25.83 -6.25 -19.60
CA GLU A 127 -27.18 -6.26 -18.93
C GLU A 127 -27.04 -6.56 -17.43
N PRO A 128 -26.15 -5.86 -16.76
CA PRO A 128 -25.96 -6.10 -15.30
C PRO A 128 -27.18 -5.60 -14.51
N LYS A 129 -27.46 -6.22 -13.40
CA LYS A 129 -28.64 -5.81 -12.57
C LYS A 129 -28.22 -4.73 -11.58
C1 NAG B . -8.11 9.80 -1.31
C2 NAG B . -8.09 9.96 0.21
C3 NAG B . -9.39 9.48 0.84
C4 NAG B . -10.59 10.13 0.14
C5 NAG B . -10.50 9.94 -1.36
C6 NAG B . -11.62 10.67 -2.08
C7 NAG B . -6.31 9.69 1.78
C8 NAG B . -5.57 8.69 2.67
N2 NAG B . -6.98 9.21 0.77
O3 NAG B . -9.41 9.81 2.22
O4 NAG B . -11.81 9.53 0.63
O5 NAG B . -9.26 10.46 -1.87
O6 NAG B . -11.96 9.95 -3.29
O7 NAG B . -6.26 10.88 1.99
H1 NAG B . -8.17 8.73 -1.60
H2 NAG B . -7.92 11.03 0.43
H3 NAG B . -9.47 8.39 0.72
H4 NAG B . -10.62 11.21 0.38
H5 NAG B . -10.59 8.88 -1.64
H61 NAG B . -12.44 10.69 -1.35
H62 NAG B . -11.30 11.70 -2.30
H81 NAG B . -6.29 8.20 3.35
H82 NAG B . -5.08 7.93 2.06
H83 NAG B . -4.81 9.21 3.27
HN2 NAG B . -6.75 8.33 0.40
HO3 NAG B . -9.22 9.02 2.73
C1 NAG B . -12.41 10.15 1.72
C2 NAG B . -13.91 9.92 1.67
C3 NAG B . -14.58 10.48 2.93
C4 NAG B . -13.88 9.95 4.18
C5 NAG B . -12.38 10.18 4.09
C6 NAG B . -11.63 9.57 5.26
C7 NAG B . -15.71 10.34 0.16
C8 NAG B . -16.04 8.95 -0.37
N2 NAG B . -14.47 10.56 0.50
O3 NAG B . -15.94 10.10 2.95
O4 NAG B . -14.40 10.62 5.34
O5 NAG B . -11.84 9.58 2.89
O6 NAG B . -10.22 9.60 5.05
O7 NAG B . -16.56 11.20 0.27
H1 NAG B . -12.16 11.23 1.65
H2 NAG B . -14.11 8.84 1.61
H3 NAG B . -14.52 11.57 2.92
H4 NAG B . -14.06 8.87 4.28
H5 NAG B . -12.13 11.26 4.11
H61 NAG B . -11.97 8.53 5.39
H62 NAG B . -11.87 10.13 6.17
H81 NAG B . -15.28 8.64 -1.10
H82 NAG B . -16.07 8.23 0.45
H83 NAG B . -17.03 8.97 -0.87
HN2 NAG B . -13.91 11.17 -0.04
HO3 NAG B . -16.36 10.46 3.74
HO6 NAG B . -9.82 8.87 5.52
C1 BMA B . -15.09 9.83 6.24
C2 BMA B . -14.12 9.21 7.24
C3 BMA B . -14.89 8.41 8.29
C4 BMA B . -15.98 9.28 8.93
C5 BMA B . -16.86 9.91 7.85
C6 BMA B . -17.86 10.89 8.43
O2 BMA B . -13.38 10.24 7.88
O3 BMA B . -13.99 7.97 9.30
O4 BMA B . -16.78 8.47 9.78
O5 BMA B . -16.04 10.66 6.92
O6 BMA B . -17.24 11.79 9.34
H1 BMA B . -15.64 9.07 5.66
H2 BMA B . -13.45 8.52 6.72
H3 BMA B . -15.37 7.54 7.81
H4 BMA B . -15.51 10.06 9.54
H5 BMA B . -17.42 9.15 7.31
H61 BMA B . -18.34 11.45 7.62
H62 BMA B . -18.64 10.32 8.95
HO2 BMA B . -13.94 10.72 8.49
HO3 BMA B . -13.53 8.71 9.67
HO4 BMA B . -17.12 7.73 9.28
HO6 BMA B . -16.78 12.47 8.85
C1 FUL B . -13.29 9.53 -3.34
C2 FUL B . -14.19 10.73 -3.58
O2 FUL B . -14.16 11.61 -2.46
C3 FUL B . -13.64 11.43 -4.82
O3 FUL B . -14.49 12.53 -5.15
C4 FUL B . -13.60 10.46 -6.01
O4 FUL B . -14.92 10.21 -6.46
C5 FUL B . -12.94 9.11 -5.65
C6 FUL B . -13.18 8.05 -6.69
O5 FUL B . -13.49 8.63 -4.41
H1 FUL B . -13.29 9.10 -2.32
H2 FUL B . -15.14 10.61 -4.11
HO2 FUL B . -13.44 12.22 -2.54
H3 FUL B . -12.69 11.88 -4.54
HO3 FUL B . -14.38 12.76 -6.07
H4 FUL B . -13.16 10.88 -6.93
HO4 FUL B . -15.14 10.84 -7.16
H5 FUL B . -11.86 9.13 -5.42
H61 FUL B . -12.72 8.35 -7.65
H62 FUL B . -12.72 7.09 -6.37
H63 FUL B . -14.26 7.91 -6.85
C1 NAG C . 10.27 -1.92 -4.77
C2 NAG C . 10.30 -1.88 -6.29
C3 NAG C . 10.73 -3.22 -6.88
C4 NAG C . 12.03 -3.66 -6.23
C5 NAG C . 11.90 -3.65 -4.71
C6 NAG C . 13.21 -4.03 -4.01
C7 NAG C . 8.86 -0.85 -7.91
C8 NAG C . 8.48 0.61 -7.81
N2 NAG C . 8.99 -1.53 -6.80
O3 NAG C . 10.91 -3.09 -8.28
O4 NAG C . 12.44 -4.95 -6.76
O5 NAG C . 11.54 -2.34 -4.25
O6 NAG C . 14.18 -3.00 -4.22
O7 NAG C . 9.05 -1.39 -8.99
H1 NAG C . 9.51 -2.62 -4.40
H2 NAG C . 10.99 -1.07 -6.60
H3 NAG C . 9.96 -3.97 -6.69
H4 NAG C . 12.91 -3.10 -6.45
H5 NAG C . 11.11 -4.29 -4.31
H61 NAG C . 12.98 -4.15 -2.95
H62 NAG C . 13.54 -5.01 -4.40
H81 NAG C . 7.54 0.72 -7.26
H82 NAG C . 9.26 1.17 -7.27
H83 NAG C . 8.36 1.04 -8.81
HN2 NAG C . 8.19 -1.79 -6.30
HO3 NAG C . 11.53 -2.38 -8.47
C1 NAG C . 12.13 -6.12 -6.07
C2 NAG C . 11.18 -6.97 -6.92
C3 NAG C . 10.93 -8.32 -6.25
C4 NAG C . 12.25 -8.99 -5.88
C5 NAG C . 13.14 -8.04 -5.10
C6 NAG C . 14.51 -8.63 -4.82
C7 NAG C . 9.36 -6.20 -8.26
C8 NAG C . 8.49 -4.98 -8.55
N2 NAG C . 9.92 -6.27 -7.08
O3 NAG C . 10.20 -9.16 -7.12
O4 NAG C . 11.99 -10.17 -5.09
O5 NAG C . 13.35 -6.82 -5.84
O6 NAG C . 14.51 -9.42 -3.65
O7 NAG C . 9.54 -7.06 -9.09
H1 NAG C . 11.71 -5.85 -5.15
H2 NAG C . 11.64 -7.10 -7.91
H3 NAG C . 10.35 -8.16 -5.34
H4 NAG C . 12.78 -9.30 -6.80
H5 NAG C . 12.72 -7.79 -4.11
H61 NAG C . 15.24 -7.81 -4.73
H62 NAG C . 14.81 -9.24 -5.68
H81 NAG C . 7.56 -5.29 -9.03
H82 NAG C . 8.26 -4.46 -7.60
H83 NAG C . 9.03 -4.28 -9.20
HN2 NAG C . 9.49 -5.86 -6.30
HO3 NAG C . 10.73 -9.36 -7.90
HO6 NAG C . 14.64 -8.85 -2.89
C1 BMA C . 12.13 -11.38 -5.73
C2 BMA C . 13.53 -11.93 -5.49
C3 BMA C . 13.67 -13.32 -6.10
C4 BMA C . 12.55 -14.23 -5.60
C5 BMA C . 11.18 -13.57 -5.81
C6 BMA C . 10.06 -14.38 -5.21
O2 BMA C . 13.79 -11.99 -4.10
O3 BMA C . 14.93 -13.87 -5.74
O4 BMA C . 12.60 -15.46 -6.30
O5 BMA C . 11.16 -12.28 -5.18
O6 BMA C . 10.33 -14.73 -3.86
H1 BMA C . 11.91 -11.23 -6.79
H2 BMA C . 14.26 -11.27 -5.98
H3 BMA C . 13.59 -13.25 -7.20
H4 BMA C . 12.69 -14.43 -4.53
H5 BMA C . 10.97 -13.47 -6.88
H61 BMA C . 9.13 -13.80 -5.27
H62 BMA C . 9.92 -15.30 -5.81
HO2 BMA C . 13.17 -12.60 -3.69
HO3 BMA C . 15.11 -14.62 -6.31
HO4 BMA C . 12.40 -15.32 -7.22
HO6 BMA C . 9.59 -14.47 -3.31
C1 FUC C . 15.44 -3.51 -4.55
C2 FUC C . 16.43 -2.37 -4.66
C3 FUC C . 16.37 -1.60 -3.35
C4 FUC C . 16.64 -2.54 -2.16
C5 FUC C . 15.81 -3.83 -2.23
C6 FUC C . 16.28 -4.88 -1.26
O2 FUC C . 16.09 -1.52 -5.74
O3 FUC C . 17.34 -0.57 -3.35
O4 FUC C . 18.02 -2.90 -2.15
O5 FUC C . 15.90 -4.39 -3.55
H1 FUC C . 15.06 -3.86 -5.53
H2 FUC C . 17.50 -2.59 -4.52
H3 FUC C . 15.40 -1.09 -3.32
H4 FUC C . 16.55 -2.07 -1.17
H5 FUC C . 14.72 -3.72 -2.10
H61 FUC C . 15.54 -5.02 -0.46
H62 FUC C . 16.43 -5.84 -1.78
H63 FUC C . 17.24 -4.58 -0.80
HO2 FUC C . 15.23 -1.11 -5.57
HO3 FUC C . 18.22 -0.95 -3.40
HO4 FUC C . 18.19 -3.54 -2.84
N ALA A 1 5.61 22.67 -0.30
CA ALA A 1 5.03 21.86 -1.42
C ALA A 1 4.23 20.68 -0.85
N MET A 2 4.90 19.77 -0.19
CA MET A 2 4.19 18.57 0.40
C MET A 2 3.35 17.86 -0.66
N HIS A 3 3.98 17.10 -1.51
CA HIS A 3 3.23 16.38 -2.58
C HIS A 3 3.22 14.87 -2.31
N VAL A 4 2.05 14.27 -2.37
CA VAL A 4 1.94 12.80 -2.15
C VAL A 4 1.45 12.11 -3.42
N ALA A 5 2.13 11.09 -3.88
CA ALA A 5 1.71 10.40 -5.13
C ALA A 5 1.21 8.98 -4.82
N GLN A 6 0.04 8.65 -5.30
CA GLN A 6 -0.51 7.28 -5.04
C GLN A 6 -1.20 6.71 -6.29
N PRO A 7 -0.88 5.47 -6.63
CA PRO A 7 -1.54 4.84 -7.81
C PRO A 7 -2.97 4.45 -7.45
N ALA A 8 -3.89 4.65 -8.35
CA ALA A 8 -5.31 4.29 -8.04
C ALA A 8 -5.46 2.78 -8.00
N VAL A 9 -4.71 2.06 -8.79
CA VAL A 9 -4.82 0.59 -8.77
C VAL A 9 -3.52 -0.07 -9.20
N VAL A 10 -3.34 -1.28 -8.78
CA VAL A 10 -2.14 -2.06 -9.17
C VAL A 10 -2.59 -3.44 -9.63
N LEU A 11 -1.78 -4.08 -10.43
CA LEU A 11 -2.15 -5.44 -10.93
C LEU A 11 -1.21 -6.49 -10.35
N ALA A 12 -1.75 -7.54 -9.79
CA ALA A 12 -0.88 -8.60 -9.20
C ALA A 12 -0.40 -9.57 -10.28
N SER A 13 0.76 -10.13 -10.10
CA SER A 13 1.33 -11.08 -11.12
C SER A 13 0.89 -12.51 -10.81
N SER A 14 1.26 -13.44 -11.66
CA SER A 14 0.87 -14.87 -11.44
C SER A 14 1.43 -15.37 -10.11
N ARG A 15 2.56 -14.86 -9.71
CA ARG A 15 3.18 -15.28 -8.41
C ARG A 15 2.23 -14.98 -7.25
N GLY A 16 1.42 -13.97 -7.40
CA GLY A 16 0.46 -13.60 -6.32
C GLY A 16 1.08 -12.50 -5.46
N ILE A 17 2.02 -11.76 -6.00
CA ILE A 17 2.67 -10.66 -5.24
C ILE A 17 2.33 -9.32 -5.89
N ALA A 18 1.61 -8.50 -5.17
CA ALA A 18 1.26 -7.15 -5.69
C ALA A 18 2.05 -6.11 -4.91
N SER A 19 2.80 -5.28 -5.59
CA SER A 19 3.60 -4.26 -4.87
C SER A 19 3.45 -2.89 -5.52
N PHE A 20 3.55 -1.86 -4.73
CA PHE A 20 3.43 -0.47 -5.26
C PHE A 20 4.25 0.47 -4.38
N VAL A 21 4.54 1.65 -4.86
CA VAL A 21 5.36 2.59 -4.05
C VAL A 21 4.59 3.88 -3.76
N CYS A 22 4.43 4.20 -2.50
CA CYS A 22 3.72 5.46 -2.12
C CYS A 22 4.77 6.52 -1.75
N GLU A 23 5.06 7.42 -2.66
CA GLU A 23 6.10 8.44 -2.36
C GLU A 23 5.54 9.57 -1.49
N TYR A 24 6.38 10.16 -0.68
CA TYR A 24 5.94 11.27 0.19
C TYR A 24 6.95 12.41 0.06
N ALA A 25 6.68 13.54 0.65
CA ALA A 25 7.63 14.69 0.55
C ALA A 25 7.90 15.31 1.93
N SER A 26 9.14 15.31 2.35
CA SER A 26 9.47 15.92 3.67
C SER A 26 10.92 16.47 3.68
N PRO A 27 11.13 17.50 4.47
CA PRO A 27 12.48 18.12 4.55
C PRO A 27 13.42 17.25 5.40
N GLY A 28 14.69 17.26 5.09
CA GLY A 28 15.69 16.46 5.87
C GLY A 28 15.27 14.99 5.96
N LYS A 29 16.03 14.21 6.70
CA LYS A 29 15.71 12.76 6.84
C LYS A 29 15.77 12.37 8.32
N ALA A 30 15.15 11.28 8.70
CA ALA A 30 15.17 10.85 10.13
C ALA A 30 15.13 9.32 10.26
N THR A 31 15.30 8.82 11.46
CA THR A 31 15.26 7.34 11.68
C THR A 31 13.86 6.82 11.90
N GLU A 32 12.87 7.66 11.99
CA GLU A 32 11.52 7.12 12.30
C GLU A 32 10.45 7.59 11.33
N VAL A 33 10.41 7.05 10.14
CA VAL A 33 9.33 7.43 9.19
C VAL A 33 8.20 6.43 9.40
N ARG A 34 7.35 6.72 10.35
CA ARG A 34 6.24 5.78 10.69
C ARG A 34 5.28 5.59 9.51
N VAL A 35 5.10 4.37 9.08
CA VAL A 35 4.17 4.09 7.97
C VAL A 35 3.17 3.02 8.39
N THR A 36 2.07 2.93 7.70
CA THR A 36 1.05 1.90 8.05
C THR A 36 0.24 1.52 6.81
N VAL A 37 -0.03 0.25 6.65
CA VAL A 37 -0.83 -0.19 5.47
C VAL A 37 -2.23 -0.61 5.94
N LEU A 38 -3.27 -0.11 5.33
CA LEU A 38 -4.65 -0.49 5.80
C LEU A 38 -5.49 -1.06 4.66
N ARG A 39 -6.56 -1.69 5.00
CA ARG A 39 -7.48 -2.24 3.96
C ARG A 39 -8.90 -1.76 4.24
N GLN A 40 -9.51 -1.07 3.31
CA GLN A 40 -10.90 -0.57 3.56
C GLN A 40 -11.92 -1.42 2.82
N ALA A 41 -12.96 -1.81 3.50
CA ALA A 41 -14.02 -2.65 2.88
C ALA A 41 -15.22 -1.77 2.50
N ASP A 42 -16.28 -2.37 2.03
CA ASP A 42 -17.48 -1.57 1.64
C ASP A 42 -18.02 -0.77 2.82
N SER A 43 -18.11 -1.38 3.99
CA SER A 43 -18.64 -0.66 5.18
C SER A 43 -17.71 -0.81 6.40
N GLN A 44 -16.65 -1.58 6.28
CA GLN A 44 -15.74 -1.75 7.46
C GLN A 44 -14.27 -1.56 7.04
N VAL A 45 -13.45 -1.14 7.96
CA VAL A 45 -12.00 -0.94 7.65
C VAL A 45 -11.13 -1.53 8.77
N THR A 46 -10.06 -2.18 8.42
CA THR A 46 -9.16 -2.79 9.46
C THR A 46 -7.69 -2.55 9.11
N GLU A 47 -6.81 -2.69 10.07
CA GLU A 47 -5.36 -2.47 9.80
C GLU A 47 -4.76 -3.70 9.12
N VAL A 48 -3.71 -3.53 8.36
CA VAL A 48 -3.08 -4.68 7.66
C VAL A 48 -1.61 -4.85 8.09
N CYS A 49 -0.84 -3.79 8.05
CA CYS A 49 0.59 -3.90 8.45
C CYS A 49 1.13 -2.54 8.90
N ALA A 50 1.80 -2.49 10.02
CA ALA A 50 2.33 -1.18 10.52
C ALA A 50 3.73 -1.33 11.11
N ALA A 51 4.60 -0.40 10.83
CA ALA A 51 6.00 -0.46 11.36
C ALA A 51 6.71 0.87 11.09
N THR A 52 7.72 1.21 11.86
CA THR A 52 8.45 2.48 11.62
C THR A 52 9.61 2.25 10.65
N TYR A 53 9.65 2.97 9.56
CA TYR A 53 10.78 2.77 8.61
C TYR A 53 12.04 3.31 9.27
N MET A 54 12.74 2.46 9.97
CA MET A 54 14.00 2.90 10.60
C MET A 54 15.07 2.65 9.55
N MET A 55 15.81 3.66 9.16
CA MET A 55 16.84 3.43 8.09
C MET A 55 17.86 2.38 8.56
N GLY A 56 18.06 2.27 9.85
CA GLY A 56 19.04 1.28 10.38
C GLY A 56 18.39 -0.11 10.53
N ASN A 57 17.18 -0.17 11.01
CA ASN A 57 16.51 -1.50 11.20
C ASN A 57 15.36 -1.70 10.21
N GLU A 58 15.09 -2.93 9.85
CA GLU A 58 13.98 -3.23 8.90
C GLU A 58 12.61 -3.14 9.61
N LEU A 59 11.58 -2.77 8.88
CA LEU A 59 10.23 -2.66 9.51
C LEU A 59 9.68 -4.05 9.84
N THR A 60 9.09 -4.20 11.01
CA THR A 60 8.54 -5.52 11.41
C THR A 60 7.02 -5.43 11.62
N PHE A 61 6.29 -6.43 11.20
CA PHE A 61 4.82 -6.43 11.38
C PHE A 61 4.45 -7.46 12.47
N LEU A 62 3.97 -7.00 13.60
CA LEU A 62 3.64 -7.94 14.72
C LEU A 62 2.42 -8.82 14.38
N ASP A 63 1.38 -8.26 13.80
CA ASP A 63 0.18 -9.08 13.47
C ASP A 63 -0.45 -8.66 12.14
N ASP A 64 -1.71 -8.97 11.95
CA ASP A 64 -2.42 -8.61 10.67
C ASP A 64 -1.68 -9.23 9.48
N SER A 65 -1.53 -10.53 9.50
CA SER A 65 -0.83 -11.26 8.38
C SER A 65 0.58 -10.71 8.18
N ILE A 66 1.39 -11.43 7.43
CA ILE A 66 2.79 -10.99 7.19
C ILE A 66 2.85 -10.00 6.02
N CYS A 67 3.53 -8.90 6.20
CA CYS A 67 3.64 -7.89 5.10
C CYS A 67 5.11 -7.50 4.91
N THR A 68 5.42 -6.86 3.82
CA THR A 68 6.82 -6.42 3.58
C THR A 68 6.81 -4.99 3.04
N GLY A 69 7.76 -4.18 3.46
CA GLY A 69 7.77 -2.76 2.98
C GLY A 69 9.20 -2.22 2.95
N THR A 70 9.42 -1.25 2.09
CA THR A 70 10.77 -0.63 1.96
C THR A 70 10.60 0.87 1.80
N SER A 71 11.61 1.63 2.11
CA SER A 71 11.51 3.11 1.95
C SER A 71 12.87 3.70 1.54
N SER A 72 12.99 4.12 0.30
CA SER A 72 14.28 4.72 -0.16
C SER A 72 14.00 5.79 -1.22
N GLY A 73 14.81 6.81 -1.29
CA GLY A 73 14.59 7.89 -2.31
C GLY A 73 13.26 8.57 -2.04
N ASN A 74 12.92 8.77 -0.79
CA ASN A 74 11.61 9.41 -0.42
C ASN A 74 10.44 8.61 -1.02
N GLN A 75 10.64 7.34 -1.23
CA GLN A 75 9.54 6.49 -1.81
C GLN A 75 9.40 5.21 -0.98
N VAL A 76 8.19 4.90 -0.56
CA VAL A 76 8.01 3.68 0.27
C VAL A 76 7.37 2.56 -0.58
N ASN A 77 8.03 1.44 -0.70
CA ASN A 77 7.49 0.32 -1.51
C ASN A 77 6.87 -0.77 -0.62
N LEU A 78 5.57 -0.90 -0.64
CA LEU A 78 4.89 -1.95 0.19
C LEU A 78 4.48 -3.12 -0.73
N THR A 79 4.79 -4.34 -0.33
CA THR A 79 4.42 -5.51 -1.19
C THR A 79 3.71 -6.60 -0.36
N ILE A 80 2.84 -7.34 -1.00
CA ILE A 80 2.10 -8.43 -0.30
C ILE A 80 2.32 -9.77 -1.03
N GLN A 81 2.45 -10.84 -0.30
CA GLN A 81 2.61 -12.17 -0.97
C GLN A 81 1.46 -13.10 -0.54
N GLY A 82 0.72 -13.59 -1.49
CA GLY A 82 -0.40 -14.51 -1.17
C GLY A 82 -1.74 -13.83 -1.47
N LEU A 83 -1.82 -13.11 -2.55
CA LEU A 83 -3.09 -12.41 -2.90
C LEU A 83 -4.01 -13.30 -3.75
N ARG A 84 -5.25 -13.41 -3.34
CA ARG A 84 -6.23 -14.23 -4.10
C ARG A 84 -7.33 -13.31 -4.62
N ALA A 85 -8.30 -13.84 -5.32
CA ALA A 85 -9.41 -12.98 -5.85
C ALA A 85 -10.14 -12.29 -4.70
N MET A 86 -10.31 -12.99 -3.60
CA MET A 86 -11.01 -12.39 -2.43
C MET A 86 -10.18 -11.27 -1.79
N ASP A 87 -8.88 -11.42 -1.78
CA ASP A 87 -7.99 -10.39 -1.16
C ASP A 87 -8.06 -9.06 -1.91
N THR A 88 -8.51 -9.08 -3.16
CA THR A 88 -8.60 -7.81 -3.96
C THR A 88 -9.33 -6.73 -3.15
N GLY A 89 -8.89 -5.52 -3.28
CA GLY A 89 -9.54 -4.41 -2.52
C GLY A 89 -8.60 -3.21 -2.44
N LEU A 90 -8.88 -2.27 -1.57
CA LEU A 90 -8.02 -1.05 -1.46
C LEU A 90 -7.00 -1.13 -0.33
N TYR A 91 -5.78 -0.82 -0.63
CA TYR A 91 -4.70 -0.80 0.39
C TYR A 91 -4.21 0.64 0.57
N ILE A 92 -3.96 1.08 1.77
CA ILE A 92 -3.53 2.49 2.00
C ILE A 92 -2.07 2.58 2.40
N CYS A 93 -1.39 3.57 1.91
CA CYS A 93 0.03 3.78 2.31
C CYS A 93 0.06 4.97 3.28
N LYS A 94 0.38 4.73 4.52
CA LYS A 94 0.42 5.85 5.52
C LYS A 94 1.85 6.28 5.73
N VAL A 95 2.08 7.56 5.91
CA VAL A 95 3.48 8.05 6.11
C VAL A 95 3.48 9.18 7.14
N GLU A 96 3.96 8.91 8.35
CA GLU A 96 3.95 9.97 9.39
C GLU A 96 5.31 10.11 10.10
N LEU A 97 5.79 11.31 10.18
CA LEU A 97 7.06 11.55 10.93
C LEU A 97 6.60 11.70 12.38
N MET A 98 6.36 10.58 13.03
CA MET A 98 5.79 10.65 14.41
C MET A 98 6.86 10.97 15.46
N TYR A 99 7.92 10.23 15.49
CA TYR A 99 8.99 10.46 16.54
C TYR A 99 9.76 11.79 16.35
N PRO A 100 10.17 12.12 15.14
CA PRO A 100 10.96 13.40 14.89
C PRO A 100 10.03 14.63 14.86
N PRO A 101 10.13 15.51 15.91
CA PRO A 101 9.23 16.70 16.00
C PRO A 101 9.93 17.88 15.03
N PRO A 102 9.12 18.96 14.43
CA PRO A 102 7.80 18.37 14.78
C PRO A 102 7.19 17.36 13.75
N TYR A 103 6.01 16.82 14.01
CA TYR A 103 5.40 15.89 13.02
C TYR A 103 4.56 16.70 11.98
N TYR A 104 4.75 16.42 10.72
CA TYR A 104 3.95 17.11 9.66
C TYR A 104 4.07 16.32 8.36
N LEU A 105 3.16 15.43 8.10
CA LEU A 105 3.22 14.60 6.85
C LEU A 105 1.80 14.31 6.32
N GLY A 106 1.56 13.17 5.69
CA GLY A 106 0.19 12.87 5.17
C GLY A 106 0.07 11.36 4.86
N ILE A 107 -1.09 10.94 4.42
CA ILE A 107 -1.29 9.51 4.10
C ILE A 107 -1.67 9.37 2.62
N GLY A 108 -1.48 8.21 2.05
CA GLY A 108 -1.87 8.00 0.62
C GLY A 108 -3.36 7.62 0.61
N ASN A 109 -4.09 8.03 -0.39
CA ASN A 109 -5.55 7.69 -0.43
C ASN A 109 -5.75 6.18 -0.45
N GLY A 110 -4.86 5.47 -1.09
CA GLY A 110 -4.99 3.99 -1.15
C GLY A 110 -5.04 3.50 -2.60
N THR A 111 -4.30 2.47 -2.89
CA THR A 111 -4.29 1.88 -4.25
C THR A 111 -5.05 0.56 -4.21
N GLN A 112 -5.97 0.34 -5.12
CA GLN A 112 -6.70 -0.95 -5.08
C GLN A 112 -5.89 -1.98 -5.86
N ILE A 113 -5.56 -3.09 -5.23
CA ILE A 113 -4.77 -4.12 -5.96
C ILE A 113 -5.73 -5.03 -6.74
N TYR A 114 -5.51 -5.16 -8.02
CA TYR A 114 -6.39 -6.02 -8.86
C TYR A 114 -5.78 -7.41 -9.02
N VAL A 115 -6.61 -8.38 -9.35
CA VAL A 115 -6.09 -9.75 -9.57
C VAL A 115 -6.19 -10.07 -11.06
N ILE A 116 -5.56 -11.11 -11.49
CA ILE A 116 -5.59 -11.47 -12.93
C ILE A 116 -6.62 -12.58 -13.18
N ASP A 117 -7.66 -12.28 -13.92
CA ASP A 117 -8.70 -13.30 -14.21
C ASP A 117 -9.16 -13.17 -15.67
N PRO A 118 -9.10 -14.27 -16.42
CA PRO A 118 -9.53 -14.21 -17.84
C PRO A 118 -11.05 -14.03 -17.93
N GLU A 119 -11.53 -13.40 -18.98
CA GLU A 119 -12.99 -13.18 -19.12
C GLU A 119 -13.63 -14.38 -19.83
N PRO A 120 -14.71 -14.92 -19.27
CA PRO A 120 -15.39 -16.08 -19.88
C PRO A 120 -16.09 -15.68 -21.19
N CYS A 121 -16.22 -14.40 -21.45
CA CYS A 121 -16.91 -13.96 -22.70
C CYS A 121 -15.86 -13.51 -23.75
N PRO A 122 -15.85 -14.16 -24.90
CA PRO A 122 -14.87 -13.78 -25.95
C PRO A 122 -15.17 -12.39 -26.52
N ASP A 123 -16.38 -11.91 -26.35
CA ASP A 123 -16.74 -10.56 -26.88
C ASP A 123 -17.63 -9.80 -25.89
N SER A 124 -17.85 -8.54 -26.13
CA SER A 124 -18.71 -7.73 -25.21
C SER A 124 -20.15 -7.70 -25.72
N ASP A 125 -21.06 -7.21 -24.93
CA ASP A 125 -22.50 -7.14 -25.36
C ASP A 125 -22.71 -5.95 -26.29
N GLN A 126 -23.21 -6.19 -27.48
CA GLN A 126 -23.45 -5.07 -28.44
C GLN A 126 -24.56 -4.14 -27.94
N GLU A 127 -25.56 -4.69 -27.30
CA GLU A 127 -26.67 -3.85 -26.79
C GLU A 127 -26.64 -3.79 -25.25
N PRO A 128 -26.59 -2.59 -24.69
CA PRO A 128 -26.56 -2.45 -23.22
C PRO A 128 -27.91 -2.83 -22.62
N LYS A 129 -27.95 -3.16 -21.35
CA LYS A 129 -29.24 -3.53 -20.70
C LYS A 129 -29.72 -2.40 -19.79
C1 NAG B . -8.49 9.61 -0.37
C2 NAG B . -8.85 9.46 1.11
C3 NAG B . -10.26 8.91 1.24
C4 NAG B . -11.24 9.74 0.44
C5 NAG B . -10.76 9.92 -1.00
C6 NAG B . -11.64 10.87 -1.79
C7 NAG B . -6.96 9.05 2.55
C8 NAG B . -6.30 8.08 3.52
N2 NAG B . -7.91 8.56 1.77
O3 NAG B . -10.64 8.91 2.61
O4 NAG B . -12.53 9.07 0.43
O5 NAG B . -9.43 10.45 -1.03
O6 NAG B . -12.60 10.12 -2.57
O7 NAG B . -6.64 10.21 2.49
H1 NAG B . -8.47 8.66 -0.92
H2 NAG B . -8.71 10.44 1.58
H3 NAG B . -10.28 7.87 0.88
H4 NAG B . -11.36 10.74 0.89
H5 NAG B . -10.76 8.95 -1.53
H61 NAG B . -12.15 11.54 -1.10
H62 NAG B . -10.99 11.48 -2.44
H81 NAG B . -5.84 7.24 2.98
H82 NAG B . -5.50 8.59 4.10
H83 NAG B . -7.04 7.69 4.23
HN2 NAG B . -7.97 7.60 1.62
HO3 NAG B . -10.32 8.11 3.04
C1 NAG B . -13.52 9.56 1.28
C2 NAG B . -14.47 8.41 1.64
C3 NAG B . -15.49 8.88 2.67
C4 NAG B . -14.79 9.53 3.86
C5 NAG B . -13.85 10.63 3.39
C6 NAG B . -13.05 11.23 4.53
C7 NAG B . -14.49 7.28 -0.46
C8 NAG B . -14.12 8.01 -1.72
N2 NAG B . -15.15 7.94 0.45
O3 NAG B . -16.25 7.76 3.12
O4 NAG B . -15.78 10.10 4.75
O5 NAG B . -12.89 10.08 2.45
O6 NAG B . -11.90 10.47 4.81
O7 NAG B . -14.19 6.11 -0.28
H1 NAG B . -14.05 10.37 0.76
H2 NAG B . -13.88 7.58 2.05
H3 NAG B . -16.18 9.61 2.22
H4 NAG B . -14.23 8.78 4.42
H5 NAG B . -14.40 11.46 2.92
H61 NAG B . -13.71 11.28 5.41
H62 NAG B . -12.77 12.25 4.25
H81 NAG B . -14.65 7.57 -2.58
H82 NAG B . -14.40 9.07 -1.64
H83 NAG B . -13.03 7.94 -1.91
HN2 NAG B . -16.10 8.12 0.33
HO3 NAG B . -17.14 7.80 2.77
HO6 NAG B . -11.17 11.06 4.99
C1 BMA B . -16.00 9.42 5.93
C2 BMA B . -15.36 10.19 7.09
C3 BMA B . -15.67 9.52 8.42
C4 BMA B . -17.18 9.33 8.56
C5 BMA B . -17.75 8.61 7.35
C6 BMA B . -19.26 8.51 7.39
O2 BMA B . -15.83 11.53 7.10
O3 BMA B . -15.19 10.34 9.48
O4 BMA B . -17.44 8.58 9.73
O5 BMA B . -17.41 9.33 6.14
O6 BMA B . -19.70 7.29 6.80
H1 BMA B . -15.60 8.40 5.84
H2 BMA B . -14.26 10.18 6.96
H3 BMA B . -15.20 8.55 8.46
H4 BMA B . -17.68 10.31 8.68
H5 BMA B . -17.36 7.59 7.28
H61 BMA B . -19.58 8.55 8.44
H62 BMA B . -19.69 9.37 6.87
HO2 BMA B . -16.78 11.52 7.00
HO3 BMA B . -14.41 9.92 9.87
HO4 BMA B . -17.34 9.13 10.51
HO6 BMA B . -19.34 6.55 7.28
C1 FUL B . -12.34 10.14 -3.96
C2 FUL B . -13.13 9.01 -4.62
O2 FUL B . -14.53 9.22 -4.48
C3 FUL B . -12.79 8.93 -6.11
O3 FUL B . -13.45 7.82 -6.70
C4 FUL B . -11.28 8.78 -6.29
O4 FUL B . -10.88 7.51 -5.81
C5 FUL B . -10.54 9.87 -5.53
C6 FUL B . -9.04 9.66 -5.56
O5 FUL B . -10.94 9.87 -4.14
H1 FUL B . -13.22 10.46 -3.38
H2 FUL B . -12.91 8.02 -4.19
HO2 FUL B . -15.01 8.70 -5.12
H3 FUL B . -13.18 9.83 -6.60
HO3 FUL B . -13.75 8.05 -7.57
H4 FUL B . -10.98 8.79 -7.34
HO4 FUL B . -11.22 6.82 -6.39
H5 FUL B . -10.71 10.91 -5.84
H61 FUL B . -8.82 8.66 -5.95
H62 FUL B . -8.57 10.42 -6.19
H63 FUL B . -8.64 9.74 -4.53
C1 NAG C . 9.54 -2.99 -4.34
C2 NAG C . 9.32 -3.52 -5.75
C3 NAG C . 9.86 -4.95 -5.86
C4 NAG C . 11.30 -5.01 -5.37
C5 NAG C . 11.43 -4.38 -3.98
C6 NAG C . 12.88 -4.30 -3.54
C7 NAG C . 7.40 -2.51 -6.73
C8 NAG C . 7.02 -2.74 -8.18
N2 NAG C . 7.91 -3.50 -6.08
O3 NAG C . 9.81 -5.37 -7.22
O4 NAG C . 11.77 -6.40 -5.41
O5 NAG C . 10.91 -3.04 -3.97
O6 NAG C . 13.06 -4.96 -2.28
O7 NAG C . 7.22 -1.43 -6.20
H1 NAG C . 8.95 -3.56 -3.59
H2 NAG C . 9.83 -2.84 -6.46
H3 NAG C . 9.25 -5.63 -5.27
H4 NAG C . 12.03 -4.51 -5.96
H5 NAG C . 10.82 -4.90 -3.22
H61 NAG C . 13.53 -4.73 -4.31
H62 NAG C . 13.11 -3.24 -3.44
H81 NAG C . 7.66 -2.14 -8.84
H82 NAG C . 7.17 -3.81 -8.44
H83 NAG C . 5.97 -2.47 -8.35
HN2 NAG C . 7.35 -4.27 -5.80
HO3 NAG C . 10.49 -4.93 -7.72
C1 NAG C . 11.91 -7.12 -4.23
C2 NAG C . 10.92 -8.27 -4.21
C3 NAG C . 11.13 -9.14 -2.97
C4 NAG C . 12.60 -9.56 -2.85
C5 NAG C . 13.53 -8.35 -2.98
C6 NAG C . 14.99 -8.75 -3.03
C7 NAG C . 8.61 -8.40 -4.80
C8 NAG C . 7.98 -7.74 -6.03
N2 NAG C . 9.56 -7.74 -4.20
O3 NAG C . 10.32 -10.29 -3.05
O4 NAG C . 12.82 -10.17 -1.57
O5 NAG C . 13.25 -7.62 -4.20
O6 NAG C . 15.59 -8.62 -1.74
O7 NAG C . 8.24 -9.49 -4.41
H1 NAG C . 11.83 -6.47 -3.43
H2 NAG C . 11.02 -8.83 -5.15
H3 NAG C . 10.87 -8.55 -2.09
H4 NAG C . 12.85 -10.27 -3.65
H5 NAG C . 13.41 -7.66 -2.13
H61 NAG C . 15.51 -8.10 -3.75
H62 NAG C . 15.07 -9.78 -3.37
H81 NAG C . 7.38 -6.87 -5.72
H82 NAG C . 8.76 -7.40 -6.71
H83 NAG C . 7.34 -8.46 -6.55
HN2 NAG C . 9.36 -6.90 -3.74
HO3 NAG C . 9.82 -10.38 -2.24
HO6 NAG C . 15.96 -9.46 -1.47
C1 BMA C . 12.50 -11.51 -1.46
C2 BMA C . 13.79 -12.33 -1.34
C3 BMA C . 13.48 -13.80 -1.08
C4 BMA C . 12.53 -13.95 0.10
C5 BMA C . 11.30 -13.05 -0.09
C6 BMA C . 10.39 -13.08 1.12
O2 BMA C . 14.58 -11.82 -0.26
O3 BMA C . 14.68 -14.51 -0.82
O4 BMA C . 12.13 -15.30 0.22
O5 BMA C . 11.70 -11.69 -0.29
O6 BMA C . 11.12 -13.28 2.32
H1 BMA C . 11.91 -11.83 -2.34
H2 BMA C . 14.36 -12.26 -2.28
H3 BMA C . 12.99 -14.22 -1.97
H4 BMA C . 13.04 -13.67 1.03
H5 BMA C . 10.70 -13.39 -0.95
H61 BMA C . 9.86 -12.11 1.17
H62 BMA C . 9.64 -13.87 1.00
HO2 BMA C . 14.81 -10.91 -0.45
HO3 BMA C . 15.04 -14.22 0.02
HO4 BMA C . 12.07 -15.53 1.14
HO6 BMA C . 10.62 -12.92 3.06
C1 FUC C . 12.57 -4.20 -1.21
C2 FUC C . 12.98 -4.87 0.09
C3 FUC C . 14.50 -5.00 0.08
C4 FUC C . 15.16 -3.64 -0.16
C5 FUC C . 14.54 -2.88 -1.34
C6 FUC C . 14.96 -1.43 -1.39
O2 FUC C . 12.36 -6.14 0.22
O3 FUC C . 14.93 -5.54 1.31
O4 FUC C . 15.08 -2.87 1.02
O5 FUC C . 13.10 -2.89 -1.22
H1 FUC C . 11.55 -4.39 -1.52
H2 FUC C . 13.05 -4.26 1.02
H3 FUC C . 14.72 -5.76 -0.68
H4 FUC C . 16.22 -3.59 -0.27
H5 FUC C . 14.75 -3.30 -2.32
H61 FUC C . 14.18 -0.82 -1.87
H62 FUC C . 15.16 -1.04 -0.38
H63 FUC C . 15.88 -1.34 -1.99
HO2 FUC C . 11.52 -6.04 0.68
HO3 FUC C . 15.16 -6.47 1.20
HO4 FUC C . 15.70 -3.20 1.67
N ALA A 1 -3.82 16.32 -0.67
CA ALA A 1 -2.46 15.79 -0.40
C ALA A 1 -1.42 16.59 -1.19
N MET A 2 -0.61 17.35 -0.50
CA MET A 2 0.43 18.17 -1.19
C MET A 2 1.82 17.54 -1.01
N HIS A 3 2.05 16.92 0.12
CA HIS A 3 3.38 16.28 0.37
C HIS A 3 3.25 14.76 0.35
N VAL A 4 2.33 14.26 -0.43
CA VAL A 4 2.14 12.78 -0.51
C VAL A 4 1.65 12.39 -1.91
N ALA A 5 2.17 11.32 -2.46
CA ALA A 5 1.73 10.87 -3.81
C ALA A 5 1.10 9.48 -3.71
N GLN A 6 -0.10 9.34 -4.24
CA GLN A 6 -0.79 8.01 -4.17
C GLN A 6 -1.54 7.69 -5.49
N PRO A 7 -1.34 6.48 -6.01
CA PRO A 7 -2.05 6.07 -7.24
C PRO A 7 -3.51 5.79 -6.91
N ALA A 8 -4.41 6.17 -7.77
CA ALA A 8 -5.86 5.92 -7.49
C ALA A 8 -6.14 4.43 -7.59
N VAL A 9 -5.46 3.74 -8.46
CA VAL A 9 -5.70 2.28 -8.57
C VAL A 9 -4.46 1.53 -9.02
N VAL A 10 -4.40 0.28 -8.69
CA VAL A 10 -3.27 -0.56 -9.10
C VAL A 10 -3.81 -1.88 -9.66
N LEU A 11 -3.12 -2.45 -10.62
CA LEU A 11 -3.59 -3.73 -11.21
C LEU A 11 -2.73 -4.89 -10.68
N ALA A 12 -3.36 -5.91 -10.14
CA ALA A 12 -2.59 -7.06 -9.60
C ALA A 12 -2.43 -8.15 -10.66
N SER A 13 -1.69 -9.19 -10.35
CA SER A 13 -1.49 -10.29 -11.33
C SER A 13 -2.24 -11.55 -10.87
N SER A 14 -2.22 -12.58 -11.68
CA SER A 14 -2.93 -13.85 -11.29
C SER A 14 -2.35 -14.40 -9.99
N ARG A 15 -1.06 -14.29 -9.82
CA ARG A 15 -0.41 -14.80 -8.57
C ARG A 15 -0.98 -14.09 -7.36
N GLY A 16 -1.41 -12.87 -7.52
CA GLY A 16 -1.99 -12.10 -6.37
C GLY A 16 -0.90 -11.21 -5.77
N ILE A 17 0.07 -10.82 -6.55
CA ILE A 17 1.15 -9.94 -6.04
C ILE A 17 0.89 -8.50 -6.51
N ALA A 18 0.35 -7.68 -5.65
CA ALA A 18 0.10 -6.27 -6.04
C ALA A 18 0.96 -5.35 -5.17
N SER A 19 1.84 -4.61 -5.78
CA SER A 19 2.71 -3.70 -5.00
C SER A 19 2.72 -2.29 -5.59
N PHE A 20 2.54 -1.31 -4.75
CA PHE A 20 2.54 0.11 -5.22
C PHE A 20 3.46 0.93 -4.31
N VAL A 21 3.85 2.10 -4.74
CA VAL A 21 4.77 2.93 -3.90
C VAL A 21 4.12 4.25 -3.49
N CYS A 22 4.05 4.50 -2.20
CA CYS A 22 3.47 5.78 -1.72
C CYS A 22 4.61 6.72 -1.32
N GLU A 23 4.85 7.74 -2.09
CA GLU A 23 5.96 8.66 -1.77
C GLU A 23 5.51 9.74 -0.79
N TYR A 24 6.36 10.10 0.14
CA TYR A 24 6.01 11.12 1.14
C TYR A 24 7.07 12.23 1.13
N ALA A 25 6.89 13.23 1.94
CA ALA A 25 7.87 14.35 1.99
C ALA A 25 8.21 14.70 3.44
N SER A 26 9.47 14.66 3.79
CA SER A 26 9.88 14.99 5.18
C SER A 26 10.77 16.25 5.19
N PRO A 27 10.47 17.19 6.07
CA PRO A 27 11.26 18.45 6.13
C PRO A 27 12.68 18.22 6.66
N GLY A 28 12.97 17.06 7.20
CA GLY A 28 14.35 16.81 7.73
C GLY A 28 14.65 15.31 7.73
N LYS A 29 15.80 14.94 8.22
CA LYS A 29 16.18 13.49 8.25
C LYS A 29 16.07 12.94 9.67
N ALA A 30 15.51 11.76 9.81
CA ALA A 30 15.36 11.15 11.16
C ALA A 30 15.26 9.63 11.05
N THR A 31 15.45 8.92 12.14
CA THR A 31 15.36 7.43 12.08
C THR A 31 13.94 6.95 12.26
N GLU A 32 12.97 7.82 12.17
CA GLU A 32 11.59 7.34 12.42
C GLU A 32 10.56 7.89 11.43
N VAL A 33 10.23 7.13 10.42
CA VAL A 33 9.17 7.54 9.47
C VAL A 33 8.13 6.43 9.50
N ARG A 34 7.31 6.46 10.50
CA ARG A 34 6.29 5.39 10.70
C ARG A 34 5.34 5.27 9.50
N VAL A 35 5.13 4.07 9.02
CA VAL A 35 4.19 3.86 7.91
C VAL A 35 3.21 2.75 8.28
N THR A 36 2.13 2.65 7.56
CA THR A 36 1.11 1.59 7.86
C THR A 36 0.22 1.35 6.64
N VAL A 37 -0.39 0.20 6.57
CA VAL A 37 -1.28 -0.10 5.42
C VAL A 37 -2.68 -0.42 5.96
N LEU A 38 -3.73 0.13 5.38
CA LEU A 38 -5.10 -0.16 5.92
C LEU A 38 -6.05 -0.59 4.82
N ARG A 39 -7.15 -1.17 5.20
CA ARG A 39 -8.20 -1.58 4.22
C ARG A 39 -9.51 -0.92 4.62
N GLN A 40 -10.07 -0.10 3.77
CA GLN A 40 -11.35 0.58 4.13
C GLN A 40 -12.55 -0.03 3.41
N ALA A 41 -13.56 -0.35 4.14
CA ALA A 41 -14.79 -0.94 3.55
C ALA A 41 -16.01 -0.13 4.01
N ASP A 42 -17.07 -0.14 3.26
CA ASP A 42 -18.28 0.64 3.66
C ASP A 42 -18.80 0.16 5.02
N SER A 43 -18.85 -1.13 5.22
CA SER A 43 -19.35 -1.67 6.53
C SER A 43 -18.38 -1.35 7.67
N GLN A 44 -17.11 -1.64 7.49
CA GLN A 44 -16.11 -1.36 8.57
C GLN A 44 -14.70 -1.18 8.00
N VAL A 45 -13.81 -0.61 8.77
CA VAL A 45 -12.40 -0.41 8.31
C VAL A 45 -11.46 -1.01 9.36
N THR A 46 -10.46 -1.75 8.94
CA THR A 46 -9.52 -2.37 9.93
C THR A 46 -8.05 -2.16 9.52
N GLU A 47 -7.15 -2.28 10.46
CA GLU A 47 -5.70 -2.11 10.16
C GLU A 47 -5.13 -3.40 9.56
N VAL A 48 -3.99 -3.28 8.90
CA VAL A 48 -3.38 -4.48 8.27
C VAL A 48 -1.91 -4.62 8.70
N CYS A 49 -1.05 -3.71 8.30
CA CYS A 49 0.39 -3.81 8.68
C CYS A 49 0.97 -2.46 9.09
N ALA A 50 1.99 -2.48 9.91
CA ALA A 50 2.63 -1.20 10.35
C ALA A 50 4.04 -1.46 10.88
N ALA A 51 4.98 -0.62 10.50
CA ALA A 51 6.38 -0.79 10.99
C ALA A 51 7.10 0.57 10.93
N THR A 52 8.00 0.83 11.85
CA THR A 52 8.71 2.15 11.84
C THR A 52 9.83 2.13 10.79
N TYR A 53 9.84 3.10 9.91
CA TYR A 53 10.91 3.16 8.89
C TYR A 53 12.14 3.77 9.53
N MET A 54 13.12 2.96 9.85
CA MET A 54 14.36 3.53 10.45
C MET A 54 15.35 3.73 9.31
N MET A 55 15.95 4.88 9.21
CA MET A 55 16.91 5.11 8.10
C MET A 55 18.06 4.11 8.15
N GLY A 56 18.48 3.73 9.33
CA GLY A 56 19.61 2.75 9.47
C GLY A 56 19.17 1.36 9.00
N ASN A 57 18.07 0.86 9.50
CA ASN A 57 17.59 -0.49 9.10
C ASN A 57 16.11 -0.46 8.70
N GLU A 58 15.66 -1.43 7.95
CA GLU A 58 14.23 -1.46 7.53
C GLU A 58 13.45 -2.50 8.36
N LEU A 59 12.32 -2.11 8.91
CA LEU A 59 11.51 -3.04 9.71
C LEU A 59 10.43 -3.68 8.84
N THR A 60 10.03 -4.88 9.15
CA THR A 60 9.01 -5.58 8.35
C THR A 60 7.67 -5.60 9.09
N PHE A 61 6.62 -5.96 8.41
CA PHE A 61 5.27 -6.00 9.06
C PHE A 61 5.01 -7.41 9.58
N LEU A 62 5.18 -7.60 10.87
CA LEU A 62 4.96 -8.96 11.46
C LEU A 62 3.62 -9.02 12.23
N ASP A 63 2.85 -7.97 12.24
CA ASP A 63 1.56 -8.01 12.99
C ASP A 63 0.59 -8.97 12.31
N ASP A 64 0.54 -8.92 11.03
CA ASP A 64 -0.34 -9.83 10.26
C ASP A 64 0.48 -10.88 9.50
N SER A 65 1.77 -10.93 9.73
CA SER A 65 2.68 -11.93 9.06
C SER A 65 2.27 -12.28 7.62
N ILE A 66 1.71 -11.35 6.87
CA ILE A 66 1.30 -11.66 5.46
C ILE A 66 1.57 -10.47 4.52
N CYS A 67 2.30 -9.46 4.96
CA CYS A 67 2.59 -8.30 4.06
C CYS A 67 4.08 -8.01 4.02
N THR A 68 4.58 -7.70 2.86
CA THR A 68 6.03 -7.38 2.71
C THR A 68 6.18 -6.22 1.72
N GLY A 69 7.25 -5.48 1.79
CA GLY A 69 7.41 -4.34 0.84
C GLY A 69 8.81 -3.72 0.97
N THR A 70 9.07 -2.72 0.19
CA THR A 70 10.39 -2.04 0.23
C THR A 70 10.21 -0.58 0.66
N SER A 71 11.28 0.03 1.06
CA SER A 71 11.21 1.46 1.50
C SER A 71 12.59 2.11 1.26
N SER A 72 12.68 3.06 0.37
CA SER A 72 14.01 3.69 0.09
C SER A 72 13.86 5.18 -0.19
N GLY A 73 14.83 5.97 0.19
CA GLY A 73 14.77 7.44 -0.07
C GLY A 73 13.46 8.02 0.48
N ASN A 74 12.69 8.66 -0.36
CA ASN A 74 11.39 9.25 0.10
C ASN A 74 10.21 8.48 -0.50
N GLN A 75 10.42 7.26 -0.95
CA GLN A 75 9.29 6.48 -1.54
C GLN A 75 9.16 5.13 -0.84
N VAL A 76 7.97 4.78 -0.41
CA VAL A 76 7.79 3.49 0.31
C VAL A 76 6.98 2.52 -0.58
N ASN A 77 7.49 1.33 -0.81
CA ASN A 77 6.75 0.36 -1.68
C ASN A 77 6.14 -0.77 -0.83
N LEU A 78 4.85 -0.92 -0.88
CA LEU A 78 4.17 -2.01 -0.09
C LEU A 78 3.69 -3.10 -1.06
N THR A 79 3.98 -4.35 -0.77
CA THR A 79 3.54 -5.46 -1.69
C THR A 79 2.60 -6.44 -0.96
N ILE A 80 1.57 -6.89 -1.64
CA ILE A 80 0.62 -7.86 -1.01
C ILE A 80 0.64 -9.19 -1.77
N GLN A 81 0.74 -10.29 -1.07
CA GLN A 81 0.71 -11.60 -1.77
C GLN A 81 -0.46 -12.45 -1.28
N GLY A 82 -1.32 -12.82 -2.17
CA GLY A 82 -2.49 -13.66 -1.80
C GLY A 82 -3.78 -12.87 -2.03
N LEU A 83 -3.85 -12.13 -3.11
CA LEU A 83 -5.08 -11.33 -3.39
C LEU A 83 -6.02 -12.08 -4.33
N ARG A 84 -7.22 -12.33 -3.87
CA ARG A 84 -8.23 -13.04 -4.72
C ARG A 84 -9.22 -12.01 -5.26
N ALA A 85 -10.18 -12.42 -6.05
CA ALA A 85 -11.18 -11.45 -6.59
C ALA A 85 -11.93 -10.77 -5.43
N MET A 86 -12.23 -11.52 -4.41
CA MET A 86 -12.96 -10.94 -3.24
C MET A 86 -12.06 -9.96 -2.47
N ASP A 87 -10.78 -10.21 -2.44
CA ASP A 87 -9.84 -9.31 -1.70
C ASP A 87 -9.72 -7.94 -2.37
N THR A 88 -10.12 -7.81 -3.62
CA THR A 88 -10.02 -6.50 -4.33
C THR A 88 -10.67 -5.40 -3.48
N GLY A 89 -10.01 -4.28 -3.36
CA GLY A 89 -10.57 -3.17 -2.53
C GLY A 89 -9.60 -2.00 -2.46
N LEU A 90 -9.69 -1.20 -1.42
CA LEU A 90 -8.80 -0.02 -1.29
C LEU A 90 -7.78 -0.20 -0.16
N TYR A 91 -6.53 0.02 -0.47
CA TYR A 91 -5.45 -0.07 0.55
C TYR A 91 -4.89 1.34 0.77
N ILE A 92 -4.51 1.65 1.99
CA ILE A 92 -3.99 3.01 2.29
C ILE A 92 -2.50 2.98 2.62
N CYS A 93 -1.78 3.98 2.19
CA CYS A 93 -0.34 4.06 2.55
C CYS A 93 -0.21 5.16 3.61
N LYS A 94 0.24 4.81 4.79
CA LYS A 94 0.36 5.82 5.88
C LYS A 94 1.82 6.23 6.03
N VAL A 95 2.07 7.49 6.27
CA VAL A 95 3.48 7.96 6.42
C VAL A 95 3.52 9.07 7.47
N GLU A 96 3.99 8.78 8.67
CA GLU A 96 4.02 9.85 9.70
C GLU A 96 5.32 9.89 10.51
N LEU A 97 5.96 11.02 10.55
CA LEU A 97 7.17 11.16 11.39
C LEU A 97 6.62 11.38 12.78
N MET A 98 6.18 10.30 13.37
CA MET A 98 5.52 10.38 14.71
C MET A 98 6.53 10.49 15.87
N TYR A 99 7.49 9.62 15.91
CA TYR A 99 8.48 9.65 17.02
C TYR A 99 9.37 10.89 16.95
N PRO A 100 9.79 11.31 15.76
CA PRO A 100 10.70 12.50 15.70
C PRO A 100 9.88 13.79 15.63
N PRO A 101 10.07 14.70 16.60
CA PRO A 101 9.27 15.86 16.57
C PRO A 101 10.17 17.07 15.86
N PRO A 102 9.52 18.24 15.27
CA PRO A 102 8.09 17.73 15.46
C PRO A 102 7.38 16.89 14.24
N TYR A 103 6.23 16.32 14.53
CA TYR A 103 5.44 15.53 13.49
C TYR A 103 4.76 16.46 12.47
N TYR A 104 5.02 16.24 11.20
CA TYR A 104 4.45 17.09 10.14
C TYR A 104 4.31 16.32 8.81
N LEU A 105 3.56 15.25 8.80
CA LEU A 105 3.40 14.46 7.53
C LEU A 105 1.91 14.20 7.29
N GLY A 106 1.56 13.13 6.61
CA GLY A 106 0.12 12.87 6.35
C GLY A 106 -0.08 11.40 5.93
N ILE A 107 -1.25 11.08 5.44
CA ILE A 107 -1.54 9.69 5.03
C ILE A 107 -1.95 9.64 3.55
N GLY A 108 -1.76 8.53 2.90
CA GLY A 108 -2.20 8.44 1.48
C GLY A 108 -3.70 8.14 1.49
N ASN A 109 -4.47 8.75 0.63
CA ASN A 109 -5.95 8.49 0.63
C ASN A 109 -6.22 7.00 0.37
N GLY A 110 -5.36 6.35 -0.38
CA GLY A 110 -5.54 4.90 -0.64
C GLY A 110 -5.65 4.61 -2.14
N THR A 111 -5.14 3.47 -2.52
CA THR A 111 -5.20 3.05 -3.95
C THR A 111 -6.09 1.81 -4.05
N GLN A 112 -7.01 1.80 -4.96
CA GLN A 112 -7.88 0.59 -5.08
C GLN A 112 -7.12 -0.47 -5.89
N ILE A 113 -6.86 -1.62 -5.32
CA ILE A 113 -6.11 -2.66 -6.07
C ILE A 113 -7.10 -3.49 -6.90
N TYR A 114 -6.92 -3.50 -8.20
CA TYR A 114 -7.82 -4.27 -9.10
C TYR A 114 -7.24 -5.67 -9.34
N VAL A 115 -7.98 -6.70 -8.98
CA VAL A 115 -7.48 -8.07 -9.23
C VAL A 115 -7.83 -8.48 -10.65
N ILE A 116 -7.24 -9.54 -11.13
CA ILE A 116 -7.51 -10.00 -12.52
C ILE A 116 -8.45 -11.21 -12.51
N ASP A 117 -9.37 -11.25 -13.44
CA ASP A 117 -10.32 -12.40 -13.51
C ASP A 117 -10.04 -13.23 -14.78
N PRO A 118 -9.77 -14.50 -14.61
CA PRO A 118 -9.48 -15.37 -15.79
C PRO A 118 -10.74 -15.59 -16.62
N GLU A 119 -10.58 -15.77 -17.92
CA GLU A 119 -11.76 -16.00 -18.80
C GLU A 119 -11.59 -17.31 -19.58
N PRO A 120 -12.69 -17.94 -19.93
CA PRO A 120 -12.62 -19.22 -20.67
C PRO A 120 -12.07 -19.00 -22.09
N CYS A 121 -12.27 -17.83 -22.64
CA CYS A 121 -11.76 -17.56 -24.01
C CYS A 121 -11.11 -16.16 -24.09
N PRO A 122 -9.90 -16.08 -24.61
CA PRO A 122 -9.22 -14.77 -24.71
C PRO A 122 -9.88 -13.88 -25.79
N ASP A 123 -10.61 -14.48 -26.70
CA ASP A 123 -11.25 -13.68 -27.79
C ASP A 123 -12.73 -13.42 -27.47
N SER A 124 -13.20 -12.24 -27.74
CA SER A 124 -14.64 -11.91 -27.46
C SER A 124 -15.53 -12.23 -28.68
N ASP A 125 -14.96 -12.71 -29.76
CA ASP A 125 -15.78 -13.02 -30.98
C ASP A 125 -16.80 -14.13 -30.67
N GLN A 126 -16.52 -14.96 -29.69
CA GLN A 126 -17.47 -16.06 -29.34
C GLN A 126 -18.52 -15.59 -28.32
N GLU A 127 -18.47 -14.35 -27.90
CA GLU A 127 -19.47 -13.87 -26.90
C GLU A 127 -20.92 -13.99 -27.42
N PRO A 128 -21.17 -13.58 -28.66
CA PRO A 128 -22.55 -13.68 -29.19
C PRO A 128 -22.92 -15.14 -29.47
N LYS A 129 -24.19 -15.45 -29.41
CA LYS A 129 -24.64 -16.86 -29.66
C LYS A 129 -24.63 -17.16 -31.17
C1 NAG B . -7.89 11.45 1.91
C2 NAG B . -7.96 10.86 3.32
C3 NAG B . -9.29 11.20 3.94
C4 NAG B . -9.54 12.72 3.92
C5 NAG B . -9.30 13.29 2.51
C6 NAG B . -9.29 14.81 2.54
C7 NAG B . -7.25 8.79 4.28
C8 NAG B . -5.74 8.88 4.42
N2 NAG B . -7.80 9.42 3.28
O3 NAG B . -9.31 10.74 5.29
O4 NAG B . -10.89 13.00 4.33
O5 NAG B . -8.03 12.87 1.98
O6 NAG B . -10.43 15.34 1.83
O7 NAG B . -7.93 8.16 5.07
H1 NAG B . -8.65 11.02 1.24
H2 NAG B . -7.11 11.24 3.91
H3 NAG B . -10.08 10.69 3.40
H4 NAG B . -8.82 13.19 4.61
H5 NAG B . -10.09 12.92 1.85
H61 NAG B . -9.34 15.14 3.57
H62 NAG B . -8.34 15.16 2.10
H81 NAG B . -5.44 9.11 5.47
H82 NAG B . -5.28 7.92 4.15
H83 NAG B . -5.33 9.67 3.78
HN2 NAG B . -8.12 8.92 2.49
HO3 NAG B . -10.00 10.08 5.39
C1 NAG B . -11.07 13.47 5.62
C2 NAG B . -12.53 13.86 5.80
C3 NAG B . -12.81 14.26 7.25
C4 NAG B . -12.30 13.19 8.20
C5 NAG B . -10.84 12.85 7.90
C6 NAG B . -10.34 11.69 8.76
C7 NAG B . -13.76 14.83 4.02
C8 NAG B . -13.66 15.79 2.85
N2 NAG B . -12.86 14.97 4.94
O3 NAG B . -14.21 14.43 7.43
O4 NAG B . -12.40 13.67 9.56
O5 NAG B . -10.71 12.44 6.53
O6 NAG B . -9.08 11.21 8.29
O7 NAG B . -14.63 13.99 4.09
H1 NAG B . -10.41 14.34 5.75
H2 NAG B . -13.12 12.97 5.53
H3 NAG B . -12.31 15.22 7.40
H4 NAG B . -12.92 12.29 8.12
H5 NAG B . -10.18 13.69 8.10
H61 NAG B . -11.09 10.89 8.73
H62 NAG B . -10.24 12.04 9.80
H81 NAG B . -12.83 15.45 2.20
H82 NAG B . -14.61 15.83 2.30
H83 NAG B . -13.40 16.77 3.26
HN2 NAG B . -12.39 15.83 5.05
HO3 NAG B . -14.36 15.04 8.16
HO6 NAG B . -8.71 10.62 8.94
C1 BMA B . -13.33 13.04 10.37
C2 BMA B . -12.66 11.94 11.18
C3 BMA B . -13.65 11.30 12.14
C4 BMA B . -14.33 12.37 12.99
C5 BMA B . -14.93 13.46 12.09
C6 BMA B . -15.51 14.60 12.89
O2 BMA B . -11.57 12.49 11.92
O3 BMA B . -12.97 10.39 12.99
O4 BMA B . -15.37 11.78 13.75
O5 BMA B . -13.91 14.01 11.24
O6 BMA B . -16.71 15.10 12.29
H1 BMA B . -14.13 12.64 9.72
H2 BMA B . -12.28 11.16 10.51
H3 BMA B . -14.42 10.77 11.58
H4 BMA B . -13.61 12.82 13.68
H5 BMA B . -15.74 13.06 11.47
H61 BMA B . -15.72 14.25 13.91
H62 BMA B . -14.77 15.41 12.96
HO2 BMA B . -11.90 13.16 12.53
HO3 BMA B . -13.61 9.87 13.47
HO4 BMA B . -15.94 11.26 13.18
HO6 BMA B . -17.42 14.47 12.43
C1 FUL B . -10.11 16.42 1.00
C2 FUL B . -11.32 16.86 0.19
O2 FUL B . -12.37 17.33 1.04
C3 FUL B . -10.94 17.97 -0.79
O3 FUL B . -12.05 18.29 -1.62
C4 FUL B . -9.76 17.53 -1.65
O4 FUL B . -10.18 16.49 -2.51
C5 FUL B . -8.61 17.04 -0.77
C6 FUL B . -7.48 16.45 -1.60
O5 FUL B . -9.08 16.02 0.12
H1 FUL B . -10.70 16.43 1.93
H2 FUL B . -11.74 16.03 -0.40
HO2 FUL B . -12.99 17.87 0.53
H3 FUL B . -10.71 18.87 -0.21
HO3 FUL B . -12.53 17.48 -1.83
H4 FUL B . -9.40 18.32 -2.32
HO4 FUL B . -11.02 16.72 -2.92
H5 FUL B . -8.15 17.78 -0.10
H61 FUL B . -7.84 15.53 -2.10
H62 FUL B . -7.17 17.16 -2.36
H63 FUL B . -6.63 16.20 -0.95
C1 NAG C . 8.56 -2.24 -5.14
C2 NAG C . 8.10 -2.92 -6.42
C3 NAG C . 8.88 -4.20 -6.62
C4 NAG C . 10.37 -3.92 -6.61
C5 NAG C . 10.79 -3.07 -5.39
C6 NAG C . 12.21 -2.56 -5.53
C7 NAG C . 5.80 -2.39 -6.81
C8 NAG C . 5.43 -2.54 -8.29
N2 NAG C . 6.68 -3.23 -6.34
O3 NAG C . 8.52 -4.78 -7.88
O4 NAG C . 11.10 -5.15 -6.62
O5 NAG C . 9.94 -1.91 -5.25
O6 NAG C . 13.10 -3.30 -4.67
O7 NAG C . 5.29 -1.53 -6.12
H1 NAG C . 8.33 -2.88 -4.26
H2 NAG C . 8.23 -2.24 -7.28
H3 NAG C . 8.60 -4.89 -5.82
H4 NAG C . 10.65 -3.38 -7.46
H5 NAG C . 10.62 -3.65 -4.48
H61 NAG C . 12.49 -2.70 -6.59
H62 NAG C . 12.23 -1.48 -5.29
H81 NAG C . 6.04 -1.85 -8.89
H82 NAG C . 5.63 -3.57 -8.62
H83 NAG C . 4.37 -2.30 -8.44
HN2 NAG C . 6.40 -4.07 -5.92
HO3 NAG C . 7.58 -4.96 -7.89
C1 NAG C . 10.96 -5.94 -5.49
C2 NAG C . 10.42 -7.32 -5.85
C3 NAG C . 10.36 -8.22 -4.62
C4 NAG C . 11.71 -8.22 -3.89
C5 NAG C . 12.20 -6.80 -3.64
C6 NAG C . 13.59 -6.75 -3.05
C7 NAG C . 8.85 -7.53 -7.65
C8 NAG C . 7.42 -7.86 -8.04
N2 NAG C . 9.08 -7.18 -6.41
O3 NAG C . 10.02 -9.53 -5.01
O4 NAG C . 11.58 -8.91 -2.64
O5 NAG C . 12.24 -6.05 -4.87
O6 NAG C . 14.58 -6.85 -4.06
O7 NAG C . 9.76 -7.59 -8.46
H1 NAG C . 10.25 -5.41 -4.86
H2 NAG C . 11.09 -7.79 -6.58
H3 NAG C . 9.58 -7.83 -3.94
H4 NAG C . 12.46 -8.74 -4.51
H5 NAG C . 11.54 -6.27 -2.93
H61 NAG C . 13.74 -7.54 -2.31
H62 NAG C . 13.71 -5.80 -2.51
H81 NAG C . 7.20 -7.49 -9.04
H82 NAG C . 7.28 -8.96 -8.01
H83 NAG C . 6.72 -7.40 -7.31
HN2 NAG C . 8.34 -6.84 -5.86
HO3 NAG C . 9.35 -9.87 -4.41
HO6 NAG C . 15.04 -7.69 -3.97
C1 BMA C . 12.65 -9.70 -2.25
C2 BMA C . 12.93 -9.47 -0.76
C3 BMA C . 14.05 -10.40 -0.28
C4 BMA C . 13.71 -11.85 -0.65
C5 BMA C . 13.38 -11.97 -2.13
C6 BMA C . 12.92 -13.37 -2.50
O2 BMA C . 11.75 -9.72 -0.01
O3 BMA C . 14.19 -10.27 1.12
O4 BMA C . 14.82 -12.67 -0.34
O5 BMA C . 12.31 -11.07 -2.48
O6 BMA C . 12.15 -13.95 -1.45
H1 BMA C . 13.52 -9.45 -2.87
H2 BMA C . 13.28 -8.44 -0.60
H3 BMA C . 14.99 -10.13 -0.78
H4 BMA C . 12.85 -12.19 -0.04
H5 BMA C . 14.26 -11.74 -2.75
H61 BMA C . 12.33 -13.31 -3.42
H62 BMA C . 13.80 -13.98 -2.70
HO2 BMA C . 11.59 -8.97 0.57
HO3 BMA C . 15.06 -9.90 1.32
HO4 BMA C . 15.62 -12.27 -0.66
HO6 BMA C . 11.55 -13.29 -1.09
C1 FUC C . 14.34 -3.59 -5.27
C2 FUC C . 15.07 -2.29 -5.55
C3 FUC C . 15.09 -1.50 -4.24
C4 FUC C . 15.76 -2.33 -3.14
C5 FUC C . 15.21 -3.77 -3.07
C6 FUC C . 16.08 -4.68 -2.23
O2 FUC C . 14.43 -1.55 -6.59
O3 FUC C . 15.81 -0.29 -4.43
O4 FUC C . 17.15 -2.40 -3.38
O5 FUC C . 15.14 -4.34 -4.39
H1 FUC C . 13.89 -4.09 -6.13
H2 FUC C . 16.17 -2.28 -5.56
H3 FUC C . 14.06 -1.18 -4.06
H4 FUC C . 15.75 -1.86 -2.15
H5 FUC C . 14.17 -3.88 -2.74
H61 FUC C . 15.87 -4.51 -1.16
H62 FUC C . 17.14 -4.48 -2.44
H63 FUC C . 15.86 -5.73 -2.47
HO2 FUC C . 14.38 -2.09 -7.37
HO3 FUC C . 15.20 0.43 -4.58
HO4 FUC C . 17.50 -1.50 -3.49
N ALA A 1 -1.61 22.13 -0.20
CA ALA A 1 -1.30 21.86 1.23
C ALA A 1 -0.36 20.66 1.35
N MET A 2 -0.77 19.53 0.83
CA MET A 2 0.09 18.31 0.91
C MET A 2 0.65 17.96 -0.47
N HIS A 3 1.70 17.17 -0.52
CA HIS A 3 2.30 16.79 -1.83
C HIS A 3 2.49 15.28 -1.89
N VAL A 4 1.42 14.53 -2.05
CA VAL A 4 1.54 13.05 -2.11
C VAL A 4 0.92 12.52 -3.42
N ALA A 5 1.61 11.63 -4.09
CA ALA A 5 1.07 11.07 -5.37
C ALA A 5 0.63 9.62 -5.15
N GLN A 6 -0.56 9.27 -5.59
CA GLN A 6 -1.05 7.88 -5.39
C GLN A 6 -1.76 7.33 -6.64
N PRO A 7 -1.53 6.07 -6.96
CA PRO A 7 -2.21 5.45 -8.12
C PRO A 7 -3.66 5.14 -7.75
N ALA A 8 -4.58 5.36 -8.66
CA ALA A 8 -6.01 5.09 -8.33
C ALA A 8 -6.25 3.59 -8.30
N VAL A 9 -5.52 2.82 -9.07
CA VAL A 9 -5.74 1.36 -9.04
C VAL A 9 -4.45 0.62 -9.40
N VAL A 10 -4.40 -0.61 -9.03
CA VAL A 10 -3.21 -1.43 -9.34
C VAL A 10 -3.65 -2.83 -9.79
N LEU A 11 -2.83 -3.50 -10.54
CA LEU A 11 -3.18 -4.87 -11.01
C LEU A 11 -2.18 -5.88 -10.45
N ALA A 12 -2.67 -6.92 -9.80
CA ALA A 12 -1.75 -7.95 -9.23
C ALA A 12 -1.22 -8.84 -10.37
N SER A 13 0.04 -9.17 -10.36
CA SER A 13 0.61 -10.01 -11.46
C SER A 13 0.22 -11.48 -11.30
N SER A 14 0.68 -12.12 -10.26
CA SER A 14 0.33 -13.56 -10.07
C SER A 14 0.53 -13.96 -8.59
N ARG A 15 0.05 -15.12 -8.22
CA ARG A 15 0.21 -15.59 -6.80
C ARG A 15 -0.33 -14.56 -5.81
N GLY A 16 -1.19 -13.67 -6.24
CA GLY A 16 -1.73 -12.64 -5.31
C GLY A 16 -0.63 -11.62 -4.96
N ILE A 17 0.24 -11.30 -5.90
CA ILE A 17 1.30 -10.29 -5.61
C ILE A 17 0.87 -8.93 -6.19
N ALA A 18 0.32 -8.08 -5.35
CA ALA A 18 -0.08 -6.73 -5.83
C ALA A 18 0.91 -5.72 -5.30
N SER A 19 1.65 -5.09 -6.15
CA SER A 19 2.66 -4.10 -5.69
C SER A 19 2.41 -2.72 -6.28
N PHE A 20 2.42 -1.72 -5.45
CA PHE A 20 2.21 -0.32 -5.92
C PHE A 20 3.15 0.61 -5.17
N VAL A 21 3.38 1.78 -5.69
CA VAL A 21 4.31 2.72 -5.02
C VAL A 21 3.61 4.03 -4.64
N CYS A 22 3.69 4.39 -3.38
CA CYS A 22 3.07 5.66 -2.91
C CYS A 22 4.18 6.69 -2.70
N GLU A 23 4.02 7.86 -3.25
CA GLU A 23 5.08 8.90 -3.09
C GLU A 23 4.69 9.94 -2.05
N TYR A 24 5.64 10.34 -1.24
CA TYR A 24 5.38 11.33 -0.18
C TYR A 24 6.52 12.35 -0.12
N ALA A 25 6.47 13.27 0.79
CA ALA A 25 7.55 14.30 0.90
C ALA A 25 8.07 14.40 2.34
N SER A 26 9.30 14.03 2.57
CA SER A 26 9.88 14.11 3.95
C SER A 26 11.35 14.56 3.88
N PRO A 27 11.89 14.99 5.00
CA PRO A 27 13.31 15.42 5.04
C PRO A 27 14.24 14.21 4.84
N GLY A 28 15.44 14.43 4.38
CA GLY A 28 16.38 13.30 4.16
C GLY A 28 17.38 13.20 5.33
N LYS A 29 17.06 13.77 6.46
CA LYS A 29 17.99 13.70 7.63
C LYS A 29 17.32 13.00 8.82
N ALA A 30 16.46 12.05 8.55
CA ALA A 30 15.77 11.32 9.66
C ALA A 30 15.81 9.82 9.42
N THR A 31 16.03 9.04 10.44
CA THR A 31 16.07 7.55 10.28
C THR A 31 14.69 6.95 10.51
N GLU A 32 13.66 7.74 10.60
CA GLU A 32 12.34 7.15 10.90
C GLU A 32 11.25 7.62 9.93
N VAL A 33 10.61 6.69 9.27
CA VAL A 33 9.49 7.04 8.35
C VAL A 33 8.39 5.99 8.54
N ARG A 34 7.57 6.19 9.54
CA ARG A 34 6.48 5.19 9.82
C ARG A 34 5.50 5.11 8.66
N VAL A 35 5.40 3.95 8.05
CA VAL A 35 4.44 3.77 6.93
C VAL A 35 3.36 2.77 7.36
N THR A 36 2.13 3.11 7.15
CA THR A 36 1.01 2.19 7.54
C THR A 36 0.14 1.85 6.34
N VAL A 37 -0.15 0.58 6.15
CA VAL A 37 -1.01 0.18 5.00
C VAL A 37 -2.38 -0.28 5.53
N LEU A 38 -3.47 0.23 4.98
CA LEU A 38 -4.81 -0.19 5.50
C LEU A 38 -5.70 -0.73 4.39
N ARG A 39 -6.76 -1.39 4.77
CA ARG A 39 -7.74 -1.90 3.76
C ARG A 39 -9.11 -1.30 4.07
N GLN A 40 -9.67 -0.56 3.14
CA GLN A 40 -10.99 0.07 3.38
C GLN A 40 -12.12 -0.78 2.79
N ALA A 41 -13.20 -0.84 3.49
CA ALA A 41 -14.38 -1.62 3.01
C ALA A 41 -15.65 -0.81 3.26
N ASP A 42 -16.70 -1.08 2.54
CA ASP A 42 -17.96 -0.32 2.75
C ASP A 42 -18.46 -0.50 4.18
N SER A 43 -18.35 -1.70 4.70
CA SER A 43 -18.82 -1.95 6.10
C SER A 43 -17.82 -1.38 7.12
N GLN A 44 -16.56 -1.74 7.02
CA GLN A 44 -15.55 -1.23 8.00
C GLN A 44 -14.13 -1.22 7.39
N VAL A 45 -13.18 -0.69 8.13
CA VAL A 45 -11.77 -0.64 7.65
C VAL A 45 -10.86 -1.23 8.74
N THR A 46 -9.86 -1.99 8.37
CA THR A 46 -8.95 -2.60 9.40
C THR A 46 -7.48 -2.35 9.05
N GLU A 47 -6.61 -2.50 10.02
CA GLU A 47 -5.15 -2.29 9.76
C GLU A 47 -4.53 -3.53 9.12
N VAL A 48 -3.40 -3.35 8.46
CA VAL A 48 -2.75 -4.50 7.79
C VAL A 48 -1.23 -4.53 8.05
N CYS A 49 -0.51 -3.56 7.56
CA CYS A 49 0.98 -3.55 7.78
C CYS A 49 1.46 -2.20 8.31
N ALA A 50 2.42 -2.21 9.20
CA ALA A 50 2.94 -0.92 9.76
C ALA A 50 4.41 -1.08 10.16
N ALA A 51 5.25 -0.15 9.76
CA ALA A 51 6.70 -0.23 10.11
C ALA A 51 7.39 1.11 9.85
N THR A 52 8.50 1.37 10.50
CA THR A 52 9.22 2.66 10.27
C THR A 52 10.41 2.43 9.34
N TYR A 53 10.39 3.03 8.18
CA TYR A 53 11.52 2.83 7.24
C TYR A 53 12.68 3.71 7.68
N MET A 54 13.81 3.11 7.90
CA MET A 54 15.00 3.91 8.30
C MET A 54 15.77 4.19 7.02
N MET A 55 16.58 5.21 6.99
CA MET A 55 17.33 5.52 5.73
C MET A 55 18.23 4.33 5.34
N GLY A 56 18.67 3.55 6.29
CA GLY A 56 19.56 2.39 5.95
C GLY A 56 19.01 1.08 6.56
N ASN A 57 17.75 0.81 6.38
CA ASN A 57 17.17 -0.46 6.94
C ASN A 57 15.89 -0.85 6.20
N GLU A 58 15.28 -1.94 6.59
CA GLU A 58 14.03 -2.40 5.92
C GLU A 58 12.85 -2.34 6.89
N LEU A 59 11.65 -2.24 6.38
CA LEU A 59 10.44 -2.16 7.26
C LEU A 59 10.14 -3.52 7.89
N THR A 60 9.83 -3.52 9.17
CA THR A 60 9.51 -4.79 9.87
C THR A 60 8.00 -4.88 10.10
N PHE A 61 7.39 -5.98 9.73
CA PHE A 61 5.91 -6.12 9.91
C PHE A 61 5.61 -7.32 10.83
N LEU A 62 6.00 -7.23 12.07
CA LEU A 62 5.74 -8.36 13.02
C LEU A 62 4.24 -8.62 13.17
N ASP A 63 3.44 -7.58 13.20
CA ASP A 63 1.96 -7.77 13.35
C ASP A 63 1.27 -7.71 11.99
N ASP A 64 0.41 -8.66 11.71
CA ASP A 64 -0.31 -8.67 10.40
C ASP A 64 0.67 -8.56 9.23
N SER A 65 1.71 -9.34 9.24
CA SER A 65 2.73 -9.29 8.16
C SER A 65 2.08 -9.57 6.77
N ILE A 66 2.30 -10.71 6.17
CA ILE A 66 1.68 -11.02 4.84
C ILE A 66 1.97 -9.88 3.84
N CYS A 67 3.00 -9.12 4.07
CA CYS A 67 3.34 -8.00 3.13
C CYS A 67 4.80 -7.57 3.29
N THR A 68 5.33 -6.91 2.31
CA THR A 68 6.74 -6.42 2.40
C THR A 68 6.74 -4.91 2.18
N GLY A 69 7.53 -4.19 2.93
CA GLY A 69 7.54 -2.70 2.78
C GLY A 69 8.90 -2.21 2.29
N THR A 70 8.92 -1.55 1.17
CA THR A 70 10.20 -0.99 0.63
C THR A 70 9.98 0.47 0.29
N SER A 71 11.02 1.25 0.29
CA SER A 71 10.88 2.69 -0.04
C SER A 71 12.22 3.29 -0.46
N SER A 72 12.21 4.11 -1.49
CA SER A 72 13.47 4.76 -1.95
C SER A 72 13.18 6.20 -2.35
N GLY A 73 14.06 7.11 -2.02
CA GLY A 73 13.83 8.55 -2.37
C GLY A 73 12.51 9.01 -1.74
N ASN A 74 11.60 9.50 -2.55
CA ASN A 74 10.29 9.96 -2.01
C ASN A 74 9.16 8.98 -2.40
N GLN A 75 9.51 7.82 -2.92
CA GLN A 75 8.44 6.84 -3.32
C GLN A 75 8.53 5.56 -2.48
N VAL A 76 7.42 5.13 -1.91
CA VAL A 76 7.45 3.89 -1.10
C VAL A 76 6.69 2.76 -1.82
N ASN A 77 7.33 1.63 -2.01
CA ASN A 77 6.66 0.49 -2.71
C ASN A 77 6.09 -0.53 -1.73
N LEU A 78 4.78 -0.72 -1.75
CA LEU A 78 4.15 -1.73 -0.85
C LEU A 78 3.62 -2.90 -1.69
N THR A 79 3.94 -4.11 -1.31
CA THR A 79 3.46 -5.30 -2.08
C THR A 79 2.80 -6.32 -1.16
N ILE A 80 1.70 -6.89 -1.58
CA ILE A 80 1.01 -7.92 -0.74
C ILE A 80 1.20 -9.30 -1.37
N GLN A 81 1.62 -10.27 -0.60
CA GLN A 81 1.78 -11.64 -1.16
C GLN A 81 0.87 -12.61 -0.43
N GLY A 82 -0.01 -13.23 -1.16
CA GLY A 82 -0.96 -14.21 -0.55
C GLY A 82 -2.34 -13.57 -0.44
N LEU A 83 -2.70 -12.76 -1.40
CA LEU A 83 -4.03 -12.09 -1.35
C LEU A 83 -5.03 -12.85 -2.26
N ARG A 84 -6.19 -13.14 -1.73
CA ARG A 84 -7.23 -13.86 -2.52
C ARG A 84 -8.05 -12.87 -3.34
N ALA A 85 -8.73 -13.33 -4.35
CA ALA A 85 -9.58 -12.41 -5.17
C ALA A 85 -10.63 -11.76 -4.25
N MET A 86 -11.01 -12.46 -3.21
CA MET A 86 -12.00 -11.90 -2.26
C MET A 86 -11.39 -10.69 -1.52
N ASP A 87 -10.10 -10.71 -1.34
CA ASP A 87 -9.41 -9.59 -0.63
C ASP A 87 -9.24 -8.36 -1.53
N THR A 88 -9.63 -8.45 -2.79
CA THR A 88 -9.50 -7.28 -3.70
C THR A 88 -10.22 -6.08 -3.10
N GLY A 89 -9.65 -4.92 -3.23
CA GLY A 89 -10.30 -3.71 -2.63
C GLY A 89 -9.34 -2.51 -2.67
N LEU A 90 -9.44 -1.64 -1.70
CA LEU A 90 -8.57 -0.43 -1.66
C LEU A 90 -7.50 -0.54 -0.57
N TYR A 91 -6.27 -0.28 -0.94
CA TYR A 91 -5.16 -0.30 0.06
C TYR A 91 -4.62 1.12 0.25
N ILE A 92 -4.41 1.51 1.48
CA ILE A 92 -3.93 2.91 1.75
C ILE A 92 -2.43 2.93 2.01
N CYS A 93 -1.77 3.93 1.49
CA CYS A 93 -0.32 4.10 1.76
C CYS A 93 -0.19 5.28 2.73
N LYS A 94 0.42 5.09 3.87
CA LYS A 94 0.52 6.21 4.85
C LYS A 94 1.99 6.51 5.14
N VAL A 95 2.33 7.74 5.38
CA VAL A 95 3.76 8.09 5.65
C VAL A 95 3.83 9.14 6.76
N GLU A 96 4.26 8.76 7.94
CA GLU A 96 4.33 9.76 9.05
C GLU A 96 5.66 9.72 9.81
N LEU A 97 6.32 10.84 9.91
CA LEU A 97 7.56 10.90 10.71
C LEU A 97 7.11 10.87 12.16
N MET A 98 6.80 9.71 12.64
CA MET A 98 6.27 9.59 14.02
C MET A 98 7.36 9.66 15.09
N TYR A 99 8.43 8.91 14.93
CA TYR A 99 9.51 8.93 15.96
C TYR A 99 10.23 10.29 16.07
N PRO A 100 10.57 10.91 14.94
CA PRO A 100 11.32 12.20 15.03
C PRO A 100 10.39 13.43 15.18
N PRO A 101 10.44 14.10 16.28
CA PRO A 101 9.59 15.32 16.46
C PRO A 101 10.37 16.60 15.76
N PRO A 102 9.67 17.70 14.98
CA PRO A 102 8.22 17.15 15.36
C PRO A 102 7.43 16.32 14.23
N TYR A 103 6.20 15.82 14.50
CA TYR A 103 5.58 15.01 13.44
C TYR A 103 4.94 15.94 12.43
N TYR A 104 5.29 15.78 11.17
CA TYR A 104 4.71 16.64 10.11
C TYR A 104 4.82 15.96 8.74
N LEU A 105 3.75 15.39 8.25
CA LEU A 105 3.81 14.73 6.89
C LEU A 105 2.40 14.56 6.31
N GLY A 106 2.11 13.48 5.61
CA GLY A 106 0.74 13.33 5.03
C GLY A 106 0.41 11.85 4.83
N ILE A 107 -0.71 11.58 4.21
CA ILE A 107 -1.15 10.17 4.00
C ILE A 107 -1.55 9.95 2.53
N GLY A 108 -1.74 8.71 2.15
CA GLY A 108 -2.17 8.40 0.75
C GLY A 108 -3.65 8.00 0.81
N ASN A 109 -4.46 8.52 -0.06
CA ASN A 109 -5.91 8.17 -0.03
C ASN A 109 -6.11 6.66 -0.22
N GLY A 110 -5.30 6.04 -1.04
CA GLY A 110 -5.43 4.57 -1.25
C GLY A 110 -5.54 4.23 -2.74
N THR A 111 -5.13 3.04 -3.09
CA THR A 111 -5.21 2.57 -4.49
C THR A 111 -6.05 1.29 -4.51
N GLN A 112 -6.90 1.12 -5.48
CA GLN A 112 -7.69 -0.14 -5.54
C GLN A 112 -6.78 -1.22 -6.15
N ILE A 113 -6.80 -2.41 -5.63
CA ILE A 113 -5.94 -3.47 -6.23
C ILE A 113 -6.86 -4.48 -6.91
N TYR A 114 -6.63 -4.73 -8.19
CA TYR A 114 -7.48 -5.72 -8.93
C TYR A 114 -6.74 -7.05 -9.05
N VAL A 115 -7.42 -8.14 -8.77
CA VAL A 115 -6.76 -9.47 -8.90
C VAL A 115 -7.12 -10.07 -10.26
N ILE A 116 -6.42 -11.08 -10.64
CA ILE A 116 -6.68 -11.74 -11.95
C ILE A 116 -7.39 -13.08 -11.73
N ASP A 117 -8.45 -13.32 -12.47
CA ASP A 117 -9.20 -14.61 -12.31
C ASP A 117 -8.74 -15.61 -13.39
N PRO A 118 -8.22 -16.74 -12.96
CA PRO A 118 -7.75 -17.76 -13.93
C PRO A 118 -8.94 -18.48 -14.59
N GLU A 119 -9.70 -17.78 -15.40
CA GLU A 119 -10.88 -18.42 -16.06
C GLU A 119 -10.43 -19.07 -17.40
N PRO A 120 -10.84 -20.30 -17.62
CA PRO A 120 -10.45 -21.00 -18.87
C PRO A 120 -11.11 -20.36 -20.09
N CYS A 121 -12.17 -19.61 -19.89
CA CYS A 121 -12.86 -18.96 -21.05
C CYS A 121 -13.08 -17.46 -20.76
N PRO A 122 -12.92 -16.64 -21.77
CA PRO A 122 -13.13 -15.18 -21.58
C PRO A 122 -14.61 -14.86 -21.35
N ASP A 123 -14.90 -13.71 -20.78
CA ASP A 123 -16.32 -13.35 -20.54
C ASP A 123 -16.94 -12.75 -21.80
N SER A 124 -17.98 -13.37 -22.31
CA SER A 124 -18.64 -12.84 -23.54
C SER A 124 -19.31 -11.49 -23.27
N ASP A 125 -19.75 -11.27 -22.06
CA ASP A 125 -20.41 -9.97 -21.71
C ASP A 125 -19.38 -8.84 -21.71
N GLN A 126 -19.68 -7.75 -22.36
CA GLN A 126 -18.73 -6.60 -22.40
C GLN A 126 -18.91 -5.72 -21.15
N GLU A 127 -17.84 -5.10 -20.70
CA GLU A 127 -17.92 -4.23 -19.48
C GLU A 127 -18.56 -4.99 -18.30
N PRO A 128 -18.07 -6.19 -18.02
CA PRO A 128 -18.63 -6.99 -16.91
C PRO A 128 -18.27 -6.35 -15.56
N LYS A 129 -19.05 -6.63 -14.54
CA LYS A 129 -18.76 -6.04 -13.19
C LYS A 129 -17.50 -6.69 -12.60
C1 NAG B . -9.74 8.02 0.49
C2 NAG B . -9.33 8.97 1.61
C3 NAG B . -10.48 9.19 2.60
C4 NAG B . -11.78 9.53 1.88
C5 NAG B . -12.05 8.52 0.76
C6 NAG B . -13.27 8.87 -0.07
C7 NAG B . -7.42 9.25 3.02
C8 NAG B . -6.23 8.63 3.77
N2 NAG B . -8.17 8.45 2.32
O3 NAG B . -10.14 10.23 3.49
O4 NAG B . -12.87 9.50 2.83
O5 NAG B . -10.94 8.48 -0.14
O6 NAG B . -13.44 7.88 -1.11
O7 NAG B . -7.65 10.45 3.09
H1 NAG B . -9.95 7.01 0.85
H2 NAG B . -9.05 9.88 1.09
H3 NAG B . -10.60 8.27 3.17
H4 NAG B . -11.72 10.52 1.43
H5 NAG B . -12.24 7.51 1.16
H61 NAG B . -14.16 8.90 0.56
H62 NAG B . -13.10 9.86 -0.50
H81 NAG B . -5.61 8.05 3.09
H82 NAG B . -5.60 9.41 4.24
H83 NAG B . -6.58 7.97 4.57
HN2 NAG B . -7.96 7.50 2.27
HO3 NAG B . -10.07 9.89 4.38
C1 NAG B . -13.89 10.41 2.62
C2 NAG B . -15.20 9.83 3.16
C3 NAG B . -16.31 10.89 3.06
C4 NAG B . -15.87 12.20 3.70
C5 NAG B . -14.53 12.65 3.14
C6 NAG B . -14.01 13.89 3.84
C7 NAG B . -16.74 8.37 2.00
C8 NAG B . -17.17 8.97 0.67
N2 NAG B . -15.52 8.62 2.42
O3 NAG B . -17.48 10.41 3.70
O4 NAG B . -16.87 13.21 3.45
O5 NAG B . -13.55 11.62 3.32
O6 NAG B . -12.59 13.93 3.82
O7 NAG B . -17.51 7.68 2.65
H1 NAG B . -13.94 10.62 1.54
H2 NAG B . -15.05 9.54 4.20
H3 NAG B . -16.55 11.07 1.99
H4 NAG B . -15.78 12.08 4.79
H5 NAG B . -14.60 12.90 2.07
H61 NAG B . -14.38 13.89 4.87
H62 NAG B . -14.42 14.77 3.34
H81 NAG B . -16.42 9.71 0.35
H82 NAG B . -17.23 8.18 -0.10
H83 NAG B . -18.13 9.47 0.77
HN2 NAG B . -14.80 7.98 2.24
HO3 NAG B . -17.30 10.31 4.64
HO6 NAG B . -12.30 14.82 4.03
C1 BMA B . -17.78 13.44 4.47
C2 BMA B . -17.51 14.81 5.10
C3 BMA B . -18.56 15.13 6.14
C4 BMA B . -19.96 14.98 5.55
C5 BMA B . -20.12 13.61 4.89
C6 BMA B . -21.45 13.47 4.18
O2 BMA B . -17.51 15.80 4.08
O3 BMA B . -18.39 16.46 6.61
O4 BMA B . -20.93 15.13 6.57
O5 BMA B . -19.09 13.41 3.90
O6 BMA B . -21.60 14.43 3.15
H1 BMA B . -17.70 12.63 5.21
H2 BMA B . -16.53 14.78 5.59
H3 BMA B . -18.48 14.43 6.99
H4 BMA B . -20.13 15.78 4.81
H5 BMA B . -20.06 12.82 5.64
H61 BMA B . -21.52 12.45 3.77
H62 BMA B . -22.26 13.58 4.91
HO2 BMA B . -16.62 15.92 3.74
HO3 BMA B . -19.10 16.69 7.21
HO4 BMA B . -21.81 15.05 6.20
HO6 BMA B . -21.74 13.98 2.31
C1 FUL B . -14.74 7.83 -1.62
C2 FUL B . -15.01 9.12 -2.40
O2 FUL B . -15.08 10.22 -1.51
C3 FUL B . -13.86 9.27 -3.39
O3 FUL B . -14.09 10.42 -4.21
C4 FUL B . -13.76 8.03 -4.29
O4 FUL B . -14.83 8.03 -5.22
C5 FUL B . -13.79 6.71 -3.49
C6 FUL B . -14.03 5.51 -4.38
O5 FUL B . -14.87 6.76 -2.53
H1 FUL B . -15.23 7.74 -0.65
H2 FUL B . -15.72 9.10 -3.25
HO2 FUL B . -14.38 10.86 -1.67
H3 FUL B . -12.97 9.51 -2.80
HO3 FUL B . -13.53 10.38 -4.98
H4 FUL B . -12.91 8.04 -4.99
HO4 FUL B . -14.69 7.36 -5.88
H5 FUL B . -12.94 6.50 -2.84
H61 FUL B . -13.27 5.47 -5.18
H62 FUL B . -15.04 5.56 -4.83
H63 FUL B . -13.96 4.58 -3.78
C1 NAG C . 8.37 -2.79 -5.81
C2 NAG C . 8.17 -3.19 -7.27
C3 NAG C . 8.81 -4.54 -7.53
C4 NAG C . 10.27 -4.53 -7.09
C5 NAG C . 10.43 -4.00 -5.66
C6 NAG C . 11.89 -3.76 -5.30
C7 NAG C . 6.13 -2.25 -8.11
C8 NAG C . 5.35 -2.51 -9.39
N2 NAG C . 6.75 -3.26 -7.56
O3 NAG C . 8.72 -4.85 -8.91
O4 NAG C . 10.82 -5.85 -7.27
O5 NAG C . 9.76 -2.73 -5.51
O6 NAG C . 12.24 -2.39 -5.59
O7 NAG C . 6.19 -1.14 -7.62
H1 NAG C . 7.85 -3.49 -5.13
H2 NAG C . 8.60 -2.41 -7.91
H3 NAG C . 8.28 -5.33 -6.99
H4 NAG C . 10.89 -3.89 -7.67
H5 NAG C . 9.93 -4.66 -4.95
H61 NAG C . 12.03 -3.97 -4.23
H62 NAG C . 12.52 -4.46 -5.87
H81 NAG C . 4.39 -2.00 -9.35
H82 NAG C . 5.92 -2.14 -10.26
H83 NAG C . 5.19 -3.59 -9.52
HN2 NAG C . 6.24 -4.08 -7.34
HO3 NAG C . 9.41 -4.36 -9.38
C1 NAG C . 11.26 -6.63 -6.20
C2 NAG C . 10.24 -7.75 -5.95
C3 NAG C . 10.78 -8.80 -4.95
C4 NAG C . 12.19 -9.23 -5.33
C5 NAG C . 13.08 -8.01 -5.53
C6 NAG C . 14.48 -8.40 -5.98
C7 NAG C . 8.87 -6.85 -4.19
C8 NAG C . 7.51 -7.06 -3.53
N2 NAG C . 9.00 -7.20 -5.45
O3 NAG C . 9.92 -9.93 -4.92
O4 NAG C . 12.75 -10.04 -4.27
O5 NAG C . 12.53 -7.17 -6.56
O6 NAG C . 15.22 -8.97 -4.92
O7 NAG C . 9.81 -6.39 -3.57
H1 NAG C . 11.42 -6.04 -5.33
H2 NAG C . 10.04 -8.24 -6.92
H3 NAG C . 10.84 -8.34 -3.96
H4 NAG C . 12.18 -9.83 -6.25
H5 NAG C . 13.23 -7.44 -4.61
H61 NAG C . 14.99 -7.50 -6.37
H62 NAG C . 14.39 -9.11 -6.82
H81 NAG C . 7.60 -7.83 -2.76
H82 NAG C . 7.17 -6.13 -3.07
H83 NAG C . 6.80 -7.40 -4.29
HN2 NAG C . 8.23 -7.09 -6.06
HO3 NAG C . 9.76 -10.18 -4.02
HO6 NAG C . 15.93 -9.51 -5.28
C1 BMA C . 12.22 -11.33 -4.14
C2 BMA C . 13.36 -12.33 -4.02
C3 BMA C . 12.81 -13.73 -3.75
C4 BMA C . 11.87 -13.70 -2.54
C5 BMA C . 10.80 -12.63 -2.73
C6 BMA C . 9.92 -12.49 -1.52
O2 BMA C . 14.23 -11.95 -2.96
O3 BMA C . 13.90 -14.61 -3.49
O4 BMA C . 11.25 -14.98 -2.41
O5 BMA C . 11.42 -11.34 -2.96
O6 BMA C . 10.63 -11.95 -0.41
H1 BMA C . 11.57 -11.54 -4.99
H2 BMA C . 13.92 -12.37 -4.97
H3 BMA C . 12.25 -14.08 -4.62
H4 BMA C . 12.44 -13.51 -1.63
H5 BMA C . 10.14 -12.88 -3.58
H61 BMA C . 9.06 -11.85 -1.76
H62 BMA C . 9.52 -13.48 -1.24
HO2 BMA C . 15.06 -12.43 -3.03
HO3 BMA C . 13.56 -15.40 -3.04
HO4 BMA C . 10.74 -15.16 -3.19
HO6 BMA C . 10.71 -12.61 0.28
C1 FUC C . 13.46 -2.27 -6.28
C2 FUC C . 13.72 -0.81 -6.54
C3 FUC C . 13.65 -0.09 -5.19
C4 FUC C . 14.64 -0.73 -4.19
C5 FUC C . 14.54 -2.27 -4.17
C6 FUC C . 15.71 -2.91 -3.45
O2 FUC C . 12.74 -0.27 -7.42
O3 FUC C . 13.97 1.28 -5.35
O4 FUC C . 15.96 -0.37 -4.56
O5 FUC C . 14.53 -2.78 -5.51
H1 FUC C . 13.05 -2.80 -7.15
H2 FUC C . 14.75 -0.47 -6.69
H3 FUC C . 12.60 -0.12 -4.87
H4 FUC C . 14.59 -0.31 -3.18
H5 FUC C . 13.60 -2.69 -3.76
H61 FUC C . 16.54 -3.07 -4.15
H62 FUC C . 16.04 -2.26 -2.62
H63 FUC C . 15.40 -3.89 -3.03
HO2 FUC C . 12.50 -0.93 -8.08
HO3 FUC C . 14.72 1.37 -5.94
HO4 FUC C . 16.48 -0.17 -3.78
N ALA A 1 -2.39 20.76 -5.97
CA ALA A 1 -0.99 20.26 -5.91
C ALA A 1 -0.87 19.16 -4.86
N MET A 2 -1.32 19.42 -3.65
CA MET A 2 -1.25 18.40 -2.55
C MET A 2 0.20 17.93 -2.34
N HIS A 3 0.45 17.24 -1.26
CA HIS A 3 1.83 16.76 -0.98
C HIS A 3 1.86 15.24 -0.88
N VAL A 4 0.97 14.59 -1.58
CA VAL A 4 0.92 13.10 -1.55
C VAL A 4 0.43 12.56 -2.90
N ALA A 5 0.96 11.44 -3.33
CA ALA A 5 0.53 10.86 -4.63
C ALA A 5 -0.05 9.47 -4.42
N GLN A 6 -1.24 9.23 -4.91
CA GLN A 6 -1.87 7.88 -4.73
C GLN A 6 -2.66 7.46 -6.00
N PRO A 7 -2.42 6.24 -6.47
CA PRO A 7 -3.17 5.75 -7.66
C PRO A 7 -4.61 5.44 -7.25
N ALA A 8 -5.56 5.77 -8.08
CA ALA A 8 -6.97 5.48 -7.72
C ALA A 8 -7.22 3.98 -7.75
N VAL A 9 -6.52 3.25 -8.58
CA VAL A 9 -6.73 1.80 -8.61
C VAL A 9 -5.49 1.07 -9.12
N VAL A 10 -5.44 -0.19 -8.86
CA VAL A 10 -4.30 -1.02 -9.32
C VAL A 10 -4.80 -2.39 -9.77
N LEU A 11 -4.10 -3.01 -10.68
CA LEU A 11 -4.51 -4.36 -11.17
C LEU A 11 -3.49 -5.39 -10.68
N ALA A 12 -3.94 -6.43 -10.03
CA ALA A 12 -3.01 -7.47 -9.50
C ALA A 12 -2.75 -8.56 -10.55
N SER A 13 -1.58 -9.13 -10.52
CA SER A 13 -1.24 -10.21 -11.50
C SER A 13 -2.05 -11.49 -11.22
N SER A 14 -1.98 -12.46 -12.09
CA SER A 14 -2.74 -13.73 -11.88
C SER A 14 -2.29 -14.39 -10.57
N ARG A 15 -1.03 -14.30 -10.25
CA ARG A 15 -0.50 -14.91 -8.99
C ARG A 15 -1.27 -14.35 -7.79
N GLY A 16 -1.81 -13.16 -7.92
CA GLY A 16 -2.55 -12.53 -6.78
C GLY A 16 -1.64 -11.50 -6.10
N ILE A 17 -0.70 -10.96 -6.84
CA ILE A 17 0.21 -9.94 -6.27
C ILE A 17 -0.11 -8.55 -6.81
N ALA A 18 -0.59 -7.71 -5.95
CA ALA A 18 -0.91 -6.30 -6.34
C ALA A 18 0.10 -5.38 -5.68
N SER A 19 0.78 -4.58 -6.44
CA SER A 19 1.81 -3.68 -5.83
C SER A 19 1.59 -2.22 -6.24
N PHE A 20 1.77 -1.33 -5.30
CA PHE A 20 1.61 0.13 -5.58
C PHE A 20 2.56 0.92 -4.70
N VAL A 21 2.82 2.15 -5.03
CA VAL A 21 3.76 2.97 -4.21
C VAL A 21 3.13 4.32 -3.85
N CYS A 22 3.07 4.63 -2.57
CA CYS A 22 2.47 5.93 -2.14
C CYS A 22 3.59 6.92 -1.83
N GLU A 23 3.78 7.90 -2.66
CA GLU A 23 4.86 8.91 -2.42
C GLU A 23 4.36 10.01 -1.48
N TYR A 24 5.20 10.43 -0.57
CA TYR A 24 4.81 11.48 0.39
C TYR A 24 5.89 12.57 0.44
N ALA A 25 5.66 13.59 1.21
CA ALA A 25 6.67 14.69 1.31
C ALA A 25 6.77 15.17 2.76
N SER A 26 7.96 15.42 3.22
CA SER A 26 8.14 15.89 4.63
C SER A 26 8.95 17.20 4.66
N PRO A 27 8.68 18.04 5.64
CA PRO A 27 9.41 19.33 5.76
C PRO A 27 10.87 19.11 6.17
N GLY A 28 11.22 17.93 6.62
CA GLY A 28 12.63 17.66 7.03
C GLY A 28 12.96 16.18 6.83
N LYS A 29 14.09 15.74 7.33
CA LYS A 29 14.48 14.31 7.17
C LYS A 29 14.42 13.58 8.52
N ALA A 30 13.79 12.43 8.55
CA ALA A 30 13.70 11.66 9.82
C ALA A 30 13.91 10.17 9.54
N THR A 31 14.41 9.43 10.49
CA THR A 31 14.66 7.97 10.26
C THR A 31 13.37 7.17 10.39
N GLU A 32 12.60 7.47 11.39
CA GLU A 32 11.37 6.68 11.65
C GLU A 32 10.22 7.08 10.74
N VAL A 33 10.15 6.52 9.56
CA VAL A 33 9.00 6.83 8.67
C VAL A 33 8.01 5.68 8.82
N ARG A 34 7.12 5.80 9.77
CA ARG A 34 6.14 4.70 10.02
C ARG A 34 5.17 4.55 8.85
N VAL A 35 5.09 3.37 8.27
CA VAL A 35 4.15 3.16 7.15
C VAL A 35 3.11 2.09 7.49
N THR A 36 1.86 2.36 7.19
CA THR A 36 0.79 1.37 7.50
C THR A 36 -0.15 1.21 6.30
N VAL A 37 -0.87 0.12 6.26
CA VAL A 37 -1.81 -0.12 5.12
C VAL A 37 -3.18 -0.47 5.71
N LEU A 38 -4.28 0.02 5.14
CA LEU A 38 -5.61 -0.31 5.73
C LEU A 38 -6.60 -0.77 4.67
N ARG A 39 -7.73 -1.26 5.10
CA ARG A 39 -8.80 -1.69 4.14
C ARG A 39 -10.09 -0.97 4.53
N GLN A 40 -10.63 -0.15 3.65
CA GLN A 40 -11.89 0.58 4.01
C GLN A 40 -13.11 -0.07 3.37
N ALA A 41 -14.07 -0.38 4.18
CA ALA A 41 -15.33 -1.03 3.68
C ALA A 41 -16.41 0.04 3.48
N ASP A 42 -17.62 -0.38 3.20
CA ASP A 42 -18.72 0.61 2.98
C ASP A 42 -18.93 1.48 4.22
N SER A 43 -18.94 0.89 5.39
CA SER A 43 -19.15 1.70 6.64
C SER A 43 -18.11 1.36 7.72
N GLN A 44 -17.20 0.46 7.46
CA GLN A 44 -16.17 0.11 8.50
C GLN A 44 -14.78 0.03 7.88
N VAL A 45 -13.77 0.23 8.69
CA VAL A 45 -12.36 0.17 8.17
C VAL A 45 -11.50 -0.64 9.14
N THR A 46 -10.61 -1.46 8.63
CA THR A 46 -9.73 -2.28 9.53
C THR A 46 -8.25 -2.10 9.17
N GLU A 47 -7.37 -2.41 10.09
CA GLU A 47 -5.90 -2.27 9.82
C GLU A 47 -5.34 -3.52 9.14
N VAL A 48 -4.21 -3.40 8.50
CA VAL A 48 -3.61 -4.56 7.80
C VAL A 48 -2.18 -4.82 8.31
N CYS A 49 -1.26 -3.96 7.97
CA CYS A 49 0.16 -4.14 8.44
C CYS A 49 0.82 -2.77 8.66
N ALA A 50 1.80 -2.71 9.54
CA ALA A 50 2.48 -1.41 9.79
C ALA A 50 3.95 -1.61 10.20
N ALA A 51 4.80 -0.67 9.87
CA ALA A 51 6.25 -0.78 10.22
C ALA A 51 6.95 0.56 9.94
N THR A 52 8.06 0.83 10.60
CA THR A 52 8.78 2.12 10.33
C THR A 52 10.15 1.82 9.76
N TYR A 53 10.47 2.32 8.60
CA TYR A 53 11.82 2.06 8.04
C TYR A 53 12.75 3.20 8.42
N MET A 54 13.85 2.87 9.06
CA MET A 54 14.81 3.92 9.49
C MET A 54 15.32 4.67 8.25
N MET A 55 15.67 3.91 7.22
CA MET A 55 16.17 4.50 5.92
C MET A 55 16.79 3.39 5.07
N GLY A 56 16.07 2.91 4.08
CA GLY A 56 16.61 1.83 3.21
C GLY A 56 16.62 0.51 3.99
N ASN A 57 15.68 0.33 4.87
CA ASN A 57 15.63 -0.94 5.67
C ASN A 57 14.30 -1.68 5.42
N GLU A 58 14.27 -2.95 5.70
CA GLU A 58 13.02 -3.75 5.48
C GLU A 58 11.96 -3.36 6.50
N LEU A 59 10.71 -3.49 6.14
CA LEU A 59 9.60 -3.12 7.08
C LEU A 59 9.20 -4.33 7.93
N THR A 60 9.24 -4.19 9.23
CA THR A 60 8.86 -5.31 10.12
C THR A 60 7.37 -5.20 10.47
N PHE A 61 6.64 -6.27 10.36
CA PHE A 61 5.18 -6.22 10.68
C PHE A 61 4.87 -7.09 11.91
N LEU A 62 4.28 -6.51 12.93
CA LEU A 62 3.95 -7.29 14.16
C LEU A 62 2.99 -8.43 13.80
N ASP A 63 2.10 -8.18 12.88
CA ASP A 63 1.12 -9.23 12.46
C ASP A 63 0.93 -9.18 10.94
N ASP A 64 0.19 -10.11 10.39
CA ASP A 64 -0.04 -10.12 8.90
C ASP A 64 1.30 -10.06 8.16
N SER A 65 2.21 -10.93 8.50
CA SER A 65 3.55 -10.96 7.84
C SER A 65 3.42 -11.02 6.32
N ILE A 66 2.30 -11.48 5.81
CA ILE A 66 2.11 -11.57 4.33
C ILE A 66 2.36 -10.19 3.67
N CYS A 67 2.26 -9.11 4.41
CA CYS A 67 2.50 -7.77 3.81
C CYS A 67 3.99 -7.58 3.54
N THR A 68 4.33 -7.24 2.33
CA THR A 68 5.77 -7.02 1.98
C THR A 68 5.90 -5.81 1.05
N GLY A 69 6.99 -5.11 1.11
CA GLY A 69 7.16 -3.92 0.22
C GLY A 69 8.51 -3.26 0.46
N THR A 70 8.71 -2.11 -0.12
CA THR A 70 10.00 -1.38 0.04
C THR A 70 9.71 0.07 0.44
N SER A 71 10.72 0.79 0.85
CA SER A 71 10.51 2.22 1.25
C SER A 71 11.65 3.09 0.71
N SER A 72 11.39 4.35 0.49
CA SER A 72 12.45 5.26 -0.04
C SER A 72 12.45 6.57 0.75
N GLY A 73 13.24 7.53 0.35
CA GLY A 73 13.29 8.83 1.08
C GLY A 73 11.89 9.47 1.09
N ASN A 74 11.27 9.57 -0.05
CA ASN A 74 9.90 10.19 -0.11
C ASN A 74 8.90 9.26 -0.80
N GLN A 75 9.32 8.06 -1.17
CA GLN A 75 8.39 7.12 -1.87
C GLN A 75 8.30 5.80 -1.11
N VAL A 76 7.10 5.32 -0.83
CA VAL A 76 6.95 4.03 -0.11
C VAL A 76 6.32 2.98 -1.04
N ASN A 77 6.89 1.80 -1.08
CA ASN A 77 6.33 0.72 -1.97
C ASN A 77 5.68 -0.39 -1.14
N LEU A 78 4.39 -0.57 -1.27
CA LEU A 78 3.69 -1.67 -0.52
C LEU A 78 3.20 -2.75 -1.49
N THR A 79 3.45 -4.00 -1.18
CA THR A 79 3.01 -5.10 -2.09
C THR A 79 2.26 -6.19 -1.32
N ILE A 80 1.28 -6.79 -1.94
CA ILE A 80 0.49 -7.87 -1.26
C ILE A 80 0.61 -9.17 -2.06
N GLN A 81 0.73 -10.30 -1.39
CA GLN A 81 0.80 -11.59 -2.13
C GLN A 81 -0.29 -12.53 -1.62
N GLY A 82 -1.15 -12.96 -2.49
CA GLY A 82 -2.25 -13.89 -2.10
C GLY A 82 -3.57 -13.15 -2.13
N LEU A 83 -3.83 -12.42 -3.18
CA LEU A 83 -5.13 -11.67 -3.27
C LEU A 83 -6.20 -12.51 -3.95
N ARG A 84 -7.30 -12.72 -3.27
CA ARG A 84 -8.42 -13.50 -3.84
C ARG A 84 -9.52 -12.53 -4.31
N ALA A 85 -10.58 -13.03 -4.89
CA ALA A 85 -11.68 -12.13 -5.35
C ALA A 85 -12.24 -11.36 -4.15
N MET A 86 -12.44 -12.04 -3.05
CA MET A 86 -12.97 -11.37 -1.83
C MET A 86 -11.99 -10.31 -1.32
N ASP A 87 -10.72 -10.61 -1.36
CA ASP A 87 -9.69 -9.64 -0.86
C ASP A 87 -9.74 -8.34 -1.66
N THR A 88 -10.29 -8.35 -2.85
CA THR A 88 -10.38 -7.11 -3.68
C THR A 88 -11.01 -5.99 -2.86
N GLY A 89 -10.49 -4.80 -2.99
CA GLY A 89 -11.05 -3.66 -2.21
C GLY A 89 -10.09 -2.47 -2.27
N LEU A 90 -10.18 -1.58 -1.32
CA LEU A 90 -9.30 -0.38 -1.32
C LEU A 90 -8.23 -0.45 -0.23
N TYR A 91 -6.99 -0.34 -0.62
CA TYR A 91 -5.87 -0.35 0.38
C TYR A 91 -5.37 1.09 0.57
N ILE A 92 -5.06 1.45 1.79
CA ILE A 92 -4.60 2.86 2.06
C ILE A 92 -3.14 2.90 2.47
N CYS A 93 -2.35 3.76 1.86
CA CYS A 93 -0.95 3.89 2.32
C CYS A 93 -1.00 4.78 3.57
N LYS A 94 -0.03 4.73 4.43
CA LYS A 94 -0.12 5.56 5.67
C LYS A 94 1.27 5.87 6.17
N VAL A 95 1.79 7.02 5.84
CA VAL A 95 3.17 7.36 6.29
C VAL A 95 3.16 8.48 7.34
N GLU A 96 3.62 8.15 8.52
CA GLU A 96 3.63 9.15 9.63
C GLU A 96 4.95 9.13 10.39
N LEU A 97 5.62 10.26 10.49
CA LEU A 97 6.84 10.32 11.32
C LEU A 97 6.34 10.34 12.77
N MET A 98 5.94 9.21 13.26
CA MET A 98 5.31 9.15 14.62
C MET A 98 6.32 9.17 15.76
N TYR A 99 7.43 8.49 15.62
CA TYR A 99 8.43 8.47 16.73
C TYR A 99 9.02 9.88 17.01
N PRO A 100 9.41 10.61 15.98
CA PRO A 100 9.96 11.97 16.23
C PRO A 100 8.86 13.01 16.44
N PRO A 101 8.95 13.81 17.55
CA PRO A 101 7.94 14.90 17.75
C PRO A 101 8.40 16.24 16.88
N PRO A 102 7.53 17.39 16.58
CA PRO A 102 6.32 16.62 17.18
C PRO A 102 5.40 15.85 16.12
N TYR A 103 5.89 15.04 15.20
CA TYR A 103 5.06 14.27 14.14
C TYR A 103 4.40 15.19 13.12
N TYR A 104 4.66 15.02 11.83
CA TYR A 104 4.03 15.92 10.80
C TYR A 104 4.07 15.26 9.43
N LEU A 105 2.98 14.68 8.99
CA LEU A 105 2.97 14.01 7.63
C LEU A 105 1.53 13.83 7.11
N GLY A 106 1.25 12.76 6.38
CA GLY A 106 -0.15 12.60 5.84
C GLY A 106 -0.43 11.15 5.47
N ILE A 107 -1.67 10.87 5.18
CA ILE A 107 -2.07 9.49 4.81
C ILE A 107 -2.77 9.51 3.44
N GLY A 108 -2.65 8.45 2.67
CA GLY A 108 -3.31 8.42 1.34
C GLY A 108 -4.71 7.83 1.49
N ASN A 109 -5.69 8.30 0.75
CA ASN A 109 -7.06 7.75 0.89
C ASN A 109 -7.13 6.30 0.40
N GLY A 110 -6.23 5.90 -0.47
CA GLY A 110 -6.22 4.47 -0.89
C GLY A 110 -6.29 4.27 -2.40
N THR A 111 -5.98 3.06 -2.80
CA THR A 111 -6.03 2.66 -4.22
C THR A 111 -6.84 1.37 -4.32
N GLN A 112 -7.84 1.32 -5.16
CA GLN A 112 -8.61 0.04 -5.29
C GLN A 112 -7.68 -1.00 -5.93
N ILE A 113 -7.76 -2.22 -5.51
CA ILE A 113 -6.88 -3.27 -6.12
C ILE A 113 -7.79 -4.32 -6.78
N TYR A 114 -7.57 -4.60 -8.04
CA TYR A 114 -8.41 -5.61 -8.76
C TYR A 114 -7.59 -6.87 -9.06
N VAL A 115 -8.18 -8.03 -8.92
CA VAL A 115 -7.43 -9.27 -9.23
C VAL A 115 -7.83 -9.77 -10.62
N ILE A 116 -7.06 -10.67 -11.15
CA ILE A 116 -7.35 -11.21 -12.50
C ILE A 116 -7.73 -12.69 -12.42
N ASP A 117 -8.81 -13.07 -13.05
CA ASP A 117 -9.25 -14.50 -13.02
C ASP A 117 -9.01 -15.13 -14.41
N PRO A 118 -8.06 -16.03 -14.50
CA PRO A 118 -7.76 -16.69 -15.80
C PRO A 118 -8.89 -17.64 -16.19
N GLU A 119 -9.26 -17.64 -17.45
CA GLU A 119 -10.35 -18.55 -17.92
C GLU A 119 -9.93 -19.26 -19.21
N PRO A 120 -10.45 -20.46 -19.42
CA PRO A 120 -10.11 -21.21 -20.64
C PRO A 120 -10.72 -20.55 -21.89
N CYS A 121 -11.60 -19.59 -21.71
CA CYS A 121 -12.22 -18.90 -22.88
C CYS A 121 -11.75 -17.44 -22.92
N PRO A 122 -11.61 -16.90 -24.12
CA PRO A 122 -11.16 -15.49 -24.25
C PRO A 122 -12.24 -14.53 -23.74
N ASP A 123 -11.83 -13.41 -23.19
CA ASP A 123 -12.81 -12.43 -22.66
C ASP A 123 -13.22 -11.42 -23.75
N SER A 124 -14.08 -10.50 -23.42
CA SER A 124 -14.53 -9.48 -24.42
C SER A 124 -13.65 -8.22 -24.34
N ASP A 125 -12.57 -8.26 -23.60
CA ASP A 125 -11.70 -7.04 -23.49
C ASP A 125 -11.16 -6.65 -24.86
N GLN A 126 -11.10 -5.37 -25.14
CA GLN A 126 -10.58 -4.91 -26.47
C GLN A 126 -9.23 -4.22 -26.29
N GLU A 127 -8.39 -4.29 -27.29
CA GLU A 127 -7.03 -3.64 -27.21
C GLU A 127 -6.28 -4.09 -25.94
N PRO A 128 -6.23 -5.38 -25.70
CA PRO A 128 -5.53 -5.89 -24.50
C PRO A 128 -4.01 -5.69 -24.63
N LYS A 129 -3.33 -5.53 -23.52
CA LYS A 129 -1.85 -5.34 -23.57
C LYS A 129 -1.16 -6.28 -22.59
C1 NAG B . -9.64 10.04 2.58
C2 NAG B . -8.72 10.37 3.77
C3 NAG B . -9.35 9.90 5.08
C4 NAG B . -10.79 10.42 5.23
C5 NAG B . -11.59 10.07 3.98
C6 NAG B . -12.99 10.65 4.02
C7 NAG B . -6.52 9.79 4.56
C8 NAG B . -6.26 8.50 5.32
N2 NAG B . -7.43 9.73 3.61
O3 NAG B . -8.58 10.33 6.18
O4 NAG B . -11.42 9.79 6.38
O5 NAG B . -10.94 10.59 2.80
O6 NAG B . -13.95 9.61 4.37
O7 NAG B . -5.92 10.82 4.81
H1 NAG B . -9.83 8.96 2.44
H2 NAG B . -8.52 11.45 3.74
H3 NAG B . -9.38 8.79 5.06
H4 NAG B . -10.77 11.50 5.40
H5 NAG B . -11.72 8.98 3.85
H61 NAG B . -13.01 11.43 4.79
H62 NAG B . -13.24 11.10 3.05
H81 NAG B . -7.21 8.06 5.65
H82 NAG B . -5.78 7.75 4.68
H83 NAG B . -5.64 8.70 6.21
HN2 NAG B . -7.22 9.25 2.81
HO3 NAG B . -8.21 9.56 6.63
C1 NAG B . -11.43 10.48 7.59
C2 NAG B . -11.51 9.45 8.73
C3 NAG B . -11.25 10.10 10.10
C4 NAG B . -10.00 10.95 10.06
C5 NAG B . -10.10 11.95 8.92
C6 NAG B . -8.85 12.82 8.83
C7 NAG B . -13.42 8.44 7.67
C8 NAG B . -14.59 9.27 7.20
N2 NAG B . -12.83 8.82 8.77
O3 NAG B . -11.10 9.08 11.07
O4 NAG B . -9.83 11.64 11.31
O5 NAG B . -10.23 11.25 7.68
O6 NAG B . -9.17 14.14 8.43
O7 NAG B . -13.05 7.45 7.05
H1 NAG B . -12.27 11.19 7.66
H2 NAG B . -10.73 8.71 8.55
H3 NAG B . -12.08 10.75 10.40
H4 NAG B . -9.10 10.33 9.92
H5 NAG B . -10.92 12.67 9.09
H61 NAG B . -8.16 12.35 8.11
H62 NAG B . -8.37 12.81 9.82
H81 NAG B . -15.31 8.65 6.66
H82 NAG B . -15.11 9.71 8.07
H83 NAG B . -14.25 10.10 6.57
HN2 NAG B . -13.25 8.68 9.64
HO3 NAG B . -10.41 8.47 10.80
HO6 NAG B . -8.48 14.47 7.86
C1 BMA B . -8.86 11.14 12.16
C2 BMA B . -7.53 11.81 11.87
C3 BMA B . -6.46 11.32 12.84
C4 BMA B . -6.94 11.49 14.28
C5 BMA B . -8.32 10.86 14.47
C6 BMA B . -8.90 11.12 15.84
O2 BMA B . -7.66 13.21 11.98
O3 BMA B . -5.26 12.05 12.65
O4 BMA B . -6.02 10.88 15.17
O5 BMA B . -9.25 11.40 13.51
O6 BMA B . -8.64 12.45 16.25
H1 BMA B . -8.82 10.05 12.00
H2 BMA B . -7.20 11.55 10.85
H3 BMA B . -6.27 10.25 12.67
H4 BMA B . -7.00 12.56 14.53
H5 BMA B . -8.27 9.77 14.34
H61 BMA B . -9.97 10.94 15.82
H62 BMA B . -8.45 10.41 16.56
HO2 BMA B . -7.74 13.46 12.90
HO3 BMA B . -4.57 11.45 12.36
HO4 BMA B . -5.75 10.04 14.80
HO6 BMA B . -7.70 12.57 16.39
C1 FUL B . -14.66 9.12 3.27
C2 FUL B . -15.34 7.80 3.67
O2 FUL B . -16.27 8.01 4.71
C3 FUL B . -16.05 7.19 2.47
O3 FUL B . -16.56 5.91 2.82
C4 FUL B . -15.08 7.03 1.30
O4 FUL B . -14.11 6.06 1.63
C5 FUL B . -14.38 8.36 1.01
C6 FUL B . -13.29 8.22 -0.03
O5 FUL B . -13.76 8.86 2.20
H1 FUL B . -15.02 9.62 4.18
H2 FUL B . -14.61 7.06 4.03
HO2 FUL B . -16.15 7.35 5.39
H3 FUL B . -16.91 7.82 2.21
HO3 FUL B . -17.13 6.01 3.59
H4 FUL B . -15.56 6.66 0.39
HO4 FUL B . -14.55 5.25 1.93
H5 FUL B . -15.02 9.20 0.68
H61 FUL B . -12.39 7.76 0.42
H62 FUL B . -13.65 7.57 -0.84
H63 FUL B . -13.03 9.21 -0.44
C1 NAG C . 8.12 -2.62 -4.97
C2 NAG C . 7.94 -2.85 -6.47
C3 NAG C . 8.18 -4.32 -6.82
C4 NAG C . 9.50 -4.79 -6.26
C5 NAG C . 9.58 -4.49 -4.76
C6 NAG C . 10.91 -4.87 -4.16
C7 NAG C . 6.42 -1.78 -7.97
C8 NAG C . 5.98 -2.55 -9.20
N2 NAG C . 6.61 -2.46 -6.87
O3 NAG C . 8.18 -4.46 -8.24
O4 NAG C . 9.72 -6.19 -6.55
O5 NAG C . 9.40 -3.08 -4.53
O6 NAG C . 11.99 -4.22 -4.88
O7 NAG C . 6.60 -0.57 -8.00
H1 NAG C . 7.35 -3.14 -4.38
H2 NAG C . 8.66 -2.20 -6.99
H3 NAG C . 7.37 -4.93 -6.41
H4 NAG C . 10.39 -4.39 -6.66
H5 NAG C . 8.79 -4.93 -4.15
H61 NAG C . 10.92 -4.54 -3.10
H62 NAG C . 11.01 -5.96 -4.17
H81 NAG C . 6.80 -2.60 -9.92
H82 NAG C . 5.68 -3.57 -8.93
H83 NAG C . 5.13 -2.04 -9.68
HN2 NAG C . 5.83 -2.72 -6.31
HO3 NAG C . 8.05 -5.39 -8.46
C1 NAG C . 9.40 -7.17 -5.61
C2 NAG C . 8.26 -8.03 -6.12
C3 NAG C . 7.99 -9.19 -5.17
C4 NAG C . 9.28 -9.94 -4.84
C5 NAG C . 10.38 -8.97 -4.39
C6 NAG C . 11.71 -9.66 -4.19
C7 NAG C . 6.42 -7.19 -7.39
C8 NAG C . 5.76 -8.48 -7.87
N2 NAG C . 7.05 -7.23 -6.26
O3 NAG C . 7.06 -10.08 -5.74
O4 NAG C . 9.03 -10.89 -3.78
O5 NAG C . 10.58 -7.96 -5.39
O6 NAG C . 12.78 -8.73 -4.20
O7 NAG C . 6.33 -6.16 -8.04
H1 NAG C . 9.16 -6.68 -4.71
H2 NAG C . 8.55 -8.41 -7.12
H3 NAG C . 7.57 -8.78 -4.23
H4 NAG C . 9.63 -10.48 -5.72
H5 NAG C . 10.12 -8.49 -3.44
H61 NAG C . 11.85 -10.40 -5.00
H62 NAG C . 11.68 -10.20 -3.24
H81 NAG C . 5.45 -9.09 -7.01
H82 NAG C . 4.88 -8.25 -8.49
H83 NAG C . 6.49 -9.06 -8.48
HN2 NAG C . 6.73 -6.72 -5.49
HO3 NAG C . 6.40 -10.34 -5.09
HO6 NAG C . 13.61 -9.20 -4.14
C1 BMA C . 8.90 -12.21 -4.17
C2 BMA C . 10.27 -12.77 -4.54
C3 BMA C . 10.16 -14.25 -4.86
C4 BMA C . 9.47 -14.99 -3.71
C5 BMA C . 8.14 -14.33 -3.36
C6 BMA C . 7.49 -14.95 -2.14
O2 BMA C . 11.18 -12.58 -3.47
O3 BMA C . 11.46 -14.79 -5.07
O4 BMA C . 9.24 -16.34 -4.10
O5 BMA C . 8.36 -12.93 -3.06
O6 BMA C . 8.41 -15.06 -1.07
H1 BMA C . 8.18 -12.26 -5.00
H2 BMA C . 10.64 -12.25 -5.44
H3 BMA C . 9.56 -14.39 -5.77
H4 BMA C . 10.13 -15.00 -2.83
H5 BMA C . 7.43 -14.41 -4.20
H61 BMA C . 6.64 -14.34 -1.85
H62 BMA C . 7.11 -15.95 -2.43
HO2 BMA C . 12.00 -12.23 -3.81
HO3 BMA C . 11.99 -14.66 -4.27
HO4 BMA C . 8.57 -16.37 -4.78
HO6 BMA C . 7.97 -15.46 -0.31
C1 FUC C . 13.03 -5.10 -5.17
C2 FUC C . 14.15 -4.33 -5.85
C3 FUC C . 14.50 -3.16 -4.92
C4 FUC C . 14.88 -3.68 -3.52
C5 FUC C . 13.85 -4.68 -2.98
C6 FUC C . 14.36 -5.43 -1.75
O2 FUC C . 13.72 -3.84 -7.11
O3 FUC C . 15.60 -2.45 -5.47
O4 FUC C . 16.14 -4.31 -3.59
O5 FUC C . 13.56 -5.67 -3.99
H1 FUC C . 12.40 -5.66 -5.87
H2 FUC C . 15.18 -4.73 -5.79
H3 FUC C . 13.66 -2.46 -4.96
H4 FUC C . 15.08 -2.88 -2.79
H5 FUC C . 12.85 -4.30 -2.75
H61 FUC C . 13.61 -6.18 -1.44
H62 FUC C . 14.52 -4.71 -0.93
H63 FUC C . 15.30 -5.93 -1.99
HO2 FUC C . 12.90 -3.36 -7.00
HO3 FUC C . 15.77 -1.67 -4.94
HO4 FUC C . 16.46 -4.47 -2.70
N ALA A 1 1.41 22.36 -5.27
CA ALA A 1 0.40 21.71 -4.39
C ALA A 1 0.60 20.19 -4.38
N MET A 2 0.00 19.51 -3.43
CA MET A 2 0.15 18.01 -3.34
C MET A 2 1.63 17.62 -3.32
N HIS A 3 2.16 17.35 -2.16
CA HIS A 3 3.60 16.95 -2.05
C HIS A 3 3.71 15.46 -1.80
N VAL A 4 2.78 14.70 -2.30
CA VAL A 4 2.81 13.21 -2.12
C VAL A 4 2.20 12.53 -3.35
N ALA A 5 2.66 11.36 -3.68
CA ALA A 5 2.12 10.65 -4.90
C ALA A 5 1.84 9.18 -4.59
N GLN A 6 0.71 8.68 -5.03
CA GLN A 6 0.36 7.25 -4.78
C GLN A 6 -0.30 6.64 -6.01
N PRO A 7 -0.06 5.37 -6.25
CA PRO A 7 -0.70 4.69 -7.42
C PRO A 7 -2.20 4.54 -7.16
N ALA A 8 -2.99 4.59 -8.19
CA ALA A 8 -4.46 4.45 -8.00
C ALA A 8 -4.86 2.98 -7.98
N VAL A 9 -4.03 2.11 -8.52
CA VAL A 9 -4.40 0.68 -8.51
C VAL A 9 -3.15 -0.16 -8.72
N VAL A 10 -3.18 -1.40 -8.36
CA VAL A 10 -2.00 -2.27 -8.58
C VAL A 10 -2.44 -3.64 -9.10
N LEU A 11 -1.54 -4.36 -9.71
CA LEU A 11 -1.89 -5.70 -10.26
C LEU A 11 -1.02 -6.77 -9.61
N ALA A 12 -1.62 -7.84 -9.12
CA ALA A 12 -0.83 -8.94 -8.49
C ALA A 12 -0.69 -10.09 -9.49
N SER A 13 0.50 -10.63 -9.66
CA SER A 13 0.67 -11.73 -10.66
C SER A 13 1.53 -12.88 -10.11
N SER A 14 1.45 -14.04 -10.75
CA SER A 14 2.25 -15.23 -10.33
C SER A 14 1.91 -15.63 -8.87
N ARG A 15 2.85 -15.54 -7.94
CA ARG A 15 2.56 -15.93 -6.53
C ARG A 15 1.44 -15.06 -5.94
N GLY A 16 1.08 -13.98 -6.59
CA GLY A 16 0.00 -13.10 -6.04
C GLY A 16 0.66 -12.11 -5.10
N ILE A 17 1.77 -11.56 -5.52
CA ILE A 17 2.51 -10.61 -4.68
C ILE A 17 2.37 -9.22 -5.31
N ALA A 18 1.61 -8.37 -4.71
CA ALA A 18 1.43 -7.00 -5.27
C ALA A 18 2.35 -6.01 -4.57
N SER A 19 3.17 -5.32 -5.32
CA SER A 19 4.09 -4.33 -4.68
C SER A 19 3.93 -2.96 -5.35
N PHE A 20 3.79 -1.94 -4.55
CA PHE A 20 3.63 -0.56 -5.12
C PHE A 20 4.42 0.44 -4.27
N VAL A 21 4.62 1.63 -4.79
CA VAL A 21 5.42 2.64 -4.02
C VAL A 21 4.63 3.94 -3.80
N CYS A 22 4.53 4.37 -2.58
CA CYS A 22 3.84 5.64 -2.26
C CYS A 22 4.90 6.66 -1.83
N GLU A 23 5.03 7.76 -2.52
CA GLU A 23 6.10 8.74 -2.14
C GLU A 23 5.57 9.81 -1.20
N TYR A 24 6.45 10.37 -0.41
CA TYR A 24 6.06 11.42 0.55
C TYR A 24 7.08 12.58 0.46
N ALA A 25 6.95 13.57 1.29
CA ALA A 25 7.89 14.73 1.21
C ALA A 25 8.51 15.05 2.58
N SER A 26 9.81 14.91 2.69
CA SER A 26 10.50 15.22 3.98
C SER A 26 12.00 15.43 3.72
N PRO A 27 12.65 16.17 4.60
CA PRO A 27 14.11 16.41 4.43
C PRO A 27 14.90 15.11 4.64
N GLY A 28 14.33 14.14 5.30
CA GLY A 28 15.04 12.85 5.52
C GLY A 28 16.06 12.98 6.66
N LYS A 29 15.75 13.75 7.67
CA LYS A 29 16.69 13.91 8.82
C LYS A 29 16.25 13.08 10.02
N ALA A 30 15.55 12.01 9.77
CA ALA A 30 15.07 11.14 10.89
C ALA A 30 14.99 9.67 10.44
N THR A 31 15.30 8.76 11.33
CA THR A 31 15.23 7.31 10.99
C THR A 31 13.82 6.78 11.06
N GLU A 32 13.10 7.23 12.03
CA GLU A 32 11.74 6.67 12.27
C GLU A 32 10.68 7.24 11.33
N VAL A 33 10.59 6.70 10.13
CA VAL A 33 9.53 7.15 9.20
C VAL A 33 8.35 6.21 9.38
N ARG A 34 7.51 6.49 10.35
CA ARG A 34 6.36 5.58 10.64
C ARG A 34 5.44 5.47 9.42
N VAL A 35 5.23 4.27 8.96
CA VAL A 35 4.33 4.05 7.80
C VAL A 35 3.21 3.08 8.18
N THR A 36 2.00 3.44 7.88
CA THR A 36 0.84 2.56 8.23
C THR A 36 0.07 2.15 6.97
N VAL A 37 -0.21 0.88 6.84
CA VAL A 37 -0.98 0.41 5.66
C VAL A 37 -2.39 0.02 6.11
N LEU A 38 -3.43 0.50 5.45
CA LEU A 38 -4.81 0.15 5.91
C LEU A 38 -5.63 -0.49 4.80
N ARG A 39 -6.78 -1.01 5.16
CA ARG A 39 -7.70 -1.63 4.15
C ARG A 39 -9.10 -1.06 4.35
N GLN A 40 -9.65 -0.44 3.33
CA GLN A 40 -11.02 0.14 3.48
C GLN A 40 -12.04 -0.65 2.65
N ALA A 41 -13.14 -0.99 3.25
CA ALA A 41 -14.21 -1.75 2.53
C ALA A 41 -15.54 -1.03 2.71
N ASP A 42 -16.45 -1.17 1.78
CA ASP A 42 -17.77 -0.48 1.91
C ASP A 42 -18.48 -0.94 3.18
N SER A 43 -18.48 -2.23 3.45
CA SER A 43 -19.16 -2.74 4.67
C SER A 43 -18.40 -2.33 5.95
N GLN A 44 -17.09 -2.46 5.94
CA GLN A 44 -16.29 -2.09 7.16
C GLN A 44 -14.85 -1.73 6.78
N VAL A 45 -14.16 -1.03 7.65
CA VAL A 45 -12.74 -0.65 7.38
C VAL A 45 -11.88 -1.08 8.58
N THR A 46 -10.71 -1.60 8.33
CA THR A 46 -9.83 -2.03 9.46
C THR A 46 -8.35 -1.79 9.13
N GLU A 47 -7.51 -1.74 10.14
CA GLU A 47 -6.06 -1.51 9.90
C GLU A 47 -5.38 -2.81 9.47
N VAL A 48 -4.27 -2.71 8.78
CA VAL A 48 -3.55 -3.92 8.32
C VAL A 48 -2.19 -4.03 9.01
N CYS A 49 -1.18 -3.34 8.51
CA CYS A 49 0.17 -3.44 9.14
C CYS A 49 0.67 -2.05 9.57
N ALA A 50 1.64 -1.99 10.46
CA ALA A 50 2.16 -0.67 10.92
C ALA A 50 3.53 -0.82 11.59
N ALA A 51 4.46 0.04 11.27
CA ALA A 51 5.82 -0.04 11.90
C ALA A 51 6.66 1.17 11.52
N THR A 52 7.75 1.39 12.21
CA THR A 52 8.63 2.54 11.88
C THR A 52 9.78 2.05 11.02
N TYR A 53 9.96 2.63 9.85
CA TYR A 53 11.07 2.18 8.97
C TYR A 53 12.33 2.95 9.29
N MET A 54 13.27 2.31 9.93
CA MET A 54 14.55 2.99 10.23
C MET A 54 15.33 3.02 8.92
N MET A 55 16.27 3.91 8.75
CA MET A 55 17.03 3.94 7.45
C MET A 55 17.73 2.60 7.23
N GLY A 56 18.09 1.91 8.29
CA GLY A 56 18.76 0.60 8.15
C GLY A 56 17.82 -0.40 7.47
N ASN A 57 16.88 -0.95 8.21
CA ASN A 57 15.93 -1.92 7.59
C ASN A 57 14.61 -1.94 8.38
N GLU A 58 13.67 -2.74 7.92
CA GLU A 58 12.35 -2.83 8.63
C GLU A 58 12.11 -4.27 9.10
N LEU A 59 11.95 -4.47 10.37
CA LEU A 59 11.75 -5.85 10.90
C LEU A 59 10.46 -5.94 11.72
N THR A 60 9.41 -5.39 11.19
CA THR A 60 8.12 -5.36 11.91
C THR A 60 7.05 -6.19 11.15
N PHE A 61 5.85 -5.64 10.96
CA PHE A 61 4.77 -6.40 10.25
C PHE A 61 4.43 -7.68 11.02
N LEU A 62 4.70 -7.69 12.30
CA LEU A 62 4.44 -8.91 13.12
C LEU A 62 2.93 -9.18 13.24
N ASP A 63 2.13 -8.16 13.34
CA ASP A 63 0.65 -8.37 13.50
C ASP A 63 0.07 -9.15 12.33
N ASP A 64 0.47 -8.81 11.16
CA ASP A 64 -0.03 -9.53 9.96
C ASP A 64 0.90 -10.67 9.59
N SER A 65 2.08 -10.68 10.15
CA SER A 65 3.10 -11.75 9.86
C SER A 65 3.17 -12.11 8.36
N ILE A 66 2.81 -11.20 7.48
CA ILE A 66 2.85 -11.51 6.01
C ILE A 66 3.25 -10.27 5.21
N CYS A 67 2.68 -9.12 5.53
CA CYS A 67 3.00 -7.89 4.76
C CYS A 67 4.46 -7.46 4.98
N THR A 68 5.13 -7.12 3.92
CA THR A 68 6.53 -6.65 4.02
C THR A 68 6.65 -5.35 3.22
N GLY A 69 7.39 -4.39 3.71
CA GLY A 69 7.50 -3.10 2.98
C GLY A 69 8.93 -2.56 3.01
N THR A 70 9.24 -1.72 2.08
CA THR A 70 10.59 -1.12 2.00
C THR A 70 10.46 0.40 1.85
N SER A 71 11.50 1.12 2.18
CA SER A 71 11.42 2.61 2.05
C SER A 71 12.80 3.17 1.64
N SER A 72 12.84 3.96 0.59
CA SER A 72 14.13 4.53 0.14
C SER A 72 13.92 5.99 -0.30
N GLY A 73 14.74 6.89 0.19
CA GLY A 73 14.57 8.33 -0.19
C GLY A 73 13.18 8.81 0.22
N ASN A 74 12.43 9.32 -0.72
CA ASN A 74 11.05 9.80 -0.40
C ASN A 74 9.99 8.84 -0.94
N GLN A 75 10.38 7.63 -1.29
CA GLN A 75 9.39 6.65 -1.85
C GLN A 75 9.31 5.40 -0.98
N VAL A 76 8.12 5.06 -0.51
CA VAL A 76 7.98 3.85 0.34
C VAL A 76 7.35 2.70 -0.48
N ASN A 77 8.02 1.60 -0.59
CA ASN A 77 7.46 0.46 -1.39
C ASN A 77 6.84 -0.62 -0.48
N LEU A 78 5.53 -0.71 -0.45
CA LEU A 78 4.87 -1.76 0.38
C LEU A 78 4.52 -2.97 -0.49
N THR A 79 4.85 -4.16 -0.04
CA THR A 79 4.54 -5.38 -0.85
C THR A 79 3.70 -6.38 -0.04
N ILE A 80 2.73 -6.98 -0.67
CA ILE A 80 1.88 -8.00 0.04
C ILE A 80 2.12 -9.38 -0.57
N GLN A 81 2.38 -10.36 0.24
CA GLN A 81 2.59 -11.73 -0.30
C GLN A 81 1.45 -12.64 0.14
N GLY A 82 0.73 -13.16 -0.80
CA GLY A 82 -0.41 -14.08 -0.48
C GLY A 82 -1.74 -13.38 -0.72
N LEU A 83 -1.91 -12.80 -1.88
CA LEU A 83 -3.19 -12.10 -2.17
C LEU A 83 -4.27 -13.06 -2.68
N ARG A 84 -5.43 -13.00 -2.09
CA ARG A 84 -6.55 -13.87 -2.52
C ARG A 84 -7.65 -13.02 -3.17
N ALA A 85 -8.68 -13.63 -3.68
CA ALA A 85 -9.78 -12.85 -4.32
C ALA A 85 -10.40 -11.90 -3.29
N MET A 86 -10.63 -12.41 -2.11
CA MET A 86 -11.23 -11.58 -1.03
C MET A 86 -10.29 -10.45 -0.60
N ASP A 87 -9.01 -10.68 -0.65
CA ASP A 87 -8.03 -9.63 -0.22
C ASP A 87 -8.09 -8.42 -1.15
N THR A 88 -8.53 -8.60 -2.38
CA THR A 88 -8.60 -7.45 -3.34
C THR A 88 -9.36 -6.30 -2.72
N GLY A 89 -8.88 -5.11 -2.91
CA GLY A 89 -9.56 -3.92 -2.31
C GLY A 89 -8.60 -2.73 -2.27
N LEU A 90 -8.92 -1.73 -1.51
CA LEU A 90 -8.03 -0.52 -1.44
C LEU A 90 -7.04 -0.59 -0.27
N TYR A 91 -5.79 -0.34 -0.56
CA TYR A 91 -4.75 -0.32 0.52
C TYR A 91 -4.22 1.11 0.64
N ILE A 92 -4.05 1.59 1.85
CA ILE A 92 -3.59 3.00 2.04
C ILE A 92 -2.12 3.07 2.44
N CYS A 93 -1.38 3.94 1.81
CA CYS A 93 0.05 4.13 2.20
C CYS A 93 0.09 5.35 3.11
N LYS A 94 0.58 5.21 4.32
CA LYS A 94 0.62 6.37 5.25
C LYS A 94 2.07 6.66 5.63
N VAL A 95 2.41 7.92 5.79
CA VAL A 95 3.83 8.26 6.14
C VAL A 95 3.84 9.33 7.23
N GLU A 96 4.28 8.98 8.42
CA GLU A 96 4.32 9.98 9.53
C GLU A 96 5.66 9.95 10.25
N LEU A 97 6.27 11.09 10.43
CA LEU A 97 7.53 11.16 11.20
C LEU A 97 7.04 11.29 12.63
N MET A 98 6.71 10.19 13.24
CA MET A 98 6.07 10.29 14.59
C MET A 98 7.12 10.44 15.70
N TYR A 99 8.17 9.67 15.69
CA TYR A 99 9.21 9.76 16.78
C TYR A 99 10.03 11.07 16.73
N PRO A 100 10.44 11.49 15.55
CA PRO A 100 11.27 12.72 15.47
C PRO A 100 10.35 13.95 15.50
N PRO A 101 10.78 15.04 16.16
CA PRO A 101 9.96 16.25 16.18
C PRO A 101 10.47 17.22 14.93
N PRO A 102 9.83 18.50 14.48
CA PRO A 102 8.57 18.20 15.29
C PRO A 102 7.40 17.42 14.48
N TYR A 103 7.74 16.34 13.81
CA TYR A 103 6.76 15.53 13.03
C TYR A 103 6.01 16.39 11.99
N TYR A 104 6.28 16.18 10.72
CA TYR A 104 5.59 16.97 9.64
C TYR A 104 5.42 16.07 8.41
N LEU A 105 4.24 15.60 8.15
CA LEU A 105 4.07 14.73 6.94
C LEU A 105 2.63 14.64 6.44
N GLY A 106 2.33 13.59 5.70
CA GLY A 106 0.97 13.43 5.12
C GLY A 106 0.62 11.95 4.96
N ILE A 107 -0.43 11.65 4.24
CA ILE A 107 -0.86 10.25 4.05
C ILE A 107 -1.20 9.99 2.57
N GLY A 108 -1.39 8.73 2.22
CA GLY A 108 -1.75 8.39 0.81
C GLY A 108 -3.24 8.04 0.75
N ASN A 109 -3.94 8.48 -0.26
CA ASN A 109 -5.40 8.19 -0.35
C ASN A 109 -5.65 6.67 -0.39
N GLY A 110 -4.79 5.94 -1.05
CA GLY A 110 -4.95 4.45 -1.10
C GLY A 110 -4.92 3.93 -2.54
N THR A 111 -4.35 2.77 -2.71
CA THR A 111 -4.27 2.13 -4.05
C THR A 111 -5.09 0.85 -4.05
N GLN A 112 -5.85 0.59 -5.08
CA GLN A 112 -6.62 -0.70 -5.08
C GLN A 112 -5.77 -1.79 -5.72
N ILE A 113 -5.55 -2.87 -5.03
CA ILE A 113 -4.75 -3.98 -5.64
C ILE A 113 -5.72 -4.92 -6.35
N TYR A 114 -5.43 -5.25 -7.59
CA TYR A 114 -6.34 -6.15 -8.36
C TYR A 114 -5.82 -7.59 -8.40
N VAL A 115 -6.72 -8.53 -8.28
CA VAL A 115 -6.31 -9.97 -8.37
C VAL A 115 -6.51 -10.41 -9.81
N ILE A 116 -6.01 -11.56 -10.17
CA ILE A 116 -6.15 -12.03 -11.56
C ILE A 116 -7.31 -13.04 -11.68
N ASP A 117 -8.29 -12.71 -12.49
CA ASP A 117 -9.45 -13.63 -12.67
C ASP A 117 -9.81 -13.74 -14.17
N PRO A 118 -9.90 -14.95 -14.68
CA PRO A 118 -10.24 -15.13 -16.12
C PRO A 118 -11.70 -14.75 -16.37
N GLU A 119 -12.04 -14.46 -17.61
CA GLU A 119 -13.44 -14.08 -17.93
C GLU A 119 -14.13 -15.20 -18.74
N PRO A 120 -15.41 -15.41 -18.49
CA PRO A 120 -16.15 -16.47 -19.22
C PRO A 120 -16.30 -16.12 -20.71
N CYS A 121 -16.17 -14.87 -21.06
CA CYS A 121 -16.30 -14.48 -22.49
C CYS A 121 -15.11 -13.63 -22.95
N PRO A 122 -14.62 -13.86 -24.15
CA PRO A 122 -13.47 -13.08 -24.66
C PRO A 122 -13.86 -11.63 -24.94
N ASP A 123 -15.14 -11.36 -25.07
CA ASP A 123 -15.58 -9.95 -25.35
C ASP A 123 -16.97 -9.70 -24.75
N SER A 124 -17.46 -8.49 -24.83
CA SER A 124 -18.81 -8.17 -24.28
C SER A 124 -19.90 -8.70 -25.22
N ASP A 125 -21.11 -8.78 -24.73
CA ASP A 125 -22.22 -9.29 -25.60
C ASP A 125 -22.45 -8.34 -26.79
N GLN A 126 -22.66 -8.88 -27.95
CA GLN A 126 -22.89 -8.02 -29.16
C GLN A 126 -24.23 -7.29 -29.04
N GLU A 127 -25.22 -7.93 -28.48
CA GLU A 127 -26.55 -7.27 -28.33
C GLU A 127 -26.83 -6.95 -26.85
N PRO A 128 -27.23 -5.72 -26.57
CA PRO A 128 -27.51 -5.33 -25.17
C PRO A 128 -28.80 -6.01 -24.67
N LYS A 129 -28.97 -6.10 -23.38
CA LYS A 129 -30.19 -6.75 -22.82
C LYS A 129 -30.75 -5.92 -21.67
C1 NAG B . -9.10 9.39 -0.04
C2 NAG B . -8.83 9.88 1.38
C3 NAG B . -10.03 9.59 2.29
C4 NAG B . -11.32 10.12 1.66
C5 NAG B . -11.47 9.60 0.24
C6 NAG B . -12.68 10.18 -0.46
C7 NAG B . -6.84 9.87 2.70
C8 NAG B . -5.83 9.07 3.51
N2 NAG B . -7.66 9.22 1.92
O3 NAG B . -9.83 10.21 3.55
O4 NAG B . -12.45 9.70 2.45
O5 NAG B . -10.31 9.96 -0.54
O6 NAG B . -12.47 10.20 -1.89
O7 NAG B . -6.88 11.09 2.78
H1 NAG B . -9.20 8.29 -0.08
H2 NAG B . -8.63 10.96 1.34
H3 NAG B . -10.14 8.50 2.44
H4 NAG B . -11.30 11.22 1.65
H5 NAG B . -11.61 8.51 0.24
H61 NAG B . -13.56 9.58 -0.20
H62 NAG B . -12.85 11.20 -0.09
H81 NAG B . -5.02 9.71 3.89
H82 NAG B . -6.32 8.61 4.37
H83 NAG B . -5.40 8.28 2.89
HN2 NAG B . -7.48 8.28 1.69
HO3 NAG B . -9.74 11.15 3.44
C1 NAG B . -13.39 10.68 2.74
C2 NAG B . -14.72 10.03 3.13
C3 NAG B . -15.71 11.11 3.56
C4 NAG B . -15.10 12.04 4.60
C5 NAG B . -13.75 12.57 4.15
C6 NAG B . -13.05 13.38 5.22
C7 NAG B . -16.48 8.97 1.86
C8 NAG B . -17.23 9.69 0.76
N2 NAG B . -15.21 9.25 2.01
O3 NAG B . -16.89 10.50 4.09
O4 NAG B . -15.99 13.15 4.85
O5 NAG B . -12.88 11.47 3.81
O6 NAG B . -12.20 14.35 4.65
O7 NAG B . -17.03 8.18 2.60
H1 NAG B . -13.48 11.29 1.84
H2 NAG B . -14.53 9.33 3.96
H3 NAG B . -16.00 11.71 2.68
H4 NAG B . -14.96 11.49 5.55
H5 NAG B . -13.86 13.23 3.27
H61 NAG B . -12.48 12.70 5.85
H62 NAG B . -13.83 13.87 5.84
H81 NAG B . -17.72 10.59 1.15
H82 NAG B . -16.52 9.99 -0.03
H83 NAG B . -17.98 9.03 0.31
HN2 NAG B . -14.56 8.92 1.35
HO3 NAG B . -17.63 11.08 3.95
HO6 NAG B . -11.30 14.01 4.61
C1 BMA B . -16.73 13.09 6.03
C2 BMA B . -16.07 13.96 7.08
C3 BMA B . -16.92 14.00 8.35
C4 BMA B . -18.35 14.40 8.00
C5 BMA B . -18.91 13.53 6.89
C6 BMA B . -20.28 13.99 6.43
O2 BMA B . -15.89 15.27 6.58
O3 BMA B . -16.36 14.92 9.26
O4 BMA B . -19.17 14.29 9.16
O5 BMA B . -18.05 13.58 5.74
O6 BMA B . -20.32 15.40 6.25
H1 BMA B . -16.82 12.04 6.33
H2 BMA B . -15.09 13.52 7.35
H3 BMA B . -16.95 13.00 8.80
H4 BMA B . -18.37 15.46 7.69
H5 BMA B . -19.01 12.49 7.22
H61 BMA B . -20.52 13.48 5.49
H62 BMA B . -21.02 13.68 7.18
HO2 BMA B . -15.48 15.82 7.26
HO3 BMA B . -16.90 14.93 10.07
HO4 BMA B . -19.19 13.37 9.44
HO6 BMA B . -20.87 15.79 6.94
C1 FUL B . -13.47 9.53 -2.60
C2 FUL B . -14.80 10.27 -2.42
O2 FUL B . -14.71 11.59 -2.95
C3 FUL B . -15.92 9.52 -3.10
O3 FUL B . -17.16 10.16 -2.82
C4 FUL B . -15.97 8.07 -2.61
O4 FUL B . -16.38 8.06 -1.25
C5 FUL B . -14.60 7.41 -2.72
C6 FUL B . -14.57 6.04 -2.07
O5 FUL B . -13.61 8.21 -2.06
H1 FUL B . -12.89 10.44 -2.80
H2 FUL B . -15.07 10.35 -1.36
HO2 FUL B . -15.56 12.02 -2.85
H3 FUL B . -15.77 9.59 -4.19
HO3 FUL B . -17.48 10.57 -3.63
H4 FUL B . -16.72 7.46 -3.12
HO4 FUL B . -17.06 7.39 -1.13
H5 FUL B . -14.20 7.29 -3.74
H61 FUL B . -14.28 6.15 -1.02
H62 FUL B . -15.56 5.59 -2.14
H63 FUL B . -13.84 5.41 -2.58
C1 NAG C . 9.38 -3.04 -4.13
C2 NAG C . 9.07 -2.45 -5.49
C3 NAG C . 9.89 -3.12 -6.59
C4 NAG C . 11.36 -3.24 -6.19
C5 NAG C . 11.55 -3.76 -4.78
C6 NAG C . 12.99 -3.63 -4.33
C7 NAG C . 7.16 -2.24 -6.94
C8 NAG C . 7.30 -0.77 -7.33
N2 NAG C . 7.65 -2.60 -5.79
O3 NAG C . 9.79 -2.36 -7.78
O4 NAG C . 12.07 -4.03 -7.18
O5 NAG C . 10.78 -2.98 -3.86
O6 NAG C . 13.27 -4.58 -3.28
O7 NAG C . 6.61 -3.03 -7.68
H1 NAG C . 9.07 -4.08 -4.02
H2 NAG C . 9.34 -1.44 -5.25
H3 NAG C . 9.49 -4.09 -6.92
H4 NAG C . 11.83 -2.31 -6.01
H5 NAG C . 11.24 -4.81 -4.69
H61 NAG C . 13.66 -3.79 -5.18
H62 NAG C . 13.09 -2.61 -3.95
H81 NAG C . 8.11 -0.31 -6.74
H82 NAG C . 7.55 -0.69 -8.40
H83 NAG C . 6.36 -0.24 -7.14
HN2 NAG C . 7.06 -2.98 -5.10
HO3 NAG C . 9.76 -2.94 -8.54
C1 NAG C . 12.53 -5.31 -6.87
C2 NAG C . 11.60 -6.36 -7.48
C3 NAG C . 12.16 -7.75 -7.24
C4 NAG C . 13.62 -7.84 -7.70
C5 NAG C . 14.44 -6.71 -7.13
C6 NAG C . 15.86 -6.67 -7.68
C7 NAG C . 9.27 -6.87 -7.44
C8 NAG C . 8.55 -7.92 -6.63
N2 NAG C . 10.28 -6.27 -6.88
O3 NAG C . 11.38 -8.71 -7.95
O4 NAG C . 14.18 -9.10 -7.29
O5 NAG C . 13.84 -5.43 -7.43
O6 NAG C . 15.85 -6.78 -9.10
O7 NAG C . 8.93 -6.60 -8.57
H1 NAG C . 12.66 -5.39 -5.83
H2 NAG C . 11.44 -6.11 -8.53
H3 NAG C . 12.15 -7.97 -6.17
H4 NAG C . 13.65 -7.79 -8.81
H5 NAG C . 14.53 -6.79 -6.03
H61 NAG C . 16.43 -7.50 -7.25
H62 NAG C . 16.33 -5.73 -7.39
H81 NAG C . 9.11 -8.17 -5.72
H82 NAG C . 7.55 -7.56 -6.33
H83 NAG C . 8.42 -8.84 -7.22
HN2 NAG C . 10.13 -5.75 -6.06
HO3 NAG C . 11.52 -8.61 -8.89
HO6 NAG C . 16.59 -6.29 -9.46
C1 BMA C . 14.01 -10.18 -8.13
C2 BMA C . 15.28 -10.38 -8.95
C3 BMA C . 15.17 -11.64 -9.82
C4 BMA C . 14.78 -12.83 -8.96
C5 BMA C . 13.54 -12.52 -8.12
C6 BMA C . 13.20 -13.64 -7.16
O2 BMA C . 16.40 -10.50 -8.09
O3 BMA C . 16.40 -11.89 -10.46
O4 BMA C . 14.52 -13.95 -9.78
O5 BMA C . 13.76 -11.33 -7.33
O6 BMA C . 14.26 -13.86 -6.23
H1 BMA C . 13.13 -9.99 -8.77
H2 BMA C . 15.41 -9.52 -9.62
H3 BMA C . 14.38 -11.49 -10.57
H4 BMA C . 15.62 -13.09 -8.30
H5 BMA C . 12.66 -12.37 -8.76
H61 BMA C . 12.29 -13.37 -6.61
H62 BMA C . 13.00 -14.55 -7.73
HO2 BMA C . 16.66 -9.62 -7.79
HO3 BMA C . 16.25 -12.06 -11.40
HO4 BMA C . 13.63 -13.89 -10.13
HO6 BMA C . 14.20 -13.23 -5.52
C1 FUC C . 12.70 -4.19 -2.06
C2 FUC C . 13.20 -5.11 -0.97
C3 FUC C . 14.73 -5.05 -0.99
C4 FUC C . 15.21 -3.60 -0.84
C5 FUC C . 14.48 -2.64 -1.80
C6 FUC C . 14.72 -1.18 -1.48
O2 FUC C . 12.76 -6.43 -1.20
O3 FUC C . 15.24 -5.84 0.08
O4 FUC C . 15.03 -3.18 0.50
O5 FUC C . 13.07 -2.87 -1.73
H1 FUC C . 11.72 -4.45 -2.45
H2 FUC C . 13.18 -4.77 0.07
H3 FUC C . 15.04 -5.55 -1.91
H4 FUC C . 16.25 -3.41 -0.92
H5 FUC C . 14.73 -2.77 -2.86
H61 FUC C . 13.84 -0.59 -1.74
H62 FUC C . 15.58 -0.82 -2.07
H63 FUC C . 14.94 -1.05 -0.41
HO2 FUC C . 12.54 -6.86 -0.37
HO3 FUC C . 15.52 -6.69 -0.25
HO4 FUC C . 15.67 -2.51 0.74
N ALA A 1 6.27 21.71 0.19
CA ALA A 1 5.71 21.05 -1.02
C ALA A 1 4.35 20.42 -0.70
N MET A 2 4.30 19.60 0.33
CA MET A 2 3.01 18.93 0.72
C MET A 2 2.39 18.21 -0.48
N HIS A 3 3.20 17.60 -1.30
CA HIS A 3 2.67 16.87 -2.49
C HIS A 3 2.83 15.36 -2.30
N VAL A 4 1.78 14.60 -2.51
CA VAL A 4 1.87 13.13 -2.34
C VAL A 4 1.38 12.43 -3.62
N ALA A 5 2.13 11.47 -4.09
CA ALA A 5 1.72 10.73 -5.32
C ALA A 5 1.37 9.28 -4.97
N GLN A 6 0.27 8.79 -5.44
CA GLN A 6 -0.13 7.38 -5.11
C GLN A 6 -0.68 6.65 -6.35
N PRO A 7 -0.45 5.36 -6.42
CA PRO A 7 -0.97 4.56 -7.55
C PRO A 7 -2.49 4.46 -7.44
N ALA A 8 -3.17 4.29 -8.54
CA ALA A 8 -4.65 4.21 -8.49
C ALA A 8 -5.13 2.83 -8.96
N VAL A 9 -4.26 2.04 -9.55
CA VAL A 9 -4.71 0.69 -9.98
C VAL A 9 -3.52 -0.24 -9.64
N VAL A 10 -3.72 -1.41 -9.10
CA VAL A 10 -2.54 -2.28 -8.81
C VAL A 10 -2.82 -3.74 -9.19
N LEU A 11 -1.83 -4.44 -9.66
CA LEU A 11 -2.06 -5.87 -10.06
C LEU A 11 -1.28 -6.82 -9.15
N ALA A 12 -1.80 -8.00 -8.92
CA ALA A 12 -1.10 -8.99 -8.03
C ALA A 12 -0.57 -10.17 -8.86
N SER A 13 -0.09 -11.19 -8.20
CA SER A 13 0.44 -12.39 -8.93
C SER A 13 -0.28 -13.65 -8.47
N SER A 14 -0.03 -14.77 -9.11
CA SER A 14 -0.72 -16.04 -8.71
C SER A 14 -0.35 -16.38 -7.26
N ARG A 15 0.88 -16.15 -6.88
CA ARG A 15 1.31 -16.45 -5.47
C ARG A 15 0.50 -15.59 -4.50
N GLY A 16 0.05 -14.45 -4.95
CA GLY A 16 -0.73 -13.54 -4.06
C GLY A 16 0.19 -12.45 -3.52
N ILE A 17 1.22 -12.13 -4.27
CA ILE A 17 2.17 -11.07 -3.83
C ILE A 17 1.79 -9.76 -4.54
N ALA A 18 1.10 -8.90 -3.84
CA ALA A 18 0.70 -7.59 -4.45
C ALA A 18 1.57 -6.48 -3.87
N SER A 19 2.20 -5.71 -4.71
CA SER A 19 3.08 -4.62 -4.20
C SER A 19 2.82 -3.31 -4.94
N PHE A 20 3.01 -2.22 -4.27
CA PHE A 20 2.81 -0.88 -4.90
C PHE A 20 3.65 0.14 -4.15
N VAL A 21 3.87 1.30 -4.73
CA VAL A 21 4.73 2.31 -4.04
C VAL A 21 3.96 3.61 -3.77
N CYS A 22 3.93 4.01 -2.53
CA CYS A 22 3.25 5.28 -2.16
C CYS A 22 4.32 6.35 -1.92
N GLU A 23 4.44 7.30 -2.81
CA GLU A 23 5.50 8.34 -2.67
C GLU A 23 5.03 9.52 -1.81
N TYR A 24 5.93 10.03 -1.01
CA TYR A 24 5.62 11.18 -0.14
C TYR A 24 6.69 12.26 -0.38
N ALA A 25 6.55 13.41 0.21
CA ALA A 25 7.57 14.49 -0.01
C ALA A 25 7.79 15.31 1.26
N SER A 26 9.03 15.53 1.63
CA SER A 26 9.33 16.35 2.84
C SER A 26 10.80 16.77 2.85
N PRO A 27 11.08 17.89 3.50
CA PRO A 27 12.47 18.40 3.57
C PRO A 27 13.32 17.53 4.52
N GLY A 28 14.60 17.44 4.26
CA GLY A 28 15.49 16.63 5.15
C GLY A 28 15.07 15.16 5.13
N LYS A 29 15.76 14.34 5.88
CA LYS A 29 15.41 12.88 5.92
C LYS A 29 15.36 12.39 7.36
N ALA A 30 14.56 11.39 7.62
CA ALA A 30 14.45 10.84 9.01
C ALA A 30 14.41 9.32 8.96
N THR A 31 14.82 8.65 10.01
CA THR A 31 14.79 7.16 10.00
C THR A 31 13.40 6.65 10.30
N GLU A 32 12.73 7.30 11.19
CA GLU A 32 11.39 6.82 11.61
C GLU A 32 10.29 7.21 10.62
N VAL A 33 10.20 6.52 9.51
CA VAL A 33 9.11 6.83 8.55
C VAL A 33 7.96 5.87 8.86
N ARG A 34 7.17 6.20 9.84
CA ARG A 34 6.05 5.30 10.24
C ARG A 34 5.09 5.07 9.08
N VAL A 35 4.89 3.84 8.69
CA VAL A 35 3.96 3.55 7.59
C VAL A 35 2.92 2.52 8.04
N THR A 36 1.70 2.72 7.64
CA THR A 36 0.61 1.78 8.04
C THR A 36 -0.26 1.46 6.82
N VAL A 37 -0.55 0.20 6.61
CA VAL A 37 -1.41 -0.17 5.44
C VAL A 37 -2.82 -0.53 5.96
N LEU A 38 -3.86 0.00 5.34
CA LEU A 38 -5.23 -0.33 5.83
C LEU A 38 -6.11 -0.85 4.70
N ARG A 39 -7.23 -1.39 5.06
CA ARG A 39 -8.19 -1.91 4.03
C ARG A 39 -9.58 -1.33 4.31
N GLN A 40 -10.21 -0.74 3.33
CA GLN A 40 -11.57 -0.15 3.56
C GLN A 40 -12.65 -0.96 2.85
N ALA A 41 -13.70 -1.28 3.55
CA ALA A 41 -14.82 -2.05 2.95
C ALA A 41 -15.94 -1.10 2.51
N ASP A 42 -16.99 -1.64 1.94
CA ASP A 42 -18.11 -0.77 1.46
C ASP A 42 -18.73 0.03 2.61
N SER A 43 -18.90 -0.58 3.77
CA SER A 43 -19.53 0.14 4.91
C SER A 43 -18.58 0.27 6.11
N GLN A 44 -17.57 -0.55 6.20
CA GLN A 44 -16.63 -0.46 7.35
C GLN A 44 -15.17 -0.46 6.92
N VAL A 45 -14.29 -0.36 7.88
CA VAL A 45 -12.82 -0.35 7.58
C VAL A 45 -12.05 -0.97 8.74
N THR A 46 -10.99 -1.69 8.45
CA THR A 46 -10.18 -2.32 9.55
C THR A 46 -8.68 -2.19 9.24
N GLU A 47 -7.86 -2.24 10.26
CA GLU A 47 -6.39 -2.12 10.05
C GLU A 47 -5.77 -3.44 9.59
N VAL A 48 -4.75 -3.37 8.78
CA VAL A 48 -4.08 -4.60 8.28
C VAL A 48 -2.78 -4.81 9.06
N CYS A 49 -1.76 -4.03 8.78
CA CYS A 49 -0.46 -4.17 9.52
C CYS A 49 0.36 -2.89 9.38
N ALA A 50 1.38 -2.71 10.21
CA ALA A 50 2.19 -1.46 10.13
C ALA A 50 3.47 -1.55 10.98
N ALA A 51 4.41 -0.70 10.70
CA ALA A 51 5.69 -0.68 11.48
C ALA A 51 6.52 0.54 11.06
N THR A 52 7.44 1.00 11.88
CA THR A 52 8.24 2.19 11.49
C THR A 52 9.43 1.76 10.64
N TYR A 53 9.51 2.24 9.43
CA TYR A 53 10.64 1.84 8.57
C TYR A 53 11.88 2.65 8.93
N MET A 54 12.77 2.08 9.71
CA MET A 54 14.01 2.83 10.06
C MET A 54 14.87 2.88 8.80
N MET A 55 15.48 4.00 8.51
CA MET A 55 16.32 4.06 7.28
C MET A 55 17.55 3.16 7.43
N GLY A 56 17.92 2.83 8.64
CA GLY A 56 19.12 1.95 8.85
C GLY A 56 18.65 0.54 9.25
N ASN A 57 17.45 0.40 9.75
CA ASN A 57 16.96 -0.96 10.16
C ASN A 57 15.61 -1.28 9.51
N GLU A 58 15.24 -2.53 9.47
CA GLU A 58 13.94 -2.91 8.83
C GLU A 58 13.04 -3.65 9.83
N LEU A 59 11.85 -3.17 10.04
CA LEU A 59 10.92 -3.84 11.01
C LEU A 59 10.01 -4.84 10.29
N THR A 60 9.36 -5.68 11.03
CA THR A 60 8.46 -6.70 10.44
C THR A 60 7.02 -6.50 10.95
N PHE A 61 6.07 -6.55 10.07
CA PHE A 61 4.64 -6.38 10.50
C PHE A 61 4.22 -7.58 11.37
N LEU A 62 3.53 -7.32 12.45
CA LEU A 62 3.13 -8.42 13.38
C LEU A 62 2.08 -9.38 12.79
N ASP A 63 1.08 -8.87 12.10
CA ASP A 63 0.01 -9.78 11.56
C ASP A 63 -0.07 -9.74 10.03
N ASP A 64 -1.07 -10.39 9.48
CA ASP A 64 -1.26 -10.43 7.99
C ASP A 64 -0.01 -10.99 7.30
N SER A 65 0.39 -12.18 7.67
CA SER A 65 1.59 -12.81 7.05
C SER A 65 2.80 -11.86 7.11
N ILE A 66 2.82 -10.97 8.07
CA ILE A 66 3.95 -10.01 8.21
C ILE A 66 4.17 -9.24 6.90
N CYS A 67 3.34 -8.27 6.58
CA CYS A 67 3.54 -7.50 5.33
C CYS A 67 4.85 -6.73 5.42
N THR A 68 5.50 -6.50 4.30
CA THR A 68 6.80 -5.77 4.34
C THR A 68 6.72 -4.47 3.54
N GLY A 69 7.37 -3.44 4.00
CA GLY A 69 7.33 -2.13 3.29
C GLY A 69 8.76 -1.61 3.11
N THR A 70 9.04 -1.02 1.97
CA THR A 70 10.40 -0.48 1.72
C THR A 70 10.30 1.03 1.55
N SER A 71 11.39 1.73 1.69
CA SER A 71 11.37 3.21 1.53
C SER A 71 12.67 3.70 0.87
N SER A 72 12.59 4.15 -0.36
CA SER A 72 13.81 4.65 -1.06
C SER A 72 13.43 5.71 -2.10
N GLY A 73 14.23 6.75 -2.21
CA GLY A 73 13.93 7.82 -3.22
C GLY A 73 12.60 8.49 -2.86
N ASN A 74 12.36 8.73 -1.60
CA ASN A 74 11.08 9.37 -1.14
C ASN A 74 9.89 8.54 -1.61
N GLN A 75 10.09 7.28 -1.90
CA GLN A 75 8.98 6.40 -2.36
C GLN A 75 8.90 5.17 -1.46
N VAL A 76 7.75 4.89 -0.87
CA VAL A 76 7.65 3.71 0.03
C VAL A 76 6.95 2.55 -0.70
N ASN A 77 7.58 1.41 -0.78
CA ASN A 77 6.96 0.25 -1.49
C ASN A 77 6.38 -0.76 -0.48
N LEU A 78 5.07 -0.94 -0.50
CA LEU A 78 4.43 -1.93 0.43
C LEU A 78 4.12 -3.23 -0.33
N THR A 79 4.38 -4.37 0.28
CA THR A 79 4.10 -5.66 -0.42
C THR A 79 3.24 -6.57 0.45
N ILE A 80 2.19 -7.13 -0.12
CA ILE A 80 1.29 -8.05 0.66
C ILE A 80 1.46 -9.48 0.16
N GLN A 81 1.50 -10.43 1.05
CA GLN A 81 1.62 -11.85 0.61
C GLN A 81 0.47 -12.67 1.19
N GLY A 82 -0.30 -13.29 0.33
CA GLY A 82 -1.44 -14.13 0.81
C GLY A 82 -2.76 -13.52 0.35
N LEU A 83 -2.76 -12.81 -0.75
CA LEU A 83 -4.03 -12.19 -1.25
C LEU A 83 -4.81 -13.16 -2.14
N ARG A 84 -6.07 -13.31 -1.86
CA ARG A 84 -6.94 -14.22 -2.67
C ARG A 84 -7.80 -13.35 -3.61
N ALA A 85 -8.59 -13.98 -4.44
CA ALA A 85 -9.46 -13.20 -5.37
C ALA A 85 -10.42 -12.31 -4.57
N MET A 86 -10.98 -12.87 -3.54
CA MET A 86 -11.94 -12.12 -2.68
C MET A 86 -11.23 -11.00 -1.90
N ASP A 87 -9.97 -11.19 -1.59
CA ASP A 87 -9.23 -10.15 -0.81
C ASP A 87 -9.05 -8.86 -1.63
N THR A 88 -9.23 -8.92 -2.93
CA THR A 88 -9.08 -7.71 -3.79
C THR A 88 -9.87 -6.53 -3.20
N GLY A 89 -9.41 -5.34 -3.42
CA GLY A 89 -10.11 -4.15 -2.86
C GLY A 89 -9.13 -3.00 -2.66
N LEU A 90 -9.55 -1.97 -1.97
CA LEU A 90 -8.67 -0.77 -1.77
C LEU A 90 -7.78 -0.90 -0.53
N TYR A 91 -6.50 -0.66 -0.69
CA TYR A 91 -5.55 -0.68 0.45
C TYR A 91 -4.93 0.71 0.61
N ILE A 92 -4.73 1.16 1.82
CA ILE A 92 -4.17 2.54 2.03
C ILE A 92 -2.66 2.49 2.31
N CYS A 93 -1.96 3.47 1.81
CA CYS A 93 -0.51 3.58 2.09
C CYS A 93 -0.35 4.78 3.02
N LYS A 94 0.11 4.58 4.23
CA LYS A 94 0.25 5.73 5.16
C LYS A 94 1.71 6.02 5.43
N VAL A 95 2.07 7.28 5.54
CA VAL A 95 3.49 7.63 5.78
C VAL A 95 3.57 8.81 6.75
N GLU A 96 3.94 8.58 7.98
CA GLU A 96 4.00 9.70 8.95
C GLU A 96 5.33 9.75 9.68
N LEU A 97 5.99 10.88 9.63
CA LEU A 97 7.25 11.02 10.38
C LEU A 97 6.80 11.35 11.79
N MET A 98 6.34 10.34 12.49
CA MET A 98 5.77 10.56 13.85
C MET A 98 6.83 10.69 14.94
N TYR A 99 7.74 9.74 15.02
CA TYR A 99 8.77 9.79 16.09
C TYR A 99 9.69 11.03 15.98
N PRO A 100 10.11 11.40 14.79
CA PRO A 100 10.98 12.57 14.62
C PRO A 100 10.17 13.86 14.51
N PRO A 101 10.30 14.75 15.51
CA PRO A 101 9.55 16.04 15.54
C PRO A 101 10.48 17.23 14.79
N PRO A 102 9.89 18.37 14.10
CA PRO A 102 8.43 17.87 14.19
C PRO A 102 7.94 16.87 13.11
N TYR A 103 6.69 16.38 13.26
CA TYR A 103 6.14 15.44 12.23
C TYR A 103 5.59 16.25 11.01
N TYR A 104 6.00 15.95 9.78
CA TYR A 104 5.48 16.75 8.61
C TYR A 104 5.40 15.88 7.36
N LEU A 105 4.30 15.21 7.18
CA LEU A 105 4.12 14.33 5.98
C LEU A 105 2.65 14.16 5.64
N GLY A 106 2.24 13.01 5.17
CA GLY A 106 0.81 12.83 4.80
C GLY A 106 0.47 11.34 4.63
N ILE A 107 -0.71 11.05 4.16
CA ILE A 107 -1.15 9.64 3.98
C ILE A 107 -1.65 9.41 2.55
N GLY A 108 -1.69 8.18 2.12
CA GLY A 108 -2.20 7.88 0.75
C GLY A 108 -3.65 7.43 0.91
N ASN A 109 -4.55 7.99 0.16
CA ASN A 109 -5.99 7.61 0.31
C ASN A 109 -6.19 6.12 0.03
N GLY A 110 -5.41 5.54 -0.85
CA GLY A 110 -5.54 4.08 -1.09
C GLY A 110 -5.54 3.72 -2.57
N THR A 111 -5.07 2.53 -2.84
CA THR A 111 -5.04 1.99 -4.23
C THR A 111 -5.79 0.67 -4.24
N GLN A 112 -6.41 0.30 -5.32
CA GLN A 112 -7.12 -1.00 -5.34
C GLN A 112 -6.22 -2.08 -5.97
N ILE A 113 -5.91 -3.11 -5.22
CA ILE A 113 -5.06 -4.19 -5.78
C ILE A 113 -5.96 -5.14 -6.61
N TYR A 114 -5.47 -5.60 -7.73
CA TYR A 114 -6.29 -6.47 -8.63
C TYR A 114 -5.64 -7.83 -8.86
N VAL A 115 -6.44 -8.83 -9.13
CA VAL A 115 -5.88 -10.16 -9.45
C VAL A 115 -5.60 -10.16 -10.95
N ILE A 116 -4.90 -11.14 -11.45
CA ILE A 116 -4.60 -11.16 -12.90
C ILE A 116 -5.59 -12.05 -13.66
N ASP A 117 -6.38 -11.45 -14.50
CA ASP A 117 -7.38 -12.24 -15.29
C ASP A 117 -7.44 -11.70 -16.74
N PRO A 118 -7.23 -12.56 -17.71
CA PRO A 118 -7.26 -12.11 -19.13
C PRO A 118 -8.70 -11.77 -19.54
N GLU A 119 -8.85 -10.96 -20.57
CA GLU A 119 -10.22 -10.59 -21.04
C GLU A 119 -10.62 -11.45 -22.25
N PRO A 120 -11.70 -12.20 -22.12
CA PRO A 120 -12.15 -13.06 -23.25
C PRO A 120 -12.70 -12.22 -24.41
N CYS A 121 -13.06 -10.99 -24.16
CA CYS A 121 -13.61 -10.13 -25.25
C CYS A 121 -12.63 -8.98 -25.58
N PRO A 122 -12.16 -8.94 -26.81
CA PRO A 122 -11.23 -7.86 -27.21
C PRO A 122 -11.93 -6.50 -27.27
N ASP A 123 -13.24 -6.49 -27.21
CA ASP A 123 -13.99 -5.19 -27.27
C ASP A 123 -15.24 -5.26 -26.38
N SER A 124 -16.09 -4.26 -26.47
CA SER A 124 -17.33 -4.25 -25.64
C SER A 124 -18.30 -5.33 -26.13
N ASP A 125 -19.30 -5.65 -25.35
CA ASP A 125 -20.29 -6.70 -25.77
C ASP A 125 -21.71 -6.27 -25.39
N GLN A 126 -22.69 -6.85 -26.02
CA GLN A 126 -24.11 -6.48 -25.71
C GLN A 126 -24.45 -6.88 -24.27
N GLU A 127 -23.89 -7.96 -23.78
CA GLU A 127 -24.19 -8.41 -22.38
C GLU A 127 -23.39 -7.56 -21.38
N PRO A 128 -24.07 -7.04 -20.37
CA PRO A 128 -23.37 -6.20 -19.36
C PRO A 128 -22.45 -7.07 -18.49
N LYS A 129 -21.49 -6.46 -17.84
CA LYS A 129 -20.56 -7.24 -16.98
C LYS A 129 -20.31 -6.49 -15.66
C1 NAG B . -9.17 9.76 0.73
C2 NAG B . -8.95 9.83 2.24
C3 NAG B . -10.12 9.20 2.99
C4 NAG B . -11.45 9.76 2.50
C5 NAG B . -11.54 9.70 0.98
C6 NAG B . -12.79 10.42 0.47
C7 NAG B . -6.65 9.77 2.95
C8 NAG B . -5.48 8.97 3.49
N2 NAG B . -7.73 9.12 2.61
O3 NAG B . -9.99 9.43 4.39
O4 NAG B . -12.52 8.99 3.07
O5 NAG B . -10.41 10.37 0.38
O6 NAG B . -13.77 9.44 0.04
O7 NAG B . -6.59 10.98 2.83
H1 NAG B . -9.17 8.72 0.36
H2 NAG B . -8.84 10.88 2.53
H3 NAG B . -10.11 8.11 2.80
H4 NAG B . -11.54 10.81 2.83
H5 NAG B . -11.58 8.67 0.62
H61 NAG B . -13.20 11.02 1.28
H62 NAG B . -12.49 11.10 -0.35
H81 NAG B . -5.80 7.94 3.75
H82 NAG B . -4.70 8.90 2.74
H83 NAG B . -5.02 9.45 4.39
HN2 NAG B . -7.73 8.14 2.61
HO3 NAG B . -9.80 10.36 4.53
C1 NAG B . -13.19 9.55 4.15
C2 NAG B . -14.60 8.94 4.24
C3 NAG B . -15.31 9.43 5.49
C4 NAG B . -14.43 9.21 6.73
C5 NAG B . -13.05 9.81 6.51
C6 NAG B . -12.12 9.51 7.66
C7 NAG B . -16.35 8.55 2.68
C8 NAG B . -17.12 9.00 1.44
N2 NAG B . -15.36 9.31 3.06
O3 NAG B . -16.54 8.73 5.65
O4 NAG B . -15.05 9.82 7.87
O5 NAG B . -12.44 9.25 5.33
O6 NAG B . -11.35 10.65 8.01
O7 NAG B . -16.66 7.54 3.27
H1 NAG B . -13.23 10.64 4.00
H2 NAG B . -14.50 7.85 4.26
H3 NAG B . -15.52 10.50 5.40
H4 NAG B . -14.34 8.13 6.93
H5 NAG B . -13.10 10.89 6.43
H61 NAG B . -11.45 8.69 7.39
H62 NAG B . -12.71 9.18 8.53
H81 NAG B . -17.40 8.13 0.83
H82 NAG B . -18.04 9.53 1.74
H83 NAG B . -16.50 9.68 0.84
HN2 NAG B . -15.14 10.12 2.57
HO3 NAG B . -17.27 9.34 5.51
HO6 NAG B . -10.43 10.39 8.14
C1 BMA B . -15.80 8.97 8.69
C2 BMA B . -15.06 8.76 10.01
C3 BMA B . -15.90 7.94 10.97
C4 BMA B . -17.28 8.56 11.12
C5 BMA B . -17.93 8.79 9.75
C6 BMA B . -19.26 9.51 9.85
O2 BMA B . -14.76 10.02 10.60
O3 BMA B . -15.27 7.88 12.23
O4 BMA B . -18.12 7.69 11.89
O5 BMA B . -17.06 9.59 8.93
O6 BMA B . -19.99 9.40 8.64
H1 BMA B . -15.97 8.03 8.16
H2 BMA B . -14.13 8.21 9.83
H3 BMA B . -16.02 6.92 10.57
H4 BMA B . -17.22 9.51 11.66
H5 BMA B . -18.12 7.83 9.24
H61 BMA B . -19.83 9.07 10.68
H62 BMA B . -19.07 10.57 10.08
HO2 BMA B . -13.97 9.94 11.13
HO3 BMA B . -14.71 7.10 12.28
HO4 BMA B . -18.26 8.07 12.75
HO6 BMA B . -20.58 8.65 8.69
C1 FUL B . -14.09 9.53 -1.32
C2 FUL B . -14.86 8.28 -1.75
O2 FUL B . -16.10 8.19 -1.05
C3 FUL B . -15.14 8.33 -3.25
O3 FUL B . -15.75 7.12 -3.65
C4 FUL B . -13.83 8.52 -4.01
O4 FUL B . -13.03 7.35 -3.87
C5 FUL B . -13.05 9.73 -3.48
C6 FUL B . -11.68 9.85 -4.10
O5 FUL B . -12.87 9.61 -2.06
H1 FUL B . -14.72 9.68 -0.43
H2 FUL B . -14.30 7.37 -1.55
HO2 FUL B . -16.70 7.62 -1.52
H3 FUL B . -15.85 9.14 -3.45
HO3 FUL B . -15.35 6.38 -3.19
H4 FUL B . -13.97 8.62 -5.10
HO4 FUL B . -13.53 6.59 -4.16
H5 FUL B . -13.54 10.71 -3.60
H61 FUL B . -11.21 8.85 -4.15
H62 FUL B . -11.76 10.25 -5.12
H63 FUL B . -11.05 10.51 -3.49
C1 NAG C . 8.72 -2.90 -4.71
C2 NAG C . 8.29 -3.30 -6.11
C3 NAG C . 8.91 -4.64 -6.52
C4 NAG C . 10.41 -4.58 -6.31
C5 NAG C . 10.75 -4.16 -4.88
C6 NAG C . 12.24 -4.04 -4.64
C7 NAG C . 6.24 -3.48 -7.32
C8 NAG C . 5.81 -2.18 -8.00
N2 NAG C . 6.84 -3.40 -6.17
O3 NAG C . 8.61 -4.91 -7.88
O4 NAG C . 11.01 -5.85 -6.66
O5 NAG C . 10.16 -2.87 -4.61
O6 NAG C . 12.51 -4.16 -3.23
O7 NAG C . 6.04 -4.56 -7.85
H1 NAG C . 8.36 -3.62 -3.94
H2 NAG C . 8.58 -2.50 -6.81
H3 NAG C . 8.48 -5.43 -5.89
H4 NAG C . 10.94 -3.97 -6.96
H5 NAG C . 10.33 -4.82 -4.11
H61 NAG C . 12.70 -4.85 -5.22
H62 NAG C . 12.59 -3.07 -5.03
H81 NAG C . 6.70 -1.57 -8.22
H82 NAG C . 5.28 -2.40 -8.94
H83 NAG C . 5.15 -1.62 -7.32
HN2 NAG C . 6.31 -3.38 -5.35
HO3 NAG C . 9.22 -5.57 -8.21
C1 NAG C . 11.00 -6.87 -5.71
C2 NAG C . 10.32 -8.11 -6.29
C3 NAG C . 10.44 -9.29 -5.32
C4 NAG C . 11.88 -9.49 -4.90
C5 NAG C . 12.48 -8.18 -4.38
C6 NAG C . 13.96 -8.31 -4.06
C7 NAG C . 8.38 -8.14 -7.68
C8 NAG C . 6.99 -8.75 -7.64
N2 NAG C . 8.92 -7.82 -6.54
O3 NAG C . 9.97 -10.46 -5.95
O4 NAG C . 11.95 -10.48 -3.85
O5 NAG C . 12.36 -7.16 -5.38
O6 NAG C . 14.67 -8.89 -5.14
O7 NAG C . 8.98 -7.98 -8.73
H1 NAG C . 10.46 -6.50 -4.87
H2 NAG C . 10.83 -8.40 -7.23
H3 NAG C . 9.83 -9.08 -4.44
H4 NAG C . 12.49 -9.83 -5.75
H5 NAG C . 12.00 -7.86 -3.45
H61 NAG C . 14.06 -8.94 -3.16
H62 NAG C . 14.37 -7.33 -3.82
H81 NAG C . 7.04 -9.83 -7.83
H82 NAG C . 6.54 -8.58 -6.66
H83 NAG C . 6.36 -8.28 -8.42
HN2 NAG C . 8.38 -7.40 -5.85
HO3 NAG C . 10.61 -10.76 -6.59
HO6 NAG C . 15.61 -8.84 -4.95
C1 BMA C . 12.75 -11.58 -4.11
C2 BMA C . 13.07 -12.30 -2.80
C3 BMA C . 13.84 -13.58 -3.07
C4 BMA C . 13.13 -14.44 -4.10
C5 BMA C . 12.81 -13.61 -5.35
C6 BMA C . 12.04 -14.37 -6.39
O2 BMA C . 11.85 -12.62 -2.12
O3 BMA C . 13.99 -14.32 -1.86
O4 BMA C . 13.95 -15.54 -4.47
O5 BMA C . 12.05 -12.46 -4.99
O6 BMA C . 12.90 -14.99 -7.33
H1 BMA C . 13.65 -11.22 -4.62
H2 BMA C . 13.67 -11.65 -2.16
H3 BMA C . 14.84 -13.35 -3.47
H4 BMA C . 12.19 -14.83 -3.67
H5 BMA C . 13.72 -13.33 -5.86
H61 BMA C . 11.49 -15.12 -5.83
H62 BMA C . 11.38 -13.66 -6.88
HO2 BMA C . 11.37 -13.26 -2.64
HO3 BMA C . 14.79 -14.03 -1.41
HO4 BMA C . 14.67 -15.24 -5.01
HO6 BMA C . 12.39 -15.26 -8.10
C1 FUC C . 13.47 -5.14 -2.93
C2 FUC C . 14.83 -4.64 -3.37
C3 FUC C . 15.02 -3.26 -2.73
C4 FUC C . 14.87 -3.35 -1.20
C5 FUC C . 13.61 -4.13 -0.78
C6 FUC C . 13.64 -4.52 0.69
O2 FUC C . 14.89 -4.55 -4.79
O3 FUC C . 16.31 -2.76 -3.06
O4 FUC C . 16.02 -3.99 -0.67
O5 FUC C . 13.54 -5.37 -1.54
H1 FUC C . 13.01 -5.92 -3.54
H2 FUC C . 15.74 -4.96 -2.84
H3 FUC C . 14.31 -2.58 -3.24
H4 FUC C . 14.92 -2.38 -0.69
H5 FUC C . 12.64 -3.68 -0.99
H61 FUC C . 13.41 -5.58 0.80
H62 FUC C . 14.63 -4.30 1.11
H63 FUC C . 12.88 -3.94 1.23
HO2 FUC C . 15.72 -4.91 -5.09
HO3 FUC C . 16.97 -3.38 -2.75
HO4 FUC C . 15.92 -4.95 -0.75
#